data_3K1G
#
_entry.id   3K1G
#
_cell.length_a   163.663
_cell.length_b   163.663
_cell.length_c   318.051
_cell.angle_alpha   90.00
_cell.angle_beta   90.00
_cell.angle_gamma   120.00
#
_symmetry.space_group_name_H-M   'H 3'
#
loop_
_entity.id
_entity.type
_entity.pdbx_description
1 polymer 'Dipeptide Epimerase'
2 non-polymer SERINE
3 non-polymer TYROSINE
4 non-polymer GLYCEROL
5 non-polymer 'MAGNESIUM ION'
6 water water
#
_entity_poly.entity_id   1
_entity_poly.type   'polypeptide(L)'
_entity_poly.pdbx_seq_one_letter_code
;MKIKQVHVRASKIKLKETFTIALGTIESADSAIVEIETEEGLVGYGEGGPGIFITGETLAGTLETIELFGQAIIGLNPFN
IEKIHEVMDKISAFAPAAKAAIDIACYDLMGQKAQLPLYQLLGGYDNQVITDITLGIDEPNVMAQKAVEKVKLGFDTLKI
KVGTGIEADIARVKAIREAVGFDIKLRLDANQAWTPKDAVKAIQALADYQIELVEQPVKRRDLEGLKYVTSQVNTTIMAD
ESCFDAQDALELVKKGTVDVINIKLMKCGGIHEALKINQICETAGIECMIGCMAEETTIGITAAAHLAAAQKNITRADLD
ATFGLETAPVTGGVSLEAKPLLELGEAAGLGISH
;
_entity_poly.pdbx_strand_id   A,B,C,D,E,F,G,H
#
loop_
_chem_comp.id
_chem_comp.type
_chem_comp.name
_chem_comp.formula
GOL non-polymer GLYCEROL 'C3 H8 O3'
MG non-polymer 'MAGNESIUM ION' 'Mg 2'
#
# COMPACT_ATOMS: atom_id res chain seq x y z
N MET A 1 38.54 34.49 -8.08
CA MET A 1 38.61 34.69 -6.60
C MET A 1 39.09 33.41 -5.93
N LYS A 2 39.99 33.55 -4.95
CA LYS A 2 40.52 32.38 -4.24
C LYS A 2 40.58 32.63 -2.75
N ILE A 3 40.27 31.60 -1.96
CA ILE A 3 40.31 31.74 -0.52
C ILE A 3 41.77 31.68 -0.05
N LYS A 4 42.20 32.73 0.64
CA LYS A 4 43.58 32.81 1.14
C LYS A 4 43.68 32.24 2.55
N GLN A 5 42.74 32.61 3.41
CA GLN A 5 42.78 32.14 4.79
C GLN A 5 41.41 32.19 5.44
N VAL A 6 41.21 31.34 6.45
CA VAL A 6 39.95 31.29 7.16
C VAL A 6 40.25 31.48 8.66
N HIS A 7 39.63 32.50 9.27
CA HIS A 7 39.82 32.75 10.70
C HIS A 7 38.50 32.53 11.43
N VAL A 8 38.56 31.92 12.61
CA VAL A 8 37.35 31.70 13.37
C VAL A 8 37.55 32.14 14.81
N ARG A 9 36.51 32.73 15.41
CA ARG A 9 36.60 33.21 16.78
C ARG A 9 35.34 32.88 17.54
N ALA A 10 35.47 32.78 18.86
CA ALA A 10 34.31 32.50 19.68
C ALA A 10 33.61 33.84 19.86
N SER A 11 32.31 33.79 20.13
CA SER A 11 31.54 34.99 20.36
C SER A 11 30.57 34.73 21.50
N LYS A 12 30.60 35.57 22.51
CA LYS A 12 29.71 35.40 23.65
C LYS A 12 28.99 36.72 23.90
N ILE A 13 27.68 36.71 23.71
CA ILE A 13 26.87 37.90 23.90
C ILE A 13 25.80 37.62 24.95
N LYS A 14 25.76 38.45 25.98
CA LYS A 14 24.78 38.30 27.05
C LYS A 14 23.37 38.62 26.55
N LEU A 15 22.41 37.77 26.90
CA LEU A 15 21.03 38.01 26.51
C LEU A 15 20.41 38.94 27.55
N LYS A 16 19.53 39.85 27.10
CA LYS A 16 18.87 40.79 28.00
C LYS A 16 17.96 40.12 29.03
N GLU A 17 17.47 38.92 28.70
CA GLU A 17 16.60 38.17 29.61
C GLU A 17 16.86 36.70 29.35
N THR A 18 16.63 35.86 30.35
CA THR A 18 16.83 34.43 30.18
C THR A 18 15.65 33.87 29.37
N PHE A 19 15.96 33.29 28.23
CA PHE A 19 14.95 32.72 27.34
C PHE A 19 14.68 31.27 27.73
N THR A 20 13.40 30.88 27.68
CA THR A 20 13.03 29.51 28.04
C THR A 20 12.02 28.86 27.10
N ILE A 21 12.28 27.62 26.72
CA ILE A 21 11.39 26.86 25.86
C ILE A 21 11.21 25.46 26.44
N ALA A 22 10.39 24.64 25.80
CA ALA A 22 10.12 23.30 26.29
C ALA A 22 11.38 22.43 26.43
N LEU A 23 12.36 22.67 25.57
CA LEU A 23 13.59 21.88 25.58
C LEU A 23 14.68 22.31 26.55
N GLY A 24 14.63 23.56 27.00
CA GLY A 24 15.64 24.04 27.94
C GLY A 24 15.70 25.55 27.99
N THR A 25 16.71 26.08 28.68
CA THR A 25 16.87 27.52 28.82
C THR A 25 18.22 28.01 28.28
N ILE A 26 18.33 29.31 28.05
CA ILE A 26 19.56 29.89 27.55
C ILE A 26 19.69 31.33 28.04
N GLU A 27 20.89 31.73 28.45
CA GLU A 27 21.08 33.09 28.94
C GLU A 27 22.19 33.85 28.23
N SER A 28 22.90 33.17 27.32
CA SER A 28 23.98 33.82 26.58
C SER A 28 24.06 33.32 25.14
N ALA A 29 24.24 34.26 24.22
CA ALA A 29 24.35 33.94 22.80
C ALA A 29 25.81 33.64 22.48
N ASP A 30 26.17 32.36 22.55
CA ASP A 30 27.54 31.94 22.28
C ASP A 30 27.67 31.22 20.94
N SER A 31 28.37 31.84 20.00
CA SER A 31 28.54 31.25 18.69
C SER A 31 29.95 31.40 18.10
N ALA A 32 30.15 30.79 16.94
CA ALA A 32 31.43 30.83 16.25
C ALA A 32 31.35 31.78 15.08
N ILE A 33 32.19 32.81 15.08
CA ILE A 33 32.19 33.78 13.99
C ILE A 33 33.40 33.54 13.10
N VAL A 34 33.14 33.38 11.81
CA VAL A 34 34.18 33.12 10.82
C VAL A 34 34.41 34.30 9.89
N GLU A 35 35.65 34.45 9.45
CA GLU A 35 36.02 35.48 8.52
C GLU A 35 36.88 34.77 7.48
N ILE A 36 36.45 34.84 6.23
CA ILE A 36 37.18 34.20 5.14
C ILE A 36 37.79 35.29 4.27
N GLU A 37 39.13 35.25 4.20
CA GLU A 37 39.87 36.23 3.43
C GLU A 37 40.29 35.65 2.08
N THR A 38 40.06 36.42 1.02
CA THR A 38 40.44 36.01 -0.33
C THR A 38 41.80 36.58 -0.61
N GLU A 39 42.44 36.10 -1.68
CA GLU A 39 43.76 36.58 -2.05
C GLU A 39 43.72 38.07 -2.39
N GLU A 40 42.63 38.51 -3.00
CA GLU A 40 42.48 39.91 -3.40
C GLU A 40 42.14 40.88 -2.27
N GLY A 41 41.87 40.37 -1.08
CA GLY A 41 41.57 41.25 0.04
C GLY A 41 40.14 41.23 0.57
N LEU A 42 39.18 40.81 -0.25
CA LEU A 42 37.79 40.75 0.21
C LEU A 42 37.68 39.77 1.37
N VAL A 43 36.81 40.10 2.33
CA VAL A 43 36.61 39.28 3.52
C VAL A 43 35.12 39.01 3.75
N GLY A 44 34.75 37.74 3.76
CA GLY A 44 33.37 37.36 3.97
C GLY A 44 33.13 36.93 5.41
N TYR A 45 31.96 37.26 5.93
CA TYR A 45 31.60 36.93 7.30
C TYR A 45 30.60 35.81 7.39
N GLY A 46 30.80 34.94 8.38
CA GLY A 46 29.91 33.82 8.60
C GLY A 46 29.76 33.51 10.07
N GLU A 47 28.71 32.77 10.42
CA GLU A 47 28.47 32.42 11.81
C GLU A 47 27.93 31.01 11.99
N GLY A 48 28.36 30.37 13.08
CA GLY A 48 27.91 29.03 13.40
C GLY A 48 27.23 29.10 14.75
N GLY A 49 25.91 28.95 14.77
CA GLY A 49 25.18 28.99 16.04
C GLY A 49 24.86 27.59 16.52
N PRO A 50 25.58 27.08 17.52
CA PRO A 50 25.29 25.74 18.01
C PRO A 50 24.14 25.73 19.01
N GLY A 51 23.24 24.77 18.87
CA GLY A 51 22.10 24.68 19.79
C GLY A 51 22.10 23.28 20.37
N ILE A 52 22.82 23.11 21.48
CA ILE A 52 22.95 21.80 22.08
C ILE A 52 21.66 20.98 22.27
N PHE A 53 20.54 21.60 22.63
CA PHE A 53 19.31 20.82 22.79
C PHE A 53 18.41 20.76 21.57
N ILE A 54 18.88 21.29 20.44
CA ILE A 54 18.13 21.23 19.20
C ILE A 54 18.90 20.28 18.28
N THR A 55 20.17 20.59 18.05
CA THR A 55 21.02 19.80 17.16
C THR A 55 22.11 18.97 17.83
N GLY A 56 22.41 19.27 19.08
CA GLY A 56 23.45 18.52 19.78
C GLY A 56 24.81 19.15 19.59
N GLU A 57 24.90 20.10 18.67
CA GLU A 57 26.16 20.78 18.43
C GLU A 57 26.56 21.66 19.61
N THR A 58 27.87 21.79 19.78
CA THR A 58 28.46 22.57 20.86
C THR A 58 29.40 23.62 20.26
N LEU A 59 29.70 24.66 21.02
CA LEU A 59 30.61 25.67 20.50
C LEU A 59 32.01 25.08 20.30
N ALA A 60 32.42 24.22 21.24
CA ALA A 60 33.75 23.61 21.16
C ALA A 60 33.87 22.78 19.90
N GLY A 61 32.86 21.93 19.68
CA GLY A 61 32.88 21.08 18.51
C GLY A 61 32.77 21.92 17.24
N THR A 62 31.97 22.97 17.28
CA THR A 62 31.79 23.82 16.10
C THR A 62 33.08 24.51 15.72
N LEU A 63 33.78 25.06 16.72
CA LEU A 63 35.05 25.73 16.46
C LEU A 63 36.05 24.75 15.88
N GLU A 64 36.16 23.56 16.47
CA GLU A 64 37.09 22.55 15.95
C GLU A 64 36.79 22.24 14.49
N THR A 65 35.54 21.92 14.20
CA THR A 65 35.12 21.59 12.84
C THR A 65 35.39 22.73 11.87
N ILE A 66 35.01 23.94 12.21
CA ILE A 66 35.25 25.07 11.33
C ILE A 66 36.73 25.17 10.97
N GLU A 67 37.62 24.92 11.92
CA GLU A 67 39.05 24.98 11.65
C GLU A 67 39.46 23.94 10.61
N LEU A 68 38.91 22.73 10.71
CA LEU A 68 39.23 21.69 9.73
C LEU A 68 38.73 22.12 8.34
N PHE A 69 37.54 22.71 8.30
CA PHE A 69 36.98 23.19 7.02
C PHE A 69 37.86 24.28 6.44
N GLY A 70 38.19 25.27 7.26
CA GLY A 70 39.03 26.39 6.84
C GLY A 70 40.31 25.99 6.13
N GLN A 71 41.00 25.00 6.67
CA GLN A 71 42.25 24.53 6.08
C GLN A 71 42.02 23.71 4.82
N ALA A 72 40.86 23.08 4.73
CA ALA A 72 40.56 22.27 3.55
C ALA A 72 40.09 23.10 2.37
N ILE A 73 39.59 24.30 2.59
CA ILE A 73 39.10 25.08 1.45
C ILE A 73 40.03 26.19 0.95
N ILE A 74 41.20 26.33 1.56
CA ILE A 74 42.14 27.35 1.10
C ILE A 74 42.41 27.08 -0.38
N GLY A 75 42.46 28.13 -1.18
CA GLY A 75 42.72 27.93 -2.60
C GLY A 75 41.50 27.73 -3.47
N LEU A 76 40.34 27.51 -2.85
CA LEU A 76 39.11 27.33 -3.64
C LEU A 76 38.44 28.69 -3.93
N ASN A 77 37.56 28.70 -4.92
CA ASN A 77 36.83 29.91 -5.28
C ASN A 77 35.53 29.90 -4.47
N PRO A 78 35.21 31.00 -3.78
CA PRO A 78 33.98 31.05 -3.00
C PRO A 78 32.73 30.77 -3.84
N PHE A 79 32.79 31.09 -5.14
CA PHE A 79 31.65 30.83 -6.02
C PHE A 79 31.42 29.32 -6.25
N ASN A 80 32.45 28.51 -6.00
CA ASN A 80 32.34 27.06 -6.14
C ASN A 80 31.72 26.50 -4.85
N ILE A 81 30.53 26.98 -4.53
CA ILE A 81 29.81 26.58 -3.34
C ILE A 81 29.52 25.08 -3.41
N GLU A 82 29.40 24.56 -4.62
CA GLU A 82 29.16 23.14 -4.83
C GLU A 82 30.33 22.33 -4.26
N LYS A 83 31.56 22.68 -4.65
CA LYS A 83 32.72 21.93 -4.15
C LYS A 83 32.96 22.18 -2.69
N ILE A 84 32.74 23.42 -2.25
CA ILE A 84 32.94 23.74 -0.85
C ILE A 84 32.08 22.84 0.03
N HIS A 85 30.83 22.61 -0.35
CA HIS A 85 29.98 21.73 0.44
C HIS A 85 30.45 20.29 0.28
N GLU A 86 30.89 19.94 -0.91
CA GLU A 86 31.39 18.59 -1.16
C GLU A 86 32.54 18.33 -0.18
N VAL A 87 33.43 19.31 -0.07
CA VAL A 87 34.58 19.21 0.81
C VAL A 87 34.20 19.09 2.28
N MET A 88 33.29 19.94 2.73
CA MET A 88 32.86 19.89 4.12
C MET A 88 32.13 18.58 4.42
N ASP A 89 31.31 18.14 3.48
CA ASP A 89 30.55 16.92 3.68
C ASP A 89 31.41 15.67 3.77
N LYS A 90 32.54 15.66 3.08
CA LYS A 90 33.42 14.51 3.14
C LYS A 90 34.16 14.52 4.49
N ILE A 91 34.41 15.70 5.02
CA ILE A 91 35.12 15.82 6.30
C ILE A 91 34.23 15.43 7.48
N SER A 92 33.01 15.96 7.50
CA SER A 92 32.08 15.68 8.59
C SER A 92 30.72 15.19 8.12
N ALA A 93 30.23 14.12 8.75
CA ALA A 93 28.94 13.57 8.40
C ALA A 93 27.80 14.37 9.02
N PHE A 94 28.11 15.25 9.97
CA PHE A 94 27.07 16.07 10.62
C PHE A 94 27.63 17.23 11.44
N ALA A 95 27.47 18.44 10.93
CA ALA A 95 27.94 19.64 11.62
C ALA A 95 27.33 20.84 10.92
N PRO A 96 26.00 20.97 10.96
CA PRO A 96 25.32 22.08 10.30
C PRO A 96 25.77 23.45 10.73
N ALA A 97 26.11 23.60 12.02
CA ALA A 97 26.56 24.89 12.54
C ALA A 97 27.86 25.30 11.87
N ALA A 98 28.82 24.38 11.84
CA ALA A 98 30.12 24.63 11.24
C ALA A 98 29.98 24.96 9.75
N LYS A 99 29.26 24.09 9.05
CA LYS A 99 29.04 24.26 7.62
C LYS A 99 28.34 25.56 7.27
N ALA A 100 27.33 25.94 8.05
CA ALA A 100 26.61 27.18 7.81
C ALA A 100 27.55 28.38 7.92
N ALA A 101 28.44 28.33 8.89
CA ALA A 101 29.38 29.41 9.11
C ALA A 101 30.27 29.61 7.87
N ILE A 102 30.73 28.51 7.28
CA ILE A 102 31.59 28.61 6.10
C ILE A 102 30.74 29.06 4.90
N ASP A 103 29.59 28.40 4.77
CA ASP A 103 28.63 28.66 3.71
C ASP A 103 28.27 30.15 3.66
N ILE A 104 27.83 30.68 4.79
CA ILE A 104 27.44 32.08 4.87
C ILE A 104 28.57 33.01 4.47
N ALA A 105 29.79 32.77 4.97
CA ALA A 105 30.91 33.63 4.58
C ALA A 105 31.17 33.60 3.08
N CYS A 106 30.98 32.44 2.47
CA CYS A 106 31.20 32.28 1.03
C CYS A 106 30.19 33.07 0.21
N TYR A 107 28.94 33.08 0.66
CA TYR A 107 27.91 33.82 -0.04
C TYR A 107 28.14 35.32 0.16
N ASP A 108 28.68 35.69 1.32
CA ASP A 108 28.96 37.08 1.60
C ASP A 108 30.02 37.52 0.60
N LEU A 109 31.03 36.68 0.41
CA LEU A 109 32.09 37.00 -0.55
C LEU A 109 31.51 37.06 -1.96
N MET A 110 30.62 36.13 -2.30
CA MET A 110 30.01 36.14 -3.63
C MET A 110 29.36 37.48 -3.89
N GLY A 111 28.55 37.94 -2.93
CA GLY A 111 27.88 39.21 -3.07
C GLY A 111 28.88 40.34 -3.21
N GLN A 112 29.89 40.35 -2.35
CA GLN A 112 30.89 41.42 -2.42
C GLN A 112 31.64 41.42 -3.74
N LYS A 113 31.93 40.24 -4.30
CA LYS A 113 32.65 40.17 -5.56
C LYS A 113 31.79 40.63 -6.73
N ALA A 114 30.52 40.25 -6.69
CA ALA A 114 29.58 40.63 -7.74
C ALA A 114 29.13 42.08 -7.51
N GLN A 115 29.42 42.59 -6.32
CA GLN A 115 29.05 43.96 -5.94
C GLN A 115 27.53 44.08 -5.94
N LEU A 116 26.89 43.12 -5.27
CA LEU A 116 25.44 43.07 -5.17
C LEU A 116 25.03 42.65 -3.79
N PRO A 117 23.93 43.21 -3.28
CA PRO A 117 23.50 42.79 -1.95
C PRO A 117 23.15 41.32 -2.14
N LEU A 118 23.38 40.50 -1.12
CA LEU A 118 23.12 39.07 -1.23
C LEU A 118 21.72 38.64 -1.68
N TYR A 119 20.66 39.34 -1.26
CA TYR A 119 19.31 38.92 -1.65
C TYR A 119 19.12 38.90 -3.17
N GLN A 120 19.93 39.67 -3.89
CA GLN A 120 19.83 39.70 -5.34
C GLN A 120 20.38 38.41 -5.97
N LEU A 121 21.33 37.76 -5.31
CA LEU A 121 21.89 36.53 -5.84
C LEU A 121 21.06 35.32 -5.45
N LEU A 122 20.16 35.49 -4.49
CA LEU A 122 19.35 34.39 -4.01
C LEU A 122 17.93 34.30 -4.53
N GLY A 123 17.57 35.14 -5.50
CA GLY A 123 16.22 35.08 -6.03
C GLY A 123 15.63 36.45 -6.29
N GLY A 124 16.08 37.43 -5.51
CA GLY A 124 15.62 38.80 -5.65
C GLY A 124 14.15 39.13 -5.51
N TYR A 125 13.35 38.25 -4.92
CA TYR A 125 11.92 38.50 -4.79
C TYR A 125 11.61 39.79 -4.03
N ASP A 126 12.28 40.02 -2.91
CA ASP A 126 12.04 41.23 -2.14
C ASP A 126 13.35 41.73 -1.52
N ASN A 127 13.36 42.96 -1.02
CA ASN A 127 14.56 43.51 -0.40
C ASN A 127 14.34 43.82 1.08
N GLN A 128 13.37 43.12 1.67
CA GLN A 128 13.06 43.31 3.08
C GLN A 128 12.21 42.14 3.59
N VAL A 129 12.17 41.96 4.91
CA VAL A 129 11.35 40.89 5.48
C VAL A 129 10.70 41.37 6.77
N ILE A 130 9.56 40.78 7.11
CA ILE A 130 8.85 41.13 8.31
C ILE A 130 8.90 39.94 9.25
N THR A 131 9.42 40.14 10.44
CA THR A 131 9.52 39.05 11.38
C THR A 131 8.60 39.18 12.58
N ASP A 132 8.27 38.03 13.15
CA ASP A 132 7.47 38.00 14.35
C ASP A 132 8.50 38.23 15.45
N ILE A 133 8.09 38.03 16.69
CA ILE A 133 8.99 38.13 17.82
C ILE A 133 8.46 37.06 18.75
N THR A 134 9.35 36.31 19.37
CA THR A 134 8.94 35.21 20.24
C THR A 134 8.76 35.59 21.70
N LEU A 135 7.94 34.81 22.39
CA LEU A 135 7.68 34.99 23.81
C LEU A 135 8.02 33.67 24.46
N GLY A 136 9.09 33.67 25.25
CA GLY A 136 9.51 32.46 25.93
C GLY A 136 8.52 32.03 26.99
N ILE A 137 8.44 30.73 27.24
CA ILE A 137 7.53 30.19 28.22
C ILE A 137 7.63 31.00 29.50
N ASP A 138 6.50 31.18 30.17
CA ASP A 138 6.43 31.94 31.41
C ASP A 138 5.00 31.80 31.97
N GLU A 139 4.59 32.72 32.82
CA GLU A 139 3.24 32.67 33.38
C GLU A 139 2.26 33.32 32.42
N PRO A 140 1.07 32.74 32.28
CA PRO A 140 0.04 33.28 31.38
C PRO A 140 -0.03 34.80 31.41
N ASN A 141 -0.22 35.36 32.59
CA ASN A 141 -0.33 36.81 32.75
C ASN A 141 0.96 37.56 32.42
N VAL A 142 2.10 36.89 32.56
CA VAL A 142 3.38 37.53 32.27
C VAL A 142 3.54 37.64 30.75
N MET A 143 3.27 36.54 30.06
CA MET A 143 3.36 36.51 28.60
C MET A 143 2.37 37.50 27.98
N ALA A 144 1.15 37.55 28.53
CA ALA A 144 0.11 38.45 28.03
C ALA A 144 0.57 39.89 28.15
N GLN A 145 1.36 40.17 29.18
CA GLN A 145 1.88 41.50 29.43
C GLN A 145 2.97 41.84 28.43
N LYS A 146 3.84 40.88 28.15
CA LYS A 146 4.92 41.11 27.19
C LYS A 146 4.37 41.25 25.78
N ALA A 147 3.28 40.54 25.52
CA ALA A 147 2.64 40.60 24.21
C ALA A 147 2.27 42.05 23.92
N VAL A 148 1.53 42.65 24.84
CA VAL A 148 1.11 44.04 24.69
C VAL A 148 2.30 44.94 24.39
N GLU A 149 3.42 44.63 25.02
CA GLU A 149 4.64 45.41 24.82
C GLU A 149 5.15 45.32 23.39
N LYS A 150 5.34 44.10 22.91
CA LYS A 150 5.84 43.87 21.56
C LYS A 150 4.89 44.48 20.53
N VAL A 151 3.60 44.31 20.77
CA VAL A 151 2.59 44.86 19.87
C VAL A 151 2.79 46.37 19.83
N LYS A 152 3.08 46.95 20.99
CA LYS A 152 3.28 48.39 21.07
C LYS A 152 4.48 48.82 20.25
N LEU A 153 5.45 47.90 20.11
CA LEU A 153 6.63 48.19 19.33
C LEU A 153 6.29 48.20 17.83
N GLY A 154 5.18 47.56 17.47
CA GLY A 154 4.76 47.52 16.08
C GLY A 154 4.62 46.14 15.48
N PHE A 155 4.82 45.10 16.30
CA PHE A 155 4.70 43.73 15.84
C PHE A 155 3.25 43.29 15.63
N ASP A 156 3.02 42.54 14.55
CA ASP A 156 1.70 42.06 14.22
C ASP A 156 1.58 40.55 14.38
N THR A 157 2.72 39.89 14.53
CA THR A 157 2.72 38.45 14.73
C THR A 157 3.54 38.12 15.96
N LEU A 158 3.08 37.14 16.73
CA LEU A 158 3.80 36.76 17.92
C LEU A 158 3.97 35.25 17.95
N LYS A 159 5.18 34.82 18.29
CA LYS A 159 5.46 33.40 18.41
C LYS A 159 5.38 33.14 19.90
N ILE A 160 4.54 32.20 20.29
CA ILE A 160 4.34 31.87 21.69
C ILE A 160 4.78 30.46 22.02
N LYS A 161 5.73 30.36 22.97
CA LYS A 161 6.25 29.07 23.38
C LYS A 161 5.37 28.42 24.45
N VAL A 162 5.24 27.09 24.37
CA VAL A 162 4.44 26.33 25.32
C VAL A 162 5.06 24.96 25.40
N GLY A 163 4.69 24.19 26.44
CA GLY A 163 5.23 22.86 26.59
C GLY A 163 5.33 22.29 27.99
N THR A 164 4.75 22.98 28.97
CA THR A 164 4.78 22.49 30.35
C THR A 164 3.64 21.53 30.64
N GLY A 165 2.63 21.54 29.77
CA GLY A 165 1.47 20.67 29.93
C GLY A 165 0.27 21.29 29.26
N ILE A 166 -0.43 20.51 28.45
CA ILE A 166 -1.60 20.99 27.73
C ILE A 166 -2.46 21.92 28.58
N GLU A 167 -2.52 21.63 29.88
CA GLU A 167 -3.29 22.45 30.81
C GLU A 167 -2.79 23.90 30.87
N ALA A 168 -1.62 24.10 31.46
CA ALA A 168 -1.03 25.43 31.58
C ALA A 168 -0.81 26.11 30.23
N ASP A 169 -0.41 25.32 29.24
CA ASP A 169 -0.17 25.88 27.91
C ASP A 169 -1.42 26.56 27.36
N ILE A 170 -2.54 25.84 27.39
CA ILE A 170 -3.81 26.37 26.90
C ILE A 170 -4.11 27.69 27.59
N ALA A 171 -3.94 27.71 28.91
CA ALA A 171 -4.21 28.92 29.69
C ALA A 171 -3.33 30.06 29.20
N ARG A 172 -2.10 29.72 28.83
CA ARG A 172 -1.15 30.71 28.34
C ARG A 172 -1.63 31.46 27.10
N VAL A 173 -2.03 30.70 26.09
CA VAL A 173 -2.50 31.28 24.84
C VAL A 173 -3.73 32.17 25.04
N LYS A 174 -4.80 31.60 25.54
CA LYS A 174 -6.03 32.36 25.77
C LYS A 174 -5.74 33.66 26.50
N ALA A 175 -4.91 33.60 27.53
CA ALA A 175 -4.56 34.79 28.29
C ALA A 175 -4.04 35.86 27.33
N ILE A 176 -2.99 35.52 26.59
CA ILE A 176 -2.37 36.44 25.64
C ILE A 176 -3.35 36.92 24.57
N ARG A 177 -4.16 36.01 24.05
CA ARG A 177 -5.14 36.36 23.03
C ARG A 177 -6.03 37.53 23.43
N GLU A 178 -6.78 37.36 24.50
CA GLU A 178 -7.68 38.41 24.99
C GLU A 178 -6.94 39.51 25.72
N ALA A 179 -5.68 39.71 25.34
CA ALA A 179 -4.84 40.73 25.96
C ALA A 179 -4.40 41.75 24.90
N VAL A 180 -4.20 41.27 23.67
CA VAL A 180 -3.77 42.14 22.58
C VAL A 180 -4.82 42.30 21.47
N GLY A 181 -5.79 41.39 21.45
CA GLY A 181 -6.84 41.46 20.45
C GLY A 181 -6.98 40.26 19.54
N PHE A 182 -7.40 40.53 18.29
CA PHE A 182 -7.57 39.47 17.30
C PHE A 182 -6.97 39.86 15.96
N ASP A 183 -6.43 41.07 15.88
CA ASP A 183 -5.80 41.53 14.64
C ASP A 183 -4.36 41.00 14.59
N ILE A 184 -3.84 40.63 15.76
CA ILE A 184 -2.49 40.11 15.88
C ILE A 184 -2.46 38.61 15.59
N LYS A 185 -1.55 38.19 14.71
CA LYS A 185 -1.43 36.77 14.37
C LYS A 185 -0.65 36.10 15.50
N LEU A 186 -1.06 34.90 15.87
CA LEU A 186 -0.38 34.16 16.93
C LEU A 186 -0.02 32.76 16.51
N ARG A 187 1.28 32.49 16.45
CA ARG A 187 1.78 31.17 16.09
C ARG A 187 2.26 30.54 17.39
N LEU A 188 2.09 29.23 17.53
CA LEU A 188 2.51 28.55 18.75
C LEU A 188 3.58 27.52 18.45
N ASP A 189 4.55 27.40 19.35
CA ASP A 189 5.65 26.45 19.23
C ASP A 189 5.72 25.65 20.53
N ALA A 190 5.48 24.34 20.46
CA ALA A 190 5.50 23.48 21.64
C ALA A 190 6.76 22.60 21.74
N ASN A 191 7.73 22.87 20.89
CA ASN A 191 8.98 22.12 20.87
C ASN A 191 8.89 20.67 21.30
N GLN A 192 8.10 19.88 20.56
CA GLN A 192 7.95 18.44 20.81
C GLN A 192 7.34 18.02 22.15
N ALA A 193 6.80 18.98 22.90
CA ALA A 193 6.24 18.69 24.23
C ALA A 193 5.03 17.76 24.35
N TRP A 194 4.19 17.67 23.32
CA TRP A 194 2.99 16.84 23.44
C TRP A 194 3.00 15.50 22.74
N THR A 195 2.08 14.64 23.15
CA THR A 195 1.94 13.33 22.54
C THR A 195 0.93 13.60 21.42
N PRO A 196 0.81 12.66 20.46
CA PRO A 196 -0.14 12.86 19.36
C PRO A 196 -1.54 13.27 19.81
N LYS A 197 -2.22 12.38 20.53
CA LYS A 197 -3.58 12.66 20.98
C LYS A 197 -3.77 13.86 21.90
N ASP A 198 -2.78 14.17 22.74
CA ASP A 198 -2.90 15.31 23.64
C ASP A 198 -2.67 16.57 22.83
N ALA A 199 -1.98 16.41 21.70
CA ALA A 199 -1.70 17.55 20.82
C ALA A 199 -3.00 17.93 20.14
N VAL A 200 -3.70 16.93 19.61
CA VAL A 200 -4.96 17.16 18.95
C VAL A 200 -5.93 17.85 19.91
N LYS A 201 -5.92 17.38 21.16
CA LYS A 201 -6.78 17.94 22.20
C LYS A 201 -6.46 19.41 22.49
N ALA A 202 -5.18 19.69 22.69
CA ALA A 202 -4.75 21.06 22.98
C ALA A 202 -5.08 22.03 21.84
N ILE A 203 -4.78 21.61 20.62
CA ILE A 203 -5.03 22.47 19.47
C ILE A 203 -6.52 22.75 19.37
N GLN A 204 -7.34 21.70 19.31
CA GLN A 204 -8.78 21.89 19.20
C GLN A 204 -9.32 22.79 20.31
N ALA A 205 -8.70 22.72 21.48
CA ALA A 205 -9.11 23.54 22.62
C ALA A 205 -9.02 25.03 22.29
N LEU A 206 -8.07 25.40 21.46
CA LEU A 206 -7.88 26.79 21.07
C LEU A 206 -8.57 27.10 19.73
N ALA A 207 -9.58 26.32 19.41
CA ALA A 207 -10.32 26.49 18.16
C ALA A 207 -10.86 27.90 17.98
N ASP A 208 -11.48 28.45 19.02
CA ASP A 208 -12.05 29.80 18.96
C ASP A 208 -11.06 30.90 19.32
N TYR A 209 -9.77 30.57 19.35
CA TYR A 209 -8.76 31.57 19.69
C TYR A 209 -7.98 32.04 18.47
N GLN A 210 -8.32 31.47 17.32
CA GLN A 210 -7.73 31.87 16.06
C GLN A 210 -6.20 31.77 16.00
N ILE A 211 -5.69 30.54 16.03
CA ILE A 211 -4.25 30.32 15.97
C ILE A 211 -3.79 30.17 14.53
N GLU A 212 -2.74 30.89 14.15
CA GLU A 212 -2.23 30.81 12.78
C GLU A 212 -1.67 29.44 12.48
N LEU A 213 -0.85 28.91 13.38
CA LEU A 213 -0.25 27.60 13.17
C LEU A 213 0.39 27.09 14.45
N VAL A 214 0.67 25.79 14.48
CA VAL A 214 1.30 25.15 15.62
C VAL A 214 2.60 24.47 15.17
N GLU A 215 3.71 24.92 15.72
CA GLU A 215 5.05 24.39 15.39
C GLU A 215 5.45 23.16 16.21
N GLN A 216 5.95 22.15 15.49
CA GLN A 216 6.43 20.90 16.07
C GLN A 216 5.73 20.50 17.38
N PRO A 217 4.52 19.95 17.29
CA PRO A 217 3.77 19.53 18.47
C PRO A 217 4.27 18.24 19.16
N VAL A 218 4.88 17.34 18.40
CA VAL A 218 5.37 16.08 18.96
C VAL A 218 6.89 15.89 18.80
N LYS A 219 7.38 14.74 19.27
CA LYS A 219 8.80 14.41 19.19
C LYS A 219 9.27 14.39 17.73
N ARG A 220 10.40 15.04 17.46
CA ARG A 220 10.93 15.12 16.10
C ARG A 220 11.05 13.80 15.36
N ARG A 221 11.22 12.72 16.08
CA ARG A 221 11.36 11.41 15.45
C ARG A 221 10.05 10.67 15.25
N ASP A 222 8.98 11.15 15.88
CA ASP A 222 7.67 10.50 15.77
C ASP A 222 6.92 11.07 14.57
N LEU A 223 7.37 10.72 13.37
CA LEU A 223 6.76 11.20 12.14
C LEU A 223 5.32 10.74 11.97
N GLU A 224 5.05 9.47 12.27
CA GLU A 224 3.68 8.97 12.15
C GLU A 224 2.79 9.80 13.05
N GLY A 225 3.29 10.08 14.26
CA GLY A 225 2.53 10.88 15.21
C GLY A 225 2.29 12.30 14.76
N LEU A 226 3.29 12.92 14.13
CA LEU A 226 3.19 14.29 13.66
C LEU A 226 2.12 14.40 12.56
N LYS A 227 2.11 13.41 11.67
CA LYS A 227 1.13 13.37 10.59
C LYS A 227 -0.26 13.17 11.18
N TYR A 228 -0.33 12.39 12.26
CA TYR A 228 -1.61 12.13 12.94
C TYR A 228 -2.22 13.49 13.30
N VAL A 229 -1.43 14.33 13.97
CA VAL A 229 -1.87 15.65 14.36
C VAL A 229 -2.31 16.47 13.14
N THR A 230 -1.38 16.67 12.21
CA THR A 230 -1.66 17.42 10.98
C THR A 230 -3.01 17.02 10.39
N SER A 231 -3.24 15.71 10.31
CA SER A 231 -4.47 15.18 9.74
C SER A 231 -5.70 15.14 10.65
N GLN A 232 -5.59 15.67 11.87
CA GLN A 232 -6.73 15.68 12.79
C GLN A 232 -7.29 17.08 12.98
N VAL A 233 -6.42 18.08 12.96
CA VAL A 233 -6.86 19.46 13.12
C VAL A 233 -6.82 20.14 11.76
N ASN A 234 -7.60 21.21 11.61
CA ASN A 234 -7.62 21.94 10.35
C ASN A 234 -6.58 23.04 10.47
N THR A 235 -6.11 23.25 11.70
CA THR A 235 -5.09 24.25 12.02
C THR A 235 -3.79 23.90 11.29
N THR A 236 -3.05 24.92 10.88
CA THR A 236 -1.79 24.68 10.18
C THR A 236 -0.70 24.15 11.11
N ILE A 237 -0.16 22.99 10.74
CA ILE A 237 0.90 22.36 11.52
C ILE A 237 2.24 22.50 10.80
N MET A 238 3.22 23.01 11.53
CA MET A 238 4.56 23.24 10.99
C MET A 238 5.60 22.29 11.58
N ALA A 239 6.52 21.84 10.74
CA ALA A 239 7.58 20.96 11.21
C ALA A 239 8.84 21.79 11.41
N ASP A 240 9.54 21.53 12.50
CA ASP A 240 10.78 22.24 12.78
C ASP A 240 11.90 21.22 13.02
N GLU A 241 11.98 20.70 14.24
CA GLU A 241 13.01 19.72 14.58
C GLU A 241 12.88 18.44 13.78
N SER A 242 11.70 18.18 13.22
CA SER A 242 11.51 16.98 12.41
C SER A 242 12.15 17.18 11.02
N CYS A 243 12.60 18.40 10.73
CA CYS A 243 13.20 18.68 9.43
C CYS A 243 14.49 19.51 9.51
N PHE A 244 15.62 18.84 9.39
CA PHE A 244 16.93 19.49 9.45
C PHE A 244 17.44 19.86 8.05
N ASP A 245 17.46 18.88 7.15
CA ASP A 245 17.99 19.10 5.81
C ASP A 245 17.01 18.83 4.68
N ALA A 246 17.55 18.77 3.46
CA ALA A 246 16.74 18.54 2.28
C ALA A 246 16.21 17.12 2.25
N GLN A 247 17.02 16.17 2.67
CA GLN A 247 16.58 14.79 2.68
C GLN A 247 15.41 14.64 3.68
N ASP A 248 15.44 15.42 4.77
CA ASP A 248 14.34 15.36 5.73
C ASP A 248 13.09 15.88 5.06
N ALA A 249 13.23 17.03 4.39
CA ALA A 249 12.14 17.68 3.70
C ALA A 249 11.48 16.76 2.68
N LEU A 250 12.30 16.06 1.92
CA LEU A 250 11.79 15.14 0.92
C LEU A 250 10.94 14.05 1.58
N GLU A 251 11.37 13.57 2.74
CA GLU A 251 10.63 12.54 3.46
C GLU A 251 9.29 13.07 3.93
N LEU A 252 9.27 14.29 4.45
CA LEU A 252 8.04 14.90 4.94
C LEU A 252 7.01 15.15 3.82
N VAL A 253 7.46 15.73 2.71
CA VAL A 253 6.53 15.98 1.60
C VAL A 253 6.03 14.64 1.09
N LYS A 254 6.89 13.63 1.06
CA LYS A 254 6.47 12.34 0.58
C LYS A 254 5.33 11.76 1.42
N LYS A 255 5.53 11.73 2.74
CA LYS A 255 4.52 11.20 3.65
C LYS A 255 3.38 12.17 3.90
N GLY A 256 3.56 13.43 3.52
CA GLY A 256 2.54 14.44 3.73
C GLY A 256 2.35 14.64 5.22
N THR A 257 3.47 14.71 5.93
CA THR A 257 3.53 14.85 7.38
C THR A 257 3.06 16.17 8.00
N VAL A 258 3.35 17.29 7.35
CA VAL A 258 2.97 18.60 7.85
C VAL A 258 2.46 19.51 6.76
N ASP A 259 2.11 20.74 7.13
CA ASP A 259 1.59 21.74 6.21
C ASP A 259 2.61 22.81 5.82
N VAL A 260 3.51 23.12 6.76
CA VAL A 260 4.52 24.15 6.56
C VAL A 260 5.83 23.65 7.18
N ILE A 261 6.97 24.15 6.69
CA ILE A 261 8.25 23.73 7.21
C ILE A 261 9.14 24.90 7.64
N ASN A 262 9.74 24.78 8.82
CA ASN A 262 10.62 25.80 9.37
C ASN A 262 12.05 25.53 8.94
N ILE A 263 12.66 26.50 8.28
CA ILE A 263 14.05 26.39 7.82
C ILE A 263 14.99 27.17 8.73
N LYS A 264 16.12 26.57 9.06
CA LYS A 264 17.14 27.23 9.87
C LYS A 264 18.51 26.94 9.27
N LEU A 265 19.27 27.99 8.99
CA LEU A 265 20.61 27.79 8.43
C LEU A 265 21.44 26.88 9.32
N MET A 266 21.26 26.99 10.64
CA MET A 266 22.00 26.18 11.60
C MET A 266 21.54 24.74 11.73
N LYS A 267 20.49 24.38 11.00
CA LYS A 267 19.98 23.02 11.02
C LYS A 267 20.35 22.32 9.73
N CYS A 268 20.39 23.07 8.64
CA CYS A 268 20.69 22.50 7.33
C CYS A 268 22.14 22.71 6.85
N GLY A 269 22.89 23.56 7.55
CA GLY A 269 24.26 23.79 7.16
C GLY A 269 24.50 24.89 6.15
N GLY A 270 23.63 25.90 6.13
CA GLY A 270 23.82 27.00 5.22
C GLY A 270 22.77 27.27 4.15
N ILE A 271 22.92 28.42 3.51
CA ILE A 271 22.05 28.90 2.45
C ILE A 271 21.93 27.88 1.32
N HIS A 272 23.05 27.29 0.92
CA HIS A 272 23.06 26.31 -0.15
C HIS A 272 22.04 25.20 0.08
N GLU A 273 22.01 24.69 1.31
CA GLU A 273 21.08 23.62 1.65
C GLU A 273 19.66 24.19 1.87
N ALA A 274 19.57 25.37 2.46
CA ALA A 274 18.27 26.01 2.71
C ALA A 274 17.55 26.19 1.39
N LEU A 275 18.30 26.60 0.37
CA LEU A 275 17.74 26.78 -0.96
C LEU A 275 17.10 25.47 -1.40
N LYS A 276 17.80 24.35 -1.19
CA LYS A 276 17.27 23.04 -1.56
C LYS A 276 15.95 22.74 -0.86
N ILE A 277 15.90 22.92 0.45
CA ILE A 277 14.68 22.64 1.21
C ILE A 277 13.47 23.43 0.71
N ASN A 278 13.65 24.74 0.53
CA ASN A 278 12.59 25.61 0.05
C ASN A 278 12.08 25.19 -1.34
N GLN A 279 13.01 24.77 -2.19
CA GLN A 279 12.67 24.33 -3.54
C GLN A 279 11.80 23.08 -3.52
N ILE A 280 12.17 22.14 -2.65
CA ILE A 280 11.44 20.90 -2.52
C ILE A 280 10.05 21.19 -1.97
N CYS A 281 9.98 22.10 -1.02
CA CYS A 281 8.72 22.49 -0.39
C CYS A 281 7.79 23.24 -1.36
N GLU A 282 8.35 24.21 -2.08
CA GLU A 282 7.58 24.98 -3.05
C GLU A 282 7.00 24.03 -4.09
N THR A 283 7.84 23.14 -4.61
CA THR A 283 7.42 22.17 -5.61
C THR A 283 6.28 21.30 -5.08
N ALA A 284 6.32 20.97 -3.79
CA ALA A 284 5.27 20.15 -3.16
C ALA A 284 4.07 20.97 -2.66
N GLY A 285 4.12 22.29 -2.82
CA GLY A 285 3.03 23.13 -2.36
C GLY A 285 3.04 23.43 -0.87
N ILE A 286 4.21 23.31 -0.25
CA ILE A 286 4.38 23.57 1.16
C ILE A 286 5.18 24.85 1.30
N GLU A 287 4.63 25.84 2.03
CA GLU A 287 5.36 27.08 2.23
C GLU A 287 6.39 26.86 3.32
N CYS A 288 7.33 27.80 3.44
CA CYS A 288 8.38 27.69 4.43
C CYS A 288 8.52 28.95 5.27
N MET A 289 8.96 28.78 6.50
CA MET A 289 9.21 29.92 7.39
C MET A 289 10.70 29.82 7.68
N ILE A 290 11.38 30.96 7.79
CA ILE A 290 12.81 30.95 8.09
C ILE A 290 12.97 31.28 9.57
N GLY A 291 13.58 30.36 10.32
CA GLY A 291 13.78 30.55 11.74
C GLY A 291 15.22 30.84 12.14
N CYS A 292 15.50 30.73 13.43
CA CYS A 292 16.85 30.98 13.94
C CYS A 292 17.05 30.27 15.28
N MET A 293 18.30 30.21 15.72
CA MET A 293 18.63 29.61 17.00
C MET A 293 18.78 30.82 17.91
N ALA A 294 18.55 30.64 19.21
CA ALA A 294 18.68 31.74 20.15
C ALA A 294 20.13 32.22 20.28
N GLU A 295 21.08 31.31 20.03
CA GLU A 295 22.50 31.63 20.14
C GLU A 295 23.12 32.41 18.98
N GLU A 296 22.48 32.42 17.83
CA GLU A 296 23.09 33.14 16.72
C GLU A 296 22.87 34.64 16.83
N THR A 297 23.65 35.39 16.07
CA THR A 297 23.55 36.83 16.13
C THR A 297 23.39 37.50 14.78
N THR A 298 23.86 38.74 14.72
CA THR A 298 23.79 39.58 13.54
C THR A 298 24.12 38.92 12.21
N ILE A 299 25.24 38.19 12.15
CA ILE A 299 25.62 37.57 10.90
C ILE A 299 24.65 36.49 10.43
N GLY A 300 24.29 35.58 11.33
CA GLY A 300 23.36 34.53 10.97
C GLY A 300 21.98 35.04 10.65
N ILE A 301 21.53 36.04 11.41
CA ILE A 301 20.22 36.61 11.19
C ILE A 301 20.21 37.36 9.86
N THR A 302 21.27 38.09 9.58
CA THR A 302 21.34 38.83 8.33
C THR A 302 21.29 37.87 7.15
N ALA A 303 22.12 36.82 7.19
CA ALA A 303 22.14 35.83 6.12
C ALA A 303 20.74 35.27 5.89
N ALA A 304 20.09 34.87 6.98
CA ALA A 304 18.74 34.32 6.90
C ALA A 304 17.77 35.33 6.28
N ALA A 305 17.91 36.60 6.65
CA ALA A 305 17.04 37.66 6.15
C ALA A 305 17.15 37.84 4.63
N HIS A 306 18.38 37.82 4.12
CA HIS A 306 18.60 37.96 2.68
C HIS A 306 17.97 36.81 1.92
N LEU A 307 18.07 35.61 2.48
CA LEU A 307 17.47 34.44 1.85
C LEU A 307 15.94 34.53 1.86
N ALA A 308 15.38 34.93 3.00
CA ALA A 308 13.93 35.03 3.14
C ALA A 308 13.33 36.03 2.16
N ALA A 309 13.92 37.21 2.11
CA ALA A 309 13.47 38.26 1.21
C ALA A 309 13.57 37.83 -0.25
N ALA A 310 14.65 37.11 -0.58
CA ALA A 310 14.90 36.66 -1.94
C ALA A 310 13.99 35.56 -2.47
N GLN A 311 13.57 34.65 -1.60
CA GLN A 311 12.72 33.53 -2.01
C GLN A 311 11.24 33.74 -1.71
N LYS A 312 10.41 33.62 -2.75
CA LYS A 312 8.97 33.79 -2.62
C LYS A 312 8.27 32.81 -1.70
N ASN A 313 8.66 31.54 -1.75
CA ASN A 313 8.02 30.52 -0.93
C ASN A 313 8.37 30.58 0.56
N ILE A 314 9.29 31.46 0.94
CA ILE A 314 9.61 31.62 2.35
C ILE A 314 8.68 32.78 2.71
N THR A 315 7.48 32.41 3.12
CA THR A 315 6.41 33.34 3.44
C THR A 315 6.29 33.87 4.85
N ARG A 316 6.98 33.23 5.79
CA ARG A 316 6.95 33.65 7.19
C ARG A 316 8.38 33.79 7.72
N ALA A 317 8.58 34.63 8.72
CA ALA A 317 9.90 34.82 9.28
C ALA A 317 9.92 34.93 10.79
N ASP A 318 10.88 34.23 11.40
CA ASP A 318 11.06 34.23 12.84
C ASP A 318 12.55 34.49 13.05
N LEU A 319 12.96 35.72 12.75
CA LEU A 319 14.35 36.17 12.86
C LEU A 319 14.40 37.23 13.95
N ASP A 320 14.34 36.79 15.19
CA ASP A 320 14.33 37.68 16.35
C ASP A 320 15.50 37.48 17.31
N ALA A 321 16.52 36.74 16.88
CA ALA A 321 17.67 36.49 17.74
C ALA A 321 18.40 37.77 18.18
N THR A 322 18.53 38.74 17.27
CA THR A 322 19.23 39.98 17.62
C THR A 322 18.46 40.91 18.56
N PHE A 323 17.19 40.62 18.79
CA PHE A 323 16.35 41.45 19.66
C PHE A 323 16.69 41.26 21.13
N GLY A 324 17.26 40.10 21.45
CA GLY A 324 17.61 39.82 22.83
C GLY A 324 19.08 40.01 23.15
N LEU A 325 19.86 40.52 22.19
CA LEU A 325 21.30 40.71 22.40
C LEU A 325 21.65 41.99 23.16
N GLU A 326 22.50 41.87 24.16
CA GLU A 326 22.91 43.05 24.92
C GLU A 326 23.81 43.95 24.09
N THR A 327 24.59 43.37 23.18
CA THR A 327 25.46 44.17 22.32
C THR A 327 25.66 43.48 20.97
N ALA A 328 26.11 44.26 19.98
CA ALA A 328 26.34 43.73 18.63
C ALA A 328 27.77 43.24 18.44
N PRO A 329 27.93 42.02 17.94
CA PRO A 329 29.27 41.45 17.71
C PRO A 329 29.96 41.98 16.46
N VAL A 330 29.19 42.67 15.63
CA VAL A 330 29.75 43.20 14.39
C VAL A 330 29.04 44.51 14.01
N THR A 331 29.48 45.15 12.93
CA THR A 331 28.88 46.40 12.47
C THR A 331 28.00 46.18 11.23
N GLY A 332 26.87 46.88 11.18
CA GLY A 332 25.96 46.74 10.04
C GLY A 332 25.07 45.51 10.14
N GLY A 333 24.40 45.17 9.04
CA GLY A 333 23.52 44.02 9.03
C GLY A 333 22.25 44.31 9.78
N VAL A 334 21.50 43.27 10.13
CA VAL A 334 20.26 43.46 10.85
C VAL A 334 20.52 44.03 12.25
N SER A 335 19.95 45.21 12.51
CA SER A 335 20.10 45.90 13.80
C SER A 335 19.56 45.07 14.96
N LEU A 336 19.93 45.45 16.18
CA LEU A 336 19.42 44.74 17.36
C LEU A 336 18.11 45.38 17.85
N GLU A 337 17.73 46.49 17.23
CA GLU A 337 16.50 47.17 17.60
C GLU A 337 15.31 46.23 17.36
N ALA A 338 14.44 46.10 18.36
CA ALA A 338 13.28 45.24 18.22
C ALA A 338 12.25 45.95 17.35
N LYS A 339 12.16 45.54 16.10
CA LYS A 339 11.24 46.08 15.11
C LYS A 339 10.91 44.94 14.14
N PRO A 340 9.64 44.80 13.74
CA PRO A 340 9.21 43.74 12.83
C PRO A 340 9.77 43.85 11.41
N LEU A 341 10.06 45.07 10.98
CA LEU A 341 10.57 45.28 9.64
C LEU A 341 12.09 45.26 9.51
N LEU A 342 12.59 44.23 8.84
CA LEU A 342 14.02 44.10 8.61
C LEU A 342 14.25 44.46 7.15
N GLU A 343 14.73 45.67 6.92
CA GLU A 343 14.98 46.12 5.56
C GLU A 343 16.45 45.90 5.23
N LEU A 344 16.69 45.29 4.07
CA LEU A 344 18.06 45.04 3.63
C LEU A 344 18.45 46.19 2.70
N GLY A 345 19.72 46.61 2.77
CA GLY A 345 20.15 47.73 1.96
C GLY A 345 20.76 47.33 0.63
N GLU A 346 21.43 48.29 0.01
CA GLU A 346 22.08 48.07 -1.27
C GLU A 346 23.56 47.72 -1.11
N ALA A 347 24.00 47.60 0.14
CA ALA A 347 25.39 47.25 0.39
C ALA A 347 25.61 45.83 -0.15
N ALA A 348 26.81 45.56 -0.67
CA ALA A 348 27.13 44.24 -1.24
C ALA A 348 27.27 43.16 -0.17
N GLY A 349 26.98 41.92 -0.53
CA GLY A 349 27.09 40.83 0.42
C GLY A 349 26.09 40.99 1.57
N LEU A 350 26.56 40.79 2.80
CA LEU A 350 25.72 40.90 3.98
C LEU A 350 25.68 42.34 4.49
N GLY A 351 26.59 43.16 3.98
CA GLY A 351 26.66 44.54 4.40
C GLY A 351 27.23 44.64 5.81
N ILE A 352 28.01 43.64 6.21
CA ILE A 352 28.61 43.59 7.54
C ILE A 352 30.12 43.83 7.55
N SER A 353 30.59 44.47 8.63
CA SER A 353 32.01 44.77 8.80
C SER A 353 32.42 44.57 10.26
N HIS A 354 33.71 44.59 10.54
CA HIS A 354 34.22 44.40 11.90
C HIS A 354 33.43 45.18 12.95
N MET B 1 19.11 46.86 -11.34
CA MET B 1 18.87 47.24 -12.76
C MET B 1 17.40 46.99 -13.12
N LYS B 2 16.98 47.46 -14.29
CA LYS B 2 15.60 47.30 -14.71
C LYS B 2 15.48 47.01 -16.19
N ILE B 3 14.47 46.22 -16.54
CA ILE B 3 14.21 45.85 -17.93
C ILE B 3 13.56 47.02 -18.64
N LYS B 4 14.17 47.43 -19.74
CA LYS B 4 13.68 48.54 -20.54
C LYS B 4 12.79 48.07 -21.68
N GLN B 5 13.28 47.10 -22.44
CA GLN B 5 12.55 46.57 -23.56
C GLN B 5 12.89 45.10 -23.82
N VAL B 6 11.97 44.39 -24.47
CA VAL B 6 12.20 42.99 -24.80
C VAL B 6 11.99 42.85 -26.31
N HIS B 7 13.02 42.39 -27.02
CA HIS B 7 12.93 42.19 -28.46
C HIS B 7 12.92 40.68 -28.78
N VAL B 8 12.03 40.25 -29.67
CA VAL B 8 12.01 38.84 -30.03
C VAL B 8 11.90 38.70 -31.54
N ARG B 9 12.61 37.70 -32.08
CA ARG B 9 12.60 37.45 -33.52
C ARG B 9 12.70 35.96 -33.83
N ALA B 10 12.18 35.58 -34.98
CA ALA B 10 12.21 34.19 -35.42
C ALA B 10 13.53 33.84 -36.08
N SER B 11 13.97 32.61 -35.84
CA SER B 11 15.21 32.10 -36.41
C SER B 11 14.96 30.72 -37.02
N LYS B 12 15.08 30.62 -38.34
CA LYS B 12 14.88 29.34 -39.02
C LYS B 12 16.22 28.89 -39.59
N ILE B 13 16.81 27.85 -39.00
CA ILE B 13 18.10 27.36 -39.47
C ILE B 13 18.10 25.89 -39.89
N LYS B 14 18.49 25.63 -41.13
CA LYS B 14 18.53 24.28 -41.64
C LYS B 14 19.55 23.41 -40.93
N LEU B 15 19.27 22.12 -40.84
CA LEU B 15 20.18 21.16 -40.24
C LEU B 15 20.95 20.58 -41.41
N LYS B 16 22.22 20.25 -41.21
CA LYS B 16 23.02 19.70 -42.29
C LYS B 16 22.42 18.41 -42.86
N GLU B 17 21.58 17.75 -42.08
CA GLU B 17 20.91 16.52 -42.52
C GLU B 17 19.73 16.19 -41.62
N THR B 18 18.63 15.71 -42.20
CA THR B 18 17.45 15.38 -41.41
C THR B 18 17.84 14.46 -40.26
N PHE B 19 17.23 14.71 -39.10
CA PHE B 19 17.51 13.94 -37.91
C PHE B 19 16.25 13.15 -37.60
N THR B 20 16.36 11.83 -37.54
CA THR B 20 15.22 10.99 -37.25
C THR B 20 15.28 10.30 -35.90
N ILE B 21 14.17 10.39 -35.16
CA ILE B 21 14.03 9.75 -33.86
C ILE B 21 12.74 8.93 -33.95
N ALA B 22 12.41 8.18 -32.90
CA ALA B 22 11.20 7.35 -32.92
C ALA B 22 9.92 8.16 -33.13
N LEU B 23 9.92 9.40 -32.63
CA LEU B 23 8.77 10.31 -32.69
C LEU B 23 8.58 11.03 -34.03
N GLY B 24 9.61 11.03 -34.87
CA GLY B 24 9.51 11.71 -36.14
C GLY B 24 10.83 12.28 -36.60
N THR B 25 10.78 13.16 -37.59
CA THR B 25 12.00 13.76 -38.13
C THR B 25 12.01 15.27 -37.93
N ILE B 26 13.21 15.84 -37.91
CA ILE B 26 13.38 17.28 -37.76
C ILE B 26 14.36 17.68 -38.88
N GLU B 27 13.99 18.71 -39.63
CA GLU B 27 14.83 19.15 -40.74
C GLU B 27 15.30 20.60 -40.62
N SER B 28 14.82 21.30 -39.61
CA SER B 28 15.20 22.70 -39.42
C SER B 28 15.09 23.10 -37.96
N ALA B 29 16.04 23.91 -37.51
CA ALA B 29 16.07 24.38 -36.13
C ALA B 29 15.41 25.76 -36.12
N ASP B 30 14.12 25.78 -35.83
CA ASP B 30 13.36 27.02 -35.78
C ASP B 30 13.15 27.45 -34.34
N SER B 31 13.80 28.53 -33.92
CA SER B 31 13.67 29.01 -32.56
C SER B 31 13.37 30.51 -32.48
N ALA B 32 12.93 30.93 -31.30
CA ALA B 32 12.64 32.33 -31.04
C ALA B 32 13.84 32.85 -30.25
N ILE B 33 14.43 33.95 -30.71
CA ILE B 33 15.61 34.51 -30.03
C ILE B 33 15.19 35.82 -29.39
N VAL B 34 15.44 35.93 -28.09
CA VAL B 34 15.08 37.11 -27.31
C VAL B 34 16.29 37.91 -26.86
N GLU B 35 16.13 39.23 -26.83
CA GLU B 35 17.15 40.16 -26.36
C GLU B 35 16.45 41.05 -25.35
N ILE B 36 16.88 40.98 -24.09
CA ILE B 36 16.27 41.80 -23.05
C ILE B 36 17.24 42.94 -22.79
N GLU B 37 16.76 44.16 -23.00
CA GLU B 37 17.60 45.31 -22.79
C GLU B 37 17.21 46.00 -21.51
N THR B 38 18.21 46.40 -20.73
CA THR B 38 17.97 47.08 -19.47
C THR B 38 18.10 48.58 -19.68
N GLU B 39 17.67 49.36 -18.70
CA GLU B 39 17.77 50.80 -18.82
C GLU B 39 19.22 51.24 -18.96
N GLU B 40 20.13 50.60 -18.23
CA GLU B 40 21.54 50.99 -18.29
C GLU B 40 22.25 50.62 -19.58
N GLY B 41 21.63 49.77 -20.41
CA GLY B 41 22.28 49.41 -21.65
C GLY B 41 22.71 47.96 -21.85
N LEU B 42 22.77 47.18 -20.78
CA LEU B 42 23.15 45.78 -20.91
C LEU B 42 22.03 45.03 -21.62
N VAL B 43 22.40 44.03 -22.43
CA VAL B 43 21.42 43.25 -23.16
C VAL B 43 21.61 41.76 -22.91
N GLY B 44 20.52 41.07 -22.61
CA GLY B 44 20.58 39.64 -22.36
C GLY B 44 20.02 38.82 -23.52
N TYR B 45 20.66 37.69 -23.79
CA TYR B 45 20.24 36.81 -24.88
C TYR B 45 19.53 35.58 -24.38
N GLY B 46 18.42 35.27 -25.01
CA GLY B 46 17.63 34.11 -24.65
C GLY B 46 17.08 33.44 -25.90
N GLU B 47 16.66 32.18 -25.74
CA GLU B 47 16.12 31.45 -26.87
C GLU B 47 15.09 30.42 -26.42
N GLY B 48 14.06 30.28 -27.24
CA GLY B 48 13.02 29.30 -27.01
C GLY B 48 12.97 28.42 -28.24
N GLY B 49 13.39 27.16 -28.11
CA GLY B 49 13.38 26.25 -29.25
C GLY B 49 12.36 25.17 -29.04
N PRO B 50 11.10 25.38 -29.47
CA PRO B 50 10.03 24.40 -29.30
C PRO B 50 10.16 23.13 -30.15
N GLY B 51 9.88 22.00 -29.53
CA GLY B 51 9.93 20.71 -30.20
C GLY B 51 8.51 20.19 -30.17
N ILE B 52 7.79 20.37 -31.28
CA ILE B 52 6.39 19.98 -31.38
C ILE B 52 6.06 18.54 -31.01
N PHE B 53 6.85 17.54 -31.39
CA PHE B 53 6.43 16.20 -30.96
C PHE B 53 6.88 15.84 -29.56
N ILE B 54 7.45 16.81 -28.85
CA ILE B 54 7.85 16.56 -27.47
C ILE B 54 6.91 17.31 -26.54
N THR B 55 6.74 18.61 -26.76
CA THR B 55 5.88 19.42 -25.90
C THR B 55 4.66 20.00 -26.61
N GLY B 56 4.61 19.86 -27.93
CA GLY B 56 3.50 20.40 -28.70
C GLY B 56 3.66 21.87 -29.02
N GLU B 57 4.69 22.51 -28.48
CA GLU B 57 4.89 23.93 -28.76
C GLU B 57 5.33 24.19 -30.19
N THR B 58 4.95 25.36 -30.67
CA THR B 58 5.23 25.80 -32.03
C THR B 58 5.97 27.13 -31.99
N LEU B 59 6.60 27.51 -33.09
CA LEU B 59 7.31 28.77 -33.12
C LEU B 59 6.34 29.94 -33.05
N ALA B 60 5.21 29.84 -33.75
CA ALA B 60 4.24 30.92 -33.73
C ALA B 60 3.69 31.11 -32.32
N GLY B 61 3.34 30.01 -31.66
CA GLY B 61 2.82 30.08 -30.30
C GLY B 61 3.87 30.59 -29.33
N THR B 62 5.11 30.16 -29.49
CA THR B 62 6.19 30.61 -28.62
C THR B 62 6.41 32.11 -28.80
N LEU B 63 6.32 32.60 -30.02
CA LEU B 63 6.51 34.04 -30.26
C LEU B 63 5.41 34.87 -29.60
N GLU B 64 4.16 34.48 -29.78
CA GLU B 64 3.06 35.22 -29.17
C GLU B 64 3.19 35.18 -27.64
N THR B 65 3.59 34.04 -27.08
CA THR B 65 3.72 33.95 -25.63
C THR B 65 4.84 34.83 -25.10
N ILE B 66 5.99 34.83 -25.79
CA ILE B 66 7.10 35.66 -25.37
C ILE B 66 6.71 37.15 -25.37
N GLU B 67 5.94 37.55 -26.39
CA GLU B 67 5.51 38.94 -26.51
C GLU B 67 4.63 39.30 -25.30
N LEU B 68 3.76 38.38 -24.90
CA LEU B 68 2.91 38.61 -23.75
C LEU B 68 3.78 38.73 -22.50
N PHE B 69 4.75 37.82 -22.37
CA PHE B 69 5.68 37.84 -21.22
C PHE B 69 6.48 39.14 -21.22
N GLY B 70 6.97 39.51 -22.41
CA GLY B 70 7.76 40.73 -22.57
C GLY B 70 7.12 42.01 -22.09
N GLN B 71 5.90 42.28 -22.51
CA GLN B 71 5.24 43.50 -22.05
C GLN B 71 4.77 43.42 -20.62
N ALA B 72 4.91 42.25 -19.99
CA ALA B 72 4.48 42.12 -18.60
C ALA B 72 5.65 42.30 -17.65
N ILE B 73 6.88 42.21 -18.15
CA ILE B 73 8.04 42.33 -17.26
C ILE B 73 8.82 43.62 -17.41
N ILE B 74 8.27 44.58 -18.16
CA ILE B 74 8.94 45.87 -18.33
C ILE B 74 9.09 46.50 -16.93
N GLY B 75 10.29 46.95 -16.61
CA GLY B 75 10.53 47.59 -15.32
C GLY B 75 11.01 46.68 -14.20
N LEU B 76 10.93 45.38 -14.43
CA LEU B 76 11.37 44.43 -13.43
C LEU B 76 12.88 44.29 -13.41
N ASN B 77 13.42 43.87 -12.27
CA ASN B 77 14.85 43.66 -12.16
C ASN B 77 15.10 42.22 -12.62
N PRO B 78 16.08 42.03 -13.53
CA PRO B 78 16.43 40.70 -14.04
C PRO B 78 16.82 39.73 -12.92
N PHE B 79 17.38 40.27 -11.83
CA PHE B 79 17.77 39.43 -10.70
C PHE B 79 16.55 38.90 -9.97
N ASN B 80 15.40 39.56 -10.15
CA ASN B 80 14.18 39.10 -9.49
C ASN B 80 13.59 37.96 -10.34
N ILE B 81 14.38 36.91 -10.54
CA ILE B 81 14.00 35.76 -11.33
C ILE B 81 12.78 35.11 -10.69
N GLU B 82 12.62 35.29 -9.38
CA GLU B 82 11.48 34.70 -8.67
C GLU B 82 10.16 35.30 -9.18
N LYS B 83 10.09 36.63 -9.25
CA LYS B 83 8.89 37.31 -9.72
C LYS B 83 8.66 37.13 -11.22
N ILE B 84 9.75 37.09 -11.97
CA ILE B 84 9.65 36.91 -13.42
C ILE B 84 9.00 35.57 -13.75
N HIS B 85 9.34 34.52 -13.01
CA HIS B 85 8.69 33.26 -13.27
C HIS B 85 7.24 33.30 -12.74
N GLU B 86 6.99 34.02 -11.63
CA GLU B 86 5.62 34.12 -11.11
C GLU B 86 4.74 34.83 -12.14
N VAL B 87 5.27 35.90 -12.73
CA VAL B 87 4.54 36.66 -13.75
C VAL B 87 4.24 35.78 -14.95
N MET B 88 5.24 35.08 -15.45
CA MET B 88 5.03 34.20 -16.60
C MET B 88 4.05 33.06 -16.31
N ASP B 89 4.16 32.46 -15.12
CA ASP B 89 3.28 31.35 -14.74
C ASP B 89 1.83 31.81 -14.58
N LYS B 90 1.63 33.05 -14.17
CA LYS B 90 0.28 33.57 -14.03
C LYS B 90 -0.29 33.84 -15.44
N ILE B 91 0.58 34.20 -16.38
CA ILE B 91 0.14 34.46 -17.75
C ILE B 91 -0.21 33.19 -18.54
N SER B 92 0.65 32.18 -18.45
CA SER B 92 0.48 30.93 -19.20
C SER B 92 0.64 29.67 -18.34
N ALA B 93 -0.32 28.75 -18.46
CA ALA B 93 -0.25 27.52 -17.70
C ALA B 93 0.81 26.57 -18.27
N PHE B 94 1.21 26.78 -19.53
CA PHE B 94 2.23 25.90 -20.11
C PHE B 94 2.88 26.43 -21.37
N ALA B 95 4.15 26.81 -21.25
CA ALA B 95 4.91 27.32 -22.39
C ALA B 95 6.37 27.31 -21.97
N PRO B 96 6.92 26.12 -21.76
CA PRO B 96 8.32 26.03 -21.34
C PRO B 96 9.34 26.68 -22.28
N ALA B 97 9.11 26.66 -23.59
CA ALA B 97 10.10 27.28 -24.50
C ALA B 97 10.09 28.81 -24.37
N ALA B 98 8.90 29.39 -24.24
CA ALA B 98 8.77 30.84 -24.11
C ALA B 98 9.33 31.29 -22.79
N LYS B 99 9.07 30.51 -21.74
CA LYS B 99 9.55 30.85 -20.41
C LYS B 99 11.08 30.75 -20.36
N ALA B 100 11.64 29.71 -20.97
CA ALA B 100 13.09 29.54 -21.01
C ALA B 100 13.72 30.73 -21.75
N ALA B 101 13.14 31.11 -22.88
CA ALA B 101 13.68 32.22 -23.65
C ALA B 101 13.86 33.46 -22.78
N ILE B 102 12.85 33.77 -21.97
CA ILE B 102 12.91 34.93 -21.07
C ILE B 102 13.91 34.68 -19.94
N ASP B 103 13.79 33.51 -19.33
CA ASP B 103 14.64 33.08 -18.21
C ASP B 103 16.14 33.13 -18.58
N ILE B 104 16.52 32.48 -19.67
CA ILE B 104 17.92 32.50 -20.09
C ILE B 104 18.46 33.92 -20.29
N ALA B 105 17.67 34.80 -20.90
CA ALA B 105 18.10 36.19 -21.12
C ALA B 105 18.34 36.89 -19.78
N CYS B 106 17.47 36.63 -18.80
CA CYS B 106 17.65 37.22 -17.48
C CYS B 106 18.92 36.76 -16.80
N TYR B 107 19.23 35.46 -16.88
CA TYR B 107 20.45 34.98 -16.25
C TYR B 107 21.69 35.56 -16.97
N ASP B 108 21.58 35.76 -18.28
CA ASP B 108 22.68 36.32 -19.07
C ASP B 108 22.92 37.73 -18.51
N LEU B 109 21.84 38.48 -18.28
CA LEU B 109 21.96 39.84 -17.74
C LEU B 109 22.57 39.82 -16.33
N MET B 110 22.20 38.83 -15.52
CA MET B 110 22.74 38.74 -14.16
C MET B 110 24.24 38.56 -14.28
N GLY B 111 24.65 37.62 -15.13
CA GLY B 111 26.07 37.41 -15.34
C GLY B 111 26.78 38.69 -15.78
N GLN B 112 26.23 39.39 -16.75
CA GLN B 112 26.86 40.60 -17.22
C GLN B 112 26.93 41.65 -16.10
N LYS B 113 25.82 41.88 -15.42
CA LYS B 113 25.80 42.86 -14.34
C LYS B 113 26.82 42.51 -13.25
N ALA B 114 26.87 41.24 -12.86
CA ALA B 114 27.78 40.78 -11.84
C ALA B 114 29.22 40.69 -12.37
N GLN B 115 29.35 40.78 -13.69
CA GLN B 115 30.65 40.67 -14.36
C GLN B 115 31.28 39.31 -14.05
N LEU B 116 30.51 38.25 -14.32
CA LEU B 116 30.96 36.89 -14.07
C LEU B 116 30.36 35.89 -15.05
N PRO B 117 31.13 34.84 -15.39
CA PRO B 117 30.62 33.83 -16.32
C PRO B 117 29.42 33.21 -15.61
N LEU B 118 28.36 32.89 -16.34
CA LEU B 118 27.17 32.32 -15.72
C LEU B 118 27.41 31.08 -14.85
N TYR B 119 28.34 30.23 -15.26
CA TYR B 119 28.60 29.01 -14.49
C TYR B 119 29.11 29.31 -13.07
N GLN B 120 29.65 30.52 -12.86
CA GLN B 120 30.13 30.91 -11.54
C GLN B 120 28.95 31.23 -10.63
N LEU B 121 27.90 31.82 -11.22
CA LEU B 121 26.70 32.16 -10.46
C LEU B 121 25.80 30.97 -10.19
N LEU B 122 25.91 29.93 -11.00
CA LEU B 122 25.03 28.77 -10.83
C LEU B 122 25.57 27.59 -10.03
N GLY B 123 26.70 27.77 -9.34
CA GLY B 123 27.25 26.68 -8.56
C GLY B 123 28.78 26.59 -8.63
N GLY B 124 29.34 27.05 -9.75
CA GLY B 124 30.80 27.07 -9.94
C GLY B 124 31.61 25.78 -9.83
N TYR B 125 30.97 24.64 -9.99
CA TYR B 125 31.70 23.37 -9.87
C TYR B 125 32.78 23.16 -10.92
N ASP B 126 32.54 23.61 -12.15
CA ASP B 126 33.51 23.44 -13.23
C ASP B 126 33.27 24.55 -14.26
N ASN B 127 34.16 24.67 -15.25
CA ASN B 127 34.00 25.70 -16.29
C ASN B 127 33.92 25.07 -17.67
N GLN B 128 33.61 23.77 -17.71
CA GLN B 128 33.50 23.08 -18.98
C GLN B 128 32.68 21.83 -18.79
N VAL B 129 32.18 21.30 -19.89
CA VAL B 129 31.40 20.08 -19.85
C VAL B 129 31.70 19.23 -21.06
N ILE B 130 31.64 17.91 -20.88
CA ILE B 130 31.90 16.98 -21.97
C ILE B 130 30.56 16.42 -22.42
N THR B 131 30.25 16.59 -23.69
CA THR B 131 28.99 16.09 -24.22
C THR B 131 29.19 14.87 -25.09
N ASP B 132 28.09 14.15 -25.32
CA ASP B 132 28.09 12.99 -26.20
C ASP B 132 27.64 13.56 -27.54
N ILE B 133 27.41 12.68 -28.50
CA ILE B 133 26.90 13.11 -29.79
C ILE B 133 25.89 12.03 -30.16
N THR B 134 24.71 12.46 -30.59
CA THR B 134 23.64 11.53 -30.94
C THR B 134 23.68 11.04 -32.39
N LEU B 135 23.35 9.76 -32.57
CA LEU B 135 23.28 9.16 -33.89
C LEU B 135 21.80 8.97 -34.18
N GLY B 136 21.33 9.58 -35.27
CA GLY B 136 19.92 9.47 -35.64
C GLY B 136 19.56 8.07 -36.11
N ILE B 137 18.27 7.74 -36.06
CA ILE B 137 17.80 6.42 -36.50
C ILE B 137 18.14 6.11 -37.95
N ASP B 138 18.81 4.99 -38.19
CA ASP B 138 19.17 4.57 -39.55
C ASP B 138 19.56 3.09 -39.56
N GLU B 139 19.97 2.59 -40.72
CA GLU B 139 20.38 1.20 -40.86
C GLU B 139 21.61 0.90 -40.01
N PRO B 140 21.61 -0.26 -39.33
CA PRO B 140 22.74 -0.67 -38.48
C PRO B 140 24.12 -0.33 -39.06
N ASN B 141 24.49 -0.99 -40.14
CA ASN B 141 25.79 -0.76 -40.78
C ASN B 141 26.08 0.72 -41.03
N VAL B 142 25.03 1.50 -41.27
CA VAL B 142 25.17 2.94 -41.49
C VAL B 142 25.46 3.63 -40.17
N MET B 143 24.63 3.36 -39.16
CA MET B 143 24.84 3.94 -37.85
C MET B 143 26.21 3.55 -37.33
N ALA B 144 26.62 2.32 -37.62
CA ALA B 144 27.91 1.81 -37.20
C ALA B 144 29.01 2.64 -37.88
N GLN B 145 28.77 2.98 -39.13
CA GLN B 145 29.73 3.77 -39.90
C GLN B 145 29.83 5.17 -39.32
N LYS B 146 28.69 5.79 -39.07
CA LYS B 146 28.65 7.14 -38.51
C LYS B 146 29.30 7.16 -37.15
N ALA B 147 29.17 6.08 -36.39
CA ALA B 147 29.76 6.00 -35.06
C ALA B 147 31.28 6.13 -35.18
N VAL B 148 31.87 5.31 -36.03
CA VAL B 148 33.31 5.34 -36.21
C VAL B 148 33.77 6.76 -36.56
N GLU B 149 32.99 7.45 -37.40
CA GLU B 149 33.34 8.82 -37.78
C GLU B 149 33.37 9.73 -36.55
N LYS B 150 32.31 9.68 -35.75
CA LYS B 150 32.23 10.53 -34.56
C LYS B 150 33.32 10.21 -33.53
N VAL B 151 33.69 8.95 -33.40
CA VAL B 151 34.74 8.57 -32.45
C VAL B 151 36.08 9.14 -32.91
N LYS B 152 36.22 9.28 -34.23
CA LYS B 152 37.44 9.81 -34.82
C LYS B 152 37.50 11.30 -34.51
N LEU B 153 36.32 11.88 -34.22
CA LEU B 153 36.24 13.29 -33.89
C LEU B 153 36.62 13.47 -32.42
N GLY B 154 36.87 12.35 -31.74
CA GLY B 154 37.25 12.39 -30.33
C GLY B 154 36.14 12.09 -29.32
N PHE B 155 34.96 11.74 -29.79
CA PHE B 155 33.86 11.43 -28.88
C PHE B 155 34.03 10.08 -28.19
N ASP B 156 33.88 10.09 -26.87
CA ASP B 156 34.01 8.85 -26.12
C ASP B 156 32.66 8.33 -25.63
N THR B 157 31.59 9.04 -25.97
CA THR B 157 30.24 8.62 -25.60
C THR B 157 29.28 8.88 -26.75
N LEU B 158 28.58 7.85 -27.19
CA LEU B 158 27.62 8.01 -28.29
C LEU B 158 26.21 7.72 -27.82
N LYS B 159 25.28 8.58 -28.21
CA LYS B 159 23.87 8.40 -27.87
C LYS B 159 23.20 7.79 -29.10
N ILE B 160 22.72 6.55 -28.94
CA ILE B 160 22.09 5.84 -30.05
C ILE B 160 20.57 5.91 -30.01
N LYS B 161 19.99 6.48 -31.06
CA LYS B 161 18.55 6.58 -31.16
C LYS B 161 18.03 5.26 -31.71
N VAL B 162 16.99 4.71 -31.07
CA VAL B 162 16.39 3.46 -31.53
C VAL B 162 14.88 3.61 -31.38
N GLY B 163 14.12 2.68 -31.94
CA GLY B 163 12.68 2.79 -31.80
C GLY B 163 11.78 2.33 -32.94
N THR B 164 12.35 1.67 -33.95
CA THR B 164 11.53 1.20 -35.06
C THR B 164 11.08 -0.23 -34.86
N GLY B 165 11.63 -0.89 -33.84
CA GLY B 165 11.29 -2.27 -33.55
C GLY B 165 12.45 -2.96 -32.85
N ILE B 166 12.17 -3.67 -31.76
CA ILE B 166 13.22 -4.34 -31.02
C ILE B 166 14.15 -5.18 -31.89
N GLU B 167 13.64 -5.68 -33.01
CA GLU B 167 14.45 -6.49 -33.92
C GLU B 167 15.60 -5.66 -34.47
N ALA B 168 15.27 -4.57 -35.15
CA ALA B 168 16.30 -3.71 -35.73
C ALA B 168 17.06 -2.94 -34.66
N ASP B 169 16.34 -2.36 -33.71
CA ASP B 169 16.99 -1.60 -32.64
C ASP B 169 18.09 -2.41 -31.98
N ILE B 170 17.96 -3.73 -31.99
CA ILE B 170 18.97 -4.59 -31.39
C ILE B 170 20.14 -4.75 -32.38
N ALA B 171 19.80 -4.88 -33.65
CA ALA B 171 20.80 -5.03 -34.71
C ALA B 171 21.65 -3.76 -34.76
N ARG B 172 20.98 -2.61 -34.69
CA ARG B 172 21.67 -1.32 -34.71
C ARG B 172 22.74 -1.27 -33.62
N VAL B 173 22.33 -1.51 -32.38
CA VAL B 173 23.24 -1.48 -31.24
C VAL B 173 24.41 -2.48 -31.36
N LYS B 174 24.10 -3.73 -31.71
CA LYS B 174 25.12 -4.76 -31.87
C LYS B 174 26.15 -4.33 -32.90
N ALA B 175 25.66 -3.88 -34.05
CA ALA B 175 26.53 -3.44 -35.12
C ALA B 175 27.44 -2.30 -34.64
N ILE B 176 26.85 -1.32 -33.98
CA ILE B 176 27.62 -0.18 -33.49
C ILE B 176 28.72 -0.58 -32.50
N ARG B 177 28.37 -1.37 -31.49
CA ARG B 177 29.35 -1.79 -30.51
C ARG B 177 30.50 -2.51 -31.23
N GLU B 178 30.12 -3.38 -32.14
CA GLU B 178 31.04 -4.17 -32.92
C GLU B 178 32.01 -3.30 -33.74
N ALA B 179 31.54 -2.13 -34.17
CA ALA B 179 32.35 -1.23 -34.97
C ALA B 179 33.35 -0.37 -34.20
N VAL B 180 33.01 0.04 -32.98
CA VAL B 180 33.90 0.90 -32.21
C VAL B 180 34.58 0.29 -30.99
N GLY B 181 34.26 -0.95 -30.66
CA GLY B 181 34.88 -1.58 -29.51
C GLY B 181 34.23 -1.20 -28.19
N PHE B 182 34.77 -1.75 -27.10
CA PHE B 182 34.23 -1.51 -25.76
C PHE B 182 34.81 -0.33 -25.01
N ASP B 183 35.61 0.48 -25.68
CA ASP B 183 36.21 1.66 -25.07
C ASP B 183 35.20 2.80 -25.04
N ILE B 184 34.32 2.83 -26.03
CA ILE B 184 33.29 3.87 -26.16
C ILE B 184 32.07 3.57 -25.29
N LYS B 185 31.55 4.59 -24.60
CA LYS B 185 30.36 4.38 -23.78
C LYS B 185 29.14 4.62 -24.65
N LEU B 186 28.21 3.66 -24.65
CA LEU B 186 27.01 3.76 -25.45
C LEU B 186 25.75 3.90 -24.62
N ARG B 187 24.96 4.93 -24.89
CA ARG B 187 23.70 5.13 -24.18
C ARG B 187 22.61 5.09 -25.23
N LEU B 188 21.53 4.36 -24.93
CA LEU B 188 20.43 4.22 -25.88
C LEU B 188 19.27 5.15 -25.56
N ASP B 189 18.55 5.57 -26.60
CA ASP B 189 17.38 6.42 -26.41
C ASP B 189 16.25 5.88 -27.28
N ALA B 190 15.20 5.36 -26.64
CA ALA B 190 14.07 4.79 -27.38
C ALA B 190 12.94 5.76 -27.67
N ASN B 191 13.03 6.96 -27.12
CA ASN B 191 11.97 7.94 -27.31
C ASN B 191 10.58 7.31 -27.25
N GLN B 192 10.34 6.56 -26.17
CA GLN B 192 9.05 5.91 -25.88
C GLN B 192 8.55 4.78 -26.77
N ALA B 193 9.40 4.31 -27.68
CA ALA B 193 9.04 3.27 -28.64
C ALA B 193 8.63 1.86 -28.16
N TRP B 194 9.12 1.41 -27.01
CA TRP B 194 8.79 0.06 -26.60
C TRP B 194 7.77 -0.11 -25.47
N THR B 195 7.14 -1.28 -25.43
CA THR B 195 6.21 -1.63 -24.37
C THR B 195 7.14 -2.03 -23.22
N PRO B 196 6.62 -2.07 -21.98
CA PRO B 196 7.48 -2.43 -20.86
C PRO B 196 8.17 -3.79 -21.01
N LYS B 197 7.41 -4.81 -21.43
CA LYS B 197 7.99 -6.13 -21.59
C LYS B 197 9.01 -6.20 -22.72
N ASP B 198 8.71 -5.54 -23.85
CA ASP B 198 9.65 -5.53 -24.97
C ASP B 198 10.94 -4.84 -24.54
N ALA B 199 10.80 -3.80 -23.71
CA ALA B 199 11.96 -3.05 -23.24
C ALA B 199 12.87 -3.96 -22.41
N VAL B 200 12.30 -4.61 -21.40
CA VAL B 200 13.07 -5.53 -20.57
C VAL B 200 13.70 -6.59 -21.47
N LYS B 201 12.97 -7.01 -22.49
CA LYS B 201 13.45 -8.02 -23.42
C LYS B 201 14.64 -7.55 -24.24
N ALA B 202 14.53 -6.35 -24.81
CA ALA B 202 15.60 -5.82 -25.63
C ALA B 202 16.82 -5.52 -24.75
N ILE B 203 16.59 -4.92 -23.60
CA ILE B 203 17.68 -4.58 -22.69
C ILE B 203 18.45 -5.84 -22.28
N GLN B 204 17.74 -6.93 -22.02
CA GLN B 204 18.41 -8.16 -21.61
C GLN B 204 19.19 -8.75 -22.77
N ALA B 205 18.67 -8.61 -23.98
CA ALA B 205 19.31 -9.13 -25.17
C ALA B 205 20.59 -8.38 -25.53
N LEU B 206 20.81 -7.24 -24.88
CA LEU B 206 21.99 -6.42 -25.13
C LEU B 206 22.91 -6.37 -23.91
N ALA B 207 22.56 -7.10 -22.87
CA ALA B 207 23.35 -7.12 -21.64
C ALA B 207 24.84 -7.30 -21.84
N ASP B 208 25.23 -8.11 -22.80
CA ASP B 208 26.65 -8.35 -23.05
C ASP B 208 27.29 -7.30 -23.96
N TYR B 209 26.57 -6.22 -24.21
CA TYR B 209 27.10 -5.17 -25.07
C TYR B 209 27.50 -3.93 -24.31
N GLN B 210 27.48 -4.03 -22.98
CA GLN B 210 27.89 -2.93 -22.12
C GLN B 210 27.13 -1.63 -22.37
N ILE B 211 25.83 -1.64 -22.06
CA ILE B 211 25.00 -0.47 -22.26
C ILE B 211 25.08 0.41 -21.02
N GLU B 212 25.51 1.65 -21.22
CA GLU B 212 25.63 2.60 -20.10
C GLU B 212 24.27 2.87 -19.48
N LEU B 213 23.30 3.22 -20.30
CA LEU B 213 21.96 3.50 -19.80
C LEU B 213 20.96 3.49 -20.94
N VAL B 214 19.68 3.40 -20.60
CA VAL B 214 18.62 3.41 -21.60
C VAL B 214 17.66 4.53 -21.24
N GLU B 215 17.48 5.44 -22.17
CA GLU B 215 16.63 6.61 -21.97
C GLU B 215 15.18 6.41 -22.43
N GLN B 216 14.24 6.72 -21.53
CA GLN B 216 12.81 6.66 -21.82
C GLN B 216 12.36 5.52 -22.72
N PRO B 217 12.37 4.27 -22.20
CA PRO B 217 11.96 3.11 -22.98
C PRO B 217 10.47 2.99 -23.28
N VAL B 218 9.61 3.54 -22.42
CA VAL B 218 8.17 3.45 -22.57
C VAL B 218 7.52 4.83 -22.75
N LYS B 219 6.24 4.83 -23.08
CA LYS B 219 5.48 6.08 -23.28
C LYS B 219 5.61 6.99 -22.07
N ARG B 220 5.61 8.29 -22.34
CA ARG B 220 5.72 9.33 -21.32
C ARG B 220 4.82 9.17 -20.10
N ARG B 221 3.53 8.95 -20.31
CA ARG B 221 2.59 8.84 -19.18
C ARG B 221 2.58 7.47 -18.50
N ASP B 222 3.22 6.48 -19.11
CA ASP B 222 3.22 5.13 -18.52
C ASP B 222 4.26 4.99 -17.41
N LEU B 223 4.06 5.71 -16.32
CA LEU B 223 4.99 5.66 -15.20
C LEU B 223 5.14 4.28 -14.56
N GLU B 224 4.05 3.53 -14.48
CA GLU B 224 4.11 2.20 -13.89
C GLU B 224 4.95 1.30 -14.78
N GLY B 225 4.79 1.46 -16.10
CA GLY B 225 5.54 0.66 -17.03
C GLY B 225 7.02 1.04 -17.02
N LEU B 226 7.31 2.32 -16.72
CA LEU B 226 8.68 2.79 -16.68
C LEU B 226 9.38 2.23 -15.45
N LYS B 227 8.74 2.38 -14.29
CA LYS B 227 9.29 1.86 -13.04
C LYS B 227 9.49 0.34 -13.17
N TYR B 228 8.63 -0.31 -13.94
CA TYR B 228 8.72 -1.75 -14.14
C TYR B 228 10.04 -2.08 -14.84
N VAL B 229 10.34 -1.33 -15.90
CA VAL B 229 11.58 -1.55 -16.63
C VAL B 229 12.74 -1.33 -15.67
N THR B 230 12.68 -0.23 -14.93
CA THR B 230 13.72 0.12 -13.99
C THR B 230 13.99 -0.95 -12.93
N SER B 231 12.93 -1.58 -12.42
CA SER B 231 13.09 -2.60 -11.39
C SER B 231 13.30 -4.01 -11.93
N GLN B 232 13.32 -4.15 -13.25
CA GLN B 232 13.50 -5.46 -13.86
C GLN B 232 14.85 -5.63 -14.54
N VAL B 233 15.67 -4.58 -14.53
CA VAL B 233 16.98 -4.68 -15.17
C VAL B 233 18.04 -3.96 -14.35
N ASN B 234 19.27 -4.45 -14.43
CA ASN B 234 20.36 -3.84 -13.68
C ASN B 234 20.87 -2.63 -14.44
N THR B 235 20.48 -2.51 -15.70
CA THR B 235 20.88 -1.41 -16.55
C THR B 235 20.24 -0.10 -16.06
N THR B 236 21.02 0.96 -16.05
CA THR B 236 20.54 2.27 -15.62
C THR B 236 19.44 2.77 -16.53
N ILE B 237 18.32 3.18 -15.94
CA ILE B 237 17.18 3.69 -16.72
C ILE B 237 16.98 5.19 -16.51
N MET B 238 16.87 5.92 -17.63
CA MET B 238 16.70 7.37 -17.55
C MET B 238 15.35 7.83 -18.05
N ALA B 239 14.78 8.80 -17.34
CA ALA B 239 13.50 9.37 -17.73
C ALA B 239 13.79 10.65 -18.51
N ASP B 240 13.07 10.86 -19.60
CA ASP B 240 13.21 12.09 -20.39
C ASP B 240 11.83 12.72 -20.52
N GLU B 241 11.03 12.22 -21.46
CA GLU B 241 9.68 12.76 -21.66
C GLU B 241 8.80 12.64 -20.41
N SER B 242 9.09 11.66 -19.55
CA SER B 242 8.32 11.49 -18.32
C SER B 242 8.58 12.59 -17.30
N CYS B 243 9.64 13.36 -17.51
CA CYS B 243 9.94 14.44 -16.58
C CYS B 243 10.17 15.79 -17.24
N PHE B 244 9.16 16.66 -17.15
CA PHE B 244 9.24 18.01 -17.72
C PHE B 244 9.74 19.05 -16.73
N ASP B 245 9.08 19.14 -15.58
CA ASP B 245 9.42 20.11 -14.56
C ASP B 245 9.71 19.52 -13.17
N ALA B 246 9.87 20.41 -12.20
CA ALA B 246 10.18 20.01 -10.82
C ALA B 246 9.10 19.11 -10.23
N GLN B 247 7.84 19.40 -10.53
CA GLN B 247 6.75 18.60 -10.01
C GLN B 247 6.85 17.18 -10.57
N ASP B 248 7.18 17.05 -11.86
CA ASP B 248 7.33 15.72 -12.44
C ASP B 248 8.45 14.97 -11.71
N ALA B 249 9.60 15.64 -11.52
CA ALA B 249 10.75 15.03 -10.87
C ALA B 249 10.38 14.57 -9.45
N LEU B 250 9.70 15.43 -8.71
CA LEU B 250 9.31 15.08 -7.36
C LEU B 250 8.46 13.82 -7.40
N GLU B 251 7.59 13.72 -8.41
CA GLU B 251 6.72 12.55 -8.54
C GLU B 251 7.53 11.28 -8.84
N LEU B 252 8.54 11.41 -9.70
CA LEU B 252 9.35 10.26 -10.05
C LEU B 252 10.22 9.80 -8.88
N VAL B 253 10.77 10.74 -8.14
CA VAL B 253 11.61 10.37 -7.00
C VAL B 253 10.72 9.72 -5.96
N LYS B 254 9.53 10.28 -5.80
CA LYS B 254 8.56 9.76 -4.85
C LYS B 254 8.24 8.30 -5.12
N LYS B 255 8.07 7.97 -6.40
CA LYS B 255 7.74 6.60 -6.81
C LYS B 255 8.96 5.72 -7.11
N GLY B 256 10.14 6.32 -7.21
CA GLY B 256 11.33 5.55 -7.52
C GLY B 256 11.22 4.97 -8.93
N THR B 257 10.65 5.77 -9.82
CA THR B 257 10.44 5.35 -11.20
C THR B 257 11.68 5.09 -12.04
N VAL B 258 12.73 5.89 -11.86
CA VAL B 258 13.94 5.75 -12.66
C VAL B 258 15.25 5.94 -11.89
N ASP B 259 16.38 5.76 -12.58
CA ASP B 259 17.70 5.92 -11.95
C ASP B 259 18.35 7.26 -12.24
N VAL B 260 18.01 7.85 -13.38
CA VAL B 260 18.55 9.13 -13.80
C VAL B 260 17.48 9.96 -14.49
N ILE B 261 17.64 11.27 -14.45
CA ILE B 261 16.67 12.14 -15.09
C ILE B 261 17.29 13.12 -16.09
N ASN B 262 16.69 13.21 -17.26
CA ASN B 262 17.15 14.11 -18.34
C ASN B 262 16.52 15.51 -18.18
N ILE B 263 17.36 16.51 -17.99
CA ILE B 263 16.89 17.89 -17.86
C ILE B 263 17.06 18.64 -19.18
N LYS B 264 16.02 19.37 -19.58
CA LYS B 264 16.07 20.20 -20.78
C LYS B 264 15.46 21.56 -20.41
N LEU B 265 16.16 22.64 -20.72
CA LEU B 265 15.64 23.96 -20.41
C LEU B 265 14.35 24.18 -21.19
N MET B 266 14.24 23.59 -22.38
CA MET B 266 13.03 23.77 -23.19
C MET B 266 11.86 22.95 -22.69
N LYS B 267 12.09 22.03 -21.76
CA LYS B 267 11.00 21.24 -21.21
C LYS B 267 10.51 21.85 -19.91
N CYS B 268 11.44 22.40 -19.14
CA CYS B 268 11.10 22.94 -17.83
C CYS B 268 10.89 24.46 -17.70
N GLY B 269 11.18 25.22 -18.75
CA GLY B 269 10.98 26.65 -18.66
C GLY B 269 12.22 27.46 -18.26
N GLY B 270 13.42 26.90 -18.46
CA GLY B 270 14.60 27.67 -18.13
C GLY B 270 15.44 27.26 -16.94
N ILE B 271 16.57 27.96 -16.78
CA ILE B 271 17.51 27.69 -15.72
C ILE B 271 16.92 27.64 -14.31
N HIS B 272 16.07 28.61 -13.97
CA HIS B 272 15.44 28.64 -12.65
C HIS B 272 14.78 27.31 -12.32
N GLU B 273 13.96 26.79 -13.24
CA GLU B 273 13.26 25.54 -13.01
C GLU B 273 14.22 24.34 -13.06
N ALA B 274 15.19 24.39 -13.97
CA ALA B 274 16.16 23.31 -14.10
C ALA B 274 16.88 23.06 -12.77
N LEU B 275 17.28 24.13 -12.10
CA LEU B 275 17.97 24.01 -10.83
C LEU B 275 17.12 23.28 -9.79
N LYS B 276 15.82 23.55 -9.79
CA LYS B 276 14.94 22.88 -8.82
C LYS B 276 14.97 21.38 -9.11
N ILE B 277 14.83 21.03 -10.39
CA ILE B 277 14.86 19.63 -10.79
C ILE B 277 16.13 18.95 -10.31
N ASN B 278 17.27 19.60 -10.55
CA ASN B 278 18.53 19.00 -10.13
C ASN B 278 18.72 18.88 -8.61
N GLN B 279 18.21 19.85 -7.84
CA GLN B 279 18.33 19.81 -6.38
C GLN B 279 17.47 18.71 -5.81
N ILE B 280 16.30 18.52 -6.41
CA ILE B 280 15.37 17.48 -5.99
C ILE B 280 15.99 16.11 -6.24
N CYS B 281 16.55 15.93 -7.43
CA CYS B 281 17.18 14.65 -7.81
C CYS B 281 18.41 14.37 -6.96
N GLU B 282 19.23 15.39 -6.77
CA GLU B 282 20.43 15.27 -5.97
C GLU B 282 20.06 14.77 -4.57
N THR B 283 19.05 15.39 -3.98
CA THR B 283 18.59 15.02 -2.65
C THR B 283 18.13 13.56 -2.62
N ALA B 284 17.52 13.10 -3.70
CA ALA B 284 17.04 11.73 -3.80
C ALA B 284 18.10 10.74 -4.31
N GLY B 285 19.32 11.22 -4.54
CA GLY B 285 20.37 10.33 -5.02
C GLY B 285 20.20 9.96 -6.48
N ILE B 286 19.56 10.85 -7.23
CA ILE B 286 19.33 10.64 -8.64
C ILE B 286 20.22 11.62 -9.41
N GLU B 287 21.11 11.09 -10.24
CA GLU B 287 21.96 11.96 -11.03
C GLU B 287 21.15 12.49 -12.21
N CYS B 288 21.56 13.64 -12.74
CA CYS B 288 20.87 14.25 -13.85
C CYS B 288 21.77 14.40 -15.07
N MET B 289 21.17 14.34 -16.25
CA MET B 289 21.89 14.56 -17.49
C MET B 289 21.23 15.80 -18.10
N ILE B 290 22.04 16.68 -18.68
CA ILE B 290 21.49 17.89 -19.30
C ILE B 290 21.36 17.56 -20.78
N GLY B 291 20.18 17.79 -21.34
CA GLY B 291 19.97 17.50 -22.75
C GLY B 291 19.50 18.72 -23.51
N CYS B 292 19.01 18.52 -24.74
CA CYS B 292 18.54 19.63 -25.55
C CYS B 292 17.60 19.22 -26.68
N MET B 293 16.97 20.22 -27.28
CA MET B 293 16.08 20.00 -28.41
C MET B 293 16.95 20.23 -29.63
N ALA B 294 16.59 19.58 -30.74
CA ALA B 294 17.33 19.73 -31.99
C ALA B 294 17.16 21.15 -32.54
N GLU B 295 16.05 21.78 -32.18
CA GLU B 295 15.74 23.13 -32.66
C GLU B 295 16.48 24.27 -31.97
N GLU B 296 17.30 23.95 -30.97
CA GLU B 296 18.04 24.99 -30.27
C GLU B 296 19.33 25.34 -30.96
N THR B 297 19.82 26.54 -30.69
CA THR B 297 21.08 27.01 -31.27
C THR B 297 22.06 27.31 -30.16
N THR B 298 23.07 28.10 -30.50
CA THR B 298 24.13 28.49 -29.57
C THR B 298 23.63 29.03 -28.23
N ILE B 299 22.59 29.85 -28.28
CA ILE B 299 22.06 30.46 -27.07
C ILE B 299 21.59 29.39 -26.08
N GLY B 300 20.62 28.58 -26.50
CA GLY B 300 20.13 27.51 -25.63
C GLY B 300 21.21 26.54 -25.17
N ILE B 301 22.07 26.12 -26.10
CA ILE B 301 23.13 25.17 -25.74
C ILE B 301 24.15 25.76 -24.75
N THR B 302 24.50 27.02 -24.93
CA THR B 302 25.47 27.68 -24.06
C THR B 302 24.88 27.81 -22.65
N ALA B 303 23.62 28.23 -22.56
CA ALA B 303 22.97 28.35 -21.27
C ALA B 303 22.99 27.00 -20.55
N ALA B 304 22.58 25.96 -21.25
CA ALA B 304 22.55 24.61 -20.67
C ALA B 304 23.93 24.17 -20.21
N ALA B 305 24.95 24.44 -21.03
CA ALA B 305 26.31 24.08 -20.69
C ALA B 305 26.81 24.77 -19.41
N HIS B 306 26.50 26.06 -19.25
CA HIS B 306 26.89 26.79 -18.05
C HIS B 306 26.25 26.13 -16.82
N LEU B 307 24.99 25.74 -16.97
CA LEU B 307 24.26 25.09 -15.88
C LEU B 307 24.90 23.74 -15.56
N ALA B 308 25.13 22.95 -16.59
CA ALA B 308 25.73 21.63 -16.41
C ALA B 308 27.12 21.75 -15.78
N ALA B 309 27.94 22.68 -16.28
CA ALA B 309 29.27 22.82 -15.69
C ALA B 309 29.19 23.22 -14.22
N ALA B 310 28.28 24.15 -13.91
CA ALA B 310 28.11 24.64 -12.55
C ALA B 310 27.66 23.65 -11.49
N GLN B 311 26.78 22.72 -11.85
CA GLN B 311 26.21 21.78 -10.91
C GLN B 311 26.82 20.39 -10.90
N LYS B 312 27.32 20.00 -9.73
CA LYS B 312 27.94 18.70 -9.55
C LYS B 312 27.03 17.52 -9.90
N ASN B 313 25.77 17.58 -9.50
CA ASN B 313 24.85 16.48 -9.77
C ASN B 313 24.44 16.28 -11.23
N ILE B 314 24.76 17.23 -12.11
CA ILE B 314 24.47 17.06 -13.52
C ILE B 314 25.77 16.44 -14.03
N THR B 315 25.80 15.12 -14.00
CA THR B 315 26.96 14.35 -14.36
C THR B 315 27.12 13.95 -15.82
N ARG B 316 26.07 14.12 -16.62
CA ARG B 316 26.14 13.75 -18.02
C ARG B 316 25.61 14.88 -18.87
N ALA B 317 25.98 14.87 -20.14
CA ALA B 317 25.48 15.91 -21.02
C ALA B 317 25.30 15.43 -22.43
N ASP B 318 24.22 15.90 -23.04
CA ASP B 318 23.88 15.58 -24.41
C ASP B 318 23.49 16.92 -25.05
N LEU B 319 24.49 17.78 -25.25
CA LEU B 319 24.32 19.11 -25.84
C LEU B 319 25.03 19.10 -27.20
N ASP B 320 24.36 18.54 -28.18
CA ASP B 320 24.92 18.39 -29.52
C ASP B 320 24.07 19.05 -30.61
N ALA B 321 23.14 19.92 -30.22
CA ALA B 321 22.29 20.56 -31.21
C ALA B 321 23.04 21.48 -32.18
N THR B 322 24.05 22.21 -31.70
CA THR B 322 24.77 23.11 -32.61
C THR B 322 25.58 22.36 -33.64
N PHE B 323 25.90 21.09 -33.37
CA PHE B 323 26.68 20.28 -34.30
C PHE B 323 25.96 20.05 -35.63
N GLY B 324 24.64 20.14 -35.61
CA GLY B 324 23.88 19.92 -36.84
C GLY B 324 23.43 21.17 -37.56
N LEU B 325 23.75 22.34 -37.02
CA LEU B 325 23.35 23.61 -37.63
C LEU B 325 24.21 24.07 -38.80
N GLU B 326 23.55 24.55 -39.85
CA GLU B 326 24.24 25.07 -41.03
C GLU B 326 24.96 26.37 -40.63
N THR B 327 24.29 27.16 -39.80
CA THR B 327 24.82 28.45 -39.35
C THR B 327 24.53 28.74 -37.89
N ALA B 328 25.22 29.74 -37.34
CA ALA B 328 25.04 30.16 -35.95
C ALA B 328 24.33 31.53 -35.99
N PRO B 329 23.32 31.72 -35.14
CA PRO B 329 22.59 32.98 -35.11
C PRO B 329 23.24 34.15 -34.38
N VAL B 330 24.26 33.87 -33.59
CA VAL B 330 24.97 34.91 -32.84
C VAL B 330 26.42 34.50 -32.74
N THR B 331 27.30 35.44 -32.35
CA THR B 331 28.72 35.09 -32.19
C THR B 331 28.95 34.66 -30.74
N GLY B 332 30.07 33.99 -30.49
CA GLY B 332 30.39 33.53 -29.15
C GLY B 332 29.62 32.29 -28.74
N GLY B 333 29.76 31.89 -27.48
CA GLY B 333 29.06 30.72 -26.99
C GLY B 333 29.63 29.44 -27.57
N VAL B 334 28.98 28.31 -27.30
CA VAL B 334 29.44 27.02 -27.84
C VAL B 334 29.43 27.09 -29.36
N SER B 335 30.51 26.66 -30.00
CA SER B 335 30.60 26.73 -31.46
C SER B 335 29.85 25.62 -32.18
N LEU B 336 29.77 25.76 -33.50
CA LEU B 336 29.10 24.80 -34.36
C LEU B 336 29.97 23.57 -34.55
N GLU B 337 31.22 23.66 -34.13
CA GLU B 337 32.15 22.56 -34.31
C GLU B 337 31.79 21.31 -33.50
N ALA B 338 31.75 20.18 -34.20
CA ALA B 338 31.44 18.91 -33.56
C ALA B 338 32.67 18.43 -32.80
N LYS B 339 32.66 18.65 -31.50
CA LYS B 339 33.75 18.25 -30.61
C LYS B 339 33.11 17.93 -29.26
N PRO B 340 33.70 17.01 -28.50
CA PRO B 340 33.15 16.64 -27.19
C PRO B 340 33.35 17.65 -26.06
N LEU B 341 34.47 18.37 -26.06
CA LEU B 341 34.75 19.33 -25.02
C LEU B 341 34.15 20.71 -25.27
N LEU B 342 33.26 21.16 -24.39
CA LEU B 342 32.65 22.47 -24.50
C LEU B 342 33.25 23.28 -23.36
N GLU B 343 34.24 24.10 -23.68
CA GLU B 343 34.89 24.93 -22.68
C GLU B 343 34.21 26.28 -22.61
N LEU B 344 33.77 26.66 -21.42
CA LEU B 344 33.13 27.95 -21.25
C LEU B 344 34.24 28.94 -20.91
N GLY B 345 34.20 30.13 -21.50
CA GLY B 345 35.26 31.08 -21.22
C GLY B 345 35.08 31.86 -19.93
N GLU B 346 35.74 33.00 -19.86
CA GLU B 346 35.70 33.88 -18.70
C GLU B 346 34.79 35.07 -18.98
N ALA B 347 34.20 35.10 -20.17
CA ALA B 347 33.31 36.19 -20.53
C ALA B 347 32.09 36.18 -19.61
N ALA B 348 31.64 37.35 -19.21
CA ALA B 348 30.49 37.51 -18.33
C ALA B 348 29.20 36.92 -18.93
N GLY B 349 28.33 36.44 -18.05
CA GLY B 349 27.07 35.88 -18.52
C GLY B 349 27.25 34.68 -19.43
N LEU B 350 26.54 34.67 -20.55
CA LEU B 350 26.66 33.56 -21.47
C LEU B 350 27.95 33.62 -22.28
N GLY B 351 28.51 34.82 -22.43
CA GLY B 351 29.72 34.98 -23.21
C GLY B 351 29.33 34.98 -24.68
N ILE B 352 28.13 35.45 -24.95
CA ILE B 352 27.60 35.53 -26.30
C ILE B 352 27.52 36.96 -26.80
N SER B 353 27.78 37.16 -28.09
CA SER B 353 27.71 38.46 -28.72
C SER B 353 28.49 39.54 -27.96
N MET C 1 -26.08 -44.96 -1.92
CA MET C 1 -27.14 -44.34 -2.76
C MET C 1 -26.70 -44.14 -4.19
N LYS C 2 -27.67 -44.07 -5.09
CA LYS C 2 -27.40 -43.83 -6.49
C LYS C 2 -28.61 -43.11 -7.06
N ILE C 3 -28.35 -41.97 -7.71
CA ILE C 3 -29.43 -41.21 -8.32
C ILE C 3 -29.98 -41.95 -9.51
N LYS C 4 -31.28 -42.21 -9.47
CA LYS C 4 -31.98 -42.93 -10.54
C LYS C 4 -32.45 -42.01 -11.63
N GLN C 5 -33.12 -40.92 -11.25
CA GLN C 5 -33.67 -40.00 -12.23
C GLN C 5 -33.85 -38.61 -11.63
N VAL C 6 -33.99 -37.63 -12.50
CA VAL C 6 -34.19 -36.27 -12.06
C VAL C 6 -35.33 -35.66 -12.86
N HIS C 7 -36.31 -35.14 -12.15
CA HIS C 7 -37.44 -34.51 -12.82
C HIS C 7 -37.53 -33.06 -12.40
N VAL C 8 -37.99 -32.22 -13.30
CA VAL C 8 -38.14 -30.81 -13.00
C VAL C 8 -39.41 -30.30 -13.64
N ARG C 9 -40.07 -29.36 -12.97
CA ARG C 9 -41.29 -28.79 -13.51
C ARG C 9 -41.30 -27.29 -13.27
N ALA C 10 -41.85 -26.55 -14.22
CA ALA C 10 -41.95 -25.11 -14.07
C ALA C 10 -43.08 -24.85 -13.07
N SER C 11 -42.94 -23.79 -12.29
CA SER C 11 -43.96 -23.45 -11.31
C SER C 11 -44.15 -21.94 -11.38
N LYS C 12 -45.40 -21.50 -11.39
CA LYS C 12 -45.72 -20.08 -11.45
C LYS C 12 -46.85 -19.81 -10.48
N ILE C 13 -46.56 -19.05 -9.44
CA ILE C 13 -47.56 -18.72 -8.44
C ILE C 13 -47.65 -17.21 -8.29
N LYS C 14 -48.83 -16.67 -8.53
CA LYS C 14 -49.04 -15.24 -8.43
C LYS C 14 -48.88 -14.76 -6.98
N LEU C 15 -48.37 -13.56 -6.81
CA LEU C 15 -48.20 -13.00 -5.47
C LEU C 15 -49.50 -12.30 -5.10
N LYS C 16 -49.86 -12.34 -3.82
CA LYS C 16 -51.09 -11.71 -3.35
C LYS C 16 -51.14 -10.23 -3.69
N GLU C 17 -50.01 -9.68 -4.09
CA GLU C 17 -49.91 -8.28 -4.47
C GLU C 17 -48.51 -7.97 -5.01
N THR C 18 -48.45 -7.09 -6.00
CA THR C 18 -47.18 -6.72 -6.60
C THR C 18 -46.19 -6.28 -5.52
N PHE C 19 -44.91 -6.57 -5.75
CA PHE C 19 -43.85 -6.25 -4.81
C PHE C 19 -42.84 -5.39 -5.53
N THR C 20 -42.57 -4.21 -4.98
CA THR C 20 -41.63 -3.27 -5.59
C THR C 20 -40.37 -2.94 -4.78
N ILE C 21 -39.22 -3.17 -5.38
CA ILE C 21 -37.93 -2.84 -4.77
C ILE C 21 -37.29 -1.89 -5.78
N ALA C 22 -36.17 -1.28 -5.40
CA ALA C 22 -35.50 -0.32 -6.28
C ALA C 22 -35.18 -0.87 -7.69
N LEU C 23 -34.89 -2.16 -7.78
CA LEU C 23 -34.54 -2.78 -9.07
C LEU C 23 -35.69 -3.04 -10.03
N GLY C 24 -36.92 -2.96 -9.52
CA GLY C 24 -38.09 -3.21 -10.35
C GLY C 24 -39.23 -3.79 -9.54
N THR C 25 -40.19 -4.40 -10.22
CA THR C 25 -41.33 -4.98 -9.53
C THR C 25 -41.59 -6.43 -9.94
N ILE C 26 -42.07 -7.23 -9.00
CA ILE C 26 -42.38 -8.63 -9.27
C ILE C 26 -43.86 -8.85 -8.93
N GLU C 27 -44.53 -9.73 -9.67
CA GLU C 27 -45.95 -9.98 -9.40
C GLU C 27 -46.25 -11.46 -9.36
N SER C 28 -45.24 -12.26 -9.68
CA SER C 28 -45.40 -13.70 -9.70
C SER C 28 -44.12 -14.45 -9.31
N ALA C 29 -44.27 -15.49 -8.50
CA ALA C 29 -43.13 -16.30 -8.09
C ALA C 29 -42.99 -17.44 -9.09
N ASP C 30 -42.06 -17.29 -10.02
CA ASP C 30 -41.84 -18.32 -11.03
C ASP C 30 -40.54 -19.03 -10.67
N SER C 31 -40.59 -20.35 -10.53
CA SER C 31 -39.40 -21.11 -10.17
C SER C 31 -39.42 -22.52 -10.77
N ALA C 32 -38.27 -23.17 -10.75
CA ALA C 32 -38.16 -24.53 -11.28
C ALA C 32 -38.09 -25.46 -10.08
N ILE C 33 -38.93 -26.49 -10.09
CA ILE C 33 -38.97 -27.43 -8.98
C ILE C 33 -38.40 -28.77 -9.43
N VAL C 34 -37.46 -29.28 -8.64
CA VAL C 34 -36.78 -30.53 -8.95
C VAL C 34 -37.08 -31.66 -7.97
N GLU C 35 -37.10 -32.88 -8.51
CA GLU C 35 -37.34 -34.08 -7.75
C GLU C 35 -36.24 -35.06 -8.11
N ILE C 36 -35.44 -35.44 -7.13
CA ILE C 36 -34.40 -36.41 -7.43
C ILE C 36 -34.72 -37.68 -6.67
N GLU C 37 -34.76 -38.80 -7.40
CA GLU C 37 -35.08 -40.08 -6.80
C GLU C 37 -33.95 -41.08 -7.00
N THR C 38 -33.62 -41.80 -5.95
CA THR C 38 -32.55 -42.78 -5.96
C THR C 38 -33.05 -44.15 -6.42
N GLU C 39 -32.12 -45.05 -6.72
CA GLU C 39 -32.48 -46.40 -7.16
C GLU C 39 -33.35 -47.06 -6.09
N GLU C 40 -33.04 -46.78 -4.83
CA GLU C 40 -33.74 -47.35 -3.69
C GLU C 40 -35.11 -46.73 -3.46
N GLY C 41 -35.47 -45.71 -4.23
CA GLY C 41 -36.76 -45.09 -4.08
C GLY C 41 -36.87 -43.83 -3.24
N LEU C 42 -35.75 -43.28 -2.77
CA LEU C 42 -35.82 -42.05 -1.99
C LEU C 42 -35.98 -40.87 -2.93
N VAL C 43 -36.74 -39.87 -2.50
CA VAL C 43 -36.98 -38.68 -3.33
C VAL C 43 -36.67 -37.38 -2.60
N GLY C 44 -35.86 -36.54 -3.24
CA GLY C 44 -35.50 -35.26 -2.65
C GLY C 44 -36.03 -34.09 -3.45
N TYR C 45 -36.39 -33.02 -2.76
CA TYR C 45 -36.93 -31.83 -3.42
C TYR C 45 -36.02 -30.60 -3.42
N GLY C 46 -35.89 -30.01 -4.59
CA GLY C 46 -35.07 -28.82 -4.75
C GLY C 46 -35.81 -27.77 -5.54
N GLU C 47 -35.31 -26.55 -5.51
CA GLU C 47 -35.96 -25.47 -6.23
C GLU C 47 -34.96 -24.43 -6.73
N GLY C 48 -35.28 -23.82 -7.86
CA GLY C 48 -34.46 -22.78 -8.44
C GLY C 48 -35.35 -21.57 -8.75
N GLY C 49 -35.40 -20.61 -7.83
CA GLY C 49 -36.20 -19.41 -8.03
C GLY C 49 -35.32 -18.22 -8.35
N PRO C 50 -35.08 -17.96 -9.64
CA PRO C 50 -34.24 -16.88 -10.16
C PRO C 50 -34.84 -15.49 -10.19
N GLY C 51 -34.00 -14.50 -9.86
CA GLY C 51 -34.40 -13.11 -9.88
C GLY C 51 -33.69 -12.48 -11.06
N ILE C 52 -34.40 -12.30 -12.17
CA ILE C 52 -33.80 -11.73 -13.35
C ILE C 52 -33.00 -10.44 -13.10
N PHE C 53 -33.46 -9.59 -12.18
CA PHE C 53 -32.72 -8.37 -11.93
C PHE C 53 -31.66 -8.46 -10.83
N ILE C 54 -31.33 -9.69 -10.44
CA ILE C 54 -30.30 -9.93 -9.44
C ILE C 54 -29.17 -10.70 -10.13
N THR C 55 -29.52 -11.81 -10.78
CA THR C 55 -28.53 -12.66 -11.44
C THR C 55 -28.72 -12.75 -12.95
N GLY C 56 -29.86 -12.26 -13.44
CA GLY C 56 -30.11 -12.32 -14.86
C GLY C 56 -30.63 -13.68 -15.31
N GLU C 57 -30.84 -14.59 -14.38
CA GLU C 57 -31.34 -15.91 -14.76
C GLU C 57 -32.84 -15.84 -15.05
N THR C 58 -33.29 -16.72 -15.93
CA THR C 58 -34.70 -16.79 -16.30
C THR C 58 -35.21 -18.18 -16.01
N LEU C 59 -36.54 -18.34 -16.02
CA LEU C 59 -37.11 -19.65 -15.76
C LEU C 59 -36.73 -20.59 -16.89
N ALA C 60 -36.82 -20.14 -18.14
CA ALA C 60 -36.48 -21.00 -19.26
C ALA C 60 -35.02 -21.45 -19.20
N GLY C 61 -34.14 -20.52 -18.88
CA GLY C 61 -32.73 -20.87 -18.79
C GLY C 61 -32.47 -21.83 -17.65
N THR C 62 -33.08 -21.57 -16.50
CA THR C 62 -32.88 -22.43 -15.33
C THR C 62 -33.36 -23.86 -15.59
N LEU C 63 -34.49 -23.99 -16.29
CA LEU C 63 -35.06 -25.29 -16.61
C LEU C 63 -34.13 -26.09 -17.51
N GLU C 64 -33.72 -25.51 -18.63
CA GLU C 64 -32.83 -26.20 -19.55
C GLU C 64 -31.51 -26.58 -18.87
N THR C 65 -31.02 -25.73 -17.97
CA THR C 65 -29.77 -26.02 -17.27
C THR C 65 -29.98 -27.19 -16.31
N ILE C 66 -31.06 -27.14 -15.54
CA ILE C 66 -31.37 -28.19 -14.58
C ILE C 66 -31.41 -29.56 -15.26
N GLU C 67 -32.02 -29.63 -16.44
CA GLU C 67 -32.10 -30.89 -17.16
C GLU C 67 -30.71 -31.38 -17.52
N LEU C 68 -29.88 -30.49 -18.08
CA LEU C 68 -28.52 -30.89 -18.43
C LEU C 68 -27.84 -31.43 -17.18
N PHE C 69 -27.97 -30.74 -16.07
CA PHE C 69 -27.36 -31.22 -14.83
C PHE C 69 -27.92 -32.62 -14.53
N GLY C 70 -29.24 -32.76 -14.62
CA GLY C 70 -29.90 -34.03 -14.34
C GLY C 70 -29.34 -35.23 -15.06
N GLN C 71 -29.15 -35.12 -16.37
CA GLN C 71 -28.60 -36.23 -17.14
C GLN C 71 -27.21 -36.58 -16.65
N ALA C 72 -26.47 -35.55 -16.24
CA ALA C 72 -25.09 -35.70 -15.79
C ALA C 72 -24.87 -36.28 -14.41
N ILE C 73 -25.85 -36.20 -13.53
CA ILE C 73 -25.66 -36.74 -12.19
C ILE C 73 -26.32 -38.09 -11.94
N ILE C 74 -26.90 -38.66 -12.99
CA ILE C 74 -27.54 -39.96 -12.86
C ILE C 74 -26.47 -40.98 -12.47
N GLY C 75 -26.75 -41.73 -11.41
CA GLY C 75 -25.81 -42.75 -10.98
C GLY C 75 -24.77 -42.26 -9.99
N LEU C 76 -24.86 -41.00 -9.59
CA LEU C 76 -23.92 -40.44 -8.61
C LEU C 76 -24.52 -40.53 -7.22
N ASN C 77 -23.66 -40.51 -6.21
CA ASN C 77 -24.11 -40.58 -4.84
C ASN C 77 -24.41 -39.17 -4.35
N PRO C 78 -25.64 -38.92 -3.89
CA PRO C 78 -26.06 -37.61 -3.40
C PRO C 78 -25.11 -37.07 -2.34
N PHE C 79 -24.52 -37.97 -1.57
CA PHE C 79 -23.60 -37.57 -0.52
C PHE C 79 -22.31 -36.98 -1.08
N ASN C 80 -21.99 -37.34 -2.31
CA ASN C 80 -20.79 -36.82 -2.95
C ASN C 80 -21.16 -35.43 -3.50
N ILE C 81 -21.56 -34.54 -2.60
CA ILE C 81 -21.94 -33.20 -3.02
C ILE C 81 -20.73 -32.54 -3.68
N GLU C 82 -19.54 -32.92 -3.23
CA GLU C 82 -18.29 -32.40 -3.78
C GLU C 82 -18.27 -32.61 -5.30
N LYS C 83 -18.50 -33.85 -5.73
CA LYS C 83 -18.49 -34.15 -7.15
C LYS C 83 -19.71 -33.62 -7.91
N ILE C 84 -20.87 -33.62 -7.27
CA ILE C 84 -22.07 -33.13 -7.92
C ILE C 84 -21.85 -31.65 -8.29
N HIS C 85 -21.23 -30.88 -7.41
CA HIS C 85 -20.97 -29.48 -7.71
C HIS C 85 -19.87 -29.37 -8.75
N GLU C 86 -18.97 -30.34 -8.75
CA GLU C 86 -17.87 -30.36 -9.71
C GLU C 86 -18.46 -30.55 -11.10
N VAL C 87 -19.41 -31.47 -11.20
CA VAL C 87 -20.08 -31.77 -12.46
C VAL C 87 -20.89 -30.60 -13.00
N MET C 88 -21.62 -29.93 -12.12
CA MET C 88 -22.43 -28.79 -12.54
C MET C 88 -21.56 -27.61 -12.94
N ASP C 89 -20.49 -27.36 -12.18
CA ASP C 89 -19.60 -26.25 -12.51
C ASP C 89 -18.97 -26.48 -13.87
N LYS C 90 -18.74 -27.75 -14.20
CA LYS C 90 -18.14 -28.10 -15.49
C LYS C 90 -19.12 -27.86 -16.65
N ILE C 91 -20.40 -28.07 -16.41
CA ILE C 91 -21.40 -27.89 -17.46
C ILE C 91 -21.75 -26.42 -17.70
N SER C 92 -21.91 -25.66 -16.63
CA SER C 92 -22.27 -24.25 -16.75
C SER C 92 -21.33 -23.31 -16.00
N ALA C 93 -20.89 -22.27 -16.68
CA ALA C 93 -20.00 -21.31 -16.06
C ALA C 93 -20.76 -20.47 -15.03
N PHE C 94 -22.09 -20.39 -15.17
CA PHE C 94 -22.86 -19.59 -14.24
C PHE C 94 -24.37 -19.89 -14.25
N ALA C 95 -24.89 -20.35 -13.13
CA ALA C 95 -26.32 -20.67 -13.01
C ALA C 95 -26.64 -21.09 -11.59
N PRO C 96 -26.50 -20.16 -10.64
CA PRO C 96 -26.77 -20.42 -9.22
C PRO C 96 -28.14 -21.03 -8.91
N ALA C 97 -29.19 -20.54 -9.56
CA ALA C 97 -30.54 -21.06 -9.34
C ALA C 97 -30.65 -22.53 -9.76
N ALA C 98 -30.10 -22.86 -10.93
CA ALA C 98 -30.12 -24.24 -11.41
C ALA C 98 -29.28 -25.15 -10.51
N LYS C 99 -28.06 -24.72 -10.21
CA LYS C 99 -27.16 -25.49 -9.35
C LYS C 99 -27.79 -25.72 -7.98
N ALA C 100 -28.37 -24.67 -7.40
CA ALA C 100 -29.00 -24.77 -6.08
C ALA C 100 -30.19 -25.75 -6.07
N ALA C 101 -30.93 -25.81 -7.17
CA ALA C 101 -32.06 -26.71 -7.29
C ALA C 101 -31.57 -28.15 -7.08
N ILE C 102 -30.52 -28.52 -7.80
CA ILE C 102 -29.94 -29.86 -7.68
C ILE C 102 -29.35 -30.04 -6.29
N ASP C 103 -28.68 -28.99 -5.80
CA ASP C 103 -28.04 -28.98 -4.50
C ASP C 103 -29.02 -29.25 -3.36
N ILE C 104 -30.05 -28.42 -3.26
CA ILE C 104 -31.05 -28.55 -2.22
C ILE C 104 -31.69 -29.94 -2.21
N ALA C 105 -31.93 -30.50 -3.38
CA ALA C 105 -32.52 -31.82 -3.48
C ALA C 105 -31.56 -32.85 -2.89
N CYS C 106 -30.30 -32.79 -3.31
CA CYS C 106 -29.29 -33.71 -2.82
C CYS C 106 -29.20 -33.68 -1.29
N TYR C 107 -29.32 -32.49 -0.71
CA TYR C 107 -29.27 -32.36 0.74
C TYR C 107 -30.52 -32.96 1.37
N ASP C 108 -31.62 -32.95 0.63
CA ASP C 108 -32.87 -33.53 1.13
C ASP C 108 -32.67 -35.05 1.15
N LEU C 109 -32.12 -35.59 0.07
CA LEU C 109 -31.86 -37.03 0.00
C LEU C 109 -30.94 -37.45 1.14
N MET C 110 -29.87 -36.68 1.36
CA MET C 110 -28.95 -36.99 2.44
C MET C 110 -29.72 -37.07 3.76
N GLY C 111 -30.48 -36.03 4.06
CA GLY C 111 -31.25 -35.99 5.29
C GLY C 111 -32.19 -37.17 5.46
N GLN C 112 -32.64 -37.73 4.35
CA GLN C 112 -33.55 -38.87 4.40
C GLN C 112 -32.80 -40.18 4.57
N LYS C 113 -31.69 -40.34 3.85
CA LYS C 113 -30.89 -41.57 3.94
C LYS C 113 -30.31 -41.69 5.35
N ALA C 114 -30.08 -40.56 6.00
CA ALA C 114 -29.52 -40.55 7.35
C ALA C 114 -30.66 -40.49 8.36
N GLN C 115 -31.88 -40.36 7.85
CA GLN C 115 -33.06 -40.30 8.71
C GLN C 115 -32.88 -39.22 9.77
N LEU C 116 -32.56 -38.02 9.31
CA LEU C 116 -32.35 -36.89 10.20
C LEU C 116 -32.87 -35.61 9.56
N PRO C 117 -33.29 -34.65 10.40
CA PRO C 117 -33.80 -33.37 9.89
C PRO C 117 -32.58 -32.67 9.30
N LEU C 118 -32.70 -32.13 8.09
CA LEU C 118 -31.58 -31.46 7.43
C LEU C 118 -30.71 -30.57 8.33
N TYR C 119 -31.35 -29.82 9.23
CA TYR C 119 -30.59 -28.92 10.11
C TYR C 119 -29.60 -29.63 11.04
N GLN C 120 -29.80 -30.92 11.29
CA GLN C 120 -28.89 -31.66 12.16
C GLN C 120 -27.62 -32.00 11.38
N LEU C 121 -27.75 -32.11 10.06
CA LEU C 121 -26.61 -32.42 9.23
C LEU C 121 -25.86 -31.15 8.84
N LEU C 122 -26.40 -29.99 9.19
CA LEU C 122 -25.77 -28.73 8.83
C LEU C 122 -25.19 -27.93 10.00
N GLY C 123 -25.07 -28.56 11.16
CA GLY C 123 -24.52 -27.85 12.31
C GLY C 123 -25.30 -28.05 13.58
N GLY C 124 -26.60 -28.28 13.47
CA GLY C 124 -27.45 -28.52 14.62
C GLY C 124 -27.45 -27.52 15.76
N TYR C 125 -27.19 -26.24 15.48
CA TYR C 125 -27.19 -25.24 16.54
C TYR C 125 -28.58 -24.96 17.11
N ASP C 126 -29.59 -24.98 16.25
CA ASP C 126 -30.95 -24.73 16.69
C ASP C 126 -31.91 -25.48 15.76
N ASN C 127 -33.19 -25.55 16.14
CA ASN C 127 -34.17 -26.27 15.32
C ASN C 127 -35.29 -25.37 14.83
N GLN C 128 -35.08 -24.06 14.92
CA GLN C 128 -36.07 -23.09 14.48
C GLN C 128 -35.38 -21.82 14.02
N VAL C 129 -36.15 -20.84 13.55
CA VAL C 129 -35.59 -19.59 13.09
C VAL C 129 -36.62 -18.48 13.08
N ILE C 130 -36.19 -17.29 13.47
CA ILE C 130 -37.08 -16.13 13.49
C ILE C 130 -36.74 -15.26 12.28
N THR C 131 -37.76 -14.85 11.54
CA THR C 131 -37.53 -14.03 10.36
C THR C 131 -38.26 -12.70 10.40
N ASP C 132 -37.71 -11.72 9.68
CA ASP C 132 -38.33 -10.42 9.60
C ASP C 132 -39.33 -10.54 8.46
N ILE C 133 -39.96 -9.44 8.11
CA ILE C 133 -40.88 -9.41 6.98
C ILE C 133 -40.59 -8.11 6.26
N THR C 134 -40.42 -8.20 4.95
CA THR C 134 -40.09 -7.05 4.14
C THR C 134 -41.30 -6.23 3.69
N LEU C 135 -41.16 -4.90 3.77
CA LEU C 135 -42.21 -4.00 3.32
C LEU C 135 -41.74 -3.46 1.96
N GLY C 136 -42.51 -3.73 0.92
CA GLY C 136 -42.15 -3.25 -0.40
C GLY C 136 -42.26 -1.74 -0.51
N ILE C 137 -41.57 -1.17 -1.48
CA ILE C 137 -41.61 0.27 -1.68
C ILE C 137 -43.02 0.76 -1.98
N ASP C 138 -43.40 1.85 -1.32
CA ASP C 138 -44.71 2.46 -1.52
C ASP C 138 -44.68 3.82 -0.83
N GLU C 139 -45.83 4.48 -0.79
CA GLU C 139 -45.91 5.78 -0.14
C GLU C 139 -45.62 5.60 1.33
N PRO C 140 -44.99 6.60 1.96
CA PRO C 140 -44.65 6.53 3.38
C PRO C 140 -45.86 6.17 4.24
N ASN C 141 -46.94 6.90 4.05
CA ASN C 141 -48.18 6.67 4.80
C ASN C 141 -48.61 5.21 4.61
N VAL C 142 -48.58 4.76 3.36
CA VAL C 142 -48.96 3.39 3.03
C VAL C 142 -48.05 2.37 3.69
N MET C 143 -46.74 2.59 3.61
CA MET C 143 -45.78 1.68 4.22
C MET C 143 -46.00 1.68 5.73
N ALA C 144 -46.18 2.86 6.30
CA ALA C 144 -46.41 3.00 7.73
C ALA C 144 -47.58 2.13 8.17
N GLN C 145 -48.70 2.24 7.45
CA GLN C 145 -49.90 1.45 7.73
C GLN C 145 -49.59 -0.04 7.70
N LYS C 146 -48.97 -0.48 6.60
CA LYS C 146 -48.63 -1.89 6.44
C LYS C 146 -47.73 -2.34 7.61
N ALA C 147 -46.82 -1.46 8.01
CA ALA C 147 -45.89 -1.75 9.09
C ALA C 147 -46.63 -2.20 10.35
N VAL C 148 -47.66 -1.46 10.72
CA VAL C 148 -48.44 -1.79 11.90
C VAL C 148 -49.15 -3.11 11.68
N GLU C 149 -49.67 -3.31 10.49
CA GLU C 149 -50.38 -4.54 10.16
C GLU C 149 -49.48 -5.76 10.37
N LYS C 150 -48.24 -5.66 9.93
CA LYS C 150 -47.31 -6.78 10.08
C LYS C 150 -46.87 -6.98 11.52
N VAL C 151 -46.88 -5.90 12.29
CA VAL C 151 -46.50 -5.99 13.70
C VAL C 151 -47.54 -6.79 14.48
N LYS C 152 -48.81 -6.54 14.18
CA LYS C 152 -49.89 -7.27 14.85
C LYS C 152 -49.67 -8.76 14.60
N LEU C 153 -49.11 -9.09 13.45
CA LEU C 153 -48.85 -10.49 13.12
C LEU C 153 -47.75 -11.06 14.01
N GLY C 154 -47.16 -10.20 14.84
CA GLY C 154 -46.10 -10.65 15.75
C GLY C 154 -44.67 -10.38 15.30
N PHE C 155 -44.49 -9.58 14.27
CA PHE C 155 -43.15 -9.28 13.76
C PHE C 155 -42.42 -8.21 14.56
N ASP C 156 -41.24 -8.58 15.05
CA ASP C 156 -40.39 -7.67 15.84
C ASP C 156 -39.45 -6.87 14.95
N THR C 157 -39.11 -7.46 13.80
CA THR C 157 -38.19 -6.82 12.87
C THR C 157 -38.81 -6.65 11.48
N LEU C 158 -38.70 -5.45 10.93
CA LEU C 158 -39.24 -5.14 9.61
C LEU C 158 -38.13 -4.70 8.66
N LYS C 159 -38.13 -5.27 7.47
CA LYS C 159 -37.14 -4.93 6.44
C LYS C 159 -37.80 -3.88 5.54
N ILE C 160 -37.26 -2.67 5.56
CA ILE C 160 -37.82 -1.57 4.78
C ILE C 160 -37.11 -1.31 3.45
N LYS C 161 -37.82 -1.58 2.36
CA LYS C 161 -37.28 -1.36 1.03
C LYS C 161 -37.39 0.11 0.67
N VAL C 162 -36.32 0.66 0.11
CA VAL C 162 -36.28 2.05 -0.30
C VAL C 162 -35.39 2.19 -1.53
N GLY C 163 -35.31 3.39 -2.10
CA GLY C 163 -34.47 3.59 -3.25
C GLY C 163 -35.01 4.40 -4.41
N THR C 164 -35.94 5.31 -4.16
CA THR C 164 -36.50 6.12 -5.25
C THR C 164 -35.91 7.53 -5.19
N GLY C 165 -35.25 7.84 -4.07
CA GLY C 165 -34.64 9.14 -3.87
C GLY C 165 -34.48 9.32 -2.38
N ILE C 166 -33.27 9.67 -1.94
CA ILE C 166 -33.03 9.83 -0.51
C ILE C 166 -34.06 10.69 0.22
N GLU C 167 -34.51 11.76 -0.43
CA GLU C 167 -35.50 12.65 0.20
C GLU C 167 -36.76 11.84 0.55
N ALA C 168 -37.27 11.10 -0.43
CA ALA C 168 -38.47 10.30 -0.23
C ALA C 168 -38.19 9.08 0.64
N ASP C 169 -37.00 8.50 0.50
CA ASP C 169 -36.65 7.32 1.28
C ASP C 169 -36.61 7.69 2.75
N ILE C 170 -36.10 8.88 3.05
CA ILE C 170 -36.04 9.33 4.43
C ILE C 170 -37.45 9.43 5.01
N ALA C 171 -38.36 10.03 4.24
CA ALA C 171 -39.75 10.19 4.68
C ALA C 171 -40.41 8.86 4.98
N ARG C 172 -40.09 7.85 4.18
CA ARG C 172 -40.65 6.53 4.38
C ARG C 172 -40.21 5.97 5.73
N VAL C 173 -38.90 5.99 5.97
CA VAL C 173 -38.34 5.48 7.21
C VAL C 173 -38.92 6.19 8.44
N LYS C 174 -38.99 7.52 8.38
CA LYS C 174 -39.52 8.31 9.49
C LYS C 174 -40.99 8.00 9.78
N ALA C 175 -41.79 7.91 8.74
CA ALA C 175 -43.22 7.62 8.90
C ALA C 175 -43.42 6.26 9.56
N ILE C 176 -42.67 5.27 9.09
CA ILE C 176 -42.76 3.92 9.63
C ILE C 176 -42.38 3.86 11.11
N ARG C 177 -41.26 4.50 11.46
CA ARG C 177 -40.79 4.51 12.84
C ARG C 177 -41.81 5.12 13.79
N GLU C 178 -42.48 6.19 13.35
CA GLU C 178 -43.48 6.84 14.18
C GLU C 178 -44.64 5.89 14.44
N ALA C 179 -45.02 5.16 13.40
CA ALA C 179 -46.13 4.21 13.46
C ALA C 179 -45.91 3.01 14.38
N VAL C 180 -44.67 2.50 14.47
CA VAL C 180 -44.44 1.32 15.31
C VAL C 180 -43.63 1.53 16.58
N GLY C 181 -43.16 2.74 16.83
CA GLY C 181 -42.38 2.98 18.04
C GLY C 181 -40.97 2.45 17.91
N PHE C 182 -40.18 2.58 18.98
CA PHE C 182 -38.79 2.14 18.95
C PHE C 182 -38.56 0.71 19.43
N ASP C 183 -39.63 0.00 19.73
CA ASP C 183 -39.49 -1.39 20.17
C ASP C 183 -39.27 -2.30 18.98
N ILE C 184 -39.67 -1.82 17.81
CA ILE C 184 -39.54 -2.58 16.58
C ILE C 184 -38.18 -2.35 15.91
N LYS C 185 -37.50 -3.44 15.61
CA LYS C 185 -36.18 -3.40 14.96
C LYS C 185 -36.38 -3.10 13.48
N LEU C 186 -35.74 -2.05 12.98
CA LEU C 186 -35.87 -1.70 11.58
C LEU C 186 -34.56 -1.81 10.81
N ARG C 187 -34.60 -2.52 9.69
CA ARG C 187 -33.42 -2.64 8.85
C ARG C 187 -33.83 -2.18 7.45
N LEU C 188 -32.97 -1.41 6.81
CA LEU C 188 -33.26 -0.87 5.49
C LEU C 188 -32.53 -1.62 4.39
N ASP C 189 -33.09 -1.57 3.18
CA ASP C 189 -32.48 -2.21 2.02
C ASP C 189 -32.74 -1.30 0.82
N ALA C 190 -31.68 -0.66 0.32
CA ALA C 190 -31.79 0.26 -0.82
C ALA C 190 -31.62 -0.40 -2.18
N ASN C 191 -31.23 -1.66 -2.17
CA ASN C 191 -31.01 -2.39 -3.39
C ASN C 191 -30.18 -1.61 -4.41
N GLN C 192 -29.02 -1.11 -3.98
CA GLN C 192 -28.10 -0.40 -4.87
C GLN C 192 -28.53 0.96 -5.38
N ALA C 193 -29.59 1.53 -4.81
CA ALA C 193 -30.12 2.81 -5.28
C ALA C 193 -29.33 4.09 -5.03
N TRP C 194 -28.50 4.12 -3.99
CA TRP C 194 -27.79 5.36 -3.67
C TRP C 194 -26.33 5.45 -4.07
N THR C 195 -25.84 6.68 -4.17
CA THR C 195 -24.44 6.93 -4.47
C THR C 195 -23.80 6.83 -3.10
N PRO C 196 -22.48 6.63 -3.04
CA PRO C 196 -21.81 6.52 -1.73
C PRO C 196 -22.10 7.70 -0.81
N LYS C 197 -21.84 8.92 -1.28
CA LYS C 197 -22.05 10.07 -0.42
C LYS C 197 -23.52 10.31 -0.05
N ASP C 198 -24.43 9.98 -0.94
CA ASP C 198 -25.86 10.16 -0.64
C ASP C 198 -26.27 9.16 0.42
N ALA C 199 -25.71 7.95 0.33
CA ALA C 199 -26.00 6.90 1.30
C ALA C 199 -25.58 7.40 2.67
N VAL C 200 -24.38 7.96 2.75
CA VAL C 200 -23.90 8.49 4.01
C VAL C 200 -24.84 9.58 4.51
N LYS C 201 -25.24 10.47 3.61
CA LYS C 201 -26.14 11.55 3.99
C LYS C 201 -27.43 10.99 4.58
N ALA C 202 -28.09 10.10 3.84
CA ALA C 202 -29.34 9.50 4.30
C ALA C 202 -29.17 8.78 5.64
N ILE C 203 -28.15 7.96 5.76
CA ILE C 203 -27.93 7.23 7.00
C ILE C 203 -27.78 8.17 8.19
N GLN C 204 -27.01 9.23 8.02
CA GLN C 204 -26.81 10.19 9.10
C GLN C 204 -28.13 10.91 9.41
N ALA C 205 -28.86 11.24 8.35
CA ALA C 205 -30.14 11.91 8.52
C ALA C 205 -31.12 11.03 9.30
N LEU C 206 -30.85 9.73 9.33
CA LEU C 206 -31.72 8.79 10.04
C LEU C 206 -31.17 8.37 11.41
N ALA C 207 -30.13 9.07 11.86
CA ALA C 207 -29.50 8.76 13.14
C ALA C 207 -30.53 8.62 14.25
N ASP C 208 -31.36 9.66 14.43
CA ASP C 208 -32.38 9.67 15.46
C ASP C 208 -33.57 8.78 15.12
N TYR C 209 -33.32 7.61 14.55
CA TYR C 209 -34.41 6.72 14.21
C TYR C 209 -34.08 5.27 14.50
N GLN C 210 -32.94 5.07 15.16
CA GLN C 210 -32.50 3.74 15.56
C GLN C 210 -32.56 2.68 14.44
N ILE C 211 -31.82 2.91 13.36
CA ILE C 211 -31.81 1.97 12.25
C ILE C 211 -30.83 0.84 12.57
N GLU C 212 -31.33 -0.39 12.55
CA GLU C 212 -30.51 -1.56 12.85
C GLU C 212 -29.34 -1.71 11.86
N LEU C 213 -29.67 -1.64 10.57
CA LEU C 213 -28.67 -1.79 9.53
C LEU C 213 -29.21 -1.34 8.17
N VAL C 214 -28.28 -1.13 7.25
CA VAL C 214 -28.63 -0.73 5.89
C VAL C 214 -28.01 -1.73 4.95
N GLU C 215 -28.83 -2.30 4.08
CA GLU C 215 -28.41 -3.32 3.14
C GLU C 215 -28.08 -2.75 1.75
N GLN C 216 -26.97 -3.20 1.19
CA GLN C 216 -26.51 -2.80 -0.13
C GLN C 216 -26.93 -1.40 -0.56
N PRO C 217 -26.35 -0.37 0.06
CA PRO C 217 -26.69 1.01 -0.28
C PRO C 217 -26.24 1.45 -1.67
N VAL C 218 -25.10 0.93 -2.13
CA VAL C 218 -24.55 1.30 -3.44
C VAL C 218 -24.52 0.15 -4.45
N LYS C 219 -24.23 0.49 -5.71
CA LYS C 219 -24.16 -0.51 -6.78
C LYS C 219 -23.23 -1.68 -6.44
N ARG C 220 -23.64 -2.87 -6.86
CA ARG C 220 -22.90 -4.10 -6.60
C ARG C 220 -21.42 -4.12 -6.97
N ARG C 221 -21.06 -3.47 -8.07
CA ARG C 221 -19.66 -3.47 -8.49
C ARG C 221 -18.81 -2.38 -7.86
N ASP C 222 -19.46 -1.45 -7.15
CA ASP C 222 -18.74 -0.34 -6.52
C ASP C 222 -18.33 -0.66 -5.09
N LEU C 223 -17.37 -1.58 -4.97
CA LEU C 223 -16.87 -2.02 -3.66
C LEU C 223 -16.16 -0.91 -2.90
N GLU C 224 -15.48 -0.02 -3.62
CA GLU C 224 -14.80 1.08 -2.94
C GLU C 224 -15.84 1.99 -2.30
N GLY C 225 -16.94 2.20 -3.02
CA GLY C 225 -17.99 3.06 -2.51
C GLY C 225 -18.73 2.44 -1.36
N LEU C 226 -18.89 1.12 -1.42
CA LEU C 226 -19.58 0.41 -0.36
C LEU C 226 -18.70 0.46 0.88
N LYS C 227 -17.39 0.35 0.69
CA LYS C 227 -16.46 0.40 1.81
C LYS C 227 -16.47 1.81 2.39
N TYR C 228 -16.61 2.80 1.51
CA TYR C 228 -16.66 4.19 1.95
C TYR C 228 -17.84 4.35 2.91
N VAL C 229 -19.00 3.83 2.51
CA VAL C 229 -20.20 3.93 3.34
C VAL C 229 -19.97 3.32 4.72
N THR C 230 -19.53 2.07 4.73
CA THR C 230 -19.26 1.34 5.96
C THR C 230 -18.34 2.11 6.92
N SER C 231 -17.27 2.69 6.40
CA SER C 231 -16.33 3.43 7.24
C SER C 231 -16.71 4.87 7.52
N GLN C 232 -17.85 5.31 7.02
CA GLN C 232 -18.29 6.68 7.25
C GLN C 232 -19.45 6.80 8.26
N VAL C 233 -20.06 5.67 8.59
CA VAL C 233 -21.17 5.68 9.54
C VAL C 233 -21.02 4.59 10.58
N ASN C 234 -21.57 4.82 11.77
CA ASN C 234 -21.50 3.84 12.85
C ASN C 234 -22.58 2.78 12.65
N THR C 235 -23.49 3.06 11.72
CA THR C 235 -24.55 2.11 11.43
C THR C 235 -23.96 0.87 10.76
N THR C 236 -24.58 -0.28 11.00
CA THR C 236 -24.14 -1.53 10.42
C THR C 236 -24.48 -1.59 8.93
N ILE C 237 -23.50 -1.93 8.11
CA ILE C 237 -23.70 -2.02 6.67
C ILE C 237 -23.60 -3.46 6.19
N MET C 238 -24.60 -3.89 5.43
CA MET C 238 -24.62 -5.24 4.91
C MET C 238 -24.53 -5.28 3.41
N ALA C 239 -23.78 -6.26 2.90
CA ALA C 239 -23.61 -6.45 1.48
C ALA C 239 -24.56 -7.55 1.02
N ASP C 240 -25.21 -7.34 -0.13
CA ASP C 240 -26.12 -8.34 -0.67
C ASP C 240 -25.70 -8.65 -2.09
N GLU C 241 -26.10 -7.80 -3.03
CA GLU C 241 -25.75 -8.02 -4.44
C GLU C 241 -24.24 -8.05 -4.69
N SER C 242 -23.46 -7.40 -3.84
CA SER C 242 -22.00 -7.39 -3.99
C SER C 242 -21.35 -8.71 -3.60
N CYS C 243 -22.15 -9.66 -3.11
CA CYS C 243 -21.62 -10.97 -2.71
C CYS C 243 -22.54 -12.12 -3.12
N PHE C 244 -22.14 -12.83 -4.15
CA PHE C 244 -22.92 -13.97 -4.62
C PHE C 244 -22.38 -15.27 -4.03
N ASP C 245 -21.06 -15.46 -4.15
CA ASP C 245 -20.42 -16.70 -3.70
C ASP C 245 -19.28 -16.56 -2.68
N ALA C 246 -18.61 -17.69 -2.43
CA ALA C 246 -17.51 -17.74 -1.48
C ALA C 246 -16.34 -16.84 -1.88
N GLN C 247 -16.03 -16.81 -3.17
CA GLN C 247 -14.94 -16.00 -3.66
C GLN C 247 -15.25 -14.52 -3.44
N ASP C 248 -16.50 -14.12 -3.62
CA ASP C 248 -16.88 -12.72 -3.39
C ASP C 248 -16.69 -12.44 -1.90
N ALA C 249 -17.14 -13.40 -1.08
CA ALA C 249 -17.06 -13.25 0.37
C ALA C 249 -15.62 -13.03 0.79
N LEU C 250 -14.71 -13.78 0.18
CA LEU C 250 -13.29 -13.68 0.50
C LEU C 250 -12.75 -12.31 0.11
N GLU C 251 -13.16 -11.80 -1.05
CA GLU C 251 -12.69 -10.49 -1.49
C GLU C 251 -13.18 -9.41 -0.52
N LEU C 252 -14.46 -9.47 -0.13
CA LEU C 252 -15.05 -8.50 0.79
C LEU C 252 -14.36 -8.48 2.15
N VAL C 253 -13.93 -9.65 2.63
CA VAL C 253 -13.27 -9.71 3.93
C VAL C 253 -11.85 -9.16 3.84
N LYS C 254 -11.17 -9.46 2.75
CA LYS C 254 -9.81 -8.98 2.59
C LYS C 254 -9.76 -7.45 2.54
N LYS C 255 -10.80 -6.84 1.98
CA LYS C 255 -10.85 -5.39 1.85
C LYS C 255 -11.62 -4.68 2.96
N GLY C 256 -12.24 -5.45 3.84
CA GLY C 256 -13.00 -4.84 4.93
C GLY C 256 -14.12 -3.97 4.39
N THR C 257 -14.82 -4.47 3.38
CA THR C 257 -15.89 -3.74 2.72
C THR C 257 -17.18 -3.49 3.51
N VAL C 258 -17.64 -4.49 4.27
CA VAL C 258 -18.88 -4.32 5.04
C VAL C 258 -18.80 -4.94 6.44
N ASP C 259 -19.91 -4.88 7.17
CA ASP C 259 -19.98 -5.43 8.52
C ASP C 259 -20.71 -6.77 8.53
N VAL C 260 -21.67 -6.93 7.63
CA VAL C 260 -22.46 -8.15 7.56
C VAL C 260 -22.70 -8.55 6.13
N ILE C 261 -22.89 -9.85 5.89
CA ILE C 261 -23.13 -10.33 4.55
C ILE C 261 -24.42 -11.15 4.47
N ASN C 262 -25.22 -10.84 3.44
CA ASN C 262 -26.48 -11.53 3.18
C ASN C 262 -26.20 -12.74 2.33
N ILE C 263 -26.73 -13.90 2.73
CA ILE C 263 -26.52 -15.12 1.98
C ILE C 263 -27.83 -15.60 1.33
N LYS C 264 -27.74 -16.00 0.07
CA LYS C 264 -28.91 -16.49 -0.67
C LYS C 264 -28.51 -17.76 -1.42
N LEU C 265 -29.26 -18.84 -1.20
CA LEU C 265 -28.93 -20.08 -1.88
C LEU C 265 -29.00 -19.86 -3.39
N MET C 266 -29.92 -18.99 -3.82
CA MET C 266 -30.09 -18.70 -5.23
C MET C 266 -28.99 -17.79 -5.79
N LYS C 267 -28.13 -17.28 -4.92
CA LYS C 267 -27.02 -16.43 -5.36
C LYS C 267 -25.73 -17.23 -5.47
N CYS C 268 -25.51 -18.12 -4.49
CA CYS C 268 -24.30 -18.92 -4.44
C CYS C 268 -24.40 -20.30 -5.09
N GLY C 269 -25.61 -20.78 -5.34
CA GLY C 269 -25.74 -22.08 -5.98
C GLY C 269 -25.94 -23.27 -5.05
N GLY C 270 -26.52 -23.04 -3.88
CA GLY C 270 -26.78 -24.15 -2.98
C GLY C 270 -26.25 -24.06 -1.56
N ILE C 271 -26.67 -25.03 -0.75
CA ILE C 271 -26.25 -25.10 0.64
C ILE C 271 -24.73 -25.33 0.78
N HIS C 272 -24.16 -26.08 -0.16
CA HIS C 272 -22.74 -26.38 -0.14
C HIS C 272 -21.89 -25.10 -0.25
N GLU C 273 -22.33 -24.16 -1.07
CA GLU C 273 -21.61 -22.91 -1.24
C GLU C 273 -21.95 -21.92 -0.14
N ALA C 274 -23.20 -21.96 0.31
CA ALA C 274 -23.62 -21.06 1.37
C ALA C 274 -22.83 -21.35 2.63
N LEU C 275 -22.47 -22.62 2.81
CA LEU C 275 -21.69 -23.05 3.97
C LEU C 275 -20.30 -22.43 3.93
N LYS C 276 -19.69 -22.43 2.74
CA LYS C 276 -18.35 -21.84 2.60
C LYS C 276 -18.42 -20.38 3.00
N ILE C 277 -19.37 -19.65 2.41
CA ILE C 277 -19.57 -18.24 2.70
C ILE C 277 -19.65 -17.95 4.19
N ASN C 278 -20.50 -18.69 4.91
CA ASN C 278 -20.64 -18.45 6.34
C ASN C 278 -19.39 -18.76 7.15
N GLN C 279 -18.61 -19.76 6.74
CA GLN C 279 -17.39 -20.10 7.46
C GLN C 279 -16.34 -19.02 7.24
N ILE C 280 -16.25 -18.53 6.01
CA ILE C 280 -15.33 -17.47 5.67
C ILE C 280 -15.67 -16.23 6.50
N CYS C 281 -16.95 -15.86 6.53
CA CYS C 281 -17.38 -14.69 7.28
C CYS C 281 -17.12 -14.86 8.78
N GLU C 282 -17.52 -16.00 9.32
CA GLU C 282 -17.34 -16.29 10.74
C GLU C 282 -15.88 -16.14 11.15
N THR C 283 -14.99 -16.69 10.34
CA THR C 283 -13.56 -16.61 10.60
C THR C 283 -13.11 -15.16 10.64
N ALA C 284 -13.69 -14.33 9.77
CA ALA C 284 -13.36 -12.93 9.70
C ALA C 284 -14.11 -12.10 10.74
N GLY C 285 -15.10 -12.71 11.38
CA GLY C 285 -15.86 -11.99 12.39
C GLY C 285 -17.05 -11.24 11.79
N ILE C 286 -17.51 -11.72 10.64
CA ILE C 286 -18.64 -11.11 9.97
C ILE C 286 -19.85 -12.02 10.13
N GLU C 287 -20.92 -11.51 10.72
CA GLU C 287 -22.13 -12.30 10.89
C GLU C 287 -22.85 -12.33 9.54
N CYS C 288 -23.76 -13.28 9.38
CA CYS C 288 -24.48 -13.43 8.13
C CYS C 288 -25.99 -13.44 8.35
N MET C 289 -26.72 -12.98 7.35
CA MET C 289 -28.18 -12.98 7.40
C MET C 289 -28.65 -13.81 6.23
N ILE C 290 -29.45 -14.83 6.52
CA ILE C 290 -29.95 -15.68 5.44
C ILE C 290 -31.10 -14.91 4.79
N GLY C 291 -31.14 -14.91 3.46
CA GLY C 291 -32.17 -14.18 2.74
C GLY C 291 -32.82 -15.03 1.67
N CYS C 292 -33.56 -14.38 0.78
CA CYS C 292 -34.26 -15.12 -0.27
C CYS C 292 -34.70 -14.23 -1.41
N MET C 293 -35.06 -14.86 -2.53
CA MET C 293 -35.58 -14.15 -3.69
C MET C 293 -37.10 -14.20 -3.51
N ALA C 294 -37.82 -13.23 -4.03
CA ALA C 294 -39.27 -13.21 -3.89
C ALA C 294 -39.88 -14.30 -4.78
N GLU C 295 -39.09 -14.78 -5.74
CA GLU C 295 -39.55 -15.81 -6.65
C GLU C 295 -39.43 -17.24 -6.15
N GLU C 296 -38.86 -17.44 -4.96
CA GLU C 296 -38.78 -18.80 -4.48
C GLU C 296 -39.93 -19.13 -3.53
N THR C 297 -40.25 -20.41 -3.47
CA THR C 297 -41.36 -20.89 -2.67
C THR C 297 -40.91 -21.82 -1.54
N THR C 298 -41.88 -22.55 -0.98
CA THR C 298 -41.66 -23.47 0.14
C THR C 298 -40.34 -24.25 0.16
N ILE C 299 -39.92 -24.80 -0.98
CA ILE C 299 -38.69 -25.56 -1.01
C ILE C 299 -37.46 -24.70 -0.70
N GLY C 300 -37.28 -23.61 -1.44
CA GLY C 300 -36.14 -22.74 -1.21
C GLY C 300 -36.08 -22.22 0.21
N ILE C 301 -37.21 -21.70 0.69
CA ILE C 301 -37.29 -21.16 2.04
C ILE C 301 -37.00 -22.23 3.10
N THR C 302 -37.59 -23.41 2.93
CA THR C 302 -37.38 -24.49 3.88
C THR C 302 -35.88 -24.89 3.94
N ALA C 303 -35.26 -25.07 2.78
CA ALA C 303 -33.86 -25.42 2.78
C ALA C 303 -33.11 -24.31 3.52
N ALA C 304 -33.35 -23.07 3.11
CA ALA C 304 -32.70 -21.92 3.73
C ALA C 304 -32.95 -21.83 5.24
N ALA C 305 -34.14 -22.20 5.68
CA ALA C 305 -34.44 -22.14 7.11
C ALA C 305 -33.58 -23.12 7.91
N HIS C 306 -33.39 -24.32 7.36
CA HIS C 306 -32.59 -25.33 8.06
C HIS C 306 -31.13 -24.91 8.19
N LEU C 307 -30.58 -24.34 7.13
CA LEU C 307 -29.20 -23.88 7.16
C LEU C 307 -29.03 -22.77 8.19
N ALA C 308 -30.05 -21.93 8.32
CA ALA C 308 -30.01 -20.81 9.26
C ALA C 308 -30.05 -21.31 10.70
N ALA C 309 -30.90 -22.28 10.96
CA ALA C 309 -31.03 -22.85 12.30
C ALA C 309 -29.75 -23.59 12.64
N ALA C 310 -29.22 -24.32 11.66
CA ALA C 310 -28.02 -25.11 11.86
C ALA C 310 -26.76 -24.30 12.14
N GLN C 311 -26.63 -23.16 11.49
CA GLN C 311 -25.45 -22.29 11.63
C GLN C 311 -25.54 -21.13 12.62
N LYS C 312 -24.61 -21.12 13.56
CA LYS C 312 -24.57 -20.08 14.57
C LYS C 312 -24.24 -18.69 14.03
N ASN C 313 -23.34 -18.62 13.05
CA ASN C 313 -22.94 -17.32 12.50
C ASN C 313 -24.04 -16.68 11.66
N ILE C 314 -25.04 -17.47 11.27
CA ILE C 314 -26.16 -16.91 10.51
C ILE C 314 -27.14 -16.44 11.59
N THR C 315 -26.90 -15.22 12.03
CA THR C 315 -27.66 -14.58 13.10
C THR C 315 -28.91 -13.80 12.75
N ARG C 316 -29.17 -13.62 11.46
CA ARG C 316 -30.37 -12.89 11.06
C ARG C 316 -31.08 -13.65 9.95
N ALA C 317 -32.38 -13.44 9.82
CA ALA C 317 -33.11 -14.14 8.80
C ALA C 317 -34.15 -13.27 8.11
N ASP C 318 -34.16 -13.37 6.78
CA ASP C 318 -35.10 -12.64 5.95
C ASP C 318 -35.66 -13.67 4.99
N LEU C 319 -36.47 -14.57 5.53
CA LEU C 319 -37.09 -15.64 4.76
C LEU C 319 -38.60 -15.41 4.78
N ASP C 320 -39.04 -14.42 4.01
CA ASP C 320 -40.43 -14.01 3.96
C ASP C 320 -41.09 -14.24 2.60
N ALA C 321 -40.48 -15.10 1.79
CA ALA C 321 -41.01 -15.36 0.46
C ALA C 321 -42.39 -16.02 0.44
N THR C 322 -42.59 -17.04 1.28
CA THR C 322 -43.87 -17.73 1.28
C THR C 322 -45.04 -16.87 1.74
N PHE C 323 -44.77 -15.80 2.47
CA PHE C 323 -45.84 -14.93 2.96
C PHE C 323 -46.66 -14.28 1.88
N GLY C 324 -46.06 -14.04 0.72
CA GLY C 324 -46.77 -13.40 -0.36
C GLY C 324 -47.33 -14.36 -1.39
N LEU C 325 -47.10 -15.65 -1.19
CA LEU C 325 -47.59 -16.67 -2.11
C LEU C 325 -49.07 -16.91 -1.89
N GLU C 326 -49.78 -17.26 -2.97
CA GLU C 326 -51.20 -17.54 -2.86
C GLU C 326 -51.43 -19.03 -2.66
N THR C 327 -50.47 -19.84 -3.07
CA THR C 327 -50.54 -21.29 -2.92
C THR C 327 -49.14 -21.87 -2.87
N ALA C 328 -48.98 -22.98 -2.15
CA ALA C 328 -47.69 -23.65 -2.06
C ALA C 328 -47.66 -24.66 -3.20
N PRO C 329 -46.55 -24.70 -3.95
CA PRO C 329 -46.44 -25.64 -5.07
C PRO C 329 -46.11 -27.05 -4.59
N VAL C 330 -45.95 -27.21 -3.28
CA VAL C 330 -45.59 -28.49 -2.72
C VAL C 330 -46.19 -28.67 -1.31
N THR C 331 -46.15 -29.89 -0.79
CA THR C 331 -46.71 -30.17 0.53
C THR C 331 -45.68 -30.26 1.64
N GLY C 332 -46.00 -29.63 2.77
CA GLY C 332 -45.09 -29.64 3.92
C GLY C 332 -44.17 -28.44 3.96
N GLY C 333 -43.05 -28.58 4.65
CA GLY C 333 -42.07 -27.50 4.76
C GLY C 333 -42.64 -26.25 5.40
N VAL C 334 -41.90 -25.15 5.31
CA VAL C 334 -42.33 -23.89 5.89
C VAL C 334 -43.68 -23.47 5.30
N SER C 335 -44.54 -22.94 6.17
CA SER C 335 -45.89 -22.53 5.81
C SER C 335 -46.05 -21.16 5.18
N LEU C 336 -47.11 -21.00 4.40
CA LEU C 336 -47.42 -19.75 3.73
C LEU C 336 -47.91 -18.73 4.75
N GLU C 337 -48.07 -19.16 5.99
CA GLU C 337 -48.55 -18.28 7.03
C GLU C 337 -47.53 -17.17 7.32
N ALA C 338 -48.03 -15.94 7.42
CA ALA C 338 -47.16 -14.80 7.71
C ALA C 338 -46.91 -14.72 9.21
N LYS C 339 -45.92 -15.47 9.67
CA LYS C 339 -45.56 -15.49 11.08
C LYS C 339 -44.05 -15.34 11.20
N PRO C 340 -43.57 -14.66 12.25
CA PRO C 340 -42.13 -14.47 12.43
C PRO C 340 -41.37 -15.74 12.84
N LEU C 341 -42.06 -16.65 13.51
CA LEU C 341 -41.42 -17.88 13.96
C LEU C 341 -41.56 -19.06 13.00
N LEU C 342 -40.42 -19.59 12.57
CA LEU C 342 -40.42 -20.72 11.67
C LEU C 342 -39.83 -21.90 12.43
N GLU C 343 -40.69 -22.85 12.82
CA GLU C 343 -40.24 -24.02 13.57
C GLU C 343 -40.03 -25.20 12.64
N LEU C 344 -38.83 -25.76 12.66
CA LEU C 344 -38.51 -26.91 11.83
C LEU C 344 -38.89 -28.15 12.61
N GLY C 345 -39.44 -29.15 11.92
CA GLY C 345 -39.85 -30.36 12.59
C GLY C 345 -38.77 -31.40 12.81
N GLU C 346 -39.19 -32.64 12.95
CA GLU C 346 -38.29 -33.76 13.19
C GLU C 346 -38.22 -34.64 11.94
N ALA C 347 -38.99 -34.28 10.93
CA ALA C 347 -39.02 -35.03 9.69
C ALA C 347 -37.66 -35.04 9.02
N ALA C 348 -37.32 -36.16 8.39
CA ALA C 348 -36.04 -36.31 7.70
C ALA C 348 -35.96 -35.35 6.51
N GLY C 349 -34.74 -34.92 6.18
CA GLY C 349 -34.57 -34.02 5.07
C GLY C 349 -35.32 -32.72 5.29
N LEU C 350 -36.05 -32.27 4.28
CA LEU C 350 -36.83 -31.04 4.35
C LEU C 350 -38.24 -31.25 4.87
N GLY C 351 -38.69 -32.50 4.83
CA GLY C 351 -40.03 -32.82 5.30
C GLY C 351 -41.04 -32.27 4.32
N ILE C 352 -40.72 -32.42 3.05
CA ILE C 352 -41.55 -31.95 1.96
C ILE C 352 -41.96 -33.08 1.03
N SER C 353 -43.21 -33.07 0.60
CA SER C 353 -43.71 -34.11 -0.30
C SER C 353 -44.58 -33.48 -1.39
N HIS C 354 -44.92 -34.28 -2.38
CA HIS C 354 -45.76 -33.81 -3.47
C HIS C 354 -46.68 -34.92 -3.94
N MET D 1 -30.80 -37.51 20.31
CA MET D 1 -29.52 -38.11 20.79
C MET D 1 -28.80 -37.16 21.74
N LYS D 2 -28.43 -37.68 22.91
CA LYS D 2 -27.74 -36.86 23.92
C LYS D 2 -26.49 -37.54 24.48
N ILE D 3 -25.57 -36.72 24.98
CA ILE D 3 -24.33 -37.21 25.58
C ILE D 3 -24.59 -37.60 27.02
N LYS D 4 -24.27 -38.84 27.36
CA LYS D 4 -24.49 -39.33 28.73
C LYS D 4 -23.27 -39.05 29.60
N GLN D 5 -22.13 -39.58 29.20
CA GLN D 5 -20.90 -39.41 29.94
C GLN D 5 -19.71 -39.27 29.01
N VAL D 6 -18.67 -38.60 29.50
CA VAL D 6 -17.46 -38.40 28.72
C VAL D 6 -16.29 -39.05 29.44
N HIS D 7 -15.72 -40.07 28.82
CA HIS D 7 -14.60 -40.80 29.40
C HIS D 7 -13.32 -40.46 28.65
N VAL D 8 -12.22 -40.32 29.40
CA VAL D 8 -10.92 -40.01 28.80
C VAL D 8 -9.79 -40.66 29.59
N ARG D 9 -8.95 -41.40 28.88
CA ARG D 9 -7.80 -42.08 29.50
C ARG D 9 -6.52 -41.61 28.82
N ALA D 10 -5.45 -42.38 28.96
CA ALA D 10 -4.16 -42.03 28.36
C ALA D 10 -3.48 -43.22 27.70
N SER D 11 -2.93 -43.00 26.51
CA SER D 11 -2.24 -44.06 25.78
C SER D 11 -0.77 -43.71 25.64
N LYS D 12 0.06 -44.74 25.45
CA LYS D 12 1.50 -44.56 25.31
C LYS D 12 2.08 -45.74 24.53
N ILE D 13 2.32 -45.54 23.25
CA ILE D 13 2.85 -46.60 22.39
C ILE D 13 4.25 -46.25 21.86
N LYS D 14 5.27 -46.81 22.50
CA LYS D 14 6.65 -46.57 22.06
C LYS D 14 6.72 -46.84 20.56
N LEU D 15 7.64 -46.18 19.87
CA LEU D 15 7.78 -46.36 18.44
C LEU D 15 8.83 -47.42 18.12
N LYS D 16 8.80 -47.96 16.92
CA LYS D 16 9.76 -48.97 16.50
C LYS D 16 11.14 -48.42 16.87
N GLU D 17 11.27 -47.10 16.76
CA GLU D 17 12.50 -46.38 17.08
C GLU D 17 12.25 -44.87 16.99
N THR D 18 12.87 -44.12 17.90
CA THR D 18 12.72 -42.67 17.97
C THR D 18 12.64 -41.96 16.63
N PHE D 19 11.91 -40.84 16.61
CA PHE D 19 11.72 -40.04 15.41
C PHE D 19 12.46 -38.71 15.58
N THR D 20 13.30 -38.37 14.61
CA THR D 20 14.09 -37.14 14.67
C THR D 20 13.63 -36.02 13.75
N ILE D 21 13.31 -34.88 14.33
CA ILE D 21 12.87 -33.69 13.59
C ILE D 21 13.73 -32.49 13.97
N ALA D 22 13.73 -31.46 13.13
CA ALA D 22 14.54 -30.27 13.40
C ALA D 22 14.21 -29.67 14.76
N LEU D 23 12.97 -29.82 15.20
CA LEU D 23 12.53 -29.28 16.49
C LEU D 23 12.90 -30.21 17.65
N GLY D 24 13.41 -31.39 17.33
CA GLY D 24 13.78 -32.34 18.36
C GLY D 24 13.50 -33.77 17.97
N THR D 25 13.21 -34.61 18.97
CA THR D 25 12.91 -36.02 18.71
C THR D 25 11.85 -36.55 19.66
N ILE D 26 11.27 -37.70 19.31
CA ILE D 26 10.26 -38.32 20.13
C ILE D 26 10.37 -39.85 20.02
N GLU D 27 10.33 -40.52 21.16
CA GLU D 27 10.45 -41.98 21.21
C GLU D 27 9.09 -42.65 21.34
N SER D 28 8.36 -42.27 22.38
CA SER D 28 7.04 -42.83 22.63
C SER D 28 6.04 -42.35 21.59
N ALA D 29 4.83 -42.05 22.06
CA ALA D 29 3.73 -41.58 21.23
C ALA D 29 2.51 -41.63 22.13
N ASP D 30 2.43 -40.68 23.04
CA ASP D 30 1.35 -40.62 23.99
C ASP D 30 0.25 -39.67 23.57
N SER D 31 -0.99 -40.16 23.62
CA SER D 31 -2.16 -39.37 23.25
C SER D 31 -3.28 -39.67 24.22
N ALA D 32 -4.21 -38.74 24.37
CA ALA D 32 -5.34 -38.91 25.27
C ALA D 32 -6.55 -39.39 24.49
N ILE D 33 -6.86 -40.68 24.61
CA ILE D 33 -8.00 -41.27 23.91
C ILE D 33 -9.31 -40.97 24.64
N VAL D 34 -10.35 -40.63 23.87
CA VAL D 34 -11.65 -40.28 24.44
C VAL D 34 -12.78 -41.21 24.00
N GLU D 35 -13.82 -41.27 24.83
CA GLU D 35 -15.01 -42.09 24.56
C GLU D 35 -16.27 -41.37 25.06
N ILE D 36 -17.07 -40.90 24.12
CA ILE D 36 -18.31 -40.21 24.46
C ILE D 36 -19.47 -41.19 24.33
N GLU D 37 -20.14 -41.46 25.43
CA GLU D 37 -21.27 -42.37 25.45
C GLU D 37 -22.59 -41.61 25.49
N THR D 38 -23.47 -41.91 24.56
CA THR D 38 -24.76 -41.26 24.49
C THR D 38 -25.71 -41.99 25.43
N GLU D 39 -26.66 -41.26 26.01
CA GLU D 39 -27.60 -41.88 26.92
C GLU D 39 -28.44 -42.96 26.26
N GLU D 40 -28.06 -43.37 25.05
CA GLU D 40 -28.79 -44.42 24.35
C GLU D 40 -27.88 -45.59 24.00
N GLY D 41 -26.64 -45.53 24.46
CA GLY D 41 -25.72 -46.63 24.22
C GLY D 41 -24.61 -46.44 23.22
N LEU D 42 -24.69 -45.40 22.39
CA LEU D 42 -23.66 -45.17 21.39
C LEU D 42 -22.39 -44.59 22.01
N VAL D 43 -21.24 -45.02 21.49
CA VAL D 43 -19.95 -44.54 21.98
C VAL D 43 -19.06 -44.07 20.85
N GLY D 44 -18.60 -42.81 20.94
CA GLY D 44 -17.74 -42.27 19.91
C GLY D 44 -16.29 -42.18 20.36
N TYR D 45 -15.37 -42.55 19.49
CA TYR D 45 -13.96 -42.52 19.82
C TYR D 45 -13.23 -41.28 19.31
N GLY D 46 -12.55 -40.60 20.22
CA GLY D 46 -11.79 -39.41 19.86
C GLY D 46 -10.34 -39.60 20.24
N GLU D 47 -9.61 -38.50 20.34
CA GLU D 47 -8.19 -38.53 20.70
C GLU D 47 -7.52 -37.17 20.62
N GLY D 48 -6.42 -37.02 21.34
CA GLY D 48 -5.67 -35.78 21.35
C GLY D 48 -4.20 -36.09 21.56
N GLY D 49 -3.40 -35.90 20.52
CA GLY D 49 -1.98 -36.16 20.64
C GLY D 49 -1.18 -34.88 20.63
N PRO D 50 -1.02 -34.24 21.80
CA PRO D 50 -0.27 -32.99 21.88
C PRO D 50 1.21 -33.11 21.55
N GLY D 51 1.69 -32.21 20.70
CA GLY D 51 3.09 -32.16 20.32
C GLY D 51 3.61 -30.94 21.06
N ILE D 52 4.30 -31.17 22.17
CA ILE D 52 4.81 -30.07 23.00
C ILE D 52 5.66 -29.02 22.31
N PHE D 53 6.53 -29.43 21.38
CA PHE D 53 7.36 -28.44 20.72
C PHE D 53 6.70 -27.86 19.47
N ILE D 54 5.39 -28.06 19.38
CA ILE D 54 4.61 -27.55 18.25
C ILE D 54 3.54 -26.62 18.77
N THR D 55 2.65 -27.14 19.61
CA THR D 55 1.57 -26.34 20.17
C THR D 55 1.84 -26.01 21.62
N GLY D 56 2.87 -26.63 22.18
CA GLY D 56 3.20 -26.41 23.58
C GLY D 56 2.27 -27.15 24.52
N GLU D 57 1.44 -28.02 23.96
CA GLU D 57 0.48 -28.77 24.75
C GLU D 57 1.09 -29.96 25.47
N THR D 58 0.63 -30.19 26.69
CA THR D 58 1.10 -31.28 27.53
C THR D 58 -0.04 -32.26 27.82
N LEU D 59 0.30 -33.53 27.99
CA LEU D 59 -0.71 -34.54 28.27
C LEU D 59 -1.48 -34.18 29.54
N ALA D 60 -0.75 -33.80 30.59
CA ALA D 60 -1.38 -33.41 31.85
C ALA D 60 -2.34 -32.25 31.63
N GLY D 61 -2.08 -31.46 30.60
CA GLY D 61 -2.94 -30.33 30.30
C GLY D 61 -4.09 -30.81 29.44
N THR D 62 -3.76 -31.53 28.37
CA THR D 62 -4.75 -32.08 27.45
C THR D 62 -5.82 -32.87 28.19
N LEU D 63 -5.41 -33.61 29.23
CA LEU D 63 -6.33 -34.41 30.01
C LEU D 63 -7.20 -33.54 30.93
N GLU D 64 -6.58 -32.64 31.67
CA GLU D 64 -7.35 -31.77 32.54
C GLU D 64 -8.34 -30.93 31.74
N THR D 65 -8.06 -30.77 30.45
CA THR D 65 -8.92 -29.99 29.56
C THR D 65 -10.04 -30.87 29.01
N ILE D 66 -9.67 -32.02 28.44
CA ILE D 66 -10.64 -32.94 27.88
C ILE D 66 -11.72 -33.24 28.90
N GLU D 67 -11.33 -33.26 30.17
CA GLU D 67 -12.25 -33.54 31.26
C GLU D 67 -13.11 -32.32 31.57
N LEU D 68 -12.53 -31.14 31.53
CA LEU D 68 -13.29 -29.92 31.80
C LEU D 68 -14.35 -29.79 30.73
N PHE D 69 -14.00 -30.21 29.51
CA PHE D 69 -14.93 -30.15 28.38
C PHE D 69 -16.00 -31.24 28.54
N GLY D 70 -15.55 -32.45 28.87
CA GLY D 70 -16.47 -33.55 29.03
C GLY D 70 -17.70 -33.25 29.88
N GLN D 71 -17.49 -32.56 31.00
CA GLN D 71 -18.59 -32.24 31.89
C GLN D 71 -19.47 -31.10 31.40
N ALA D 72 -18.94 -30.26 30.53
CA ALA D 72 -19.68 -29.12 30.02
C ALA D 72 -20.66 -29.49 28.90
N ILE D 73 -20.42 -30.61 28.24
CA ILE D 73 -21.28 -31.02 27.13
C ILE D 73 -22.35 -32.07 27.45
N ILE D 74 -22.27 -32.68 28.62
CA ILE D 74 -23.25 -33.70 28.99
C ILE D 74 -24.68 -33.20 28.74
N GLY D 75 -25.43 -33.97 27.97
CA GLY D 75 -26.80 -33.58 27.67
C GLY D 75 -26.93 -32.80 26.37
N LEU D 76 -25.84 -32.69 25.63
CA LEU D 76 -25.89 -31.99 24.35
C LEU D 76 -25.91 -33.01 23.21
N ASN D 77 -26.45 -32.60 22.06
CA ASN D 77 -26.53 -33.50 20.91
C ASN D 77 -25.20 -33.51 20.18
N PRO D 78 -24.67 -34.71 19.88
CA PRO D 78 -23.39 -34.83 19.18
C PRO D 78 -23.44 -34.11 17.82
N PHE D 79 -24.65 -33.89 17.31
CA PHE D 79 -24.86 -33.21 16.04
C PHE D 79 -24.77 -31.69 16.15
N ASN D 80 -24.91 -31.17 17.36
CA ASN D 80 -24.82 -29.73 17.57
C ASN D 80 -23.34 -29.38 17.68
N ILE D 81 -22.57 -29.81 16.69
CA ILE D 81 -21.13 -29.56 16.67
C ILE D 81 -20.86 -28.07 16.84
N GLU D 82 -21.82 -27.25 16.43
CA GLU D 82 -21.69 -25.79 16.56
C GLU D 82 -21.62 -25.36 18.03
N LYS D 83 -22.67 -25.66 18.80
CA LYS D 83 -22.67 -25.26 20.20
C LYS D 83 -21.54 -25.88 21.01
N ILE D 84 -21.20 -27.13 20.70
CA ILE D 84 -20.13 -27.81 21.42
C ILE D 84 -18.82 -27.02 21.32
N HIS D 85 -18.37 -26.77 20.09
CA HIS D 85 -17.14 -26.01 19.90
C HIS D 85 -17.26 -24.64 20.53
N GLU D 86 -18.49 -24.14 20.60
CA GLU D 86 -18.74 -22.85 21.22
C GLU D 86 -18.50 -22.95 22.72
N VAL D 87 -18.90 -24.08 23.31
CA VAL D 87 -18.73 -24.28 24.75
C VAL D 87 -17.25 -24.48 25.11
N MET D 88 -16.52 -25.22 24.30
CA MET D 88 -15.11 -25.45 24.56
C MET D 88 -14.34 -24.14 24.47
N ASP D 89 -14.57 -23.39 23.38
CA ASP D 89 -13.90 -22.12 23.18
C ASP D 89 -14.21 -21.16 24.30
N LYS D 90 -15.33 -21.39 24.97
CA LYS D 90 -15.76 -20.56 26.10
C LYS D 90 -14.95 -20.93 27.34
N ILE D 91 -14.49 -22.18 27.40
CA ILE D 91 -13.73 -22.68 28.54
C ILE D 91 -12.23 -22.37 28.48
N SER D 92 -11.57 -22.75 27.39
CA SER D 92 -10.13 -22.51 27.21
C SER D 92 -9.83 -21.73 25.94
N ALA D 93 -9.17 -20.57 26.10
CA ALA D 93 -8.83 -19.72 24.98
C ALA D 93 -7.83 -20.39 24.03
N PHE D 94 -7.35 -21.57 24.40
CA PHE D 94 -6.39 -22.29 23.57
C PHE D 94 -6.09 -23.68 24.10
N ALA D 95 -6.44 -24.69 23.31
CA ALA D 95 -6.22 -26.08 23.66
C ALA D 95 -6.74 -26.96 22.51
N PRO D 96 -6.07 -26.88 21.35
CA PRO D 96 -6.42 -27.64 20.14
C PRO D 96 -6.37 -29.16 20.24
N ALA D 97 -5.54 -29.69 21.12
CA ALA D 97 -5.44 -31.15 21.27
C ALA D 97 -6.68 -31.69 21.98
N ALA D 98 -7.15 -30.94 22.97
CA ALA D 98 -8.32 -31.34 23.73
C ALA D 98 -9.57 -31.32 22.85
N LYS D 99 -9.81 -30.17 22.21
CA LYS D 99 -10.97 -29.98 21.35
C LYS D 99 -11.05 -30.98 20.21
N ALA D 100 -9.90 -31.34 19.65
CA ALA D 100 -9.88 -32.32 18.57
C ALA D 100 -10.42 -33.66 19.08
N ALA D 101 -10.05 -33.99 20.32
CA ALA D 101 -10.46 -35.25 20.96
C ALA D 101 -11.98 -35.34 21.10
N ILE D 102 -12.59 -34.28 21.60
CA ILE D 102 -14.04 -34.21 21.78
C ILE D 102 -14.68 -34.20 20.39
N ASP D 103 -14.24 -33.23 19.58
CA ASP D 103 -14.73 -33.06 18.22
C ASP D 103 -14.80 -34.37 17.46
N ILE D 104 -13.67 -35.06 17.36
CA ILE D 104 -13.61 -36.32 16.63
C ILE D 104 -14.57 -37.38 17.18
N ALA D 105 -14.76 -37.38 18.49
CA ALA D 105 -15.66 -38.35 19.11
C ALA D 105 -17.07 -38.06 18.61
N CYS D 106 -17.47 -36.80 18.71
CA CYS D 106 -18.79 -36.36 18.26
C CYS D 106 -19.06 -36.72 16.82
N TYR D 107 -18.10 -36.48 15.94
CA TYR D 107 -18.28 -36.81 14.53
C TYR D 107 -18.42 -38.32 14.33
N ASP D 108 -17.71 -39.09 15.13
CA ASP D 108 -17.79 -40.55 15.04
C ASP D 108 -19.22 -40.96 15.36
N LEU D 109 -19.79 -40.36 16.41
CA LEU D 109 -21.17 -40.62 16.80
C LEU D 109 -22.10 -40.29 15.64
N MET D 110 -21.96 -39.08 15.10
CA MET D 110 -22.78 -38.64 13.98
C MET D 110 -22.79 -39.72 12.90
N GLY D 111 -21.60 -40.20 12.54
CA GLY D 111 -21.51 -41.23 11.53
C GLY D 111 -22.33 -42.44 11.94
N GLN D 112 -22.25 -42.80 13.21
CA GLN D 112 -22.97 -43.94 13.75
C GLN D 112 -24.48 -43.70 13.75
N LYS D 113 -24.92 -42.65 14.43
CA LYS D 113 -26.34 -42.31 14.52
C LYS D 113 -26.96 -41.91 13.18
N ALA D 114 -26.31 -42.27 12.08
CA ALA D 114 -26.81 -41.97 10.75
C ALA D 114 -26.53 -43.20 9.91
N GLN D 115 -25.66 -44.05 10.45
CA GLN D 115 -25.27 -45.29 9.79
C GLN D 115 -24.57 -44.98 8.47
N LEU D 116 -23.61 -44.07 8.54
CA LEU D 116 -22.83 -43.66 7.37
C LEU D 116 -21.36 -43.57 7.76
N PRO D 117 -20.45 -44.05 6.91
CA PRO D 117 -19.05 -43.92 7.32
C PRO D 117 -18.78 -42.42 7.35
N LEU D 118 -17.91 -41.98 8.25
CA LEU D 118 -17.61 -40.55 8.39
C LEU D 118 -17.32 -39.77 7.12
N TYR D 119 -16.64 -40.38 6.15
CA TYR D 119 -16.31 -39.67 4.92
C TYR D 119 -17.54 -39.34 4.07
N GLN D 120 -18.68 -39.90 4.44
CA GLN D 120 -19.93 -39.65 3.73
C GLN D 120 -20.55 -38.36 4.24
N LEU D 121 -20.33 -38.07 5.52
CA LEU D 121 -20.87 -36.84 6.10
C LEU D 121 -19.90 -35.68 5.93
N LEU D 122 -18.75 -35.94 5.34
CA LEU D 122 -17.76 -34.89 5.18
C LEU D 122 -17.49 -34.48 3.73
N GLY D 123 -18.30 -34.96 2.79
CA GLY D 123 -18.11 -34.59 1.40
C GLY D 123 -18.31 -35.73 0.43
N GLY D 124 -17.95 -36.95 0.85
CA GLY D 124 -18.11 -38.12 0.02
C GLY D 124 -17.37 -38.12 -1.31
N TYR D 125 -16.37 -37.26 -1.43
CA TYR D 125 -15.63 -37.17 -2.68
C TYR D 125 -14.88 -38.46 -3.07
N ASP D 126 -14.35 -39.17 -2.08
CA ASP D 126 -13.62 -40.41 -2.33
C ASP D 126 -13.69 -41.26 -1.06
N ASN D 127 -13.34 -42.55 -1.17
CA ASN D 127 -13.40 -43.44 -0.01
C ASN D 127 -12.05 -44.03 0.35
N GLN D 128 -11.00 -43.48 -0.25
CA GLN D 128 -9.63 -43.92 0.02
C GLN D 128 -8.71 -42.72 -0.06
N VAL D 129 -7.47 -42.89 0.38
CA VAL D 129 -6.50 -41.81 0.36
C VAL D 129 -5.08 -42.36 0.30
N ILE D 130 -4.30 -41.89 -0.66
CA ILE D 130 -2.91 -42.33 -0.81
C ILE D 130 -2.00 -41.41 0.00
N THR D 131 -1.23 -42.00 0.91
CA THR D 131 -0.32 -41.21 1.75
C THR D 131 1.16 -41.45 1.47
N ASP D 132 1.99 -40.67 2.16
CA ASP D 132 3.44 -40.77 2.05
C ASP D 132 3.97 -41.28 3.39
N ILE D 133 5.27 -41.46 3.47
CA ILE D 133 5.89 -41.90 4.71
C ILE D 133 7.03 -40.93 5.04
N THR D 134 6.99 -40.39 6.25
CA THR D 134 7.97 -39.42 6.72
C THR D 134 9.31 -39.98 7.18
N LEU D 135 10.35 -39.75 6.38
CA LEU D 135 11.70 -40.22 6.69
C LEU D 135 12.37 -39.29 7.69
N GLY D 136 12.55 -39.78 8.92
CA GLY D 136 13.18 -39.00 9.97
C GLY D 136 14.58 -38.52 9.65
N ILE D 137 15.11 -37.61 10.48
CA ILE D 137 16.45 -37.06 10.27
C ILE D 137 17.57 -38.02 10.65
N ASP D 138 18.48 -38.24 9.68
CA ASP D 138 19.62 -39.13 9.90
C ASP D 138 20.75 -38.79 8.93
N GLU D 139 21.54 -39.80 8.55
CA GLU D 139 22.66 -39.60 7.64
C GLU D 139 22.26 -39.72 6.17
N PRO D 140 22.97 -38.99 5.30
CA PRO D 140 22.69 -39.01 3.86
C PRO D 140 22.61 -40.41 3.25
N ASN D 141 23.35 -41.36 3.83
CA ASN D 141 23.34 -42.73 3.32
C ASN D 141 22.28 -43.58 4.03
N VAL D 142 22.06 -43.31 5.31
CA VAL D 142 21.06 -44.04 6.09
C VAL D 142 19.67 -43.78 5.51
N MET D 143 19.31 -42.50 5.39
CA MET D 143 18.02 -42.12 4.84
C MET D 143 17.88 -42.70 3.43
N ALA D 144 18.99 -42.76 2.71
CA ALA D 144 18.99 -43.29 1.36
C ALA D 144 18.62 -44.77 1.41
N GLN D 145 18.90 -45.40 2.54
CA GLN D 145 18.61 -46.81 2.75
C GLN D 145 17.11 -47.02 2.89
N LYS D 146 16.53 -46.36 3.88
CA LYS D 146 15.09 -46.46 4.13
C LYS D 146 14.29 -46.05 2.90
N ALA D 147 14.90 -45.21 2.06
CA ALA D 147 14.23 -44.76 0.84
C ALA D 147 13.88 -45.97 -0.03
N VAL D 148 14.90 -46.66 -0.52
CA VAL D 148 14.69 -47.85 -1.34
C VAL D 148 13.82 -48.83 -0.58
N GLU D 149 13.91 -48.77 0.75
CA GLU D 149 13.15 -49.63 1.64
C GLU D 149 11.66 -49.32 1.49
N LYS D 150 11.28 -48.08 1.78
CA LYS D 150 9.90 -47.65 1.69
C LYS D 150 9.37 -47.77 0.26
N VAL D 151 10.21 -47.43 -0.72
CA VAL D 151 9.83 -47.50 -2.13
C VAL D 151 9.41 -48.92 -2.50
N LYS D 152 9.97 -49.90 -1.80
CA LYS D 152 9.64 -51.30 -2.04
C LYS D 152 8.35 -51.67 -1.33
N LEU D 153 8.07 -51.00 -0.21
CA LEU D 153 6.85 -51.25 0.55
C LEU D 153 5.60 -50.74 -0.18
N GLY D 154 5.80 -50.19 -1.37
CA GLY D 154 4.68 -49.68 -2.16
C GLY D 154 4.60 -48.16 -2.30
N PHE D 155 5.32 -47.44 -1.45
CA PHE D 155 5.32 -45.98 -1.47
C PHE D 155 5.96 -45.35 -2.69
N ASP D 156 5.35 -44.26 -3.14
CA ASP D 156 5.83 -43.54 -4.32
C ASP D 156 6.09 -42.08 -3.97
N THR D 157 5.85 -41.73 -2.70
CA THR D 157 6.05 -40.38 -2.20
C THR D 157 6.71 -40.40 -0.82
N LEU D 158 7.87 -39.76 -0.72
CA LEU D 158 8.60 -39.73 0.54
C LEU D 158 8.74 -38.32 1.07
N LYS D 159 8.44 -38.16 2.37
CA LYS D 159 8.53 -36.88 3.05
C LYS D 159 9.83 -36.85 3.84
N ILE D 160 10.84 -36.19 3.29
CA ILE D 160 12.16 -36.10 3.91
C ILE D 160 12.29 -34.99 4.93
N LYS D 161 12.75 -35.34 6.14
CA LYS D 161 12.94 -34.36 7.19
C LYS D 161 14.36 -33.81 7.17
N VAL D 162 14.50 -32.50 7.08
CA VAL D 162 15.81 -31.85 7.06
C VAL D 162 15.81 -30.76 8.11
N GLY D 163 16.95 -30.09 8.28
CA GLY D 163 17.02 -29.02 9.25
C GLY D 163 18.28 -28.96 10.09
N THR D 164 19.36 -29.57 9.64
CA THR D 164 20.61 -29.52 10.39
C THR D 164 21.50 -28.40 9.85
N GLY D 165 21.64 -28.37 8.53
CA GLY D 165 22.44 -27.36 7.87
C GLY D 165 22.29 -27.58 6.38
N ILE D 166 21.98 -26.52 5.63
CA ILE D 166 21.80 -26.66 4.20
C ILE D 166 22.92 -27.49 3.57
N GLU D 167 24.07 -27.51 4.23
CA GLU D 167 25.21 -28.28 3.72
C GLU D 167 24.81 -29.75 3.73
N ALA D 168 24.46 -30.25 4.91
CA ALA D 168 24.05 -31.63 5.08
C ALA D 168 22.69 -31.93 4.47
N ASP D 169 21.73 -31.05 4.74
CA ASP D 169 20.37 -31.23 4.22
C ASP D 169 20.38 -31.50 2.72
N ILE D 170 21.21 -30.76 1.98
CA ILE D 170 21.28 -30.96 0.55
C ILE D 170 21.89 -32.34 0.27
N ALA D 171 22.87 -32.71 1.10
CA ALA D 171 23.55 -34.00 0.96
C ALA D 171 22.53 -35.13 1.04
N ARG D 172 21.64 -35.05 2.02
CA ARG D 172 20.61 -36.06 2.22
C ARG D 172 19.75 -36.25 0.97
N VAL D 173 19.14 -35.16 0.52
CA VAL D 173 18.28 -35.18 -0.66
C VAL D 173 18.96 -35.81 -1.85
N LYS D 174 20.12 -35.30 -2.23
CA LYS D 174 20.86 -35.82 -3.36
C LYS D 174 21.03 -37.34 -3.24
N ALA D 175 21.55 -37.79 -2.10
CA ALA D 175 21.76 -39.20 -1.85
C ALA D 175 20.49 -40.00 -2.11
N ILE D 176 19.41 -39.59 -1.45
CA ILE D 176 18.12 -40.25 -1.60
C ILE D 176 17.66 -40.27 -3.05
N ARG D 177 17.66 -39.10 -3.70
CA ARG D 177 17.24 -39.01 -5.09
C ARG D 177 18.02 -39.97 -5.99
N GLU D 178 19.29 -40.20 -5.65
CA GLU D 178 20.13 -41.09 -6.43
C GLU D 178 19.77 -42.54 -6.11
N ALA D 179 19.42 -42.78 -4.85
CA ALA D 179 19.06 -44.11 -4.40
C ALA D 179 17.67 -44.58 -4.82
N VAL D 180 16.88 -43.68 -5.43
CA VAL D 180 15.54 -44.07 -5.86
C VAL D 180 15.15 -43.61 -7.27
N GLY D 181 15.94 -42.71 -7.84
CA GLY D 181 15.64 -42.23 -9.18
C GLY D 181 14.45 -41.29 -9.23
N PHE D 182 14.32 -40.58 -10.35
CA PHE D 182 13.25 -39.61 -10.56
C PHE D 182 11.89 -40.26 -10.78
N ASP D 183 11.64 -41.37 -10.09
CA ASP D 183 10.39 -42.09 -10.22
C ASP D 183 9.53 -41.89 -8.99
N ILE D 184 10.18 -41.61 -7.87
CA ILE D 184 9.49 -41.39 -6.61
C ILE D 184 9.37 -39.90 -6.32
N LYS D 185 8.21 -39.49 -5.80
CA LYS D 185 8.00 -38.09 -5.46
C LYS D 185 8.71 -37.85 -4.14
N LEU D 186 9.32 -36.67 -4.00
CA LEU D 186 10.04 -36.32 -2.79
C LEU D 186 9.66 -34.92 -2.30
N ARG D 187 9.21 -34.84 -1.05
CA ARG D 187 8.84 -33.57 -0.47
C ARG D 187 9.70 -33.34 0.78
N LEU D 188 10.17 -32.11 0.95
CA LEU D 188 11.01 -31.75 2.09
C LEU D 188 10.27 -30.99 3.17
N ASP D 189 10.71 -31.17 4.42
CA ASP D 189 10.11 -30.50 5.56
C ASP D 189 11.24 -30.12 6.50
N ALA D 190 11.50 -28.82 6.64
CA ALA D 190 12.59 -28.35 7.49
C ALA D 190 12.17 -27.92 8.88
N ASN D 191 10.87 -27.92 9.14
CA ASN D 191 10.37 -27.53 10.45
C ASN D 191 10.96 -26.22 10.98
N GLN D 192 10.90 -25.17 10.17
CA GLN D 192 11.39 -23.85 10.58
C GLN D 192 12.90 -23.74 10.76
N ALA D 193 13.65 -24.63 10.11
CA ALA D 193 15.09 -24.65 10.26
C ALA D 193 15.93 -23.58 9.57
N TRP D 194 15.57 -23.22 8.34
CA TRP D 194 16.36 -22.25 7.60
C TRP D 194 15.95 -20.78 7.63
N THR D 195 16.93 -19.93 7.30
CA THR D 195 16.70 -18.51 7.20
C THR D 195 16.05 -18.41 5.84
N PRO D 196 15.35 -17.31 5.56
CA PRO D 196 14.72 -17.20 4.24
C PRO D 196 15.70 -17.33 3.07
N LYS D 197 16.86 -16.71 3.19
CA LYS D 197 17.82 -16.79 2.09
C LYS D 197 18.51 -18.15 1.99
N ASP D 198 18.82 -18.77 3.12
CA ASP D 198 19.45 -20.09 3.07
C ASP D 198 18.46 -21.03 2.39
N ALA D 199 17.20 -20.90 2.79
CA ALA D 199 16.12 -21.72 2.22
C ALA D 199 16.12 -21.61 0.71
N VAL D 200 16.13 -20.37 0.21
CA VAL D 200 16.13 -20.14 -1.22
C VAL D 200 17.38 -20.74 -1.86
N LYS D 201 18.51 -20.56 -1.20
CA LYS D 201 19.79 -21.09 -1.69
C LYS D 201 19.70 -22.61 -1.78
N ALA D 202 19.22 -23.22 -0.71
CA ALA D 202 19.07 -24.67 -0.66
C ALA D 202 18.15 -25.16 -1.78
N ILE D 203 16.92 -24.63 -1.80
CA ILE D 203 15.93 -25.00 -2.80
C ILE D 203 16.45 -24.91 -4.22
N GLN D 204 17.27 -23.91 -4.51
CA GLN D 204 17.82 -23.76 -5.86
C GLN D 204 18.90 -24.81 -6.10
N ALA D 205 19.60 -25.19 -5.03
CA ALA D 205 20.65 -26.20 -5.13
C ALA D 205 20.03 -27.51 -5.59
N LEU D 206 18.96 -27.93 -4.92
CA LEU D 206 18.27 -29.15 -5.26
C LEU D 206 17.39 -28.97 -6.51
N ALA D 207 17.68 -27.93 -7.27
CA ALA D 207 16.92 -27.62 -8.48
C ALA D 207 16.63 -28.83 -9.36
N ASP D 208 17.65 -29.34 -10.04
CA ASP D 208 17.46 -30.49 -10.92
C ASP D 208 17.26 -31.83 -10.21
N TYR D 209 16.93 -31.78 -8.92
CA TYR D 209 16.68 -33.00 -8.17
C TYR D 209 15.18 -33.24 -8.07
N GLN D 210 14.43 -32.45 -8.84
CA GLN D 210 12.98 -32.55 -8.91
C GLN D 210 12.25 -32.61 -7.56
N ILE D 211 12.52 -31.67 -6.66
CA ILE D 211 11.83 -31.67 -5.37
C ILE D 211 10.39 -31.29 -5.66
N GLU D 212 9.44 -31.89 -4.94
CA GLU D 212 8.03 -31.57 -5.17
C GLU D 212 7.68 -30.24 -4.51
N LEU D 213 7.80 -30.22 -3.18
CA LEU D 213 7.49 -29.03 -2.41
C LEU D 213 8.35 -29.00 -1.16
N VAL D 214 8.47 -27.83 -0.53
CA VAL D 214 9.25 -27.70 0.69
C VAL D 214 8.31 -27.17 1.77
N GLU D 215 8.25 -27.88 2.88
CA GLU D 215 7.36 -27.52 3.98
C GLU D 215 8.03 -26.60 4.99
N GLN D 216 7.28 -25.61 5.48
CA GLN D 216 7.74 -24.64 6.49
C GLN D 216 9.25 -24.47 6.58
N PRO D 217 9.86 -23.83 5.57
CA PRO D 217 11.32 -23.65 5.62
C PRO D 217 11.85 -22.62 6.61
N VAL D 218 10.99 -21.74 7.11
CA VAL D 218 11.42 -20.72 8.06
C VAL D 218 10.55 -20.68 9.31
N LYS D 219 11.01 -19.95 10.32
CA LYS D 219 10.27 -19.82 11.56
C LYS D 219 8.79 -19.58 11.29
N ARG D 220 7.94 -20.07 12.20
CA ARG D 220 6.49 -19.94 12.05
C ARG D 220 5.94 -18.52 12.12
N ARG D 221 6.55 -17.67 12.94
CA ARG D 221 6.07 -16.29 13.07
C ARG D 221 6.67 -15.37 12.01
N ASP D 222 7.58 -15.89 11.20
CA ASP D 222 8.21 -15.10 10.16
C ASP D 222 7.49 -15.25 8.82
N LEU D 223 6.29 -14.70 8.74
CA LEU D 223 5.48 -14.79 7.54
C LEU D 223 6.11 -14.01 6.39
N GLU D 224 6.87 -12.97 6.72
CA GLU D 224 7.55 -12.14 5.74
C GLU D 224 8.58 -12.99 5.01
N GLY D 225 9.43 -13.65 5.80
CA GLY D 225 10.46 -14.49 5.22
C GLY D 225 9.88 -15.67 4.49
N LEU D 226 8.73 -16.16 4.96
CA LEU D 226 8.04 -17.29 4.35
C LEU D 226 7.56 -16.91 2.96
N LYS D 227 6.92 -15.75 2.86
CA LYS D 227 6.43 -15.26 1.58
C LYS D 227 7.62 -15.04 0.66
N TYR D 228 8.73 -14.58 1.24
CA TYR D 228 9.95 -14.34 0.49
C TYR D 228 10.30 -15.62 -0.26
N VAL D 229 10.45 -16.71 0.48
CA VAL D 229 10.79 -18.01 -0.09
C VAL D 229 9.83 -18.38 -1.22
N THR D 230 8.53 -18.28 -0.95
CA THR D 230 7.52 -18.62 -1.92
C THR D 230 7.67 -17.80 -3.20
N SER D 231 7.98 -16.53 -3.05
CA SER D 231 8.13 -15.65 -4.20
C SER D 231 9.49 -15.74 -4.89
N GLN D 232 10.46 -16.34 -4.22
CA GLN D 232 11.80 -16.48 -4.77
C GLN D 232 12.04 -17.74 -5.60
N VAL D 233 11.18 -18.75 -5.46
CA VAL D 233 11.35 -19.98 -6.21
C VAL D 233 10.07 -20.39 -6.90
N ASN D 234 10.18 -21.31 -7.86
CA ASN D 234 9.01 -21.80 -8.58
C ASN D 234 8.50 -23.01 -7.81
N THR D 235 9.38 -23.59 -6.99
CA THR D 235 9.04 -24.75 -6.17
C THR D 235 7.82 -24.43 -5.33
N THR D 236 7.01 -25.45 -5.07
CA THR D 236 5.81 -25.29 -4.26
C THR D 236 6.21 -25.20 -2.79
N ILE D 237 5.73 -24.17 -2.10
CA ILE D 237 6.05 -23.97 -0.69
C ILE D 237 4.80 -24.16 0.17
N MET D 238 4.92 -25.01 1.18
CA MET D 238 3.81 -25.32 2.07
C MET D 238 4.03 -24.74 3.46
N ALA D 239 2.94 -24.31 4.08
CA ALA D 239 3.00 -23.78 5.42
C ALA D 239 2.45 -24.83 6.37
N ASP D 240 3.13 -25.02 7.50
CA ASP D 240 2.67 -25.98 8.48
C ASP D 240 2.45 -25.24 9.80
N GLU D 241 3.53 -25.06 10.55
CA GLU D 241 3.45 -24.39 11.83
C GLU D 241 2.98 -22.93 11.71
N SER D 242 3.05 -22.38 10.50
CA SER D 242 2.60 -21.00 10.29
C SER D 242 1.08 -20.92 10.28
N CYS D 243 0.42 -22.06 10.11
CA CYS D 243 -1.04 -22.08 10.09
C CYS D 243 -1.66 -23.11 11.02
N PHE D 244 -2.24 -22.64 12.12
CA PHE D 244 -2.90 -23.52 13.07
C PHE D 244 -4.40 -23.63 12.78
N ASP D 245 -5.09 -22.48 12.77
CA ASP D 245 -6.53 -22.46 12.54
C ASP D 245 -6.99 -21.74 11.28
N ALA D 246 -8.31 -21.55 11.20
CA ALA D 246 -8.93 -20.89 10.06
C ALA D 246 -8.48 -19.44 10.00
N GLN D 247 -8.28 -18.81 11.16
CA GLN D 247 -7.84 -17.43 11.19
C GLN D 247 -6.45 -17.29 10.60
N ASP D 248 -5.56 -18.25 10.88
CA ASP D 248 -4.21 -18.19 10.32
C ASP D 248 -4.31 -18.34 8.80
N ALA D 249 -5.16 -19.26 8.37
CA ALA D 249 -5.38 -19.54 6.96
C ALA D 249 -5.80 -18.26 6.25
N LEU D 250 -6.73 -17.53 6.87
CA LEU D 250 -7.24 -16.29 6.31
C LEU D 250 -6.11 -15.26 6.16
N GLU D 251 -5.31 -15.11 7.21
CA GLU D 251 -4.19 -14.17 7.13
C GLU D 251 -3.20 -14.60 6.05
N LEU D 252 -2.91 -15.90 5.98
CA LEU D 252 -1.98 -16.40 4.98
C LEU D 252 -2.48 -16.18 3.55
N VAL D 253 -3.78 -16.35 3.35
CA VAL D 253 -4.34 -16.14 2.01
C VAL D 253 -4.37 -14.65 1.69
N LYS D 254 -4.56 -13.81 2.69
CA LYS D 254 -4.58 -12.36 2.50
C LYS D 254 -3.21 -11.86 2.02
N LYS D 255 -2.15 -12.46 2.55
CA LYS D 255 -0.79 -12.07 2.19
C LYS D 255 -0.18 -12.89 1.05
N GLY D 256 -0.91 -13.90 0.57
CA GLY D 256 -0.38 -14.74 -0.48
C GLY D 256 0.96 -15.31 -0.01
N THR D 257 1.00 -15.73 1.25
CA THR D 257 2.20 -16.26 1.90
C THR D 257 2.79 -17.58 1.37
N VAL D 258 1.94 -18.54 1.06
CA VAL D 258 2.42 -19.83 0.57
C VAL D 258 1.56 -20.37 -0.56
N ASP D 259 1.95 -21.53 -1.07
CA ASP D 259 1.23 -22.18 -2.17
C ASP D 259 0.28 -23.26 -1.69
N VAL D 260 0.61 -23.89 -0.57
CA VAL D 260 -0.18 -24.99 -0.02
C VAL D 260 -0.18 -24.94 1.50
N ILE D 261 -1.24 -25.44 2.13
CA ILE D 261 -1.35 -25.43 3.58
C ILE D 261 -1.52 -26.83 4.16
N ASN D 262 -0.82 -27.09 5.26
CA ASN D 262 -0.90 -28.39 5.94
C ASN D 262 -1.90 -28.30 7.07
N ILE D 263 -2.95 -29.12 7.00
CA ILE D 263 -3.97 -29.13 8.05
C ILE D 263 -3.73 -30.30 9.01
N LYS D 264 -3.76 -30.01 10.30
CA LYS D 264 -3.59 -31.03 11.33
C LYS D 264 -4.75 -30.84 12.29
N LEU D 265 -5.52 -31.91 12.50
CA LEU D 265 -6.67 -31.83 13.42
C LEU D 265 -6.17 -31.41 14.80
N MET D 266 -4.94 -31.81 15.12
CA MET D 266 -4.33 -31.47 16.40
C MET D 266 -3.89 -30.00 16.48
N LYS D 267 -3.84 -29.33 15.33
CA LYS D 267 -3.44 -27.93 15.28
C LYS D 267 -4.65 -27.00 15.34
N CYS D 268 -5.69 -27.32 14.57
CA CYS D 268 -6.90 -26.50 14.51
C CYS D 268 -7.99 -26.81 15.53
N GLY D 269 -8.01 -28.03 16.05
CA GLY D 269 -9.02 -28.38 17.03
C GLY D 269 -10.05 -29.37 16.53
N GLY D 270 -9.66 -30.19 15.55
CA GLY D 270 -10.59 -31.18 15.03
C GLY D 270 -11.17 -30.91 13.66
N ILE D 271 -12.04 -31.81 13.23
CA ILE D 271 -12.69 -31.76 11.93
C ILE D 271 -13.51 -30.50 11.64
N HIS D 272 -14.25 -30.01 12.64
CA HIS D 272 -15.07 -28.81 12.44
C HIS D 272 -14.22 -27.64 11.95
N GLU D 273 -13.09 -27.42 12.62
CA GLU D 273 -12.18 -26.34 12.27
C GLU D 273 -11.42 -26.64 10.98
N ALA D 274 -11.00 -27.90 10.82
CA ALA D 274 -10.27 -28.30 9.64
C ALA D 274 -11.08 -28.01 8.37
N LEU D 275 -12.40 -28.15 8.48
CA LEU D 275 -13.26 -27.91 7.33
C LEU D 275 -13.16 -26.44 6.93
N LYS D 276 -13.25 -25.55 7.91
CA LYS D 276 -13.14 -24.12 7.65
C LYS D 276 -11.85 -23.86 6.86
N ILE D 277 -10.73 -24.34 7.39
CA ILE D 277 -9.44 -24.14 6.75
C ILE D 277 -9.43 -24.56 5.29
N ASN D 278 -9.90 -25.78 5.02
CA ASN D 278 -9.92 -26.26 3.65
C ASN D 278 -10.81 -25.39 2.77
N GLN D 279 -11.94 -24.95 3.33
CA GLN D 279 -12.90 -24.11 2.61
C GLN D 279 -12.23 -22.81 2.20
N ILE D 280 -11.56 -22.19 3.16
CA ILE D 280 -10.86 -20.93 2.94
C ILE D 280 -9.75 -21.08 1.91
N CYS D 281 -8.98 -22.15 2.02
CA CYS D 281 -7.89 -22.39 1.07
C CYS D 281 -8.46 -22.67 -0.31
N GLU D 282 -9.43 -23.58 -0.38
CA GLU D 282 -10.06 -23.93 -1.63
C GLU D 282 -10.57 -22.68 -2.37
N THR D 283 -11.25 -21.81 -1.65
CA THR D 283 -11.79 -20.59 -2.23
C THR D 283 -10.64 -19.70 -2.74
N ALA D 284 -9.51 -19.74 -2.04
CA ALA D 284 -8.35 -18.94 -2.39
C ALA D 284 -7.45 -19.61 -3.42
N GLY D 285 -7.86 -20.79 -3.90
CA GLY D 285 -7.06 -21.51 -4.87
C GLY D 285 -5.81 -22.15 -4.27
N ILE D 286 -5.86 -22.45 -2.97
CA ILE D 286 -4.75 -23.07 -2.27
C ILE D 286 -5.12 -24.50 -1.85
N GLU D 287 -4.42 -25.49 -2.38
CA GLU D 287 -4.70 -26.88 -2.02
C GLU D 287 -4.19 -27.15 -0.61
N CYS D 288 -4.70 -28.21 0.01
CA CYS D 288 -4.30 -28.57 1.37
C CYS D 288 -3.76 -30.00 1.44
N MET D 289 -2.93 -30.25 2.45
CA MET D 289 -2.39 -31.58 2.70
C MET D 289 -2.77 -31.87 4.13
N ILE D 290 -3.27 -33.07 4.39
CA ILE D 290 -3.66 -33.45 5.74
C ILE D 290 -2.43 -34.01 6.45
N GLY D 291 -2.12 -33.42 7.60
CA GLY D 291 -0.96 -33.88 8.35
C GLY D 291 -1.32 -34.59 9.63
N CYS D 292 -0.30 -34.91 10.42
CA CYS D 292 -0.51 -35.59 11.69
C CYS D 292 0.71 -35.43 12.56
N MET D 293 0.51 -35.63 13.85
CA MET D 293 1.61 -35.56 14.81
C MET D 293 2.10 -36.99 14.93
N ALA D 294 3.40 -37.18 15.17
CA ALA D 294 3.94 -38.53 15.30
C ALA D 294 3.36 -39.21 16.54
N GLU D 295 2.80 -38.40 17.44
CA GLU D 295 2.20 -38.88 18.67
C GLU D 295 0.82 -39.55 18.51
N GLU D 296 -0.17 -38.78 18.06
CA GLU D 296 -1.52 -39.32 17.90
C GLU D 296 -1.51 -40.70 17.24
N THR D 297 -2.53 -41.50 17.55
CA THR D 297 -2.62 -42.86 17.01
C THR D 297 -3.82 -43.12 16.10
N THR D 298 -4.14 -44.39 15.91
CA THR D 298 -5.23 -44.86 15.06
C THR D 298 -6.47 -43.95 14.99
N ILE D 299 -6.98 -43.48 16.12
CA ILE D 299 -8.16 -42.62 16.09
C ILE D 299 -7.87 -41.40 15.20
N GLY D 300 -6.92 -40.57 15.64
CA GLY D 300 -6.56 -39.38 14.89
C GLY D 300 -6.30 -39.61 13.42
N ILE D 301 -5.43 -40.57 13.10
CA ILE D 301 -5.12 -40.85 11.70
C ILE D 301 -6.38 -41.26 10.93
N THR D 302 -7.28 -41.98 11.60
CA THR D 302 -8.51 -42.43 10.99
C THR D 302 -9.46 -41.26 10.70
N ALA D 303 -9.65 -40.42 11.70
CA ALA D 303 -10.51 -39.26 11.58
C ALA D 303 -10.00 -38.31 10.51
N ALA D 304 -8.70 -38.39 10.22
CA ALA D 304 -8.06 -37.53 9.24
C ALA D 304 -8.14 -38.11 7.84
N ALA D 305 -8.04 -39.43 7.73
CA ALA D 305 -8.12 -40.08 6.43
C ALA D 305 -9.53 -39.90 5.87
N HIS D 306 -10.52 -39.79 6.76
CA HIS D 306 -11.91 -39.61 6.37
C HIS D 306 -12.15 -38.20 5.84
N LEU D 307 -11.73 -37.19 6.60
CA LEU D 307 -11.88 -35.81 6.19
C LEU D 307 -11.21 -35.59 4.84
N ALA D 308 -10.03 -36.18 4.69
CA ALA D 308 -9.23 -36.05 3.47
C ALA D 308 -9.88 -36.73 2.29
N ALA D 309 -10.32 -37.96 2.50
CA ALA D 309 -10.97 -38.73 1.45
C ALA D 309 -12.19 -37.94 0.97
N ALA D 310 -12.93 -37.38 1.92
CA ALA D 310 -14.14 -36.61 1.67
C ALA D 310 -13.97 -35.28 0.93
N GLN D 311 -12.87 -34.57 1.21
CA GLN D 311 -12.62 -33.25 0.61
C GLN D 311 -11.73 -33.21 -0.62
N LYS D 312 -12.30 -32.75 -1.73
CA LYS D 312 -11.56 -32.67 -2.98
C LYS D 312 -10.33 -31.78 -2.90
N ASN D 313 -10.42 -30.67 -2.17
CA ASN D 313 -9.31 -29.75 -2.07
C ASN D 313 -8.12 -30.25 -1.25
N ILE D 314 -8.33 -31.35 -0.54
CA ILE D 314 -7.23 -31.93 0.23
C ILE D 314 -6.66 -32.96 -0.74
N THR D 315 -5.60 -32.54 -1.43
CA THR D 315 -4.97 -33.37 -2.45
C THR D 315 -3.76 -34.18 -2.00
N ARG D 316 -3.24 -33.88 -0.82
CA ARG D 316 -2.09 -34.60 -0.31
C ARG D 316 -2.33 -35.17 1.08
N ALA D 317 -1.67 -36.28 1.38
CA ALA D 317 -1.81 -36.91 2.67
C ALA D 317 -0.48 -37.33 3.25
N ASP D 318 -0.30 -37.01 4.53
CA ASP D 318 0.89 -37.35 5.28
C ASP D 318 0.35 -37.95 6.57
N LEU D 319 -0.22 -39.14 6.43
CA LEU D 319 -0.80 -39.84 7.56
C LEU D 319 -0.04 -41.15 7.79
N ASP D 320 1.01 -41.06 8.61
CA ASP D 320 1.85 -42.22 8.91
C ASP D 320 2.23 -42.27 10.39
N ALA D 321 1.36 -41.77 11.26
CA ALA D 321 1.65 -41.78 12.69
C ALA D 321 1.44 -43.16 13.30
N THR D 322 1.01 -44.12 12.49
CA THR D 322 0.78 -45.49 12.96
C THR D 322 1.84 -46.41 12.35
N PHE D 323 2.31 -46.05 11.16
CA PHE D 323 3.32 -46.83 10.47
C PHE D 323 4.57 -47.02 11.34
N GLY D 324 4.62 -46.33 12.48
CA GLY D 324 5.75 -46.45 13.37
C GLY D 324 5.38 -46.86 14.78
N LEU D 325 4.14 -47.27 14.96
CA LEU D 325 3.67 -47.70 16.28
C LEU D 325 3.84 -49.21 16.39
N GLU D 326 3.98 -49.71 17.61
CA GLU D 326 4.13 -51.14 17.84
C GLU D 326 2.74 -51.76 18.00
N THR D 327 1.91 -51.08 18.78
CA THR D 327 0.56 -51.54 19.06
C THR D 327 -0.51 -50.53 18.61
N ALA D 328 -1.76 -50.89 18.86
CA ALA D 328 -2.91 -50.05 18.54
C ALA D 328 -3.74 -50.01 19.82
N PRO D 329 -4.07 -48.80 20.30
CA PRO D 329 -4.86 -48.61 21.52
C PRO D 329 -6.34 -48.95 21.34
N VAL D 330 -6.69 -49.38 20.14
CA VAL D 330 -8.07 -49.71 19.83
C VAL D 330 -8.13 -50.51 18.54
N THR D 331 -9.27 -51.16 18.29
CA THR D 331 -9.44 -51.98 17.09
C THR D 331 -10.17 -51.23 15.99
N GLY D 332 -9.72 -51.42 14.75
CA GLY D 332 -10.34 -50.76 13.61
C GLY D 332 -9.52 -49.58 13.13
N GLY D 333 -10.14 -48.72 12.33
CA GLY D 333 -9.44 -47.55 11.82
C GLY D 333 -8.33 -47.89 10.84
N VAL D 334 -7.38 -46.97 10.71
CA VAL D 334 -6.25 -47.16 9.80
C VAL D 334 -5.33 -48.28 10.29
N SER D 335 -4.83 -49.08 9.35
CA SER D 335 -3.93 -50.19 9.66
C SER D 335 -2.53 -49.69 9.99
N LEU D 336 -1.85 -50.44 10.87
CA LEU D 336 -0.48 -50.09 11.25
C LEU D 336 0.45 -50.46 10.10
N GLU D 337 -0.04 -51.33 9.23
CA GLU D 337 0.73 -51.77 8.07
C GLU D 337 1.32 -50.55 7.37
N ALA D 338 2.59 -50.67 6.97
CA ALA D 338 3.25 -49.57 6.27
C ALA D 338 2.93 -49.64 4.78
N LYS D 339 1.73 -49.18 4.43
CA LYS D 339 1.29 -49.19 3.05
C LYS D 339 0.86 -47.77 2.61
N PRO D 340 1.12 -47.42 1.34
CA PRO D 340 0.75 -46.09 0.86
C PRO D 340 -0.77 -45.94 0.73
N LEU D 341 -1.41 -46.97 0.16
CA LEU D 341 -2.85 -46.96 -0.04
C LEU D 341 -3.66 -47.23 1.23
N LEU D 342 -4.51 -46.27 1.59
CA LEU D 342 -5.37 -46.41 2.77
C LEU D 342 -6.82 -46.37 2.30
N GLU D 343 -7.56 -47.44 2.58
CA GLU D 343 -8.96 -47.52 2.20
C GLU D 343 -9.85 -47.45 3.43
N LEU D 344 -11.07 -46.91 3.25
CA LEU D 344 -12.00 -46.78 4.36
C LEU D 344 -13.22 -47.68 4.19
N GLY D 345 -13.55 -48.41 5.26
CA GLY D 345 -14.69 -49.31 5.23
C GLY D 345 -16.01 -48.58 5.34
N GLU D 346 -17.10 -49.29 5.03
CA GLU D 346 -18.43 -48.70 5.06
C GLU D 346 -19.02 -48.64 6.46
N ALA D 347 -18.23 -49.05 7.46
CA ALA D 347 -18.70 -49.02 8.83
C ALA D 347 -19.16 -47.62 9.19
N ALA D 348 -20.06 -47.50 10.16
CA ALA D 348 -20.56 -46.20 10.58
C ALA D 348 -19.50 -45.40 11.33
N GLY D 349 -19.50 -44.08 11.13
CA GLY D 349 -18.54 -43.22 11.79
C GLY D 349 -17.08 -43.56 11.46
N LEU D 350 -16.26 -43.70 12.50
CA LEU D 350 -14.84 -44.02 12.31
C LEU D 350 -14.59 -45.49 11.99
N GLY D 351 -15.46 -46.36 12.48
CA GLY D 351 -15.29 -47.79 12.25
C GLY D 351 -14.27 -48.32 13.24
N ILE D 352 -14.32 -47.77 14.44
CA ILE D 352 -13.40 -48.13 15.51
C ILE D 352 -14.13 -48.61 16.76
N SER D 353 -13.46 -49.49 17.50
CA SER D 353 -14.00 -50.06 18.74
C SER D 353 -12.85 -50.69 19.55
N HIS D 354 -13.04 -50.82 20.85
CA HIS D 354 -12.04 -51.40 21.74
C HIS D 354 -11.19 -52.46 21.07
N MET E 1 23.87 4.11 46.60
CA MET E 1 25.06 4.40 45.74
C MET E 1 24.87 5.70 44.97
N LYS E 2 25.66 6.71 45.29
CA LYS E 2 25.55 7.99 44.61
C LYS E 2 26.86 8.38 43.91
N ILE E 3 26.72 9.03 42.76
CA ILE E 3 27.88 9.47 42.00
C ILE E 3 28.43 10.73 42.66
N LYS E 4 29.69 10.67 43.04
CA LYS E 4 30.34 11.80 43.71
C LYS E 4 30.96 12.81 42.75
N GLN E 5 31.64 12.30 41.74
CA GLN E 5 32.30 13.18 40.78
C GLN E 5 32.54 12.49 39.47
N VAL E 6 32.73 13.28 38.43
CA VAL E 6 32.98 12.76 37.10
C VAL E 6 34.18 13.50 36.51
N HIS E 7 35.17 12.72 36.07
CA HIS E 7 36.35 13.31 35.46
C HIS E 7 36.50 12.77 34.04
N VAL E 8 37.06 13.59 33.17
CA VAL E 8 37.25 13.17 31.80
C VAL E 8 38.59 13.69 31.29
N ARG E 9 39.27 12.88 30.49
CA ARG E 9 40.55 13.29 29.94
C ARG E 9 40.62 12.98 28.44
N ALA E 10 41.22 13.89 27.70
CA ALA E 10 41.41 13.71 26.26
C ALA E 10 42.51 12.67 26.09
N SER E 11 42.31 11.74 25.16
CA SER E 11 43.29 10.70 24.90
C SER E 11 43.54 10.71 23.40
N LYS E 12 44.81 10.73 23.01
CA LYS E 12 45.19 10.70 21.60
C LYS E 12 46.28 9.67 21.44
N ILE E 13 45.97 8.61 20.71
CA ILE E 13 46.92 7.53 20.50
C ILE E 13 47.07 7.26 19.01
N LYS E 14 48.32 7.32 18.56
CA LYS E 14 48.67 7.09 17.16
C LYS E 14 48.44 5.64 16.74
N LEU E 15 47.97 5.45 15.51
CA LEU E 15 47.76 4.10 15.00
C LEU E 15 49.09 3.66 14.39
N LYS E 16 49.37 2.36 14.42
CA LYS E 16 50.60 1.82 13.86
C LYS E 16 50.68 2.09 12.37
N GLU E 17 49.52 2.18 11.73
CA GLU E 17 49.44 2.45 10.29
C GLU E 17 48.18 3.24 10.01
N THR E 18 48.21 4.04 8.95
CA THR E 18 47.03 4.82 8.58
C THR E 18 45.97 3.82 8.16
N PHE E 19 44.71 4.12 8.46
CA PHE E 19 43.61 3.23 8.14
C PHE E 19 42.68 3.94 7.16
N THR E 20 42.49 3.34 5.99
CA THR E 20 41.65 3.91 4.94
C THR E 20 40.39 3.11 4.61
N ILE E 21 39.24 3.77 4.74
CA ILE E 21 37.95 3.18 4.41
C ILE E 21 37.39 4.14 3.36
N ALA E 22 36.26 3.80 2.76
CA ALA E 22 35.68 4.64 1.71
C ALA E 22 35.41 6.09 2.11
N LEU E 23 35.08 6.32 3.38
CA LEU E 23 34.78 7.67 3.88
C LEU E 23 35.99 8.56 4.15
N GLY E 24 37.18 7.97 4.14
CA GLY E 24 38.39 8.75 4.40
C GLY E 24 39.44 7.92 5.11
N THR E 25 40.37 8.59 5.77
CA THR E 25 41.42 7.87 6.47
C THR E 25 41.67 8.45 7.85
N ILE E 26 42.20 7.62 8.75
CA ILE E 26 42.53 8.08 10.09
C ILE E 26 43.87 7.48 10.51
N GLU E 27 44.65 8.24 11.27
CA GLU E 27 45.94 7.73 11.72
C GLU E 27 46.13 7.87 13.21
N SER E 28 45.05 8.21 13.90
CA SER E 28 45.11 8.39 15.34
C SER E 28 43.77 8.13 16.02
N ALA E 29 43.81 7.42 17.16
CA ALA E 29 42.63 7.12 17.93
C ALA E 29 42.49 8.20 18.99
N ASP E 30 41.65 9.19 18.73
CA ASP E 30 41.44 10.28 19.67
C ASP E 30 40.08 10.08 20.32
N SER E 31 40.06 9.97 21.65
CA SER E 31 38.81 9.75 22.36
C SER E 31 38.82 10.37 23.74
N ALA E 32 37.64 10.51 24.34
CA ALA E 32 37.51 11.06 25.68
C ALA E 32 37.39 9.89 26.64
N ILE E 33 38.13 9.95 27.74
CA ILE E 33 38.09 8.87 28.72
C ILE E 33 37.49 9.41 30.00
N VAL E 34 36.43 8.75 30.46
CA VAL E 34 35.70 9.18 31.65
C VAL E 34 35.92 8.32 32.88
N GLU E 35 35.97 8.98 34.03
CA GLU E 35 36.13 8.33 35.31
C GLU E 35 35.01 8.81 36.21
N ILE E 36 34.13 7.90 36.61
CA ILE E 36 33.06 8.30 37.52
C ILE E 36 33.26 7.53 38.82
N GLU E 37 33.27 8.24 39.93
CA GLU E 37 33.44 7.57 41.22
C GLU E 37 32.31 7.90 42.17
N THR E 38 31.87 6.86 42.88
CA THR E 38 30.79 7.00 43.85
C THR E 38 31.34 7.52 45.16
N GLU E 39 30.47 8.04 46.01
CA GLU E 39 30.90 8.58 47.28
C GLU E 39 31.57 7.52 48.15
N GLU E 40 31.25 6.26 47.87
CA GLU E 40 31.81 5.13 48.62
C GLU E 40 33.17 4.74 48.05
N GLY E 41 33.66 5.49 47.06
CA GLY E 41 34.95 5.20 46.47
C GLY E 41 35.03 4.30 45.26
N LEU E 42 33.90 3.82 44.74
CA LEU E 42 33.93 2.97 43.56
C LEU E 42 34.21 3.82 42.33
N VAL E 43 34.99 3.30 41.39
CA VAL E 43 35.32 4.05 40.18
C VAL E 43 34.97 3.30 38.91
N GLY E 44 34.27 3.98 38.00
CA GLY E 44 33.89 3.38 36.75
C GLY E 44 34.54 4.07 35.56
N TYR E 45 34.91 3.29 34.55
CA TYR E 45 35.56 3.82 33.37
C TYR E 45 34.69 3.78 32.11
N GLY E 46 34.73 4.86 31.35
CA GLY E 46 33.97 4.95 30.13
C GLY E 46 34.81 5.62 29.05
N GLU E 47 34.31 5.61 27.82
CA GLU E 47 35.03 6.24 26.72
C GLU E 47 34.10 6.64 25.59
N GLY E 48 34.43 7.76 24.95
CA GLY E 48 33.67 8.25 23.82
C GLY E 48 34.63 8.43 22.65
N GLY E 49 34.70 7.43 21.77
CA GLY E 49 35.59 7.51 20.62
C GLY E 49 34.81 7.87 19.36
N PRO E 50 34.63 9.17 19.07
CA PRO E 50 33.90 9.67 17.90
C PRO E 50 34.59 9.58 16.55
N GLY E 51 33.83 9.17 15.54
CA GLY E 51 34.33 9.08 14.18
C GLY E 51 33.66 10.21 13.41
N ILE E 52 34.39 11.30 13.22
CA ILE E 52 33.85 12.46 12.53
C ILE E 52 33.15 12.18 11.19
N PHE E 53 33.61 11.20 10.43
CA PHE E 53 32.92 10.94 9.18
C PHE E 53 31.80 9.91 9.27
N ILE E 54 31.34 9.67 10.50
CA ILE E 54 30.24 8.76 10.76
C ILE E 54 29.10 9.50 11.47
N THR E 55 29.43 10.18 12.56
CA THR E 55 28.43 10.91 13.34
C THR E 55 28.67 12.40 13.34
N GLY E 56 29.84 12.81 12.87
CA GLY E 56 30.16 14.22 12.85
C GLY E 56 30.66 14.73 14.19
N GLU E 57 30.80 13.84 15.15
CA GLU E 57 31.28 14.28 16.46
C GLU E 57 32.79 14.49 16.47
N THR E 58 33.24 15.47 17.23
CA THR E 58 34.65 15.78 17.36
C THR E 58 35.06 15.53 18.80
N LEU E 59 36.35 15.43 19.04
CA LEU E 59 36.84 15.21 20.39
C LEU E 59 36.49 16.43 21.25
N ALA E 60 36.63 17.63 20.71
CA ALA E 60 36.35 18.84 21.49
C ALA E 60 34.88 18.91 21.91
N GLY E 61 33.98 18.62 20.98
CA GLY E 61 32.56 18.66 21.30
C GLY E 61 32.17 17.61 22.32
N THR E 62 32.75 16.42 22.19
CA THR E 62 32.46 15.31 23.11
C THR E 62 32.91 15.64 24.53
N LEU E 63 34.12 16.18 24.63
CA LEU E 63 34.68 16.56 25.92
C LEU E 63 33.78 17.57 26.61
N GLU E 64 33.39 18.62 25.88
CA GLU E 64 32.52 19.65 26.44
C GLU E 64 31.14 19.11 26.84
N THR E 65 30.66 18.14 26.07
CA THR E 65 29.35 17.54 26.33
C THR E 65 29.45 16.62 27.56
N ILE E 66 30.53 15.85 27.63
CA ILE E 66 30.72 14.93 28.75
C ILE E 66 30.74 15.71 30.07
N GLU E 67 31.41 16.86 30.08
CA GLU E 67 31.47 17.66 31.30
C GLU E 67 30.06 18.06 31.69
N LEU E 68 29.31 18.61 30.73
CA LEU E 68 27.94 19.03 30.99
C LEU E 68 27.14 17.87 31.58
N PHE E 69 27.31 16.67 31.04
CA PHE E 69 26.60 15.51 31.55
C PHE E 69 27.09 15.22 32.98
N GLY E 70 28.39 15.35 33.19
CA GLY E 70 28.98 15.10 34.49
C GLY E 70 28.39 15.90 35.62
N GLN E 71 28.27 17.22 35.43
CA GLN E 71 27.70 18.07 36.46
C GLN E 71 26.26 17.66 36.78
N ALA E 72 25.53 17.26 35.75
CA ALA E 72 24.13 16.88 35.89
C ALA E 72 23.83 15.53 36.53
N ILE E 73 24.76 14.59 36.47
CA ILE E 73 24.50 13.27 37.04
C ILE E 73 25.09 13.05 38.44
N ILE E 74 25.64 14.12 39.02
CA ILE E 74 26.23 14.02 40.35
C ILE E 74 25.12 13.76 41.37
N GLY E 75 25.28 12.70 42.15
CA GLY E 75 24.30 12.39 43.16
C GLY E 75 23.29 11.35 42.74
N LEU E 76 23.26 11.06 41.43
CA LEU E 76 22.33 10.06 40.91
C LEU E 76 22.90 8.68 41.13
N ASN E 77 22.02 7.68 41.16
CA ASN E 77 22.43 6.31 41.34
C ASN E 77 22.78 5.71 39.99
N PRO E 78 24.03 5.26 39.83
CA PRO E 78 24.49 4.65 38.58
C PRO E 78 23.50 3.61 38.04
N PHE E 79 22.86 2.89 38.96
CA PHE E 79 21.89 1.86 38.58
C PHE E 79 20.67 2.43 37.88
N ASN E 80 20.35 3.68 38.18
CA ASN E 80 19.20 4.32 37.53
C ASN E 80 19.68 4.79 36.16
N ILE E 81 20.06 3.84 35.31
CA ILE E 81 20.53 4.16 33.97
C ILE E 81 19.42 4.86 33.20
N GLU E 82 18.18 4.51 33.54
CA GLU E 82 16.99 5.09 32.93
C GLU E 82 16.99 6.61 33.09
N LYS E 83 17.20 7.09 34.31
CA LYS E 83 17.22 8.53 34.55
C LYS E 83 18.49 9.21 34.06
N ILE E 84 19.59 8.48 34.07
CA ILE E 84 20.86 9.04 33.60
C ILE E 84 20.74 9.36 32.12
N HIS E 85 20.14 8.45 31.36
CA HIS E 85 19.98 8.66 29.93
C HIS E 85 18.93 9.73 29.66
N GLU E 86 17.97 9.83 30.58
CA GLU E 86 16.92 10.83 30.49
C GLU E 86 17.55 12.21 30.64
N VAL E 87 18.45 12.33 31.62
CA VAL E 87 19.14 13.59 31.89
C VAL E 87 20.05 14.01 30.74
N MET E 88 20.69 13.02 30.12
CA MET E 88 21.60 13.29 29.02
C MET E 88 20.83 13.69 27.76
N ASP E 89 19.73 12.99 27.47
CA ASP E 89 18.93 13.33 26.30
C ASP E 89 18.35 14.73 26.43
N LYS E 90 18.09 15.16 27.66
CA LYS E 90 17.55 16.50 27.88
C LYS E 90 18.61 17.59 27.69
N ILE E 91 19.85 17.25 27.99
CA ILE E 91 20.94 18.20 27.84
C ILE E 91 21.34 18.34 26.37
N SER E 92 21.49 17.20 25.69
CA SER E 92 21.89 17.22 24.30
C SER E 92 21.01 16.42 23.36
N ALA E 93 20.63 17.05 22.26
CA ALA E 93 19.78 16.40 21.27
C ALA E 93 20.52 15.27 20.54
N PHE E 94 21.84 15.41 20.40
CA PHE E 94 22.61 14.38 19.71
C PHE E 94 24.09 14.40 20.09
N ALA E 95 24.57 13.29 20.64
CA ALA E 95 25.98 13.15 21.04
C ALA E 95 26.22 11.73 21.56
N PRO E 96 26.00 10.73 20.70
CA PRO E 96 26.19 9.33 21.08
C PRO E 96 27.52 8.97 21.76
N ALA E 97 28.62 9.57 21.32
CA ALA E 97 29.93 9.30 21.91
C ALA E 97 29.98 9.75 23.36
N ALA E 98 29.54 10.99 23.60
CA ALA E 98 29.54 11.54 24.94
C ALA E 98 28.58 10.76 25.85
N LYS E 99 27.39 10.49 25.34
CA LYS E 99 26.40 9.73 26.12
C LYS E 99 26.93 8.33 26.45
N ALA E 100 27.55 7.69 25.47
CA ALA E 100 28.08 6.34 25.66
C ALA E 100 29.22 6.32 26.70
N ALA E 101 29.96 7.42 26.79
CA ALA E 101 31.07 7.54 27.73
C ALA E 101 30.52 7.45 29.15
N ILE E 102 29.48 8.24 29.43
CA ILE E 102 28.86 8.24 30.74
C ILE E 102 28.22 6.87 30.99
N ASP E 103 27.52 6.36 29.98
CA ASP E 103 26.84 5.07 30.03
C ASP E 103 27.74 3.92 30.45
N ILE E 104 28.82 3.72 29.68
CA ILE E 104 29.76 2.65 29.94
C ILE E 104 30.34 2.69 31.35
N ALA E 105 30.64 3.89 31.83
CA ALA E 105 31.19 4.02 33.17
C ALA E 105 30.11 3.65 34.20
N CYS E 106 28.86 4.01 33.89
CA CYS E 106 27.76 3.68 34.78
C CYS E 106 27.60 2.16 34.86
N TYR E 107 27.80 1.47 33.74
CA TYR E 107 27.68 0.01 33.76
C TYR E 107 28.87 -0.63 34.44
N ASP E 108 29.99 0.09 34.49
CA ASP E 108 31.19 -0.41 35.13
C ASP E 108 30.93 -0.36 36.65
N LEU E 109 30.39 0.76 37.12
CA LEU E 109 30.09 0.93 38.53
C LEU E 109 29.06 -0.09 38.98
N MET E 110 28.10 -0.40 38.12
CA MET E 110 27.08 -1.39 38.45
C MET E 110 27.77 -2.73 38.69
N GLY E 111 28.52 -3.18 37.68
CA GLY E 111 29.21 -4.45 37.79
C GLY E 111 30.10 -4.56 39.01
N GLN E 112 30.58 -3.42 39.50
CA GLN E 112 31.43 -3.42 40.67
C GLN E 112 30.63 -3.44 41.96
N LYS E 113 29.56 -2.66 42.01
CA LYS E 113 28.73 -2.65 43.21
C LYS E 113 28.12 -4.03 43.40
N ALA E 114 27.83 -4.70 42.31
CA ALA E 114 27.25 -6.04 42.35
C ALA E 114 28.33 -7.12 42.40
N GLN E 115 29.58 -6.69 42.31
CA GLN E 115 30.71 -7.63 42.33
C GLN E 115 30.50 -8.75 41.32
N LEU E 116 30.23 -8.36 40.08
CA LEU E 116 30.01 -9.32 39.01
C LEU E 116 30.64 -8.79 37.74
N PRO E 117 31.18 -9.69 36.91
CA PRO E 117 31.79 -9.24 35.65
C PRO E 117 30.65 -8.79 34.72
N LEU E 118 30.67 -7.51 34.35
CA LEU E 118 29.65 -6.89 33.50
C LEU E 118 28.82 -7.81 32.58
N TYR E 119 29.47 -8.75 31.90
CA TYR E 119 28.72 -9.63 31.00
C TYR E 119 27.66 -10.50 31.68
N GLN E 120 27.74 -10.68 32.99
CA GLN E 120 26.76 -11.47 33.73
C GLN E 120 25.52 -10.62 33.93
N LEU E 121 25.71 -9.32 34.06
CA LEU E 121 24.61 -8.39 34.24
C LEU E 121 23.91 -8.07 32.92
N LEU E 122 24.52 -8.45 31.80
CA LEU E 122 23.93 -8.16 30.50
C LEU E 122 23.33 -9.35 29.75
N GLY E 123 23.09 -10.46 30.46
CA GLY E 123 22.51 -11.62 29.81
C GLY E 123 23.27 -12.89 30.08
N GLY E 124 24.53 -12.77 30.45
CA GLY E 124 25.36 -13.92 30.75
C GLY E 124 25.34 -15.13 29.85
N TYR E 125 25.21 -14.95 28.53
CA TYR E 125 25.17 -16.08 27.60
C TYR E 125 26.54 -16.72 27.37
N ASP E 126 27.60 -15.92 27.46
CA ASP E 126 28.94 -16.43 27.26
C ASP E 126 29.92 -15.52 28.00
N ASN E 127 31.17 -15.94 28.12
CA ASN E 127 32.19 -15.16 28.83
C ASN E 127 33.37 -14.78 27.94
N GLN E 128 33.18 -14.91 26.63
CA GLN E 128 34.22 -14.59 25.68
C GLN E 128 33.57 -14.17 24.36
N VAL E 129 34.40 -13.87 23.37
CA VAL E 129 33.90 -13.48 22.05
C VAL E 129 35.02 -13.58 21.03
N ILE E 130 34.64 -13.99 19.82
CA ILE E 130 35.59 -14.12 18.73
C ILE E 130 35.33 -13.00 17.74
N THR E 131 36.38 -12.28 17.35
CA THR E 131 36.22 -11.18 16.43
C THR E 131 37.02 -11.32 15.15
N ASP E 132 36.58 -10.61 14.12
CA ASP E 132 37.26 -10.63 12.84
C ASP E 132 38.31 -9.54 12.98
N ILE E 133 39.04 -9.29 11.90
CA ILE E 133 40.03 -8.21 11.87
C ILE E 133 39.82 -7.56 10.51
N THR E 134 39.75 -6.24 10.49
CA THR E 134 39.51 -5.50 9.26
C THR E 134 40.76 -5.15 8.46
N LEU E 135 40.66 -5.23 7.13
CA LEU E 135 41.76 -4.86 6.25
C LEU E 135 41.38 -3.54 5.56
N GLY E 136 42.14 -2.49 5.85
CA GLY E 136 41.86 -1.20 5.24
C GLY E 136 42.06 -1.25 3.73
N ILE E 137 41.50 -0.27 3.02
CA ILE E 137 41.62 -0.22 1.58
C ILE E 137 43.06 -0.03 1.13
N ASP E 138 43.46 -0.82 0.13
CA ASP E 138 44.81 -0.74 -0.43
C ASP E 138 44.81 -1.52 -1.74
N GLU E 139 45.95 -1.56 -2.41
CA GLU E 139 46.08 -2.30 -3.66
C GLU E 139 45.74 -3.75 -3.38
N PRO E 140 45.10 -4.42 -4.35
CA PRO E 140 44.71 -5.83 -4.24
C PRO E 140 45.81 -6.73 -3.68
N ASN E 141 46.94 -6.77 -4.36
CA ASN E 141 48.06 -7.60 -3.93
C ASN E 141 48.48 -7.25 -2.50
N VAL E 142 48.40 -5.97 -2.15
CA VAL E 142 48.76 -5.52 -0.81
C VAL E 142 47.82 -6.11 0.24
N MET E 143 46.51 -5.91 0.02
CA MET E 143 45.50 -6.44 0.93
C MET E 143 45.62 -7.96 1.00
N ALA E 144 45.79 -8.57 -0.16
CA ALA E 144 45.93 -10.02 -0.25
C ALA E 144 47.07 -10.44 0.67
N GLN E 145 48.19 -9.74 0.56
CA GLN E 145 49.38 -10.01 1.37
C GLN E 145 49.06 -9.97 2.87
N LYS E 146 48.54 -8.84 3.33
CA LYS E 146 48.21 -8.70 4.75
C LYS E 146 47.18 -9.72 5.20
N ALA E 147 46.27 -10.08 4.31
CA ALA E 147 45.23 -11.05 4.62
C ALA E 147 45.85 -12.32 5.20
N VAL E 148 46.92 -12.79 4.56
CA VAL E 148 47.59 -13.99 5.00
C VAL E 148 48.27 -13.78 6.35
N GLU E 149 48.82 -12.59 6.55
CA GLU E 149 49.50 -12.27 7.80
C GLU E 149 48.50 -12.31 8.95
N LYS E 150 47.30 -11.81 8.71
CA LYS E 150 46.27 -11.80 9.75
C LYS E 150 45.79 -13.23 9.99
N VAL E 151 45.74 -14.03 8.92
CA VAL E 151 45.31 -15.41 9.04
C VAL E 151 46.29 -16.17 9.92
N LYS E 152 47.58 -16.00 9.64
CA LYS E 152 48.62 -16.67 10.41
C LYS E 152 48.45 -16.37 11.90
N LEU E 153 47.94 -15.17 12.20
CA LEU E 153 47.71 -14.78 13.59
C LEU E 153 46.56 -15.56 14.23
N GLY E 154 45.86 -16.36 13.41
CA GLY E 154 44.76 -17.15 13.93
C GLY E 154 43.36 -16.64 13.59
N PHE E 155 43.26 -15.74 12.63
CA PHE E 155 41.97 -15.18 12.24
C PHE E 155 41.25 -16.00 11.18
N ASP E 156 40.04 -16.43 11.51
CA ASP E 156 39.20 -17.23 10.61
C ASP E 156 38.32 -16.36 9.73
N THR E 157 38.01 -15.16 10.21
CA THR E 157 37.16 -14.24 9.49
C THR E 157 37.85 -12.91 9.26
N LEU E 158 37.75 -12.40 8.03
CA LEU E 158 38.37 -11.12 7.68
C LEU E 158 37.35 -10.15 7.13
N LYS E 159 37.39 -8.91 7.60
CA LYS E 159 36.49 -7.86 7.14
C LYS E 159 37.26 -7.05 6.10
N ILE E 160 36.83 -7.13 4.84
CA ILE E 160 37.48 -6.44 3.75
C ILE E 160 36.84 -5.10 3.40
N LYS E 161 37.58 -4.02 3.59
CA LYS E 161 37.09 -2.68 3.28
C LYS E 161 37.26 -2.42 1.78
N VAL E 162 36.23 -1.84 1.17
CA VAL E 162 36.24 -1.51 -0.25
C VAL E 162 35.48 -0.21 -0.48
N GLY E 163 35.44 0.25 -1.73
CA GLY E 163 34.70 1.47 -2.02
C GLY E 163 35.39 2.53 -2.85
N THR E 164 36.28 2.14 -3.76
CA THR E 164 36.95 3.13 -4.59
C THR E 164 36.41 3.06 -6.02
N GLY E 165 35.79 1.92 -6.33
CA GLY E 165 35.20 1.69 -7.63
C GLY E 165 34.99 0.19 -7.73
N ILE E 166 33.77 -0.22 -8.10
CA ILE E 166 33.47 -1.66 -8.18
C ILE E 166 34.52 -2.46 -8.95
N GLU E 167 35.02 -1.89 -10.04
CA GLU E 167 36.02 -2.58 -10.85
C GLU E 167 37.22 -2.96 -9.98
N ALA E 168 37.74 -2.00 -9.23
CA ALA E 168 38.87 -2.23 -8.36
C ALA E 168 38.49 -2.98 -7.08
N ASP E 169 37.27 -2.75 -6.60
CA ASP E 169 36.82 -3.42 -5.38
C ASP E 169 36.71 -4.91 -5.64
N ILE E 170 36.23 -5.26 -6.82
CA ILE E 170 36.09 -6.66 -7.18
C ILE E 170 37.49 -7.29 -7.19
N ALA E 171 38.45 -6.63 -7.82
CA ALA E 171 39.82 -7.12 -7.92
C ALA E 171 40.43 -7.40 -6.54
N ARG E 172 40.13 -6.51 -5.60
CA ARG E 172 40.65 -6.67 -4.25
C ARG E 172 40.11 -7.95 -3.65
N VAL E 173 38.79 -8.10 -3.67
CA VAL E 173 38.14 -9.27 -3.09
C VAL E 173 38.64 -10.60 -3.64
N LYS E 174 38.71 -10.73 -4.96
CA LYS E 174 39.17 -11.98 -5.55
C LYS E 174 40.65 -12.26 -5.26
N ALA E 175 41.46 -11.21 -5.23
CA ALA E 175 42.88 -11.37 -4.94
C ALA E 175 43.05 -11.96 -3.55
N ILE E 176 42.31 -11.38 -2.59
CA ILE E 176 42.36 -11.84 -1.21
C ILE E 176 41.89 -13.29 -1.08
N ARG E 177 40.79 -13.62 -1.74
CA ARG E 177 40.23 -14.97 -1.66
C ARG E 177 41.20 -16.04 -2.14
N GLU E 178 41.73 -15.88 -3.35
CA GLU E 178 42.66 -16.88 -3.86
C GLU E 178 43.96 -16.87 -3.09
N ALA E 179 44.14 -15.86 -2.24
CA ALA E 179 45.34 -15.77 -1.44
C ALA E 179 45.20 -16.48 -0.10
N VAL E 180 43.97 -16.63 0.38
CA VAL E 180 43.75 -17.29 1.67
C VAL E 180 42.96 -18.59 1.61
N GLY E 181 42.45 -18.94 0.44
CA GLY E 181 41.68 -20.18 0.33
C GLY E 181 40.23 -19.95 0.73
N PHE E 182 39.40 -20.99 0.65
CA PHE E 182 38.00 -20.84 0.98
C PHE E 182 37.61 -21.18 2.42
N ASP E 183 38.61 -21.46 3.25
CA ASP E 183 38.33 -21.77 4.65
C ASP E 183 38.14 -20.50 5.46
N ILE E 184 38.65 -19.39 4.92
CA ILE E 184 38.56 -18.10 5.57
C ILE E 184 37.25 -17.39 5.22
N LYS E 185 36.53 -16.96 6.24
CA LYS E 185 35.25 -16.26 6.04
C LYS E 185 35.52 -14.81 5.67
N LEU E 186 34.96 -14.37 4.56
CA LEU E 186 35.15 -13.00 4.12
C LEU E 186 33.87 -12.17 4.12
N ARG E 187 33.92 -11.03 4.79
CA ARG E 187 32.77 -10.12 4.83
C ARG E 187 33.27 -8.77 4.32
N LEU E 188 32.53 -8.18 3.39
CA LEU E 188 32.91 -6.90 2.80
C LEU E 188 32.21 -5.73 3.46
N ASP E 189 32.82 -4.55 3.37
CA ASP E 189 32.23 -3.32 3.91
C ASP E 189 32.58 -2.20 2.95
N ALA E 190 31.58 -1.71 2.21
CA ALA E 190 31.80 -0.64 1.23
C ALA E 190 31.66 0.76 1.81
N ASN E 191 31.21 0.84 3.06
CA ASN E 191 30.98 2.11 3.72
C ASN E 191 30.25 3.12 2.82
N GLN E 192 29.07 2.73 2.33
CA GLN E 192 28.23 3.61 1.53
C GLN E 192 28.73 4.04 0.15
N ALA E 193 29.77 3.38 -0.34
CA ALA E 193 30.38 3.74 -1.61
C ALA E 193 29.66 3.41 -2.92
N TRP E 194 28.78 2.43 -2.92
CA TRP E 194 28.13 2.05 -4.16
C TRP E 194 26.68 2.46 -4.34
N THR E 195 26.28 2.58 -5.60
CA THR E 195 24.89 2.90 -5.94
C THR E 195 24.20 1.54 -5.83
N PRO E 196 22.87 1.53 -5.68
CA PRO E 196 22.17 0.25 -5.58
C PRO E 196 22.48 -0.76 -6.70
N LYS E 197 22.25 -0.36 -7.94
CA LYS E 197 22.49 -1.28 -9.05
C LYS E 197 23.95 -1.71 -9.18
N ASP E 198 24.87 -0.83 -8.84
CA ASP E 198 26.29 -1.19 -8.91
C ASP E 198 26.59 -2.20 -7.81
N ALA E 199 25.97 -2.01 -6.64
CA ALA E 199 26.18 -2.93 -5.52
C ALA E 199 25.71 -4.33 -5.94
N VAL E 200 24.56 -4.37 -6.60
CA VAL E 200 24.04 -5.65 -7.07
C VAL E 200 25.02 -6.27 -8.06
N LYS E 201 25.45 -5.48 -9.04
CA LYS E 201 26.39 -5.98 -10.03
C LYS E 201 27.63 -6.55 -9.34
N ALA E 202 28.24 -5.76 -8.47
CA ALA E 202 29.44 -6.19 -7.77
C ALA E 202 29.22 -7.50 -7.02
N ILE E 203 28.19 -7.55 -6.18
CA ILE E 203 27.89 -8.75 -5.42
C ILE E 203 27.70 -10.00 -6.28
N GLN E 204 26.99 -9.86 -7.39
CA GLN E 204 26.78 -10.99 -8.28
C GLN E 204 28.11 -11.40 -8.88
N ALA E 205 28.94 -10.41 -9.20
CA ALA E 205 30.24 -10.67 -9.77
C ALA E 205 31.09 -11.47 -8.77
N LEU E 206 30.86 -11.26 -7.47
CA LEU E 206 31.61 -11.99 -6.45
C LEU E 206 30.95 -13.29 -5.99
N ALA E 207 29.95 -13.72 -6.76
CA ALA E 207 29.19 -14.93 -6.46
C ALA E 207 30.03 -16.16 -6.13
N ASP E 208 30.93 -16.52 -7.05
CA ASP E 208 31.77 -17.69 -6.86
C ASP E 208 32.80 -17.54 -5.76
N TYR E 209 32.97 -16.32 -5.24
CA TYR E 209 33.96 -16.09 -4.21
C TYR E 209 33.55 -16.31 -2.77
N GLN E 210 32.33 -16.82 -2.56
CA GLN E 210 31.84 -17.11 -1.21
C GLN E 210 31.93 -15.95 -0.23
N ILE E 211 31.17 -14.89 -0.50
CA ILE E 211 31.16 -13.73 0.38
C ILE E 211 30.17 -13.98 1.52
N GLU E 212 30.63 -13.92 2.77
CA GLU E 212 29.74 -14.14 3.91
C GLU E 212 28.65 -13.09 3.94
N LEU E 213 29.05 -11.83 3.79
CA LEU E 213 28.09 -10.73 3.81
C LEU E 213 28.71 -9.45 3.29
N VAL E 214 27.84 -8.49 2.98
CA VAL E 214 28.26 -7.19 2.49
C VAL E 214 27.63 -6.15 3.40
N GLU E 215 28.48 -5.29 3.94
CA GLU E 215 28.05 -4.24 4.86
C GLU E 215 27.81 -2.90 4.17
N GLN E 216 26.72 -2.24 4.56
CA GLN E 216 26.32 -0.94 4.06
C GLN E 216 26.88 -0.60 2.67
N PRO E 217 26.28 -1.19 1.62
CA PRO E 217 26.72 -0.95 0.24
C PRO E 217 26.33 0.41 -0.33
N VAL E 218 25.23 0.98 0.17
CA VAL E 218 24.74 2.27 -0.32
C VAL E 218 24.69 3.36 0.76
N LYS E 219 24.44 4.60 0.32
CA LYS E 219 24.35 5.74 1.24
C LYS E 219 23.40 5.47 2.41
N ARG E 220 23.78 5.95 3.59
CA ARG E 220 22.97 5.72 4.78
C ARG E 220 21.52 6.20 4.76
N ARG E 221 21.24 7.26 4.01
CA ARG E 221 19.88 7.77 3.96
C ARG E 221 19.05 7.12 2.86
N ASP E 222 19.70 6.34 2.00
CA ASP E 222 19.01 5.68 0.89
C ASP E 222 18.48 4.30 1.28
N LEU E 223 17.46 4.29 2.12
CA LEU E 223 16.84 3.07 2.60
C LEU E 223 16.17 2.24 1.50
N GLU E 224 15.53 2.92 0.55
CA GLU E 224 14.89 2.20 -0.53
C GLU E 224 15.97 1.48 -1.34
N GLY E 225 17.11 2.16 -1.50
CA GLY E 225 18.19 1.58 -2.27
C GLY E 225 18.83 0.41 -1.55
N LEU E 226 18.95 0.52 -0.23
CA LEU E 226 19.56 -0.55 0.54
C LEU E 226 18.66 -1.77 0.51
N LYS E 227 17.35 -1.55 0.60
CA LYS E 227 16.40 -2.65 0.56
C LYS E 227 16.42 -3.31 -0.83
N TYR E 228 16.64 -2.49 -1.85
CA TYR E 228 16.72 -3.01 -3.21
C TYR E 228 17.86 -4.02 -3.26
N VAL E 229 19.02 -3.61 -2.74
CA VAL E 229 20.17 -4.51 -2.76
C VAL E 229 19.88 -5.79 -2.01
N THR E 230 19.34 -5.68 -0.80
CA THR E 230 19.03 -6.85 0.02
C THR E 230 18.07 -7.83 -0.69
N SER E 231 17.10 -7.30 -1.41
CA SER E 231 16.16 -8.18 -2.10
C SER E 231 16.54 -8.57 -3.51
N GLN E 232 17.73 -8.16 -3.96
CA GLN E 232 18.18 -8.50 -5.32
C GLN E 232 19.29 -9.53 -5.34
N VAL E 233 19.81 -9.88 -4.17
CA VAL E 233 20.89 -10.85 -4.09
C VAL E 233 20.66 -11.80 -2.92
N ASN E 234 21.20 -13.01 -3.04
CA ASN E 234 21.06 -13.99 -1.99
C ASN E 234 22.05 -13.70 -0.85
N THR E 235 23.14 -13.02 -1.19
CA THR E 235 24.14 -12.66 -0.19
C THR E 235 23.51 -11.87 0.96
N THR E 236 24.02 -12.10 2.16
CA THR E 236 23.53 -11.43 3.35
C THR E 236 23.93 -9.95 3.33
N ILE E 237 22.96 -9.07 3.58
CA ILE E 237 23.23 -7.63 3.57
C ILE E 237 23.06 -7.02 4.97
N MET E 238 24.09 -6.30 5.39
CA MET E 238 24.06 -5.69 6.70
C MET E 238 24.05 -4.17 6.66
N ALA E 239 23.28 -3.59 7.57
CA ALA E 239 23.19 -2.15 7.67
C ALA E 239 24.16 -1.72 8.78
N ASP E 240 24.85 -0.61 8.56
CA ASP E 240 25.75 -0.05 9.54
C ASP E 240 25.38 1.41 9.74
N GLU E 241 25.86 2.28 8.86
CA GLU E 241 25.55 3.70 8.99
C GLU E 241 24.05 4.02 8.90
N SER E 242 23.28 3.11 8.32
CA SER E 242 21.83 3.31 8.20
C SER E 242 21.07 3.05 9.50
N CYS E 243 21.78 2.64 10.56
CA CYS E 243 21.15 2.37 11.84
C CYS E 243 22.02 2.80 13.02
N PHE E 244 21.70 3.95 13.60
CA PHE E 244 22.43 4.48 14.73
C PHE E 244 21.84 4.00 16.06
N ASP E 245 20.51 4.09 16.19
CA ASP E 245 19.83 3.75 17.43
C ASP E 245 18.60 2.86 17.30
N ALA E 246 17.89 2.71 18.43
CA ALA E 246 16.68 1.88 18.52
C ALA E 246 15.62 2.28 17.49
N GLN E 247 15.34 3.58 17.40
CA GLN E 247 14.33 4.05 16.46
C GLN E 247 14.67 3.70 15.02
N ASP E 248 15.94 3.79 14.64
CA ASP E 248 16.33 3.45 13.27
C ASP E 248 16.15 1.96 13.05
N ALA E 249 16.48 1.17 14.07
CA ALA E 249 16.38 -0.28 13.96
C ALA E 249 14.94 -0.69 13.74
N LEU E 250 14.03 0.02 14.41
CA LEU E 250 12.60 -0.26 14.29
C LEU E 250 12.13 0.09 12.88
N GLU E 251 12.66 1.18 12.33
CA GLU E 251 12.28 1.57 10.97
C GLU E 251 12.76 0.49 9.98
N LEU E 252 14.00 0.03 10.13
CA LEU E 252 14.57 -0.97 9.25
C LEU E 252 13.81 -2.30 9.32
N VAL E 253 13.29 -2.65 10.50
CA VAL E 253 12.54 -3.90 10.64
C VAL E 253 11.16 -3.76 10.02
N LYS E 254 10.55 -2.59 10.16
CA LYS E 254 9.23 -2.38 9.59
C LYS E 254 9.27 -2.43 8.06
N LYS E 255 10.36 -1.91 7.48
CA LYS E 255 10.50 -1.88 6.03
C LYS E 255 11.21 -3.11 5.44
N GLY E 256 11.78 -3.94 6.30
CA GLY E 256 12.48 -5.12 5.81
C GLY E 256 13.68 -4.74 4.96
N THR E 257 14.41 -3.72 5.40
CA THR E 257 15.57 -3.20 4.70
C THR E 257 16.82 -4.07 4.57
N VAL E 258 17.22 -4.74 5.64
CA VAL E 258 18.43 -5.58 5.61
C VAL E 258 18.24 -6.93 6.32
N ASP E 259 19.30 -7.73 6.34
CA ASP E 259 19.28 -9.05 6.98
C ASP E 259 19.93 -9.00 8.37
N VAL E 260 21.04 -8.27 8.47
CA VAL E 260 21.77 -8.14 9.73
C VAL E 260 21.99 -6.67 10.02
N ILE E 261 22.16 -6.34 11.29
CA ILE E 261 22.39 -4.96 11.69
C ILE E 261 23.62 -4.85 12.59
N ASN E 262 24.51 -3.93 12.22
CA ASN E 262 25.74 -3.69 12.97
C ASN E 262 25.46 -2.70 14.10
N ILE E 263 25.80 -3.10 15.33
CA ILE E 263 25.60 -2.25 16.49
C ILE E 263 26.93 -1.65 16.99
N LYS E 264 26.93 -0.35 17.26
CA LYS E 264 28.12 0.33 17.77
C LYS E 264 27.68 1.18 18.95
N LEU E 265 28.36 1.02 20.08
CA LEU E 265 28.01 1.79 21.26
C LEU E 265 28.16 3.28 20.98
N MET E 266 29.15 3.62 20.16
CA MET E 266 29.42 5.01 19.81
C MET E 266 28.38 5.57 18.84
N LYS E 267 27.55 4.69 18.27
CA LYS E 267 26.49 5.11 17.36
C LYS E 267 25.17 5.32 18.11
N CYS E 268 24.87 4.42 19.03
CA CYS E 268 23.61 4.48 19.78
C CYS E 268 23.66 5.20 21.13
N GLY E 269 24.86 5.53 21.61
CA GLY E 269 24.94 6.25 22.88
C GLY E 269 25.07 5.39 24.12
N GLY E 270 25.56 4.16 23.97
CA GLY E 270 25.73 3.31 25.14
C GLY E 270 25.15 1.92 25.10
N ILE E 271 25.45 1.17 26.15
CA ILE E 271 24.99 -0.20 26.32
C ILE E 271 23.47 -0.25 26.50
N HIS E 272 22.92 0.76 27.16
CA HIS E 272 21.49 0.82 27.43
C HIS E 272 20.68 0.90 26.12
N GLU E 273 21.22 1.60 25.14
CA GLU E 273 20.57 1.75 23.85
C GLU E 273 20.90 0.56 22.95
N ALA E 274 22.12 0.04 23.09
CA ALA E 274 22.53 -1.10 22.26
C ALA E 274 21.63 -2.27 22.58
N LEU E 275 21.28 -2.41 23.86
CA LEU E 275 20.39 -3.47 24.31
C LEU E 275 19.05 -3.35 23.62
N LYS E 276 18.53 -2.13 23.53
CA LYS E 276 17.23 -1.90 22.87
C LYS E 276 17.30 -2.42 21.43
N ILE E 277 18.34 -2.00 20.72
CA ILE E 277 18.57 -2.41 19.33
C ILE E 277 18.58 -3.92 19.17
N ASN E 278 19.30 -4.62 20.04
CA ASN E 278 19.35 -6.07 19.94
C ASN E 278 17.98 -6.68 20.30
N GLN E 279 17.26 -6.06 21.22
CA GLN E 279 15.93 -6.55 21.61
C GLN E 279 15.05 -6.56 20.36
N ILE E 280 15.00 -5.40 19.72
CA ILE E 280 14.22 -5.17 18.52
C ILE E 280 14.59 -6.13 17.38
N CYS E 281 15.87 -6.21 17.06
CA CYS E 281 16.32 -7.08 15.99
C CYS E 281 15.99 -8.54 16.22
N GLU E 282 16.31 -9.02 17.42
CA GLU E 282 16.06 -10.41 17.77
C GLU E 282 14.59 -10.78 17.59
N THR E 283 13.72 -9.88 18.04
CA THR E 283 12.28 -10.08 17.92
C THR E 283 11.84 -10.14 16.47
N ALA E 284 12.55 -9.41 15.60
CA ALA E 284 12.23 -9.40 14.18
C ALA E 284 12.92 -10.54 13.44
N GLY E 285 13.87 -11.20 14.10
CA GLY E 285 14.58 -12.29 13.47
C GLY E 285 15.87 -11.85 12.79
N ILE E 286 16.33 -10.67 13.16
CA ILE E 286 17.55 -10.10 12.60
C ILE E 286 18.70 -10.25 13.59
N GLU E 287 19.76 -10.93 13.18
CA GLU E 287 20.91 -11.09 14.06
C GLU E 287 21.72 -9.81 14.00
N CYS E 288 22.56 -9.59 15.01
CA CYS E 288 23.38 -8.38 15.04
C CYS E 288 24.87 -8.69 15.12
N MET E 289 25.68 -7.69 14.79
CA MET E 289 27.13 -7.80 14.86
C MET E 289 27.60 -6.61 15.66
N ILE E 290 28.39 -6.85 16.70
CA ILE E 290 28.90 -5.76 17.50
C ILE E 290 30.09 -5.20 16.72
N GLY E 291 30.18 -3.87 16.63
CA GLY E 291 31.27 -3.27 15.88
C GLY E 291 31.92 -2.16 16.68
N CYS E 292 32.86 -1.45 16.04
CA CYS E 292 33.57 -0.39 16.73
C CYS E 292 34.07 0.69 15.80
N MET E 293 34.45 1.82 16.39
CA MET E 293 35.02 2.94 15.66
C MET E 293 36.53 2.70 15.75
N ALA E 294 37.30 3.18 14.79
CA ALA E 294 38.74 3.00 14.83
C ALA E 294 39.34 3.88 15.92
N GLU E 295 38.61 4.93 16.28
CA GLU E 295 39.07 5.87 17.29
C GLU E 295 38.85 5.43 18.73
N GLU E 296 38.24 4.27 18.96
CA GLU E 296 38.06 3.84 20.33
C GLU E 296 39.13 2.86 20.77
N THR E 297 39.36 2.82 22.08
CA THR E 297 40.39 1.96 22.62
C THR E 297 39.85 0.94 23.61
N THR E 298 40.72 0.50 24.52
CA THR E 298 40.41 -0.50 25.53
C THR E 298 39.04 -0.42 26.20
N ILE E 299 38.67 0.73 26.73
CA ILE E 299 37.38 0.86 27.41
C ILE E 299 36.17 0.58 26.50
N GLY E 300 36.12 1.22 25.34
CA GLY E 300 35.00 1.00 24.43
C GLY E 300 34.92 -0.43 23.95
N ILE E 301 36.06 -0.97 23.51
CA ILE E 301 36.12 -2.32 23.02
C ILE E 301 35.77 -3.34 24.10
N THR E 302 36.32 -3.14 25.30
CA THR E 302 36.05 -4.05 26.41
C THR E 302 34.55 -4.05 26.74
N ALA E 303 33.94 -2.88 26.81
CA ALA E 303 32.53 -2.78 27.12
C ALA E 303 31.73 -3.52 26.04
N ALA E 304 32.09 -3.32 24.79
CA ALA E 304 31.39 -3.97 23.68
C ALA E 304 31.58 -5.49 23.67
N ALA E 305 32.72 -5.96 24.16
CA ALA E 305 32.98 -7.39 24.20
C ALA E 305 32.04 -8.04 25.23
N HIS E 306 31.86 -7.36 26.36
CA HIS E 306 30.97 -7.86 27.42
C HIS E 306 29.53 -8.00 26.92
N LEU E 307 29.04 -6.96 26.26
CA LEU E 307 27.68 -6.96 25.73
C LEU E 307 27.48 -8.06 24.71
N ALA E 308 28.47 -8.28 23.84
CA ALA E 308 28.38 -9.30 22.81
C ALA E 308 28.37 -10.70 23.42
N ALA E 309 29.19 -10.89 24.44
CA ALA E 309 29.26 -12.19 25.12
C ALA E 309 27.93 -12.42 25.80
N ALA E 310 27.42 -11.39 26.46
CA ALA E 310 26.16 -11.49 27.19
C ALA E 310 24.92 -11.78 26.33
N GLN E 311 24.88 -11.21 25.14
CA GLN E 311 23.74 -11.34 24.23
C GLN E 311 23.82 -12.39 23.14
N LYS E 312 22.84 -13.29 23.13
CA LYS E 312 22.81 -14.36 22.14
C LYS E 312 22.57 -13.88 20.70
N ASN E 313 21.78 -12.83 20.52
CA ASN E 313 21.49 -12.36 19.16
C ASN E 313 22.67 -11.62 18.53
N ILE E 314 23.66 -11.27 19.35
CA ILE E 314 24.85 -10.60 18.82
C ILE E 314 25.78 -11.76 18.48
N THR E 315 25.60 -12.27 17.27
CA THR E 315 26.30 -13.43 16.74
C THR E 315 27.60 -13.18 15.98
N ARG E 316 27.96 -11.91 15.81
CA ARG E 316 29.18 -11.56 15.10
C ARG E 316 29.90 -10.45 15.85
N ALA E 317 31.21 -10.37 15.65
CA ALA E 317 31.97 -9.34 16.33
C ALA E 317 33.06 -8.74 15.44
N ASP E 318 33.13 -7.42 15.47
CA ASP E 318 34.14 -6.68 14.72
C ASP E 318 34.69 -5.69 15.73
N LEU E 319 35.47 -6.22 16.66
CA LEU E 319 36.08 -5.45 17.74
C LEU E 319 37.59 -5.50 17.59
N ASP E 320 38.10 -4.82 16.56
CA ASP E 320 39.53 -4.84 16.26
C ASP E 320 40.23 -3.50 16.43
N ALA E 321 39.61 -2.58 17.15
CA ALA E 321 40.18 -1.25 17.34
C ALA E 321 41.50 -1.21 18.10
N THR E 322 41.68 -2.11 19.07
CA THR E 322 42.91 -2.10 19.85
C THR E 322 44.11 -2.70 19.10
N PHE E 323 43.84 -3.53 18.10
CA PHE E 323 44.94 -4.16 17.37
C PHE E 323 45.82 -3.17 16.61
N GLY E 324 45.31 -1.96 16.39
CA GLY E 324 46.08 -0.97 15.67
C GLY E 324 46.64 0.12 16.56
N LEU E 325 46.44 -0.02 17.87
CA LEU E 325 46.91 0.97 18.82
C LEU E 325 48.38 0.82 19.17
N GLU E 326 49.05 1.95 19.33
CA GLU E 326 50.46 1.97 19.70
C GLU E 326 50.55 1.64 21.18
N THR E 327 49.59 2.14 21.94
CA THR E 327 49.55 1.93 23.38
C THR E 327 48.12 1.96 23.92
N ALA E 328 47.94 1.51 25.16
CA ALA E 328 46.64 1.51 25.81
C ALA E 328 46.58 2.68 26.79
N PRO E 329 45.50 3.47 26.75
CA PRO E 329 45.36 4.61 27.64
C PRO E 329 44.93 4.21 29.04
N VAL E 330 44.72 2.92 29.24
CA VAL E 330 44.27 2.44 30.54
C VAL E 330 44.81 1.04 30.82
N THR E 331 44.67 0.59 32.07
CA THR E 331 45.16 -0.74 32.45
C THR E 331 44.06 -1.79 32.52
N GLY E 332 44.35 -2.97 31.99
CA GLY E 332 43.39 -4.06 32.01
C GLY E 332 42.50 -4.09 30.79
N GLY E 333 41.41 -4.84 30.86
CA GLY E 333 40.49 -4.94 29.74
C GLY E 333 41.06 -5.70 28.57
N VAL E 334 40.39 -5.59 27.42
CA VAL E 334 40.83 -6.27 26.21
C VAL E 334 42.22 -5.78 25.84
N SER E 335 43.09 -6.73 25.50
CA SER E 335 44.48 -6.46 25.16
C SER E 335 44.73 -5.88 23.77
N LEU E 336 45.86 -5.20 23.62
CA LEU E 336 46.27 -4.60 22.35
C LEU E 336 46.70 -5.69 21.39
N GLU E 337 46.90 -6.90 21.91
CA GLU E 337 47.31 -8.03 21.10
C GLU E 337 46.32 -8.35 19.98
N ALA E 338 46.85 -8.60 18.78
CA ALA E 338 46.04 -8.93 17.63
C ALA E 338 45.72 -10.43 17.64
N LYS E 339 44.63 -10.77 18.31
CA LYS E 339 44.18 -12.16 18.41
C LYS E 339 42.67 -12.21 18.16
N PRO E 340 42.17 -13.32 17.58
CA PRO E 340 40.74 -13.44 17.31
C PRO E 340 39.89 -13.72 18.54
N LEU E 341 40.49 -14.35 19.55
CA LEU E 341 39.75 -14.67 20.77
C LEU E 341 39.89 -13.60 21.84
N LEU E 342 38.76 -13.13 22.34
CA LEU E 342 38.76 -12.12 23.41
C LEU E 342 38.08 -12.75 24.62
N GLU E 343 38.89 -13.27 25.54
CA GLU E 343 38.33 -13.89 26.73
C GLU E 343 38.14 -12.87 27.84
N LEU E 344 36.92 -12.79 28.36
CA LEU E 344 36.62 -11.86 29.43
C LEU E 344 36.93 -12.57 30.75
N GLY E 345 37.50 -11.85 31.70
CA GLY E 345 37.86 -12.44 32.96
C GLY E 345 36.74 -12.45 33.98
N GLU E 346 37.08 -12.75 35.23
CA GLU E 346 36.10 -12.79 36.29
C GLU E 346 36.09 -11.53 37.14
N ALA E 347 36.86 -10.53 36.71
CA ALA E 347 36.93 -9.27 37.41
C ALA E 347 35.57 -8.58 37.36
N ALA E 348 35.30 -7.73 38.34
CA ALA E 348 34.04 -6.99 38.42
C ALA E 348 33.97 -5.77 37.51
N GLY E 349 32.83 -5.60 36.84
CA GLY E 349 32.67 -4.48 35.95
C GLY E 349 33.49 -4.72 34.70
N LEU E 350 34.27 -3.73 34.28
CA LEU E 350 35.11 -3.87 33.09
C LEU E 350 36.48 -4.45 33.40
N GLY E 351 36.88 -4.38 34.66
CA GLY E 351 38.17 -4.90 35.06
C GLY E 351 39.26 -4.01 34.50
N ILE E 352 38.98 -2.71 34.53
CA ILE E 352 39.91 -1.72 34.02
C ILE E 352 40.26 -0.71 35.11
N SER E 353 41.53 -0.32 35.17
CA SER E 353 41.97 0.63 36.17
C SER E 353 42.99 1.58 35.56
N HIS E 354 43.25 2.68 36.25
CA HIS E 354 44.22 3.65 35.78
C HIS E 354 45.10 4.08 36.94
N MET F 1 28.00 -19.08 40.15
CA MET F 1 26.68 -19.48 40.73
C MET F 1 26.01 -20.50 39.83
N LYS F 2 25.49 -21.58 40.41
CA LYS F 2 24.82 -22.62 39.64
C LYS F 2 23.51 -23.10 40.28
N ILE F 3 22.63 -23.64 39.44
CA ILE F 3 21.34 -24.15 39.90
C ILE F 3 21.50 -25.61 40.34
N LYS F 4 21.14 -25.88 41.59
CA LYS F 4 21.25 -27.23 42.15
C LYS F 4 20.01 -28.06 41.86
N GLN F 5 18.85 -27.56 42.31
CA GLN F 5 17.59 -28.26 42.10
C GLN F 5 16.45 -27.27 41.88
N VAL F 6 15.40 -27.74 41.22
CA VAL F 6 14.25 -26.92 40.94
C VAL F 6 13.01 -27.58 41.57
N HIS F 7 12.39 -26.88 42.53
CA HIS F 7 11.21 -27.39 43.20
C HIS F 7 9.98 -26.59 42.76
N VAL F 8 8.85 -27.28 42.62
CA VAL F 8 7.61 -26.63 42.21
C VAL F 8 6.39 -27.30 42.84
N ARG F 9 5.62 -26.53 43.60
CA ARG F 9 4.42 -27.06 44.25
C ARG F 9 3.19 -26.38 43.67
N ALA F 10 2.10 -26.33 44.45
CA ALA F 10 0.86 -25.69 44.00
C ALA F 10 0.24 -24.86 45.11
N SER F 11 -0.40 -23.76 44.73
CA SER F 11 -1.04 -22.87 45.70
C SER F 11 -2.45 -22.50 45.28
N LYS F 12 -3.39 -22.65 46.21
CA LYS F 12 -4.79 -22.33 45.96
C LYS F 12 -5.33 -21.44 47.06
N ILE F 13 -5.62 -20.19 46.72
CA ILE F 13 -6.13 -19.23 47.69
C ILE F 13 -7.46 -18.62 47.24
N LYS F 14 -8.54 -19.05 47.89
CA LYS F 14 -9.87 -18.53 47.55
C LYS F 14 -9.84 -17.02 47.72
N LEU F 15 -10.74 -16.32 47.01
CA LEU F 15 -10.80 -14.86 47.11
C LEU F 15 -11.89 -14.45 48.10
N LYS F 16 -11.86 -13.19 48.52
CA LYS F 16 -12.88 -12.67 49.43
C LYS F 16 -14.23 -13.06 48.83
N GLU F 17 -14.29 -13.03 47.51
CA GLU F 17 -15.47 -13.39 46.74
C GLU F 17 -15.17 -13.39 45.24
N THR F 18 -15.73 -14.36 44.53
CA THR F 18 -15.51 -14.54 43.10
C THR F 18 -15.39 -13.26 42.27
N PHE F 19 -14.53 -13.33 41.25
CA PHE F 19 -14.26 -12.21 40.35
C PHE F 19 -14.96 -12.47 39.02
N THR F 20 -15.75 -11.49 38.56
CA THR F 20 -16.48 -11.65 37.30
C THR F 20 -15.92 -10.79 36.17
N ILE F 21 -15.57 -11.46 35.07
CA ILE F 21 -15.02 -10.79 33.89
C ILE F 21 -15.85 -11.17 32.66
N ALA F 22 -15.69 -10.40 31.57
CA ALA F 22 -16.43 -10.68 30.35
C ALA F 22 -16.19 -12.10 29.86
N LEU F 23 -14.96 -12.59 30.05
CA LEU F 23 -14.58 -13.93 29.62
C LEU F 23 -15.07 -15.01 30.59
N GLY F 24 -15.69 -14.57 31.69
CA GLY F 24 -16.19 -15.53 32.68
C GLY F 24 -15.93 -15.10 34.12
N THR F 25 -15.66 -16.06 34.99
CA THR F 25 -15.40 -15.76 36.39
C THR F 25 -14.40 -16.73 37.01
N ILE F 26 -13.87 -16.34 38.16
CA ILE F 26 -12.92 -17.18 38.89
C ILE F 26 -13.15 -16.96 40.39
N GLU F 27 -13.08 -18.06 41.15
CA GLU F 27 -13.31 -18.01 42.59
C GLU F 27 -12.02 -18.12 43.40
N SER F 28 -11.25 -19.18 43.14
CA SER F 28 -10.00 -19.40 43.85
C SER F 28 -8.88 -18.53 43.27
N ALA F 29 -7.76 -19.17 42.96
CA ALA F 29 -6.57 -18.51 42.41
C ALA F 29 -5.44 -19.51 42.56
N ASP F 30 -5.36 -20.44 41.62
CA ASP F 30 -4.34 -21.47 41.68
C ASP F 30 -3.14 -21.18 40.79
N SER F 31 -1.98 -21.07 41.43
CA SER F 31 -0.73 -20.81 40.73
C SER F 31 0.29 -21.86 41.15
N ALA F 32 1.27 -22.10 40.29
CA ALA F 32 2.32 -23.07 40.58
C ALA F 32 3.55 -22.32 41.07
N ILE F 33 3.86 -22.46 42.36
CA ILE F 33 5.02 -21.79 42.94
C ILE F 33 6.30 -22.60 42.75
N VAL F 34 7.37 -21.90 42.41
CA VAL F 34 8.66 -22.55 42.16
C VAL F 34 9.76 -22.04 43.10
N GLU F 35 10.72 -22.91 43.39
CA GLU F 35 11.85 -22.56 44.23
C GLU F 35 13.12 -23.12 43.61
N ILE F 36 13.98 -22.23 43.12
CA ILE F 36 15.23 -22.65 42.52
C ILE F 36 16.35 -22.53 43.54
N GLU F 37 16.98 -23.66 43.84
CA GLU F 37 18.07 -23.69 44.81
C GLU F 37 19.42 -23.80 44.11
N THR F 38 20.32 -22.89 44.45
CA THR F 38 21.65 -22.90 43.87
C THR F 38 22.50 -23.86 44.68
N GLU F 39 23.45 -24.52 44.03
CA GLU F 39 24.30 -25.45 44.74
C GLU F 39 25.04 -24.78 45.89
N GLU F 40 24.94 -23.45 45.97
CA GLU F 40 25.61 -22.72 47.05
C GLU F 40 24.65 -22.31 48.15
N GLY F 41 23.40 -22.75 48.06
CA GLY F 41 22.43 -22.44 49.09
C GLY F 41 21.41 -21.34 48.88
N LEU F 42 21.45 -20.67 47.72
CA LEU F 42 20.50 -19.60 47.44
C LEU F 42 19.20 -20.15 46.86
N VAL F 43 18.09 -19.55 47.23
CA VAL F 43 16.78 -19.97 46.74
C VAL F 43 15.98 -18.81 46.15
N GLY F 44 15.53 -19.00 44.90
CA GLY F 44 14.75 -17.97 44.24
C GLY F 44 13.28 -18.32 44.13
N TYR F 45 12.42 -17.35 44.45
CA TYR F 45 10.98 -17.59 44.39
C TYR F 45 10.33 -17.10 43.10
N GLY F 46 9.68 -18.04 42.39
CA GLY F 46 8.99 -17.71 41.16
C GLY F 46 7.52 -18.05 41.29
N GLU F 47 6.83 -18.17 40.17
CA GLU F 47 5.39 -18.51 40.16
C GLU F 47 4.82 -18.47 38.74
N GLY F 48 3.62 -19.01 38.59
CA GLY F 48 2.97 -19.02 37.30
C GLY F 48 1.48 -19.29 37.41
N GLY F 49 0.69 -18.23 37.58
CA GLY F 49 -0.74 -18.39 37.69
C GLY F 49 -1.42 -18.30 36.34
N PRO F 50 -1.76 -19.45 35.72
CA PRO F 50 -2.41 -19.41 34.42
C PRO F 50 -3.87 -18.99 34.44
N GLY F 51 -4.33 -18.45 33.30
CA GLY F 51 -5.71 -18.05 33.13
C GLY F 51 -6.15 -18.84 31.92
N ILE F 52 -6.83 -19.96 32.17
CA ILE F 52 -7.26 -20.85 31.10
C ILE F 52 -8.11 -20.19 30.00
N PHE F 53 -8.90 -19.18 30.37
CA PHE F 53 -9.71 -18.51 29.36
C PHE F 53 -8.96 -17.35 28.73
N ILE F 54 -7.64 -17.36 28.87
CA ILE F 54 -6.79 -16.32 28.31
C ILE F 54 -5.71 -16.97 27.45
N THR F 55 -4.84 -17.75 28.09
CA THR F 55 -3.77 -18.42 27.37
C THR F 55 -4.10 -19.89 27.17
N GLY F 56 -5.21 -20.32 27.75
CA GLY F 56 -5.62 -21.72 27.64
C GLY F 56 -4.76 -22.63 28.49
N GLU F 57 -3.96 -22.03 29.36
CA GLU F 57 -3.07 -22.79 30.22
C GLU F 57 -3.75 -23.36 31.46
N THR F 58 -3.40 -24.59 31.79
CA THR F 58 -3.95 -25.28 32.95
C THR F 58 -2.88 -25.53 34.00
N LEU F 59 -3.29 -25.53 35.27
CA LEU F 59 -2.35 -25.75 36.36
C LEU F 59 -1.61 -27.07 36.14
N ALA F 60 -2.35 -28.12 35.78
CA ALA F 60 -1.76 -29.42 35.52
C ALA F 60 -0.78 -29.37 34.36
N GLY F 61 -1.02 -28.42 33.45
CA GLY F 61 -0.15 -28.27 32.31
C GLY F 61 1.07 -27.47 32.71
N THR F 62 0.85 -26.39 33.43
CA THR F 62 1.92 -25.52 33.89
C THR F 62 2.91 -26.29 34.77
N LEU F 63 2.38 -27.11 35.66
CA LEU F 63 3.21 -27.92 36.56
C LEU F 63 4.08 -28.91 35.80
N GLU F 64 3.48 -29.69 34.89
CA GLU F 64 4.25 -30.66 34.12
C GLU F 64 5.33 -29.99 33.25
N THR F 65 5.15 -28.69 32.98
CA THR F 65 6.11 -27.96 32.17
C THR F 65 7.24 -27.43 33.05
N ILE F 66 6.88 -26.77 34.14
CA ILE F 66 7.87 -26.22 35.05
C ILE F 66 8.84 -27.32 35.49
N GLU F 67 8.35 -28.56 35.49
CA GLU F 67 9.18 -29.70 35.88
C GLU F 67 10.12 -30.11 34.75
N LEU F 68 9.64 -30.10 33.52
CA LEU F 68 10.48 -30.48 32.39
C LEU F 68 11.54 -29.39 32.24
N PHE F 69 11.16 -28.17 32.62
CA PHE F 69 12.08 -27.03 32.54
C PHE F 69 13.11 -27.15 33.65
N GLY F 70 12.63 -27.31 34.89
CA GLY F 70 13.53 -27.43 36.03
C GLY F 70 14.70 -28.37 35.86
N GLN F 71 14.47 -29.49 35.19
CA GLN F 71 15.53 -30.49 34.99
C GLN F 71 16.47 -30.12 33.85
N ALA F 72 16.06 -29.17 33.02
CA ALA F 72 16.86 -28.75 31.88
C ALA F 72 17.87 -27.67 32.26
N ILE F 73 17.56 -26.92 33.32
CA ILE F 73 18.44 -25.83 33.75
C ILE F 73 19.34 -26.19 34.93
N ILE F 74 19.38 -27.46 35.30
CA ILE F 74 20.23 -27.90 36.41
C ILE F 74 21.69 -27.73 36.04
N GLY F 75 22.40 -26.89 36.80
CA GLY F 75 23.80 -26.66 36.53
C GLY F 75 24.06 -25.43 35.66
N LEU F 76 23.04 -24.60 35.49
CA LEU F 76 23.18 -23.38 34.69
C LEU F 76 23.22 -22.19 35.63
N ASN F 77 23.80 -21.09 35.16
CA ASN F 77 23.89 -19.89 35.99
C ASN F 77 22.60 -19.10 35.91
N PRO F 78 22.06 -18.68 37.05
CA PRO F 78 20.81 -17.90 37.05
C PRO F 78 20.98 -16.61 36.26
N PHE F 79 22.23 -16.20 36.08
CA PHE F 79 22.54 -14.97 35.33
C PHE F 79 22.51 -15.17 33.82
N ASN F 80 22.59 -16.43 33.39
CA ASN F 80 22.55 -16.74 31.97
C ASN F 80 21.08 -16.86 31.59
N ILE F 81 20.35 -15.77 31.80
CA ILE F 81 18.92 -15.73 31.52
C ILE F 81 18.68 -15.94 30.02
N GLU F 82 19.72 -15.72 29.23
CA GLU F 82 19.63 -15.89 27.77
C GLU F 82 19.53 -17.39 27.43
N LYS F 83 20.42 -18.20 28.00
CA LYS F 83 20.38 -19.62 27.69
C LYS F 83 19.20 -20.33 28.36
N ILE F 84 18.78 -19.84 29.52
CA ILE F 84 17.66 -20.47 30.20
C ILE F 84 16.42 -20.37 29.31
N HIS F 85 16.09 -19.16 28.89
CA HIS F 85 14.94 -18.95 28.01
C HIS F 85 15.12 -19.73 26.71
N GLU F 86 16.35 -19.81 26.24
CA GLU F 86 16.65 -20.54 25.02
C GLU F 86 16.28 -22.00 25.21
N VAL F 87 16.69 -22.56 26.34
CA VAL F 87 16.41 -23.96 26.66
C VAL F 87 14.91 -24.21 26.85
N MET F 88 14.22 -23.26 27.49
CA MET F 88 12.80 -23.42 27.72
C MET F 88 12.02 -23.40 26.41
N ASP F 89 12.40 -22.51 25.49
CA ASP F 89 11.71 -22.42 24.21
C ASP F 89 11.97 -23.64 23.37
N LYS F 90 13.13 -24.26 23.59
CA LYS F 90 13.52 -25.46 22.86
C LYS F 90 12.58 -26.61 23.24
N ILE F 91 12.09 -26.57 24.47
CA ILE F 91 11.21 -27.60 25.01
C ILE F 91 9.73 -27.39 24.68
N SER F 92 9.17 -26.25 25.11
CA SER F 92 7.76 -25.93 24.87
C SER F 92 7.55 -24.76 23.91
N ALA F 93 6.82 -25.02 22.83
CA ALA F 93 6.55 -23.99 21.84
C ALA F 93 5.59 -22.93 22.35
N PHE F 94 5.06 -23.15 23.55
CA PHE F 94 4.12 -22.20 24.15
C PHE F 94 3.71 -22.62 25.56
N ALA F 95 4.08 -21.79 26.53
CA ALA F 95 3.77 -22.02 27.93
C ALA F 95 4.34 -20.85 28.73
N PRO F 96 3.75 -19.66 28.57
CA PRO F 96 4.18 -18.45 29.27
C PRO F 96 4.06 -18.49 30.79
N ALA F 97 3.15 -19.31 31.31
CA ALA F 97 2.98 -19.40 32.76
C ALA F 97 4.16 -20.16 33.35
N ALA F 98 4.55 -21.24 32.68
CA ALA F 98 5.65 -22.07 33.13
C ALA F 98 6.98 -21.31 33.06
N LYS F 99 7.24 -20.68 31.92
CA LYS F 99 8.47 -19.93 31.70
C LYS F 99 8.61 -18.72 32.64
N ALA F 100 7.50 -18.06 32.93
CA ALA F 100 7.52 -16.91 33.83
C ALA F 100 7.89 -17.36 35.23
N ALA F 101 7.61 -18.64 35.51
CA ALA F 101 7.89 -19.25 36.81
C ALA F 101 9.38 -19.37 37.03
N ILE F 102 10.05 -19.99 36.05
CA ILE F 102 11.50 -20.16 36.11
C ILE F 102 12.12 -18.78 36.07
N ASP F 103 11.72 -18.01 35.06
CA ASP F 103 12.22 -16.66 34.85
C ASP F 103 12.26 -15.78 36.10
N ILE F 104 11.12 -15.60 36.75
CA ILE F 104 11.06 -14.77 37.94
C ILE F 104 11.96 -15.25 39.09
N ALA F 105 12.08 -16.56 39.24
CA ALA F 105 12.91 -17.10 40.31
C ALA F 105 14.36 -16.68 40.07
N CYS F 106 14.83 -16.90 38.85
CA CYS F 106 16.19 -16.55 38.46
C CYS F 106 16.46 -15.08 38.75
N TYR F 107 15.59 -14.19 38.27
CA TYR F 107 15.80 -12.78 38.53
C TYR F 107 15.87 -12.52 40.04
N ASP F 108 15.11 -13.29 40.81
CA ASP F 108 15.14 -13.14 42.26
C ASP F 108 16.55 -13.51 42.75
N LEU F 109 17.07 -14.63 42.23
CA LEU F 109 18.42 -15.09 42.57
C LEU F 109 19.45 -14.04 42.18
N MET F 110 19.31 -13.50 40.97
CA MET F 110 20.23 -12.47 40.49
C MET F 110 20.23 -11.31 41.47
N GLY F 111 19.04 -10.91 41.91
CA GLY F 111 18.95 -9.82 42.85
C GLY F 111 19.68 -10.19 44.12
N GLN F 112 19.65 -11.47 44.44
CA GLN F 112 20.31 -12.00 45.63
C GLN F 112 21.81 -12.05 45.47
N LYS F 113 22.27 -12.91 44.55
CA LYS F 113 23.69 -13.06 44.29
C LYS F 113 24.43 -11.75 44.00
N ALA F 114 23.68 -10.66 43.88
CA ALA F 114 24.26 -9.35 43.61
C ALA F 114 23.97 -8.44 44.79
N GLN F 115 23.08 -8.92 45.66
CA GLN F 115 22.69 -8.17 46.84
C GLN F 115 22.07 -6.86 46.44
N LEU F 116 21.14 -6.94 45.50
CA LEU F 116 20.42 -5.77 44.99
C LEU F 116 18.93 -6.07 44.90
N PRO F 117 18.08 -5.10 45.26
CA PRO F 117 16.63 -5.32 45.20
C PRO F 117 16.24 -5.25 43.71
N LEU F 118 15.76 -6.38 43.18
CA LEU F 118 15.38 -6.51 41.77
C LEU F 118 15.20 -5.24 40.92
N TYR F 119 14.40 -4.29 41.40
CA TYR F 119 14.18 -3.06 40.64
C TYR F 119 15.46 -2.29 40.28
N GLN F 120 16.55 -2.59 40.98
CA GLN F 120 17.82 -1.93 40.73
C GLN F 120 18.46 -2.56 39.50
N LEU F 121 18.32 -3.88 39.40
CA LEU F 121 18.88 -4.60 38.27
C LEU F 121 18.07 -4.39 36.99
N LEU F 122 16.80 -4.04 37.15
CA LEU F 122 15.93 -3.86 35.99
C LEU F 122 15.81 -2.46 35.40
N GLY F 123 16.52 -1.49 35.97
CA GLY F 123 16.45 -0.14 35.45
C GLY F 123 16.58 0.94 36.51
N GLY F 124 16.16 0.59 37.73
CA GLY F 124 16.24 1.51 38.86
C GLY F 124 15.58 2.87 38.73
N TYR F 125 14.64 3.02 37.81
CA TYR F 125 13.99 4.29 37.63
C TYR F 125 13.23 4.76 38.89
N ASP F 126 12.61 3.82 39.59
CA ASP F 126 11.86 4.13 40.81
C ASP F 126 11.90 2.93 41.77
N ASN F 127 11.41 3.13 42.99
CA ASN F 127 11.41 2.06 44.00
C ASN F 127 10.01 1.77 44.53
N GLN F 128 9.01 2.35 43.88
CA GLN F 128 7.62 2.16 44.26
C GLN F 128 6.75 2.24 43.01
N VAL F 129 5.47 1.93 43.15
CA VAL F 129 4.54 1.97 42.02
C VAL F 129 3.09 2.11 42.50
N ILE F 130 2.40 3.10 41.94
CA ILE F 130 1.00 3.36 42.29
C ILE F 130 0.06 2.57 41.37
N THR F 131 -0.77 1.73 41.97
CA THR F 131 -1.70 0.90 41.20
C THR F 131 -3.17 1.26 41.40
N ASP F 132 -4.01 0.57 40.62
CA ASP F 132 -5.45 0.74 40.66
C ASP F 132 -6.05 -0.56 41.18
N ILE F 133 -7.35 -0.59 41.32
CA ILE F 133 -8.04 -1.80 41.78
C ILE F 133 -9.15 -2.11 40.77
N THR F 134 -9.22 -3.37 40.37
CA THR F 134 -10.20 -3.83 39.38
C THR F 134 -11.56 -4.25 39.95
N LEU F 135 -12.61 -3.56 39.53
CA LEU F 135 -13.96 -3.87 39.98
C LEU F 135 -14.61 -4.87 39.03
N GLY F 136 -14.88 -6.07 39.53
CA GLY F 136 -15.50 -7.11 38.73
C GLY F 136 -16.87 -6.70 38.22
N ILE F 137 -17.42 -7.50 37.30
CA ILE F 137 -18.73 -7.20 36.72
C ILE F 137 -19.89 -7.36 37.71
N ASP F 138 -20.74 -6.33 37.77
CA ASP F 138 -21.90 -6.35 38.66
C ASP F 138 -22.91 -5.28 38.22
N GLU F 139 -23.89 -5.00 39.08
CA GLU F 139 -24.92 -4.02 38.78
C GLU F 139 -24.43 -2.58 38.87
N PRO F 140 -25.02 -1.69 38.07
CA PRO F 140 -24.66 -0.26 38.03
C PRO F 140 -24.70 0.44 39.39
N ASN F 141 -25.47 -0.11 40.33
CA ASN F 141 -25.58 0.50 41.65
C ASN F 141 -24.60 -0.18 42.61
N VAL F 142 -24.35 -1.47 42.40
CA VAL F 142 -23.42 -2.22 43.24
C VAL F 142 -22.00 -1.74 43.00
N MET F 143 -21.57 -1.76 41.73
CA MET F 143 -20.23 -1.32 41.38
C MET F 143 -20.02 0.10 41.89
N ALA F 144 -21.07 0.90 41.84
CA ALA F 144 -21.01 2.28 42.29
C ALA F 144 -20.68 2.33 43.78
N GLN F 145 -20.98 1.25 44.49
CA GLN F 145 -20.71 1.17 45.92
C GLN F 145 -19.24 0.91 46.21
N LYS F 146 -18.70 -0.15 45.61
CA LYS F 146 -17.31 -0.49 45.80
C LYS F 146 -16.43 0.66 45.30
N ALA F 147 -16.96 1.45 44.37
CA ALA F 147 -16.24 2.59 43.82
C ALA F 147 -15.97 3.60 44.94
N VAL F 148 -17.04 4.08 45.57
CA VAL F 148 -16.91 5.04 46.66
C VAL F 148 -16.13 4.36 47.78
N GLU F 149 -16.21 3.04 47.82
CA GLU F 149 -15.51 2.23 48.81
C GLU F 149 -14.01 2.31 48.59
N LYS F 150 -13.54 1.73 47.49
CA LYS F 150 -12.12 1.74 47.16
C LYS F 150 -11.53 3.15 47.22
N VAL F 151 -12.35 4.15 46.89
CA VAL F 151 -11.91 5.54 46.91
C VAL F 151 -11.50 5.98 48.31
N LYS F 152 -12.23 5.52 49.32
CA LYS F 152 -11.93 5.85 50.70
C LYS F 152 -10.71 5.08 51.16
N LEU F 153 -10.41 3.98 50.48
CA LEU F 153 -9.25 3.15 50.81
C LEU F 153 -7.94 3.77 50.31
N GLY F 154 -8.06 4.94 49.67
CA GLY F 154 -6.88 5.63 49.15
C GLY F 154 -6.78 5.67 47.63
N PHE F 155 -7.41 4.70 46.96
CA PHE F 155 -7.38 4.62 45.50
C PHE F 155 -7.97 5.83 44.80
N ASP F 156 -7.32 6.20 43.69
CA ASP F 156 -7.76 7.34 42.90
C ASP F 156 -7.93 6.91 41.44
N THR F 157 -7.69 5.63 41.18
CA THR F 157 -7.82 5.05 39.84
C THR F 157 -8.56 3.71 39.92
N LEU F 158 -9.65 3.60 39.17
CA LEU F 158 -10.45 2.39 39.17
C LEU F 158 -10.55 1.75 37.79
N LYS F 159 -10.37 0.43 37.76
CA LYS F 159 -10.44 -0.35 36.53
C LYS F 159 -11.79 -1.08 36.48
N ILE F 160 -12.74 -0.50 35.76
CA ILE F 160 -14.08 -1.07 35.62
C ILE F 160 -14.17 -2.17 34.57
N LYS F 161 -14.62 -3.35 34.99
CA LYS F 161 -14.75 -4.48 34.07
C LYS F 161 -16.14 -4.58 33.45
N VAL F 162 -16.29 -4.10 32.22
CA VAL F 162 -17.58 -4.15 31.53
C VAL F 162 -17.57 -5.32 30.55
N GLY F 163 -18.67 -5.52 29.83
CA GLY F 163 -18.71 -6.61 28.88
C GLY F 163 -20.03 -7.35 28.72
N THR F 164 -21.10 -6.83 29.28
CA THR F 164 -22.41 -7.48 29.14
C THR F 164 -23.13 -6.98 27.90
N GLY F 165 -23.39 -5.68 27.87
CA GLY F 165 -24.06 -5.06 26.74
C GLY F 165 -23.82 -3.57 26.84
N ILE F 166 -23.47 -2.93 25.73
CA ILE F 166 -23.22 -1.50 25.75
C ILE F 166 -24.28 -0.74 26.54
N GLU F 167 -25.51 -1.24 26.50
CA GLU F 167 -26.61 -0.60 27.21
C GLU F 167 -26.28 -0.56 28.70
N ALA F 168 -26.03 -1.74 29.26
CA ALA F 168 -25.71 -1.87 30.68
C ALA F 168 -24.34 -1.29 31.01
N ASP F 169 -23.33 -1.64 30.21
CA ASP F 169 -21.97 -1.17 30.43
C ASP F 169 -21.96 0.35 30.58
N ILE F 170 -22.67 1.04 29.70
CA ILE F 170 -22.74 2.50 29.78
C ILE F 170 -23.41 2.90 31.09
N ALA F 171 -24.37 2.10 31.53
CA ALA F 171 -25.08 2.37 32.77
C ALA F 171 -24.13 2.29 33.96
N ARG F 172 -23.30 1.25 33.99
CA ARG F 172 -22.34 1.04 35.06
C ARG F 172 -21.41 2.25 35.21
N VAL F 173 -20.74 2.61 34.12
CA VAL F 173 -19.82 3.74 34.13
C VAL F 173 -20.46 5.01 34.63
N LYS F 174 -21.57 5.40 34.04
CA LYS F 174 -22.27 6.62 34.43
C LYS F 174 -22.54 6.63 35.93
N ALA F 175 -23.05 5.51 36.45
CA ALA F 175 -23.36 5.39 37.87
C ALA F 175 -22.11 5.62 38.72
N ILE F 176 -21.07 4.84 38.45
CA ILE F 176 -19.82 4.95 39.17
C ILE F 176 -19.30 6.39 39.13
N ARG F 177 -19.26 6.97 37.93
CA ARG F 177 -18.78 8.35 37.79
C ARG F 177 -19.60 9.34 38.62
N GLU F 178 -20.86 9.00 38.85
CA GLU F 178 -21.74 9.86 39.64
C GLU F 178 -21.40 9.72 41.12
N ALA F 179 -21.09 8.50 41.54
CA ALA F 179 -20.78 8.21 42.93
C ALA F 179 -19.34 8.52 43.35
N VAL F 180 -18.50 8.95 42.43
CA VAL F 180 -17.11 9.25 42.77
C VAL F 180 -16.62 10.61 42.27
N GLY F 181 -17.44 11.27 41.47
CA GLY F 181 -17.06 12.57 40.96
C GLY F 181 -15.89 12.49 39.98
N PHE F 182 -15.60 13.61 39.33
CA PHE F 182 -14.54 13.68 38.35
C PHE F 182 -13.14 13.89 38.94
N ASP F 183 -12.94 13.39 40.16
CA ASP F 183 -11.64 13.50 40.84
C ASP F 183 -10.96 12.13 40.86
N ILE F 184 -11.67 11.12 40.38
CA ILE F 184 -11.15 9.77 40.33
C ILE F 184 -10.97 9.32 38.89
N LYS F 185 -9.76 8.90 38.54
CA LYS F 185 -9.47 8.43 37.19
C LYS F 185 -10.21 7.13 36.99
N LEU F 186 -10.75 6.92 35.79
CA LEU F 186 -11.50 5.72 35.48
C LEU F 186 -11.07 5.12 34.14
N ARG F 187 -10.65 3.86 34.16
CA ARG F 187 -10.26 3.17 32.94
C ARG F 187 -11.16 1.96 32.77
N LEU F 188 -11.58 1.71 31.53
CA LEU F 188 -12.46 0.59 31.22
C LEU F 188 -11.74 -0.59 30.59
N ASP F 189 -12.33 -1.77 30.75
CA ASP F 189 -11.77 -3.00 30.19
C ASP F 189 -12.96 -3.90 29.85
N ALA F 190 -13.15 -4.16 28.56
CA ALA F 190 -14.26 -4.99 28.11
C ALA F 190 -13.87 -6.43 27.82
N ASN F 191 -12.59 -6.74 27.90
CA ASN F 191 -12.12 -8.08 27.63
C ASN F 191 -12.64 -8.69 26.34
N GLN F 192 -12.59 -7.93 25.24
CA GLN F 192 -13.02 -8.39 23.91
C GLN F 192 -14.53 -8.56 23.74
N ALA F 193 -15.32 -7.82 24.50
CA ALA F 193 -16.78 -7.97 24.43
C ALA F 193 -17.52 -7.22 23.32
N TRP F 194 -16.98 -6.11 22.85
CA TRP F 194 -17.69 -5.36 21.83
C TRP F 194 -17.25 -5.52 20.39
N THR F 195 -18.17 -5.19 19.48
CA THR F 195 -17.88 -5.22 18.07
C THR F 195 -17.14 -3.91 17.89
N PRO F 196 -16.37 -3.75 16.81
CA PRO F 196 -15.65 -2.49 16.64
C PRO F 196 -16.59 -1.27 16.65
N LYS F 197 -17.72 -1.36 15.97
CA LYS F 197 -18.64 -0.22 15.94
C LYS F 197 -19.38 -0.03 17.26
N ASP F 198 -19.72 -1.12 17.93
CA ASP F 198 -20.39 -0.99 19.21
C ASP F 198 -19.45 -0.31 20.18
N ALA F 199 -18.17 -0.70 20.12
CA ALA F 199 -17.15 -0.12 20.98
C ALA F 199 -17.12 1.39 20.79
N VAL F 200 -17.07 1.82 19.54
CA VAL F 200 -17.03 3.24 19.22
C VAL F 200 -18.28 3.94 19.73
N LYS F 201 -19.44 3.32 19.51
CA LYS F 201 -20.72 3.89 19.95
C LYS F 201 -20.68 4.13 21.46
N ALA F 202 -20.22 3.13 22.19
CA ALA F 202 -20.12 3.20 23.64
C ALA F 202 -19.14 4.29 24.09
N ILE F 203 -17.90 4.19 23.61
CA ILE F 203 -16.85 5.16 23.97
C ILE F 203 -17.31 6.61 23.79
N GLN F 204 -18.07 6.86 22.73
CA GLN F 204 -18.56 8.22 22.49
C GLN F 204 -19.70 8.54 23.45
N ALA F 205 -20.45 7.52 23.84
CA ALA F 205 -21.57 7.68 24.76
C ALA F 205 -21.10 8.11 26.16
N LEU F 206 -19.88 7.71 26.51
CA LEU F 206 -19.31 8.06 27.81
C LEU F 206 -18.39 9.27 27.70
N ALA F 207 -18.40 9.91 26.53
CA ALA F 207 -17.55 11.06 26.26
C ALA F 207 -17.37 11.99 27.47
N ASP F 208 -18.38 12.78 27.77
CA ASP F 208 -18.30 13.72 28.88
C ASP F 208 -18.13 13.07 30.27
N TYR F 209 -17.92 11.75 30.30
CA TYR F 209 -17.71 11.06 31.57
C TYR F 209 -16.23 10.95 31.87
N GLN F 210 -15.42 11.58 31.04
CA GLN F 210 -13.98 11.60 31.20
C GLN F 210 -13.34 10.24 31.43
N ILE F 211 -13.52 9.31 30.50
CA ILE F 211 -12.92 7.99 30.63
C ILE F 211 -11.46 8.11 30.21
N GLU F 212 -10.56 7.56 31.03
CA GLU F 212 -9.14 7.63 30.69
C GLU F 212 -8.86 6.84 29.43
N LEU F 213 -8.92 5.51 29.54
CA LEU F 213 -8.67 4.63 28.42
C LEU F 213 -9.66 3.48 28.42
N VAL F 214 -9.64 2.71 27.34
CA VAL F 214 -10.51 1.55 27.21
C VAL F 214 -9.62 0.39 26.80
N GLU F 215 -9.64 -0.67 27.60
CA GLU F 215 -8.80 -1.83 27.36
C GLU F 215 -9.46 -2.91 26.50
N GLN F 216 -8.70 -3.42 25.53
CA GLN F 216 -9.13 -4.48 24.62
C GLN F 216 -10.63 -4.53 24.34
N PRO F 217 -11.17 -3.52 23.63
CA PRO F 217 -12.61 -3.50 23.33
C PRO F 217 -13.14 -4.57 22.38
N VAL F 218 -12.26 -5.16 21.57
CA VAL F 218 -12.69 -6.17 20.62
C VAL F 218 -11.91 -7.46 20.71
N LYS F 219 -12.38 -8.48 20.00
CA LYS F 219 -11.72 -9.79 19.97
C LYS F 219 -10.21 -9.65 19.75
N ARG F 220 -9.46 -10.53 20.39
CA ARG F 220 -8.00 -10.52 20.33
C ARG F 220 -7.37 -10.72 18.95
N ARG F 221 -8.03 -11.48 18.09
CA ARG F 221 -7.50 -11.72 16.75
C ARG F 221 -7.97 -10.67 15.73
N ASP F 222 -8.87 -9.79 16.16
CA ASP F 222 -9.41 -8.76 15.28
C ASP F 222 -8.61 -7.46 15.36
N LEU F 223 -7.38 -7.50 14.87
CA LEU F 223 -6.52 -6.34 14.89
C LEU F 223 -7.06 -5.20 14.04
N GLU F 224 -7.82 -5.53 13.00
CA GLU F 224 -8.41 -4.51 12.12
C GLU F 224 -9.46 -3.70 12.88
N GLY F 225 -10.37 -4.41 13.52
CA GLY F 225 -11.41 -3.75 14.29
C GLY F 225 -10.82 -2.97 15.44
N LEU F 226 -9.75 -3.53 16.03
CA LEU F 226 -9.07 -2.89 17.15
C LEU F 226 -8.50 -1.56 16.70
N LYS F 227 -7.80 -1.57 15.56
CA LYS F 227 -7.23 -0.35 15.00
C LYS F 227 -8.34 0.62 14.65
N TYR F 228 -9.48 0.08 14.20
CA TYR F 228 -10.63 0.90 13.84
C TYR F 228 -11.01 1.73 15.05
N VAL F 229 -11.22 1.07 16.19
CA VAL F 229 -11.58 1.74 17.43
C VAL F 229 -10.57 2.82 17.77
N THR F 230 -9.29 2.47 17.72
CA THR F 230 -8.23 3.42 18.05
C THR F 230 -8.27 4.67 17.17
N SER F 231 -8.52 4.47 15.88
CA SER F 231 -8.56 5.59 14.94
C SER F 231 -9.90 6.32 14.87
N GLN F 232 -10.91 5.79 15.56
CA GLN F 232 -12.24 6.39 15.55
C GLN F 232 -12.54 7.30 16.74
N VAL F 233 -11.70 7.26 17.77
CA VAL F 233 -11.91 8.08 18.96
C VAL F 233 -10.60 8.69 19.45
N ASN F 234 -10.69 9.75 20.24
CA ASN F 234 -9.50 10.41 20.78
C ASN F 234 -9.12 9.71 22.09
N THR F 235 -10.04 8.88 22.58
CA THR F 235 -9.83 8.12 23.81
C THR F 235 -8.70 7.10 23.65
N THR F 236 -7.82 7.05 24.65
CA THR F 236 -6.71 6.12 24.64
C THR F 236 -7.24 4.70 24.61
N ILE F 237 -6.70 3.88 23.73
CA ILE F 237 -7.12 2.48 23.59
C ILE F 237 -5.94 1.57 23.90
N MET F 238 -6.13 0.68 24.87
CA MET F 238 -5.09 -0.25 25.27
C MET F 238 -5.36 -1.65 24.75
N ALA F 239 -4.32 -2.33 24.33
CA ALA F 239 -4.45 -3.69 23.85
C ALA F 239 -4.04 -4.59 25.03
N ASP F 240 -4.70 -5.73 25.17
CA ASP F 240 -4.35 -6.66 26.23
C ASP F 240 -4.15 -8.06 25.66
N GLU F 241 -5.24 -8.76 25.40
CA GLU F 241 -5.15 -10.12 24.86
C GLU F 241 -4.58 -10.14 23.43
N SER F 242 -4.55 -8.97 22.79
CA SER F 242 -4.00 -8.88 21.43
C SER F 242 -2.49 -8.88 21.45
N CYS F 243 -1.91 -8.72 22.64
CA CYS F 243 -0.46 -8.68 22.77
C CYS F 243 0.09 -9.59 23.88
N PHE F 244 0.59 -10.75 23.49
CA PHE F 244 1.17 -11.70 24.42
C PHE F 244 2.69 -11.49 24.57
N ASP F 245 3.40 -11.53 23.45
CA ASP F 245 4.84 -11.39 23.47
C ASP F 245 5.40 -10.20 22.69
N ALA F 246 6.73 -10.19 22.59
CA ALA F 246 7.45 -9.13 21.89
C ALA F 246 7.04 -9.10 20.42
N GLN F 247 6.88 -10.28 19.82
CA GLN F 247 6.48 -10.36 18.42
C GLN F 247 5.11 -9.74 18.20
N ASP F 248 4.18 -9.97 19.12
CA ASP F 248 2.84 -9.38 18.98
C ASP F 248 2.98 -7.87 19.06
N ALA F 249 3.80 -7.42 19.99
CA ALA F 249 4.05 -6.01 20.20
C ALA F 249 4.59 -5.38 18.93
N LEU F 250 5.49 -6.08 18.25
CA LEU F 250 6.09 -5.57 17.02
C LEU F 250 5.03 -5.45 15.92
N GLU F 251 4.25 -6.50 15.72
CA GLU F 251 3.20 -6.44 14.70
C GLU F 251 2.23 -5.30 15.02
N LEU F 252 1.94 -5.09 16.30
CA LEU F 252 1.03 -4.02 16.70
C LEU F 252 1.63 -2.64 16.45
N VAL F 253 2.94 -2.50 16.64
CA VAL F 253 3.56 -1.20 16.40
C VAL F 253 3.60 -0.93 14.89
N LYS F 254 3.79 -1.99 14.10
CA LYS F 254 3.82 -1.85 12.64
C LYS F 254 2.46 -1.40 12.11
N LYS F 255 1.39 -1.96 12.68
CA LYS F 255 0.03 -1.62 12.25
C LYS F 255 -0.54 -0.37 12.94
N GLY F 256 0.19 0.17 13.91
CA GLY F 256 -0.32 1.33 14.63
C GLY F 256 -1.69 0.99 15.19
N THR F 257 -1.81 -0.23 15.69
CA THR F 257 -3.05 -0.78 16.21
C THR F 257 -3.69 -0.14 17.46
N VAL F 258 -2.87 0.26 18.42
CA VAL F 258 -3.38 0.84 19.66
C VAL F 258 -2.48 1.95 20.21
N ASP F 259 -2.92 2.57 21.29
CA ASP F 259 -2.15 3.65 21.91
C ASP F 259 -1.30 3.19 23.09
N VAL F 260 -1.71 2.12 23.75
CA VAL F 260 -0.99 1.61 24.92
C VAL F 260 -1.06 0.09 24.93
N ILE F 261 -0.03 -0.54 25.52
CA ILE F 261 0.01 -2.00 25.58
C ILE F 261 0.05 -2.47 27.04
N ASN F 262 -0.71 -3.52 27.32
CA ASN F 262 -0.76 -4.08 28.67
C ASN F 262 0.18 -5.26 28.74
N ILE F 263 1.15 -5.21 29.64
CA ILE F 263 2.10 -6.32 29.78
C ILE F 263 1.78 -7.17 31.00
N LYS F 264 1.80 -8.48 30.81
CA LYS F 264 1.56 -9.42 31.90
C LYS F 264 2.67 -10.45 31.81
N LEU F 265 3.39 -10.66 32.91
CA LEU F 265 4.48 -11.62 32.94
C LEU F 265 3.95 -13.00 32.56
N MET F 266 2.69 -13.24 32.89
CA MET F 266 2.06 -14.53 32.59
C MET F 266 1.71 -14.68 31.11
N LYS F 267 1.65 -13.56 30.40
CA LYS F 267 1.35 -13.57 28.96
C LYS F 267 2.60 -13.78 28.11
N CYS F 268 3.67 -13.05 28.44
CA CYS F 268 4.92 -13.14 27.68
C CYS F 268 5.89 -14.22 28.13
N GLY F 269 5.88 -14.55 29.43
CA GLY F 269 6.78 -15.57 29.92
C GLY F 269 7.86 -15.06 30.85
N GLY F 270 7.56 -14.00 31.59
CA GLY F 270 8.53 -13.48 32.53
C GLY F 270 9.08 -12.09 32.26
N ILE F 271 9.98 -11.67 33.15
CA ILE F 271 10.61 -10.36 33.07
C ILE F 271 11.50 -10.14 31.85
N HIS F 272 12.18 -11.21 31.41
CA HIS F 272 13.07 -11.13 30.27
C HIS F 272 12.32 -10.71 28.99
N GLU F 273 11.17 -11.34 28.76
CA GLU F 273 10.34 -11.03 27.59
C GLU F 273 9.60 -9.73 27.80
N ALA F 274 9.14 -9.49 29.03
CA ALA F 274 8.42 -8.27 29.33
C ALA F 274 9.30 -7.06 29.02
N LEU F 275 10.61 -7.22 29.24
CA LEU F 275 11.55 -6.14 28.99
C LEU F 275 11.57 -5.81 27.49
N LYS F 276 11.59 -6.84 26.66
CA LYS F 276 11.58 -6.66 25.22
C LYS F 276 10.36 -5.86 24.81
N ILE F 277 9.19 -6.28 25.30
CA ILE F 277 7.95 -5.60 24.97
C ILE F 277 8.00 -4.11 25.30
N ASN F 278 8.45 -3.77 26.50
CA ASN F 278 8.52 -2.37 26.88
C ASN F 278 9.53 -1.64 26.01
N GLN F 279 10.63 -2.32 25.66
CA GLN F 279 11.67 -1.72 24.82
C GLN F 279 11.05 -1.33 23.49
N ILE F 280 10.41 -2.30 22.86
CA ILE F 280 9.76 -2.11 21.57
C ILE F 280 8.71 -1.02 21.64
N CYS F 281 7.86 -1.07 22.65
CA CYS F 281 6.82 -0.07 22.80
C CYS F 281 7.42 1.32 23.00
N GLU F 282 8.32 1.44 23.96
CA GLU F 282 8.96 2.71 24.24
C GLU F 282 9.56 3.35 22.99
N THR F 283 10.25 2.54 22.19
CA THR F 283 10.89 3.02 20.97
C THR F 283 9.83 3.48 19.96
N ALA F 284 8.66 2.88 20.02
CA ALA F 284 7.57 3.22 19.11
C ALA F 284 6.70 4.33 19.66
N GLY F 285 7.10 4.87 20.81
CA GLY F 285 6.32 5.94 21.44
C GLY F 285 5.05 5.45 22.11
N ILE F 286 5.01 4.15 22.41
CA ILE F 286 3.86 3.52 23.05
C ILE F 286 4.13 3.15 24.52
N GLU F 287 3.39 3.76 25.44
CA GLU F 287 3.56 3.48 26.87
C GLU F 287 2.96 2.12 27.19
N CYS F 288 3.39 1.54 28.31
CA CYS F 288 2.90 0.23 28.73
C CYS F 288 2.30 0.28 30.14
N MET F 289 1.44 -0.69 30.44
CA MET F 289 0.82 -0.81 31.76
C MET F 289 1.07 -2.25 32.18
N ILE F 290 1.57 -2.44 33.40
CA ILE F 290 1.83 -3.79 33.88
C ILE F 290 0.53 -4.32 34.47
N GLY F 291 0.13 -5.51 34.05
CA GLY F 291 -1.09 -6.09 34.55
C GLY F 291 -0.85 -7.40 35.28
N CYS F 292 -1.93 -8.12 35.57
CA CYS F 292 -1.82 -9.39 36.27
C CYS F 292 -3.01 -10.28 36.05
N MET F 293 -2.83 -11.56 36.35
CA MET F 293 -3.87 -12.57 36.23
C MET F 293 -4.39 -12.79 37.64
N ALA F 294 -5.71 -12.89 37.79
CA ALA F 294 -6.29 -13.09 39.12
C ALA F 294 -5.77 -14.39 39.75
N GLU F 295 -5.18 -15.26 38.92
CA GLU F 295 -4.65 -16.54 39.41
C GLU F 295 -3.22 -16.48 39.95
N GLU F 296 -2.64 -15.30 40.07
CA GLU F 296 -1.28 -15.22 40.59
C GLU F 296 -1.23 -14.44 41.89
N THR F 297 -0.34 -14.86 42.78
CA THR F 297 -0.19 -14.25 44.09
C THR F 297 1.10 -13.48 44.30
N THR F 298 1.32 -13.08 45.56
CA THR F 298 2.49 -12.32 46.00
C THR F 298 3.73 -12.35 45.10
N ILE F 299 4.23 -13.54 44.73
CA ILE F 299 5.41 -13.59 43.88
C ILE F 299 5.20 -12.74 42.61
N GLY F 300 4.39 -13.26 41.69
CA GLY F 300 4.10 -12.55 40.45
C GLY F 300 3.88 -11.06 40.62
N ILE F 301 2.92 -10.69 41.46
CA ILE F 301 2.64 -9.27 41.68
C ILE F 301 3.86 -8.52 42.16
N THR F 302 4.73 -9.20 42.91
CA THR F 302 5.95 -8.59 43.43
C THR F 302 6.96 -8.35 42.32
N ALA F 303 7.17 -9.38 41.51
CA ALA F 303 8.09 -9.30 40.39
C ALA F 303 7.63 -8.17 39.47
N ALA F 304 6.35 -8.14 39.16
CA ALA F 304 5.79 -7.12 38.28
C ALA F 304 5.94 -5.72 38.84
N ALA F 305 5.85 -5.58 40.16
CA ALA F 305 6.00 -4.27 40.78
C ALA F 305 7.43 -3.76 40.65
N HIS F 306 8.39 -4.69 40.63
CA HIS F 306 9.80 -4.30 40.49
C HIS F 306 10.07 -3.84 39.07
N LEU F 307 9.72 -4.67 38.09
CA LEU F 307 9.90 -4.34 36.68
C LEU F 307 9.28 -2.98 36.39
N ALA F 308 8.06 -2.78 36.89
CA ALA F 308 7.32 -1.55 36.67
C ALA F 308 8.00 -0.32 37.22
N ALA F 309 8.42 -0.40 38.48
CA ALA F 309 9.10 0.71 39.13
C ALA F 309 10.42 1.00 38.43
N ALA F 310 11.08 -0.06 37.95
CA ALA F 310 12.37 0.02 37.28
C ALA F 310 12.33 0.66 35.90
N GLN F 311 11.25 0.40 35.16
CA GLN F 311 11.09 0.89 33.79
C GLN F 311 10.25 2.15 33.65
N LYS F 312 10.87 3.20 33.13
CA LYS F 312 10.19 4.47 32.96
C LYS F 312 9.00 4.40 32.00
N ASN F 313 9.08 3.55 30.98
CA ASN F 313 7.99 3.48 30.01
C ASN F 313 6.74 2.77 30.50
N ILE F 314 6.85 2.12 31.65
CA ILE F 314 5.67 1.47 32.22
C ILE F 314 5.15 2.57 33.13
N THR F 315 4.14 3.28 32.65
CA THR F 315 3.57 4.40 33.40
C THR F 315 2.27 4.07 34.12
N ARG F 316 1.77 2.87 33.92
CA ARG F 316 0.53 2.45 34.57
C ARG F 316 0.69 1.07 35.21
N ALA F 317 -0.09 0.82 36.26
CA ALA F 317 -0.03 -0.45 36.95
C ALA F 317 -1.41 -0.93 37.37
N ASP F 318 -1.68 -2.20 37.07
CA ASP F 318 -2.93 -2.85 37.41
C ASP F 318 -2.52 -4.12 38.15
N LEU F 319 -1.94 -3.90 39.33
CA LEU F 319 -1.48 -5.01 40.16
C LEU F 319 -2.31 -5.08 41.44
N ASP F 320 -3.36 -5.89 41.39
CA ASP F 320 -4.26 -6.06 42.54
C ASP F 320 -4.66 -7.52 42.78
N ALA F 321 -3.88 -8.46 42.24
CA ALA F 321 -4.19 -9.88 42.42
C ALA F 321 -4.05 -10.36 43.85
N THR F 322 -3.72 -9.45 44.78
CA THR F 322 -3.58 -9.82 46.19
C THR F 322 -4.60 -9.09 47.05
N PHE F 323 -5.14 -7.99 46.52
CA PHE F 323 -6.13 -7.21 47.26
C PHE F 323 -7.42 -8.04 47.44
N GLY F 324 -7.46 -9.18 46.77
CA GLY F 324 -8.62 -10.04 46.87
C GLY F 324 -8.27 -11.43 47.37
N LEU F 325 -7.08 -11.57 47.92
CA LEU F 325 -6.63 -12.85 48.44
C LEU F 325 -6.89 -12.91 49.93
N GLU F 326 -7.12 -14.12 50.44
CA GLU F 326 -7.37 -14.32 51.87
C GLU F 326 -6.03 -14.48 52.56
N THR F 327 -5.21 -15.39 52.02
CA THR F 327 -3.90 -15.69 52.55
C THR F 327 -2.78 -15.45 51.55
N ALA F 328 -1.54 -15.68 51.99
CA ALA F 328 -0.36 -15.52 51.14
C ALA F 328 0.42 -16.83 51.24
N PRO F 329 0.89 -17.36 50.10
CA PRO F 329 1.65 -18.60 50.05
C PRO F 329 3.11 -18.44 50.44
N VAL F 330 3.47 -17.22 50.82
CA VAL F 330 4.84 -16.90 51.21
C VAL F 330 4.85 -15.54 51.92
N THR F 331 5.92 -15.26 52.64
CA THR F 331 6.03 -14.00 53.37
C THR F 331 6.84 -12.95 52.62
N GLY F 332 6.44 -11.69 52.75
CA GLY F 332 7.14 -10.61 52.08
C GLY F 332 6.46 -10.21 50.79
N GLY F 333 7.19 -9.48 49.95
CA GLY F 333 6.64 -9.04 48.68
C GLY F 333 5.59 -7.97 48.88
N VAL F 334 4.66 -7.87 47.93
CA VAL F 334 3.60 -6.89 48.01
C VAL F 334 2.55 -7.31 49.04
N SER F 335 2.14 -6.37 49.89
CA SER F 335 1.15 -6.64 50.93
C SER F 335 -0.22 -6.92 50.36
N LEU F 336 -1.03 -7.66 51.12
CA LEU F 336 -2.39 -7.97 50.70
C LEU F 336 -3.30 -6.79 50.95
N GLU F 337 -2.83 -5.84 51.75
CA GLU F 337 -3.62 -4.65 52.05
C GLU F 337 -4.06 -3.95 50.76
N ALA F 338 -5.30 -3.47 50.74
CA ALA F 338 -5.81 -2.78 49.56
C ALA F 338 -5.38 -1.31 49.57
N LYS F 339 -4.17 -1.06 49.08
CA LYS F 339 -3.60 0.28 49.03
C LYS F 339 -3.07 0.58 47.63
N PRO F 340 -3.25 1.82 47.16
CA PRO F 340 -2.79 2.22 45.83
C PRO F 340 -1.28 2.39 45.76
N LEU F 341 -0.64 2.68 46.89
CA LEU F 341 0.80 2.88 46.94
C LEU F 341 1.58 1.64 47.34
N LEU F 342 2.35 1.10 46.40
CA LEU F 342 3.16 -0.08 46.67
C LEU F 342 4.63 0.32 46.72
N GLU F 343 5.23 0.22 47.90
CA GLU F 343 6.64 0.56 48.06
C GLU F 343 7.48 -0.72 48.10
N LEU F 344 8.67 -0.67 47.51
CA LEU F 344 9.54 -1.83 47.46
C LEU F 344 10.73 -1.73 48.44
N GLY F 345 10.98 -2.81 49.16
CA GLY F 345 12.08 -2.84 50.12
C GLY F 345 13.44 -2.99 49.48
N GLU F 346 14.49 -2.80 50.27
CA GLU F 346 15.85 -2.89 49.79
C GLU F 346 16.40 -4.31 49.82
N ALA F 347 15.58 -5.26 50.27
CA ALA F 347 16.01 -6.63 50.34
C ALA F 347 16.54 -7.05 48.97
N ALA F 348 17.33 -8.11 48.93
CA ALA F 348 17.90 -8.60 47.68
C ALA F 348 16.88 -9.39 46.88
N GLY F 349 16.78 -9.07 45.59
CA GLY F 349 15.83 -9.76 44.73
C GLY F 349 14.40 -9.35 45.01
N LEU F 350 13.52 -10.33 45.20
CA LEU F 350 12.11 -10.06 45.47
C LEU F 350 11.84 -9.67 46.92
N GLY F 351 12.75 -10.04 47.82
CA GLY F 351 12.57 -9.72 49.22
C GLY F 351 11.42 -10.56 49.75
N ILE F 352 11.39 -11.81 49.28
CA ILE F 352 10.35 -12.76 49.65
C ILE F 352 10.95 -14.05 50.21
N SER F 353 10.27 -14.63 51.19
CA SER F 353 10.72 -15.87 51.82
C SER F 353 9.53 -16.60 52.44
N HIS F 354 9.72 -17.89 52.73
CA HIS F 354 8.68 -18.73 53.34
C HIS F 354 7.80 -17.96 54.31
N MET G 1 -36.38 7.49 -36.80
CA MET G 1 -36.55 6.01 -36.75
C MET G 1 -37.19 5.53 -35.45
N LYS G 2 -38.11 4.58 -35.58
CA LYS G 2 -38.79 4.01 -34.42
C LYS G 2 -38.93 2.51 -34.61
N ILE G 3 -38.61 1.75 -33.57
CA ILE G 3 -38.73 0.30 -33.65
C ILE G 3 -40.20 -0.06 -33.65
N LYS G 4 -40.61 -0.87 -34.61
CA LYS G 4 -42.01 -1.29 -34.73
C LYS G 4 -42.22 -2.64 -34.07
N GLN G 5 -41.34 -3.58 -34.39
CA GLN G 5 -41.47 -4.93 -33.82
C GLN G 5 -40.14 -5.65 -33.79
N VAL G 6 -40.00 -6.57 -32.85
CA VAL G 6 -38.79 -7.35 -32.69
C VAL G 6 -39.14 -8.82 -32.80
N HIS G 7 -38.50 -9.54 -33.73
CA HIS G 7 -38.74 -10.97 -33.92
C HIS G 7 -37.47 -11.77 -33.63
N VAL G 8 -37.59 -12.87 -32.89
CA VAL G 8 -36.41 -13.68 -32.60
C VAL G 8 -36.68 -15.14 -32.96
N ARG G 9 -35.65 -15.84 -33.41
CA ARG G 9 -35.80 -17.24 -33.80
C ARG G 9 -34.60 -18.05 -33.37
N ALA G 10 -34.79 -19.36 -33.28
CA ALA G 10 -33.70 -20.23 -32.92
C ALA G 10 -32.96 -20.51 -34.23
N SER G 11 -31.67 -20.78 -34.11
CA SER G 11 -30.84 -21.11 -35.26
C SER G 11 -29.94 -22.24 -34.83
N LYS G 12 -30.03 -23.37 -35.52
CA LYS G 12 -29.20 -24.52 -35.21
C LYS G 12 -28.50 -24.93 -36.49
N ILE G 13 -27.17 -24.82 -36.47
CA ILE G 13 -26.37 -25.17 -37.63
C ILE G 13 -25.30 -26.15 -37.21
N LYS G 14 -25.25 -27.28 -37.91
CA LYS G 14 -24.29 -28.33 -37.60
C LYS G 14 -22.86 -27.91 -37.95
N LEU G 15 -21.93 -28.23 -37.07
CA LEU G 15 -20.53 -27.91 -37.31
C LEU G 15 -19.92 -29.01 -38.17
N LYS G 16 -18.91 -28.66 -38.98
CA LYS G 16 -18.24 -29.62 -39.85
C LYS G 16 -17.55 -30.72 -39.06
N GLU G 17 -17.12 -30.40 -37.85
CA GLU G 17 -16.47 -31.38 -36.99
C GLU G 17 -16.64 -30.93 -35.55
N THR G 18 -16.53 -31.88 -34.61
CA THR G 18 -16.68 -31.55 -33.21
C THR G 18 -15.49 -30.73 -32.71
N PHE G 19 -15.78 -29.56 -32.14
CA PHE G 19 -14.74 -28.67 -31.63
C PHE G 19 -14.56 -28.95 -30.13
N THR G 20 -13.31 -28.98 -29.68
CA THR G 20 -13.01 -29.27 -28.28
C THR G 20 -12.01 -28.32 -27.62
N ILE G 21 -12.31 -27.90 -26.40
CA ILE G 21 -11.43 -27.01 -25.66
C ILE G 21 -11.33 -27.50 -24.21
N ALA G 22 -10.48 -26.87 -23.42
CA ALA G 22 -10.30 -27.31 -22.04
C ALA G 22 -11.61 -27.32 -21.23
N LEU G 23 -12.59 -26.51 -21.65
CA LEU G 23 -13.86 -26.41 -20.92
C LEU G 23 -14.97 -27.35 -21.39
N GLY G 24 -14.79 -27.97 -22.54
CA GLY G 24 -15.81 -28.87 -23.04
C GLY G 24 -15.87 -28.92 -24.56
N THR G 25 -16.89 -29.58 -25.08
CA THR G 25 -17.03 -29.73 -26.53
C THR G 25 -18.35 -29.22 -27.07
N ILE G 26 -18.36 -28.93 -28.36
CA ILE G 26 -19.54 -28.44 -29.03
C ILE G 26 -19.59 -29.03 -30.43
N GLU G 27 -20.79 -29.40 -30.90
CA GLU G 27 -20.92 -29.97 -32.23
C GLU G 27 -21.97 -29.29 -33.10
N SER G 28 -22.65 -28.30 -32.55
CA SER G 28 -23.67 -27.57 -33.30
C SER G 28 -23.69 -26.12 -32.88
N ALA G 29 -23.82 -25.22 -33.87
CA ALA G 29 -23.88 -23.78 -33.62
C ALA G 29 -25.33 -23.38 -33.37
N ASP G 30 -25.75 -23.43 -32.11
CA ASP G 30 -27.12 -23.06 -31.73
C ASP G 30 -27.22 -21.67 -31.14
N SER G 31 -27.80 -20.74 -31.89
CA SER G 31 -27.91 -19.37 -31.41
C SER G 31 -29.27 -18.75 -31.65
N ALA G 32 -29.42 -17.53 -31.16
CA ALA G 32 -30.66 -16.78 -31.29
C ALA G 32 -30.47 -15.69 -32.33
N ILE G 33 -31.36 -15.64 -33.31
CA ILE G 33 -31.26 -14.60 -34.34
C ILE G 33 -32.43 -13.64 -34.23
N VAL G 34 -32.11 -12.36 -34.14
CA VAL G 34 -33.12 -11.32 -34.01
C VAL G 34 -33.25 -10.48 -35.27
N GLU G 35 -34.47 -10.00 -35.53
CA GLU G 35 -34.74 -9.14 -36.65
C GLU G 35 -35.57 -8.01 -36.05
N ILE G 36 -35.04 -6.80 -36.12
CA ILE G 36 -35.73 -5.62 -35.59
C ILE G 36 -36.27 -4.81 -36.76
N GLU G 37 -37.60 -4.70 -36.82
CA GLU G 37 -38.25 -3.97 -37.89
C GLU G 37 -38.63 -2.58 -37.38
N THR G 38 -38.42 -1.57 -38.23
CA THR G 38 -38.75 -0.19 -37.87
C THR G 38 -40.05 0.17 -38.57
N GLU G 39 -40.66 1.26 -38.14
CA GLU G 39 -41.92 1.68 -38.72
C GLU G 39 -41.78 1.99 -40.21
N GLU G 40 -40.59 2.43 -40.61
CA GLU G 40 -40.34 2.79 -42.01
C GLU G 40 -40.00 1.62 -42.93
N GLY G 41 -39.80 0.43 -42.36
CA GLY G 41 -39.49 -0.72 -43.19
C GLY G 41 -38.11 -1.32 -43.07
N LEU G 42 -37.14 -0.54 -42.61
CA LEU G 42 -35.78 -1.05 -42.46
C LEU G 42 -35.78 -2.17 -41.41
N VAL G 43 -35.01 -3.22 -41.68
CA VAL G 43 -34.92 -4.37 -40.79
C VAL G 43 -33.47 -4.64 -40.42
N GLY G 44 -33.17 -4.61 -39.12
CA GLY G 44 -31.82 -4.86 -38.65
C GLY G 44 -31.68 -6.27 -38.13
N TYR G 45 -30.51 -6.87 -38.35
CA TYR G 45 -30.24 -8.24 -37.91
C TYR G 45 -29.27 -8.29 -36.73
N GLY G 46 -29.58 -9.17 -35.78
CA GLY G 46 -28.73 -9.36 -34.61
C GLY G 46 -28.61 -10.83 -34.23
N GLU G 47 -27.66 -11.17 -33.37
CA GLU G 47 -27.50 -12.56 -32.94
C GLU G 47 -26.99 -12.66 -31.51
N GLY G 48 -27.45 -13.70 -30.81
CA GLY G 48 -27.03 -13.94 -29.45
C GLY G 48 -26.51 -15.36 -29.38
N GLY G 49 -25.19 -15.51 -29.35
CA GLY G 49 -24.61 -16.85 -29.28
C GLY G 49 -24.28 -17.22 -27.85
N PRO G 50 -25.14 -17.99 -27.18
CA PRO G 50 -24.88 -18.39 -25.79
C PRO G 50 -23.77 -19.43 -25.68
N GLY G 51 -22.99 -19.34 -24.60
CA GLY G 51 -21.91 -20.29 -24.40
C GLY G 51 -21.98 -20.77 -22.97
N ILE G 52 -22.73 -21.83 -22.76
CA ILE G 52 -22.93 -22.36 -21.41
C ILE G 52 -21.68 -22.55 -20.56
N PHE G 53 -20.57 -23.02 -21.12
CA PHE G 53 -19.38 -23.17 -20.28
C PHE G 53 -18.45 -21.96 -20.24
N ILE G 54 -18.88 -20.87 -20.85
CA ILE G 54 -18.10 -19.62 -20.85
C ILE G 54 -18.85 -18.59 -20.01
N THR G 55 -20.11 -18.35 -20.37
CA THR G 55 -20.94 -17.35 -19.68
C THR G 55 -22.09 -17.93 -18.89
N GLY G 56 -22.40 -19.20 -19.11
CA GLY G 56 -23.49 -19.83 -18.40
C GLY G 56 -24.83 -19.61 -19.06
N GLU G 57 -24.84 -18.84 -20.15
CA GLU G 57 -26.08 -18.59 -20.86
C GLU G 57 -26.50 -19.76 -21.73
N THR G 58 -27.80 -19.94 -21.83
CA THR G 58 -28.41 -21.02 -22.59
C THR G 58 -29.26 -20.43 -23.72
N LEU G 59 -29.55 -21.23 -24.73
CA LEU G 59 -30.36 -20.73 -25.83
C LEU G 59 -31.78 -20.44 -25.32
N ALA G 60 -32.28 -21.29 -24.44
CA ALA G 60 -33.62 -21.10 -23.89
C ALA G 60 -33.71 -19.77 -23.16
N GLY G 61 -32.74 -19.57 -22.26
CA GLY G 61 -32.70 -18.37 -21.47
C GLY G 61 -32.51 -17.14 -22.33
N THR G 62 -31.70 -17.25 -23.38
CA THR G 62 -31.42 -16.13 -24.27
C THR G 62 -32.64 -15.75 -25.09
N LEU G 63 -33.36 -16.74 -25.61
CA LEU G 63 -34.55 -16.47 -26.39
C LEU G 63 -35.60 -15.79 -25.51
N GLU G 64 -35.77 -16.29 -24.28
CA GLU G 64 -36.76 -15.70 -23.37
C GLU G 64 -36.41 -14.24 -23.06
N THR G 65 -35.14 -13.97 -22.79
CA THR G 65 -34.69 -12.61 -22.46
C THR G 65 -34.83 -11.68 -23.65
N ILE G 66 -34.46 -12.16 -24.83
CA ILE G 66 -34.58 -11.32 -26.01
C ILE G 66 -36.04 -10.86 -26.19
N GLU G 67 -37.00 -11.77 -26.03
CA GLU G 67 -38.40 -11.38 -26.18
C GLU G 67 -38.78 -10.29 -25.20
N LEU G 68 -38.29 -10.37 -23.96
CA LEU G 68 -38.57 -9.33 -22.96
C LEU G 68 -38.02 -7.98 -23.42
N PHE G 69 -36.80 -7.99 -23.96
CA PHE G 69 -36.18 -6.74 -24.45
C PHE G 69 -37.00 -6.22 -25.62
N GLY G 70 -37.33 -7.12 -26.54
CA GLY G 70 -38.09 -6.76 -27.72
C GLY G 70 -39.36 -5.97 -27.43
N GLN G 71 -40.14 -6.43 -26.47
CA GLN G 71 -41.36 -5.72 -26.11
C GLN G 71 -41.03 -4.37 -25.51
N ALA G 72 -40.01 -4.34 -24.66
CA ALA G 72 -39.61 -3.12 -23.97
C ALA G 72 -39.03 -2.00 -24.83
N ILE G 73 -38.53 -2.31 -26.03
CA ILE G 73 -37.94 -1.24 -26.85
C ILE G 73 -38.77 -0.82 -28.05
N ILE G 74 -39.99 -1.31 -28.15
CA ILE G 74 -40.84 -0.92 -29.26
C ILE G 74 -41.08 0.58 -29.11
N GLY G 75 -41.01 1.32 -30.22
CA GLY G 75 -41.22 2.75 -30.13
C GLY G 75 -39.97 3.58 -29.91
N LEU G 76 -38.83 2.92 -29.64
CA LEU G 76 -37.58 3.65 -29.43
C LEU G 76 -36.80 3.80 -30.73
N ASN G 77 -35.93 4.79 -30.77
CA ASN G 77 -35.11 5.06 -31.94
C ASN G 77 -33.87 4.20 -31.82
N PRO G 78 -33.56 3.39 -32.85
CA PRO G 78 -32.37 2.52 -32.82
C PRO G 78 -31.08 3.29 -32.51
N PHE G 79 -31.05 4.57 -32.89
CA PHE G 79 -29.90 5.42 -32.65
C PHE G 79 -29.71 5.75 -31.18
N ASN G 80 -30.79 5.65 -30.41
CA ASN G 80 -30.75 5.91 -28.97
C ASN G 80 -30.22 4.64 -28.31
N ILE G 81 -29.01 4.26 -28.68
CA ILE G 81 -28.38 3.04 -28.17
C ILE G 81 -28.15 3.18 -26.66
N GLU G 82 -28.03 4.43 -26.21
CA GLU G 82 -27.82 4.69 -24.80
C GLU G 82 -29.05 4.21 -24.02
N LYS G 83 -30.24 4.63 -24.44
CA LYS G 83 -31.43 4.20 -23.72
C LYS G 83 -31.72 2.72 -23.94
N ILE G 84 -31.45 2.21 -25.14
CA ILE G 84 -31.71 0.79 -25.38
C ILE G 84 -30.96 -0.05 -24.35
N HIS G 85 -29.68 0.26 -24.11
CA HIS G 85 -28.93 -0.50 -23.12
C HIS G 85 -29.42 -0.22 -21.72
N GLU G 86 -29.86 1.00 -21.46
CA GLU G 86 -30.38 1.35 -20.15
C GLU G 86 -31.62 0.48 -19.87
N VAL G 87 -32.44 0.32 -20.89
CA VAL G 87 -33.66 -0.46 -20.78
C VAL G 87 -33.37 -1.96 -20.56
N MET G 88 -32.42 -2.49 -21.30
CA MET G 88 -32.08 -3.90 -21.15
C MET G 88 -31.40 -4.14 -19.82
N ASP G 89 -30.60 -3.19 -19.37
CA ASP G 89 -29.88 -3.34 -18.11
C ASP G 89 -30.80 -3.29 -16.90
N LYS G 90 -31.90 -2.54 -17.00
CA LYS G 90 -32.86 -2.46 -15.91
C LYS G 90 -33.61 -3.80 -15.87
N ILE G 91 -33.87 -4.37 -17.04
CA ILE G 91 -34.58 -5.65 -17.15
C ILE G 91 -33.77 -6.86 -16.65
N SER G 92 -32.53 -6.97 -17.11
CA SER G 92 -31.70 -8.10 -16.72
C SER G 92 -30.32 -7.70 -16.20
N ALA G 93 -29.94 -8.25 -15.05
CA ALA G 93 -28.65 -7.95 -14.45
C ALA G 93 -27.50 -8.66 -15.16
N PHE G 94 -27.81 -9.68 -15.96
CA PHE G 94 -26.77 -10.41 -16.72
C PHE G 94 -27.35 -11.28 -17.83
N ALA G 95 -27.08 -10.89 -19.07
CA ALA G 95 -27.53 -11.62 -20.25
C ALA G 95 -26.86 -10.99 -21.46
N PRO G 96 -25.52 -11.06 -21.51
CA PRO G 96 -24.77 -10.48 -22.63
C PRO G 96 -25.17 -11.01 -23.98
N ALA G 97 -25.54 -12.28 -24.05
CA ALA G 97 -25.95 -12.86 -25.33
C ALA G 97 -27.22 -12.18 -25.84
N ALA G 98 -28.20 -12.05 -24.96
CA ALA G 98 -29.46 -11.42 -25.31
C ALA G 98 -29.26 -9.94 -25.65
N LYS G 99 -28.49 -9.26 -24.83
CA LYS G 99 -28.25 -7.84 -25.06
C LYS G 99 -27.49 -7.60 -26.36
N ALA G 100 -26.51 -8.44 -26.66
CA ALA G 100 -25.72 -8.29 -27.88
C ALA G 100 -26.62 -8.46 -29.10
N ALA G 101 -27.57 -9.38 -29.04
CA ALA G 101 -28.46 -9.60 -30.17
C ALA G 101 -29.24 -8.33 -30.49
N ILE G 102 -29.78 -7.68 -29.46
CA ILE G 102 -30.55 -6.45 -29.65
C ILE G 102 -29.61 -5.36 -30.18
N ASP G 103 -28.51 -5.18 -29.46
CA ASP G 103 -27.48 -4.20 -29.76
C ASP G 103 -27.00 -4.30 -31.21
N ILE G 104 -26.64 -5.50 -31.63
CA ILE G 104 -26.15 -5.68 -32.98
C ILE G 104 -27.19 -5.30 -34.02
N ALA G 105 -28.45 -5.66 -33.80
CA ALA G 105 -29.48 -5.32 -34.79
C ALA G 105 -29.71 -3.80 -34.84
N CYS G 106 -29.51 -3.13 -33.71
CA CYS G 106 -29.68 -1.68 -33.67
C CYS G 106 -28.60 -0.97 -34.46
N TYR G 107 -27.36 -1.44 -34.33
CA TYR G 107 -26.27 -0.85 -35.09
C TYR G 107 -26.46 -1.11 -36.57
N ASP G 108 -26.98 -2.28 -36.91
CA ASP G 108 -27.23 -2.64 -38.30
C ASP G 108 -28.20 -1.62 -38.85
N LEU G 109 -29.26 -1.34 -38.09
CA LEU G 109 -30.27 -0.36 -38.48
C LEU G 109 -29.66 1.03 -38.61
N MET G 110 -28.79 1.41 -37.69
CA MET G 110 -28.14 2.72 -37.76
C MET G 110 -27.38 2.83 -39.08
N GLY G 111 -26.67 1.76 -39.43
CA GLY G 111 -25.89 1.76 -40.65
C GLY G 111 -26.81 1.88 -41.85
N GLN G 112 -27.89 1.11 -41.84
CA GLN G 112 -28.82 1.18 -42.97
C GLN G 112 -29.49 2.55 -43.09
N LYS G 113 -29.81 3.17 -41.96
CA LYS G 113 -30.44 4.48 -41.99
C LYS G 113 -29.46 5.54 -42.51
N ALA G 114 -28.23 5.49 -42.02
CA ALA G 114 -27.20 6.44 -42.45
C ALA G 114 -26.70 6.09 -43.84
N GLN G 115 -27.03 4.88 -44.30
CA GLN G 115 -26.61 4.40 -45.62
C GLN G 115 -25.09 4.33 -45.67
N LEU G 116 -24.54 3.68 -44.64
CA LEU G 116 -23.11 3.52 -44.49
C LEU G 116 -22.80 2.14 -43.94
N PRO G 117 -21.69 1.55 -44.37
CA PRO G 117 -21.31 0.22 -43.86
C PRO G 117 -21.07 0.46 -42.38
N LEU G 118 -21.42 -0.49 -41.53
CA LEU G 118 -21.24 -0.29 -40.10
C LEU G 118 -19.84 0.18 -39.66
N TYR G 119 -18.77 -0.36 -40.26
CA TYR G 119 -17.41 0.04 -39.85
C TYR G 119 -17.15 1.55 -39.92
N GLN G 120 -17.86 2.26 -40.78
CA GLN G 120 -17.70 3.71 -40.90
C GLN G 120 -18.28 4.46 -39.69
N LEU G 121 -19.28 3.87 -39.03
CA LEU G 121 -19.89 4.50 -37.87
C LEU G 121 -19.11 4.18 -36.61
N LEU G 122 -18.28 3.14 -36.67
CA LEU G 122 -17.53 2.69 -35.51
C LEU G 122 -16.08 3.15 -35.38
N GLY G 123 -15.61 4.00 -36.29
CA GLY G 123 -14.24 4.45 -36.20
C GLY G 123 -13.57 4.64 -37.54
N GLY G 124 -14.03 3.87 -38.53
CA GLY G 124 -13.52 3.94 -39.88
C GLY G 124 -12.04 3.69 -40.13
N TYR G 125 -11.32 3.09 -39.19
CA TYR G 125 -9.89 2.85 -39.38
C TYR G 125 -9.54 1.95 -40.57
N ASP G 126 -10.32 0.91 -40.79
CA ASP G 126 -10.08 0.00 -41.91
C ASP G 126 -11.41 -0.56 -42.41
N ASN G 127 -11.38 -1.23 -43.55
CA ASN G 127 -12.59 -1.82 -44.13
C ASN G 127 -12.41 -3.31 -44.34
N GLN G 128 -11.48 -3.89 -43.59
CA GLN G 128 -11.20 -5.31 -43.69
C GLN G 128 -10.46 -5.74 -42.43
N VAL G 129 -10.41 -7.05 -42.19
CA VAL G 129 -9.72 -7.58 -41.01
C VAL G 129 -9.09 -8.92 -41.35
N ILE G 130 -8.05 -9.27 -40.61
CA ILE G 130 -7.36 -10.53 -40.85
C ILE G 130 -7.50 -11.38 -39.61
N THR G 131 -8.05 -12.58 -39.77
CA THR G 131 -8.22 -13.45 -38.63
C THR G 131 -7.37 -14.70 -38.65
N ASP G 132 -7.12 -15.22 -37.45
CA ASP G 132 -6.37 -16.44 -37.30
C ASP G 132 -7.44 -17.52 -37.48
N ILE G 133 -7.07 -18.76 -37.26
CA ILE G 133 -8.02 -19.86 -37.32
C ILE G 133 -7.58 -20.73 -36.16
N THR G 134 -8.54 -21.26 -35.42
CA THR G 134 -8.21 -22.06 -34.25
C THR G 134 -8.12 -23.55 -34.54
N LEU G 135 -7.38 -24.25 -33.68
CA LEU G 135 -7.21 -25.69 -33.78
C LEU G 135 -7.67 -26.20 -32.42
N GLY G 136 -8.77 -26.96 -32.42
CA GLY G 136 -9.29 -27.51 -31.19
C GLY G 136 -8.36 -28.56 -30.64
N ILE G 137 -8.42 -28.79 -29.33
CA ILE G 137 -7.57 -29.77 -28.69
C ILE G 137 -7.70 -31.12 -29.37
N ASP G 138 -6.58 -31.82 -29.51
CA ASP G 138 -6.53 -33.15 -30.14
C ASP G 138 -5.12 -33.72 -29.90
N GLU G 139 -4.68 -34.64 -30.75
CA GLU G 139 -3.36 -35.24 -30.61
C GLU G 139 -2.32 -34.38 -31.32
N PRO G 140 -1.12 -34.26 -30.73
CA PRO G 140 -0.05 -33.45 -31.34
C PRO G 140 0.06 -33.69 -32.85
N ASN G 141 0.11 -34.96 -33.23
CA ASN G 141 0.23 -35.35 -34.64
C ASN G 141 -0.94 -34.82 -35.45
N VAL G 142 -2.12 -34.89 -34.86
CA VAL G 142 -3.35 -34.44 -35.51
C VAL G 142 -3.37 -32.92 -35.68
N MET G 143 -3.11 -32.19 -34.60
CA MET G 143 -3.08 -30.74 -34.63
C MET G 143 -2.04 -30.22 -35.62
N ALA G 144 -0.88 -30.89 -35.66
CA ALA G 144 0.19 -30.49 -36.57
C ALA G 144 -0.26 -30.63 -38.02
N GLN G 145 -0.98 -31.70 -38.31
CA GLN G 145 -1.49 -31.94 -39.66
C GLN G 145 -2.47 -30.84 -40.07
N LYS G 146 -3.38 -30.53 -39.16
CA LYS G 146 -4.38 -29.50 -39.39
C LYS G 146 -3.70 -28.17 -39.70
N ALA G 147 -2.62 -27.90 -38.99
CA ALA G 147 -1.86 -26.66 -39.18
C ALA G 147 -1.49 -26.47 -40.64
N VAL G 148 -0.77 -27.45 -41.19
CA VAL G 148 -0.34 -27.38 -42.58
C VAL G 148 -1.53 -27.11 -43.49
N GLU G 149 -2.67 -27.70 -43.13
CA GLU G 149 -3.90 -27.51 -43.89
C GLU G 149 -4.28 -26.04 -43.97
N LYS G 150 -4.55 -25.44 -42.82
CA LYS G 150 -4.93 -24.03 -42.74
C LYS G 150 -3.85 -23.12 -43.32
N VAL G 151 -2.58 -23.48 -43.11
CA VAL G 151 -1.49 -22.68 -43.64
C VAL G 151 -1.61 -22.64 -45.17
N LYS G 152 -1.90 -23.79 -45.76
CA LYS G 152 -2.05 -23.85 -47.21
C LYS G 152 -3.25 -23.04 -47.66
N LEU G 153 -4.18 -22.82 -46.75
CA LEU G 153 -5.37 -22.03 -47.05
C LEU G 153 -4.97 -20.55 -47.06
N GLY G 154 -3.80 -20.25 -46.52
CA GLY G 154 -3.32 -18.87 -46.50
C GLY G 154 -3.24 -18.24 -45.12
N PHE G 155 -3.57 -19.00 -44.09
CA PHE G 155 -3.54 -18.49 -42.72
C PHE G 155 -2.11 -18.35 -42.20
N ASP G 156 -1.78 -17.14 -41.74
CA ASP G 156 -0.45 -16.86 -41.21
C ASP G 156 -0.42 -16.89 -39.69
N THR G 157 -1.59 -17.03 -39.08
CA THR G 157 -1.68 -17.09 -37.63
C THR G 157 -2.61 -18.22 -37.19
N LEU G 158 -2.21 -18.95 -36.16
CA LEU G 158 -3.00 -20.06 -35.69
C LEU G 158 -3.21 -19.97 -34.19
N LYS G 159 -4.45 -20.21 -33.77
CA LYS G 159 -4.78 -20.20 -32.36
C LYS G 159 -4.80 -21.69 -31.95
N ILE G 160 -4.01 -22.04 -30.94
CA ILE G 160 -3.90 -23.42 -30.49
C ILE G 160 -4.45 -23.67 -29.11
N LYS G 161 -5.44 -24.54 -29.04
CA LYS G 161 -6.07 -24.88 -27.76
C LYS G 161 -5.28 -25.95 -27.01
N VAL G 162 -5.17 -25.79 -25.70
CA VAL G 162 -4.45 -26.73 -24.87
C VAL G 162 -5.11 -26.73 -23.52
N GLY G 163 -4.83 -27.74 -22.69
CA GLY G 163 -5.44 -27.78 -21.38
C GLY G 163 -5.65 -29.16 -20.76
N THR G 164 -5.12 -30.21 -21.38
CA THR G 164 -5.27 -31.55 -20.82
C THR G 164 -4.16 -31.84 -19.80
N GLY G 165 -3.08 -31.08 -19.88
CA GLY G 165 -1.96 -31.26 -18.95
C GLY G 165 -0.72 -30.61 -19.52
N ILE G 166 -0.04 -29.80 -18.71
CA ILE G 166 1.17 -29.11 -19.16
C ILE G 166 2.04 -30.00 -20.05
N GLU G 167 2.15 -31.28 -19.68
CA GLU G 167 2.95 -32.23 -20.44
C GLU G 167 2.46 -32.36 -21.88
N ALA G 168 1.30 -33.00 -22.06
CA ALA G 168 0.72 -33.19 -23.38
C ALA G 168 0.55 -31.88 -24.13
N ASP G 169 0.25 -30.82 -23.38
CA ASP G 169 0.06 -29.50 -23.99
C ASP G 169 1.34 -29.02 -24.69
N ILE G 170 2.46 -29.06 -23.95
CA ILE G 170 3.74 -28.65 -24.50
C ILE G 170 4.05 -29.45 -25.76
N ALA G 171 3.83 -30.76 -25.67
CA ALA G 171 4.06 -31.65 -26.80
C ALA G 171 3.26 -31.19 -28.00
N ARG G 172 2.00 -30.82 -27.75
CA ARG G 172 1.10 -30.37 -28.81
C ARG G 172 1.67 -29.22 -29.63
N VAL G 173 2.16 -28.19 -28.94
CA VAL G 173 2.72 -27.02 -29.61
C VAL G 173 3.98 -27.36 -30.40
N LYS G 174 4.96 -27.95 -29.71
CA LYS G 174 6.21 -28.32 -30.35
C LYS G 174 5.93 -29.00 -31.68
N ALA G 175 5.05 -29.99 -31.66
CA ALA G 175 4.70 -30.71 -32.87
C ALA G 175 4.28 -29.72 -33.95
N ILE G 176 3.21 -28.96 -33.68
CA ILE G 176 2.68 -27.98 -34.61
C ILE G 176 3.73 -27.02 -35.17
N ARG G 177 4.55 -26.48 -34.29
CA ARG G 177 5.60 -25.54 -34.71
C ARG G 177 6.55 -26.18 -35.73
N GLU G 178 7.11 -27.33 -35.36
CA GLU G 178 8.04 -28.05 -36.22
C GLU G 178 7.36 -28.64 -37.45
N ALA G 179 6.15 -28.19 -37.73
CA ALA G 179 5.40 -28.70 -38.88
C ALA G 179 5.05 -27.63 -39.90
N VAL G 180 4.89 -26.38 -39.44
CA VAL G 180 4.54 -25.28 -40.34
C VAL G 180 5.67 -24.29 -40.60
N GLY G 181 6.62 -24.23 -39.67
CA GLY G 181 7.74 -23.32 -39.84
C GLY G 181 7.89 -22.34 -38.68
N PHE G 182 8.34 -21.13 -38.99
CA PHE G 182 8.51 -20.09 -37.99
C PHE G 182 7.98 -18.78 -38.51
N ASP G 183 7.48 -18.80 -39.75
CA ASP G 183 6.91 -17.62 -40.37
C ASP G 183 5.43 -17.53 -39.99
N ILE G 184 4.92 -18.59 -39.36
CA ILE G 184 3.53 -18.64 -38.95
C ILE G 184 3.43 -18.24 -37.48
N LYS G 185 2.60 -17.25 -37.18
CA LYS G 185 2.43 -16.81 -35.80
C LYS G 185 1.54 -17.80 -35.07
N LEU G 186 1.90 -18.13 -33.83
CA LEU G 186 1.12 -19.08 -33.05
C LEU G 186 0.74 -18.55 -31.68
N ARG G 187 -0.56 -18.49 -31.42
CA ARG G 187 -1.07 -18.02 -30.12
C ARG G 187 -1.67 -19.22 -29.39
N LEU G 188 -1.53 -19.26 -28.07
CA LEU G 188 -2.08 -20.37 -27.30
C LEU G 188 -3.23 -19.96 -26.40
N ASP G 189 -4.19 -20.87 -26.23
CA ASP G 189 -5.34 -20.64 -25.37
C ASP G 189 -5.51 -21.87 -24.48
N ALA G 190 -5.32 -21.70 -23.18
CA ALA G 190 -5.43 -22.81 -22.23
C ALA G 190 -6.76 -22.82 -21.45
N ASN G 191 -7.67 -21.93 -21.83
CA ASN G 191 -8.96 -21.83 -21.17
C ASN G 191 -8.96 -22.16 -19.69
N GLN G 192 -8.18 -21.42 -18.92
CA GLN G 192 -8.10 -21.57 -17.47
C GLN G 192 -7.60 -22.93 -16.98
N ALA G 193 -7.07 -23.75 -17.88
CA ALA G 193 -6.61 -25.09 -17.50
C ALA G 193 -5.45 -25.21 -16.51
N TRP G 194 -4.55 -24.22 -16.48
CA TRP G 194 -3.40 -24.32 -15.58
C TRP G 194 -3.43 -23.52 -14.30
N THR G 195 -2.58 -23.95 -13.37
CA THR G 195 -2.40 -23.29 -12.08
C THR G 195 -1.30 -22.27 -12.32
N PRO G 196 -1.26 -21.20 -11.52
CA PRO G 196 -0.24 -20.16 -11.67
C PRO G 196 1.18 -20.68 -11.94
N LYS G 197 1.76 -21.38 -10.97
CA LYS G 197 3.12 -21.88 -11.12
C LYS G 197 3.35 -22.90 -12.24
N ASP G 198 2.33 -23.67 -12.60
CA ASP G 198 2.47 -24.64 -13.69
C ASP G 198 2.33 -23.90 -15.00
N ALA G 199 1.58 -22.81 -14.98
CA ALA G 199 1.39 -22.00 -16.19
C ALA G 199 2.75 -21.41 -16.55
N VAL G 200 3.45 -20.91 -15.54
CA VAL G 200 4.76 -20.33 -15.74
C VAL G 200 5.67 -21.38 -16.36
N LYS G 201 5.77 -22.52 -15.68
CA LYS G 201 6.60 -23.64 -16.13
C LYS G 201 6.37 -23.96 -17.61
N ALA G 202 5.10 -24.14 -17.97
CA ALA G 202 4.73 -24.46 -19.34
C ALA G 202 5.16 -23.37 -20.33
N ILE G 203 4.85 -22.12 -20.00
CA ILE G 203 5.19 -21.02 -20.87
C ILE G 203 6.71 -20.95 -21.07
N GLN G 204 7.46 -20.98 -19.97
CA GLN G 204 8.91 -20.92 -20.07
C GLN G 204 9.46 -22.09 -20.87
N ALA G 205 8.73 -23.21 -20.85
CA ALA G 205 9.14 -24.41 -21.57
C ALA G 205 9.08 -24.26 -23.09
N LEU G 206 8.23 -23.34 -23.57
CA LEU G 206 8.11 -23.11 -25.00
C LEU G 206 8.88 -21.86 -25.44
N ALA G 207 9.87 -21.48 -24.64
CA ALA G 207 10.69 -20.30 -24.91
C ALA G 207 11.27 -20.26 -26.32
N ASP G 208 11.89 -21.35 -26.76
CA ASP G 208 12.49 -21.39 -28.10
C ASP G 208 11.50 -21.70 -29.21
N TYR G 209 10.22 -21.85 -28.87
CA TYR G 209 9.21 -22.15 -29.87
C TYR G 209 8.52 -20.89 -30.38
N GLN G 210 8.86 -19.76 -29.77
CA GLN G 210 8.34 -18.47 -30.20
C GLN G 210 6.81 -18.34 -30.22
N ILE G 211 6.21 -18.24 -29.03
CA ILE G 211 4.76 -18.10 -28.93
C ILE G 211 4.38 -16.62 -28.87
N GLU G 212 3.47 -16.20 -29.74
CA GLU G 212 3.03 -14.81 -29.78
C GLU G 212 2.38 -14.40 -28.45
N LEU G 213 1.56 -15.28 -27.90
CA LEU G 213 0.90 -14.98 -26.63
C LEU G 213 0.16 -16.19 -26.08
N VAL G 214 -0.18 -16.12 -24.80
CA VAL G 214 -0.92 -17.17 -24.14
C VAL G 214 -2.19 -16.57 -23.56
N GLU G 215 -3.33 -17.12 -23.97
CA GLU G 215 -4.65 -16.67 -23.56
C GLU G 215 -5.19 -17.37 -22.32
N GLN G 216 -5.65 -16.57 -21.36
CA GLN G 216 -6.24 -17.05 -20.11
C GLN G 216 -5.63 -18.36 -19.63
N PRO G 217 -4.43 -18.30 -19.00
CA PRO G 217 -3.77 -19.50 -18.50
C PRO G 217 -4.39 -20.10 -17.22
N VAL G 218 -4.90 -19.24 -16.33
CA VAL G 218 -5.50 -19.72 -15.09
C VAL G 218 -7.01 -19.47 -15.03
N LYS G 219 -7.63 -19.85 -13.90
CA LYS G 219 -9.08 -19.68 -13.71
C LYS G 219 -9.50 -18.21 -13.71
N ARG G 220 -10.50 -17.90 -14.52
CA ARG G 220 -11.02 -16.54 -14.66
C ARG G 220 -11.13 -15.73 -13.37
N ARG G 221 -11.38 -16.40 -12.25
CA ARG G 221 -11.53 -15.67 -10.99
C ARG G 221 -10.23 -15.45 -10.22
N ASP G 222 -9.17 -16.15 -10.59
CA ASP G 222 -7.89 -16.00 -9.90
C ASP G 222 -7.07 -14.91 -10.54
N LEU G 223 -7.42 -13.66 -10.24
CA LEU G 223 -6.72 -12.51 -10.81
C LEU G 223 -5.31 -12.37 -10.27
N GLU G 224 -5.11 -12.66 -8.99
CA GLU G 224 -3.78 -12.58 -8.40
C GLU G 224 -2.91 -13.60 -9.13
N GLY G 225 -3.49 -14.76 -9.42
CA GLY G 225 -2.75 -15.80 -10.11
C GLY G 225 -2.40 -15.40 -11.53
N LEU G 226 -3.37 -14.86 -12.25
CA LEU G 226 -3.16 -14.43 -13.62
C LEU G 226 -2.05 -13.36 -13.69
N LYS G 227 -2.12 -12.39 -12.79
CA LYS G 227 -1.11 -11.34 -12.75
C LYS G 227 0.25 -12.00 -12.48
N TYR G 228 0.26 -13.01 -11.61
CA TYR G 228 1.49 -13.73 -11.30
C TYR G 228 2.14 -14.22 -12.59
N VAL G 229 1.36 -14.93 -13.40
CA VAL G 229 1.85 -15.44 -14.68
C VAL G 229 2.39 -14.31 -15.55
N THR G 230 1.58 -13.28 -15.73
CA THR G 230 1.98 -12.13 -16.54
C THR G 230 3.32 -11.57 -16.09
N SER G 231 3.48 -11.40 -14.78
CA SER G 231 4.70 -10.85 -14.22
C SER G 231 5.88 -11.81 -14.09
N GLN G 232 5.71 -13.06 -14.52
CA GLN G 232 6.81 -14.03 -14.43
C GLN G 232 7.45 -14.33 -15.77
N VAL G 233 6.65 -14.32 -16.83
CA VAL G 233 7.15 -14.58 -18.17
C VAL G 233 7.17 -13.30 -18.99
N ASN G 234 8.04 -13.25 -19.99
CA ASN G 234 8.13 -12.07 -20.85
C ASN G 234 7.14 -12.25 -22.00
N THR G 235 6.58 -13.46 -22.09
CA THR G 235 5.60 -13.77 -23.12
C THR G 235 4.34 -12.93 -22.88
N THR G 236 3.61 -12.63 -23.95
CA THR G 236 2.39 -11.83 -23.84
C THR G 236 1.22 -12.66 -23.30
N ILE G 237 0.68 -12.23 -22.16
CA ILE G 237 -0.44 -12.91 -21.53
C ILE G 237 -1.74 -12.15 -21.80
N MET G 238 -2.71 -12.85 -22.40
CA MET G 238 -4.00 -12.26 -22.74
C MET G 238 -5.12 -12.74 -21.83
N ALA G 239 -6.03 -11.83 -21.51
CA ALA G 239 -7.17 -12.15 -20.65
C ALA G 239 -8.40 -12.38 -21.51
N ASP G 240 -9.19 -13.38 -21.13
CA ASP G 240 -10.41 -13.67 -21.86
C ASP G 240 -11.56 -13.80 -20.86
N GLU G 241 -11.75 -15.02 -20.35
CA GLU G 241 -12.83 -15.26 -19.39
C GLU G 241 -12.71 -14.37 -18.15
N SER G 242 -11.52 -13.84 -17.91
CA SER G 242 -11.32 -12.96 -16.75
C SER G 242 -11.89 -11.57 -17.04
N CYS G 243 -12.30 -11.34 -18.28
CA CYS G 243 -12.82 -10.03 -18.68
C CYS G 243 -14.05 -10.11 -19.57
N PHE G 244 -15.22 -9.91 -18.97
CA PHE G 244 -16.47 -9.95 -19.69
C PHE G 244 -16.91 -8.58 -20.22
N ASP G 245 -16.92 -7.59 -19.32
CA ASP G 245 -17.38 -6.24 -19.64
C ASP G 245 -16.40 -5.12 -19.33
N ALA G 246 -16.86 -3.88 -19.46
CA ALA G 246 -16.03 -2.70 -19.20
C ALA G 246 -15.55 -2.63 -17.76
N GLN G 247 -16.41 -2.93 -16.80
CA GLN G 247 -16.00 -2.88 -15.40
C GLN G 247 -14.90 -3.92 -15.14
N ASP G 248 -14.93 -5.05 -15.83
CA ASP G 248 -13.87 -6.05 -15.65
C ASP G 248 -12.55 -5.49 -16.17
N ALA G 249 -12.62 -4.86 -17.35
CA ALA G 249 -11.45 -4.30 -18.00
C ALA G 249 -10.80 -3.24 -17.12
N LEU G 250 -11.62 -2.41 -16.50
CA LEU G 250 -11.11 -1.35 -15.64
C LEU G 250 -10.36 -1.94 -14.45
N GLU G 251 -10.87 -3.06 -13.94
CA GLU G 251 -10.22 -3.73 -12.81
C GLU G 251 -8.89 -4.33 -13.25
N LEU G 252 -8.85 -4.90 -14.46
CA LEU G 252 -7.64 -5.51 -14.97
C LEU G 252 -6.53 -4.49 -15.27
N VAL G 253 -6.88 -3.37 -15.88
CA VAL G 253 -5.88 -2.35 -16.18
C VAL G 253 -5.44 -1.75 -14.84
N LYS G 254 -6.37 -1.66 -13.91
CA LYS G 254 -6.01 -1.09 -12.61
C LYS G 254 -4.96 -1.91 -11.88
N LYS G 255 -5.11 -3.23 -11.86
CA LYS G 255 -4.16 -4.08 -11.17
C LYS G 255 -2.97 -4.52 -12.01
N GLY G 256 -3.01 -4.25 -13.31
CA GLY G 256 -1.91 -4.64 -14.19
C GLY G 256 -1.86 -6.15 -14.33
N THR G 257 -3.04 -6.77 -14.37
CA THR G 257 -3.18 -8.22 -14.48
C THR G 257 -2.71 -8.89 -15.76
N VAL G 258 -2.89 -8.24 -16.91
CA VAL G 258 -2.50 -8.82 -18.18
C VAL G 258 -1.92 -7.81 -19.18
N ASP G 259 -1.46 -8.33 -20.31
CA ASP G 259 -0.87 -7.51 -21.37
C ASP G 259 -1.85 -7.16 -22.48
N VAL G 260 -2.78 -8.06 -22.77
CA VAL G 260 -3.76 -7.87 -23.84
C VAL G 260 -5.12 -8.37 -23.35
N ILE G 261 -6.19 -7.94 -23.99
CA ILE G 261 -7.53 -8.37 -23.59
C ILE G 261 -8.37 -8.84 -24.77
N ASN G 262 -9.02 -9.99 -24.60
CA ASN G 262 -9.85 -10.54 -25.65
C ASN G 262 -11.27 -10.01 -25.47
N ILE G 263 -11.80 -9.41 -26.53
CA ILE G 263 -13.14 -8.85 -26.51
C ILE G 263 -14.10 -9.76 -27.28
N LYS G 264 -15.27 -10.02 -26.69
CA LYS G 264 -16.28 -10.83 -27.34
C LYS G 264 -17.62 -10.14 -27.14
N LEU G 265 -18.32 -9.89 -28.24
CA LEU G 265 -19.61 -9.24 -28.16
C LEU G 265 -20.58 -10.02 -27.28
N MET G 266 -20.46 -11.35 -27.29
CA MET G 266 -21.33 -12.21 -26.48
C MET G 266 -20.95 -12.28 -25.00
N LYS G 267 -19.84 -11.65 -24.63
CA LYS G 267 -19.42 -11.61 -23.23
C LYS G 267 -19.77 -10.24 -22.64
N CYS G 268 -19.73 -9.20 -23.46
CA CYS G 268 -19.99 -7.84 -23.00
C CYS G 268 -21.38 -7.26 -23.32
N GLY G 269 -22.18 -8.01 -24.08
CA GLY G 269 -23.52 -7.53 -24.41
C GLY G 269 -23.63 -6.61 -25.60
N GLY G 270 -22.69 -6.70 -26.54
CA GLY G 270 -22.77 -5.86 -27.73
C GLY G 270 -21.63 -4.90 -28.03
N ILE G 271 -21.73 -4.31 -29.22
CA ILE G 271 -20.79 -3.34 -29.73
C ILE G 271 -20.68 -2.13 -28.82
N HIS G 272 -21.80 -1.72 -28.22
CA HIS G 272 -21.80 -0.57 -27.33
C HIS G 272 -20.87 -0.74 -26.13
N GLU G 273 -20.84 -1.94 -25.56
CA GLU G 273 -19.96 -2.21 -24.43
C GLU G 273 -18.55 -2.51 -24.94
N ALA G 274 -18.46 -3.19 -26.07
CA ALA G 274 -17.16 -3.55 -26.66
C ALA G 274 -16.35 -2.29 -26.89
N LEU G 275 -17.02 -1.24 -27.35
CA LEU G 275 -16.37 0.04 -27.58
C LEU G 275 -15.80 0.53 -26.24
N LYS G 276 -16.62 0.46 -25.19
CA LYS G 276 -16.17 0.88 -23.87
C LYS G 276 -14.90 0.15 -23.47
N ILE G 277 -14.87 -1.16 -23.67
CA ILE G 277 -13.69 -1.97 -23.31
C ILE G 277 -12.43 -1.57 -24.05
N ASN G 278 -12.54 -1.41 -25.37
CA ASN G 278 -11.41 -1.06 -26.19
C ASN G 278 -10.85 0.32 -25.82
N GLN G 279 -11.74 1.26 -25.51
CA GLN G 279 -11.28 2.60 -25.16
C GLN G 279 -10.54 2.56 -23.83
N ILE G 280 -11.05 1.78 -22.88
CA ILE G 280 -10.41 1.67 -21.57
C ILE G 280 -9.01 1.08 -21.76
N CYS G 281 -8.92 0.04 -22.56
CA CYS G 281 -7.64 -0.63 -22.82
C CYS G 281 -6.66 0.27 -23.56
N GLU G 282 -7.10 0.84 -24.68
CA GLU G 282 -6.24 1.71 -25.45
C GLU G 282 -5.68 2.82 -24.55
N THR G 283 -6.53 3.39 -23.71
CA THR G 283 -6.09 4.45 -22.80
C THR G 283 -5.04 3.94 -21.82
N ALA G 284 -5.13 2.66 -21.47
CA ALA G 284 -4.18 2.06 -20.53
C ALA G 284 -2.96 1.45 -21.25
N GLY G 285 -2.95 1.54 -22.57
CA GLY G 285 -1.84 0.99 -23.33
C GLY G 285 -1.91 -0.51 -23.55
N ILE G 286 -3.13 -1.06 -23.48
CA ILE G 286 -3.36 -2.49 -23.67
C ILE G 286 -4.11 -2.69 -24.99
N GLU G 287 -3.56 -3.49 -25.89
CA GLU G 287 -4.23 -3.74 -27.15
C GLU G 287 -5.30 -4.79 -26.93
N CYS G 288 -6.25 -4.90 -27.85
CA CYS G 288 -7.32 -5.86 -27.74
C CYS G 288 -7.43 -6.77 -28.94
N MET G 289 -7.91 -7.99 -28.70
CA MET G 289 -8.14 -8.92 -29.78
C MET G 289 -9.65 -9.14 -29.76
N ILE G 290 -10.26 -9.23 -30.94
CA ILE G 290 -11.69 -9.47 -31.06
C ILE G 290 -11.89 -10.99 -31.22
N GLY G 291 -12.63 -11.60 -30.31
CA GLY G 291 -12.87 -13.03 -30.38
C GLY G 291 -14.31 -13.38 -30.72
N CYS G 292 -14.66 -14.65 -30.53
CA CYS G 292 -16.02 -15.10 -30.81
C CYS G 292 -16.34 -16.40 -30.08
N MET G 293 -17.62 -16.77 -30.09
CA MET G 293 -18.08 -18.00 -29.45
C MET G 293 -18.23 -18.99 -30.61
N ALA G 294 -18.03 -20.28 -30.33
CA ALA G 294 -18.16 -21.29 -31.38
C ALA G 294 -19.59 -21.32 -31.91
N GLU G 295 -20.55 -21.03 -31.02
CA GLU G 295 -21.97 -21.03 -31.36
C GLU G 295 -22.47 -19.90 -32.26
N GLU G 296 -21.78 -18.76 -32.26
CA GLU G 296 -22.30 -17.68 -33.10
C GLU G 296 -22.04 -17.92 -34.57
N THR G 297 -22.71 -17.15 -35.42
CA THR G 297 -22.55 -17.34 -36.84
C THR G 297 -22.33 -16.05 -37.63
N THR G 298 -22.72 -16.08 -38.89
CA THR G 298 -22.57 -14.97 -39.82
C THR G 298 -22.85 -13.57 -39.24
N ILE G 299 -23.99 -13.42 -38.57
CA ILE G 299 -24.36 -12.13 -38.02
C ILE G 299 -23.40 -11.63 -36.94
N GLY G 300 -23.16 -12.46 -35.93
CA GLY G 300 -22.27 -12.08 -34.85
C GLY G 300 -20.85 -11.86 -35.33
N ILE G 301 -20.38 -12.74 -36.22
CA ILE G 301 -19.03 -12.63 -36.74
C ILE G 301 -18.88 -11.36 -37.56
N THR G 302 -19.85 -11.08 -38.42
CA THR G 302 -19.83 -9.90 -39.24
C THR G 302 -19.82 -8.64 -38.38
N ALA G 303 -20.71 -8.56 -37.40
CA ALA G 303 -20.78 -7.40 -36.51
C ALA G 303 -19.41 -7.16 -35.86
N ALA G 304 -18.80 -8.25 -35.39
CA ALA G 304 -17.50 -8.18 -34.75
C ALA G 304 -16.41 -7.73 -35.75
N ALA G 305 -16.57 -8.11 -37.02
CA ALA G 305 -15.61 -7.74 -38.06
C ALA G 305 -15.63 -6.23 -38.32
N HIS G 306 -16.82 -5.65 -38.37
CA HIS G 306 -16.95 -4.22 -38.61
C HIS G 306 -16.31 -3.45 -37.47
N LEU G 307 -16.49 -3.94 -36.25
CA LEU G 307 -15.91 -3.29 -35.09
C LEU G 307 -14.38 -3.38 -35.10
N ALA G 308 -13.85 -4.57 -35.35
CA ALA G 308 -12.42 -4.80 -35.37
C ALA G 308 -11.75 -3.90 -36.40
N ALA G 309 -12.26 -3.92 -37.62
CA ALA G 309 -11.74 -3.11 -38.70
C ALA G 309 -11.81 -1.60 -38.39
N ALA G 310 -12.86 -1.19 -37.70
CA ALA G 310 -13.05 0.24 -37.39
C ALA G 310 -12.19 0.82 -36.28
N GLN G 311 -11.81 -0.02 -35.32
CA GLN G 311 -11.03 0.40 -34.17
C GLN G 311 -9.54 0.04 -34.27
N LYS G 312 -8.69 1.04 -34.19
CA LYS G 312 -7.24 0.84 -34.27
C LYS G 312 -6.66 -0.03 -33.16
N ASN G 313 -7.13 0.12 -31.93
CA ASN G 313 -6.57 -0.67 -30.84
C ASN G 313 -6.96 -2.15 -30.84
N ILE G 314 -7.88 -2.55 -31.70
CA ILE G 314 -8.23 -3.96 -31.81
C ILE G 314 -7.26 -4.40 -32.89
N THR G 315 -6.10 -4.88 -32.45
CA THR G 315 -4.98 -5.26 -33.31
C THR G 315 -4.89 -6.73 -33.71
N ARG G 316 -5.76 -7.57 -33.17
CA ARG G 316 -5.77 -8.99 -33.50
C ARG G 316 -7.21 -9.44 -33.67
N ALA G 317 -7.41 -10.51 -34.42
CA ALA G 317 -8.75 -11.01 -34.66
C ALA G 317 -8.82 -12.53 -34.64
N ASP G 318 -9.86 -13.05 -33.99
CA ASP G 318 -10.11 -14.49 -33.90
C ASP G 318 -11.59 -14.65 -34.21
N LEU G 319 -11.92 -14.43 -35.48
CA LEU G 319 -13.29 -14.52 -35.99
C LEU G 319 -13.35 -15.67 -36.97
N ASP G 320 -13.32 -16.89 -36.44
CA ASP G 320 -13.32 -18.10 -37.26
C ASP G 320 -14.57 -18.97 -37.14
N ALA G 321 -15.53 -18.55 -36.31
CA ALA G 321 -16.75 -19.32 -36.10
C ALA G 321 -17.44 -19.78 -37.39
N THR G 322 -17.53 -18.91 -38.40
CA THR G 322 -18.19 -19.28 -39.63
C THR G 322 -17.47 -20.33 -40.48
N PHE G 323 -16.18 -20.56 -40.21
CA PHE G 323 -15.40 -21.53 -40.97
C PHE G 323 -15.81 -22.96 -40.64
N GLY G 324 -16.42 -23.14 -39.47
CA GLY G 324 -16.85 -24.45 -39.06
C GLY G 324 -18.31 -24.74 -39.32
N LEU G 325 -19.05 -23.75 -39.79
CA LEU G 325 -20.48 -23.91 -40.06
C LEU G 325 -20.75 -24.76 -41.28
N GLU G 326 -21.69 -25.69 -41.17
CA GLU G 326 -21.99 -26.55 -42.29
C GLU G 326 -22.84 -25.80 -43.33
N THR G 327 -23.55 -24.76 -42.91
CA THR G 327 -24.36 -23.95 -43.82
C THR G 327 -24.57 -22.54 -43.25
N ALA G 328 -24.95 -21.60 -44.12
CA ALA G 328 -25.16 -20.21 -43.73
C ALA G 328 -26.60 -19.91 -43.31
N PRO G 329 -26.78 -19.29 -42.13
CA PRO G 329 -28.11 -18.94 -41.62
C PRO G 329 -28.74 -17.72 -42.28
N VAL G 330 -27.92 -16.98 -43.02
CA VAL G 330 -28.40 -15.79 -43.69
C VAL G 330 -27.58 -15.52 -44.95
N THR G 331 -27.95 -14.50 -45.71
CA THR G 331 -27.23 -14.15 -46.93
C THR G 331 -26.33 -12.92 -46.70
N GLY G 332 -25.18 -12.89 -47.37
CA GLY G 332 -24.25 -11.78 -47.21
C GLY G 332 -23.41 -11.91 -45.95
N GLY G 333 -22.73 -10.84 -45.57
CA GLY G 333 -21.90 -10.85 -44.37
C GLY G 333 -20.62 -11.64 -44.55
N VAL G 334 -19.96 -11.96 -43.44
CA VAL G 334 -18.72 -12.72 -43.50
C VAL G 334 -19.02 -14.11 -44.04
N SER G 335 -18.37 -14.44 -45.16
CA SER G 335 -18.55 -15.74 -45.81
C SER G 335 -18.14 -16.92 -44.95
N LEU G 336 -18.62 -18.10 -45.29
CA LEU G 336 -18.27 -19.32 -44.58
C LEU G 336 -16.92 -19.85 -45.07
N GLU G 337 -16.44 -19.30 -46.18
CA GLU G 337 -15.17 -19.71 -46.75
C GLU G 337 -14.04 -19.50 -45.76
N ALA G 338 -13.24 -20.54 -45.54
CA ALA G 338 -12.13 -20.43 -44.61
C ALA G 338 -10.99 -19.70 -45.33
N LYS G 339 -10.85 -18.42 -45.02
CA LYS G 339 -9.83 -17.54 -45.57
C LYS G 339 -9.49 -16.54 -44.46
N PRO G 340 -8.22 -16.12 -44.38
CA PRO G 340 -7.82 -15.16 -43.33
C PRO G 340 -8.30 -13.72 -43.57
N LEU G 341 -8.52 -13.36 -44.83
CA LEU G 341 -8.95 -12.01 -45.12
C LEU G 341 -10.47 -11.85 -45.13
N LEU G 342 -10.97 -11.02 -44.21
CA LEU G 342 -12.39 -10.76 -44.12
C LEU G 342 -12.54 -9.31 -44.59
N GLU G 343 -12.94 -9.15 -45.84
CA GLU G 343 -13.10 -7.82 -46.41
C GLU G 343 -14.55 -7.41 -46.28
N LEU G 344 -14.80 -6.23 -45.71
CA LEU G 344 -16.16 -5.73 -45.57
C LEU G 344 -16.43 -4.89 -46.82
N GLY G 345 -17.67 -4.93 -47.31
CA GLY G 345 -17.99 -4.17 -48.51
C GLY G 345 -18.56 -2.79 -48.21
N GLU G 346 -19.19 -2.20 -49.21
CA GLU G 346 -19.79 -0.88 -49.07
C GLU G 346 -21.27 -0.98 -48.76
N ALA G 347 -21.78 -2.20 -48.58
CA ALA G 347 -23.18 -2.38 -48.26
C ALA G 347 -23.46 -1.70 -46.91
N ALA G 348 -24.63 -1.09 -46.78
CA ALA G 348 -25.01 -0.40 -45.56
C ALA G 348 -25.24 -1.37 -44.39
N GLY G 349 -24.93 -0.91 -43.18
CA GLY G 349 -25.11 -1.77 -42.02
C GLY G 349 -24.18 -2.98 -42.07
N LEU G 350 -24.73 -4.17 -41.82
CA LEU G 350 -23.95 -5.40 -41.83
C LEU G 350 -23.90 -6.03 -43.22
N GLY G 351 -24.72 -5.51 -44.12
CA GLY G 351 -24.78 -6.05 -45.47
C GLY G 351 -25.39 -7.45 -45.45
N ILE G 352 -26.26 -7.69 -44.48
CA ILE G 352 -26.91 -8.99 -44.33
C ILE G 352 -28.40 -8.95 -44.64
N SER G 353 -28.90 -10.04 -45.22
CA SER G 353 -30.31 -10.18 -45.59
C SER G 353 -30.75 -11.65 -45.44
N HIS G 354 -32.05 -11.87 -45.31
CA HIS G 354 -32.62 -13.20 -45.15
C HIS G 354 -31.87 -14.29 -45.90
N MET H 1 -16.25 9.08 -48.94
CA MET H 1 -16.05 10.55 -48.72
C MET H 1 -14.56 10.84 -48.49
N LYS H 2 -14.09 11.96 -49.04
CA LYS H 2 -12.68 12.36 -48.92
C LYS H 2 -12.52 13.86 -48.68
N ILE H 3 -11.55 14.21 -47.83
CA ILE H 3 -11.25 15.60 -47.53
C ILE H 3 -10.51 16.21 -48.73
N LYS H 4 -11.04 17.31 -49.24
CA LYS H 4 -10.44 17.99 -50.38
C LYS H 4 -9.48 19.08 -49.93
N GLN H 5 -9.92 19.90 -48.98
CA GLN H 5 -9.07 20.96 -48.44
C GLN H 5 -9.54 21.43 -47.08
N VAL H 6 -8.63 22.04 -46.33
CA VAL H 6 -8.92 22.53 -44.99
C VAL H 6 -8.65 24.03 -44.94
N HIS H 7 -9.65 24.82 -44.54
CA HIS H 7 -9.46 26.26 -44.44
C HIS H 7 -9.54 26.67 -42.95
N VAL H 8 -8.64 27.54 -42.51
CA VAL H 8 -8.66 27.99 -41.14
C VAL H 8 -8.50 29.50 -41.10
N ARG H 9 -9.23 30.15 -40.19
CA ARG H 9 -9.16 31.59 -40.05
C ARG H 9 -9.35 31.99 -38.59
N ALA H 10 -8.82 33.15 -38.23
CA ALA H 10 -8.93 33.66 -36.88
C ALA H 10 -10.23 34.41 -36.68
N SER H 11 -10.72 34.35 -35.44
CA SER H 11 -11.95 35.04 -35.05
C SER H 11 -11.68 35.67 -33.68
N LYS H 12 -11.76 36.99 -33.63
CA LYS H 12 -11.55 37.72 -32.37
C LYS H 12 -12.88 38.41 -32.02
N ILE H 13 -13.55 37.93 -30.98
CA ILE H 13 -14.84 38.49 -30.59
C ILE H 13 -14.85 39.03 -29.16
N LYS H 14 -15.23 40.29 -29.02
CA LYS H 14 -15.29 40.91 -27.71
C LYS H 14 -16.38 40.30 -26.83
N LEU H 15 -16.12 40.22 -25.53
CA LEU H 15 -17.10 39.71 -24.59
C LEU H 15 -17.88 40.94 -24.10
N LYS H 16 -19.16 40.77 -23.84
CA LYS H 16 -19.98 41.88 -23.38
C LYS H 16 -19.47 42.51 -22.07
N GLU H 17 -18.61 41.77 -21.36
CA GLU H 17 -18.01 42.26 -20.12
C GLU H 17 -16.90 41.31 -19.66
N THR H 18 -15.77 41.86 -19.24
CA THR H 18 -14.65 41.03 -18.79
C THR H 18 -15.13 39.99 -17.79
N PHE H 19 -14.63 38.78 -17.97
CA PHE H 19 -14.98 37.67 -17.11
C PHE H 19 -13.76 37.41 -16.26
N THR H 20 -13.95 37.34 -14.95
CA THR H 20 -12.83 37.10 -14.04
C THR H 20 -12.97 35.80 -13.25
N ILE H 21 -11.91 34.98 -13.30
CA ILE H 21 -11.86 33.74 -12.53
C ILE H 21 -10.59 33.83 -11.69
N ALA H 22 -10.40 32.86 -10.79
CA ALA H 22 -9.22 32.85 -9.93
C ALA H 22 -7.90 32.95 -10.70
N LEU H 23 -7.89 32.37 -11.91
CA LEU H 23 -6.69 32.35 -12.76
C LEU H 23 -6.43 33.63 -13.55
N GLY H 24 -7.44 34.48 -13.64
CA GLY H 24 -7.26 35.72 -14.38
C GLY H 24 -8.53 36.19 -15.07
N THR H 25 -8.38 37.11 -16.00
CA THR H 25 -9.54 37.64 -16.71
C THR H 25 -9.45 37.39 -18.20
N ILE H 26 -10.61 37.32 -18.83
CA ILE H 26 -10.69 37.12 -20.28
C ILE H 26 -11.58 38.25 -20.79
N GLU H 27 -11.13 38.94 -21.83
CA GLU H 27 -11.88 40.08 -22.36
C GLU H 27 -12.27 39.91 -23.82
N SER H 28 -11.86 38.80 -24.42
CA SER H 28 -12.16 38.53 -25.82
C SER H 28 -12.13 37.03 -26.10
N ALA H 29 -13.05 36.57 -26.94
CA ALA H 29 -13.13 35.16 -27.31
C ALA H 29 -12.43 35.03 -28.65
N ASP H 30 -11.15 34.71 -28.62
CA ASP H 30 -10.35 34.56 -29.82
C ASP H 30 -10.18 33.09 -30.14
N SER H 31 -10.75 32.64 -31.26
CA SER H 31 -10.65 31.25 -31.65
C SER H 31 -10.30 31.04 -33.11
N ALA H 32 -9.96 29.79 -33.43
CA ALA H 32 -9.64 29.42 -34.79
C ALA H 32 -10.85 28.68 -35.33
N ILE H 33 -11.36 29.13 -36.47
CA ILE H 33 -12.50 28.48 -37.09
C ILE H 33 -12.05 27.73 -38.32
N VAL H 34 -12.38 26.45 -38.35
CA VAL H 34 -12.00 25.54 -39.42
C VAL H 34 -13.19 25.10 -40.26
N GLU H 35 -12.95 24.99 -41.56
CA GLU H 35 -13.93 24.52 -42.53
C GLU H 35 -13.21 23.40 -43.27
N ILE H 36 -13.76 22.19 -43.22
CA ILE H 36 -13.13 21.06 -43.92
C ILE H 36 -14.04 20.74 -45.09
N GLU H 37 -13.55 20.93 -46.29
CA GLU H 37 -14.35 20.66 -47.47
C GLU H 37 -14.00 19.31 -48.05
N THR H 38 -15.01 18.54 -48.43
CA THR H 38 -14.80 17.23 -49.02
C THR H 38 -14.86 17.36 -50.53
N GLU H 39 -14.39 16.34 -51.23
CA GLU H 39 -14.38 16.35 -52.68
C GLU H 39 -15.79 16.51 -53.24
N GLU H 40 -16.78 15.94 -52.56
CA GLU H 40 -18.15 16.00 -53.02
C GLU H 40 -18.87 17.30 -52.73
N GLY H 41 -18.25 18.21 -51.98
CA GLY H 41 -18.92 19.46 -51.69
C GLY H 41 -19.36 19.71 -50.26
N LEU H 42 -19.51 18.67 -49.44
CA LEU H 42 -19.92 18.86 -48.06
C LEU H 42 -18.82 19.59 -47.30
N VAL H 43 -19.21 20.54 -46.45
CA VAL H 43 -18.24 21.30 -45.65
C VAL H 43 -18.53 21.15 -44.17
N GLY H 44 -17.51 20.77 -43.40
CA GLY H 44 -17.70 20.62 -41.96
C GLY H 44 -17.08 21.78 -41.18
N TYR H 45 -17.74 22.19 -40.10
CA TYR H 45 -17.26 23.30 -39.27
C TYR H 45 -16.65 22.85 -37.95
N GLY H 46 -15.51 23.43 -37.62
CA GLY H 46 -14.82 23.12 -36.39
C GLY H 46 -14.30 24.38 -35.75
N GLU H 47 -13.84 24.29 -34.50
CA GLU H 47 -13.31 25.46 -33.81
C GLU H 47 -12.34 25.10 -32.70
N GLY H 48 -11.29 25.88 -32.59
CA GLY H 48 -10.29 25.70 -31.55
C GLY H 48 -10.24 26.98 -30.74
N GLY H 49 -10.73 26.93 -29.51
CA GLY H 49 -10.73 28.12 -28.65
C GLY H 49 -9.76 27.90 -27.51
N PRO H 50 -8.49 28.28 -27.70
CA PRO H 50 -7.48 28.10 -26.64
C PRO H 50 -7.62 29.04 -25.44
N GLY H 51 -7.40 28.48 -24.26
CA GLY H 51 -7.46 29.25 -23.03
C GLY H 51 -6.06 29.20 -22.45
N ILE H 52 -5.29 30.28 -22.69
CA ILE H 52 -3.91 30.33 -22.24
C ILE H 52 -3.65 30.02 -20.77
N PHE H 53 -4.47 30.48 -19.83
CA PHE H 53 -4.15 30.12 -18.46
C PHE H 53 -4.69 28.78 -18.01
N ILE H 54 -5.19 27.99 -18.95
CA ILE H 54 -5.66 26.65 -18.61
C ILE H 54 -4.74 25.62 -19.26
N THR H 55 -4.51 25.77 -20.57
CA THR H 55 -3.65 24.82 -21.29
C THR H 55 -2.39 25.46 -21.86
N GLY H 56 -2.29 26.78 -21.75
CA GLY H 56 -1.12 27.47 -22.28
C GLY H 56 -1.20 27.70 -23.78
N GLU H 57 -2.23 27.17 -24.42
CA GLU H 57 -2.35 27.35 -25.87
C GLU H 57 -2.72 28.77 -26.25
N THR H 58 -2.24 29.19 -27.40
CA THR H 58 -2.52 30.54 -27.92
C THR H 58 -3.16 30.42 -29.29
N LEU H 59 -3.74 31.52 -29.77
CA LEU H 59 -4.36 31.50 -31.07
C LEU H 59 -3.31 31.29 -32.16
N ALA H 60 -2.18 31.97 -32.05
CA ALA H 60 -1.14 31.84 -33.06
C ALA H 60 -0.68 30.38 -33.20
N GLY H 61 -0.40 29.74 -32.07
CA GLY H 61 0.04 28.35 -32.07
C GLY H 61 -1.02 27.38 -32.54
N THR H 62 -2.27 27.65 -32.18
CA THR H 62 -3.37 26.79 -32.59
C THR H 62 -3.52 26.87 -34.11
N LEU H 63 -3.38 28.08 -34.68
CA LEU H 63 -3.47 28.26 -36.12
C LEU H 63 -2.36 27.52 -36.86
N GLU H 64 -1.12 27.64 -36.37
CA GLU H 64 0.00 26.95 -37.02
C GLU H 64 -0.20 25.43 -36.98
N THR H 65 -0.63 24.92 -35.82
CA THR H 65 -0.85 23.49 -35.66
C THR H 65 -1.99 22.97 -36.57
N ILE H 66 -3.08 23.72 -36.66
CA ILE H 66 -4.20 23.32 -37.52
C ILE H 66 -3.73 23.24 -38.98
N GLU H 67 -2.90 24.18 -39.40
CA GLU H 67 -2.39 24.17 -40.77
C GLU H 67 -1.57 22.90 -40.97
N LEU H 68 -0.75 22.55 -39.98
CA LEU H 68 0.04 21.34 -40.07
C LEU H 68 -0.88 20.13 -40.15
N PHE H 69 -1.95 20.11 -39.34
CA PHE H 69 -2.92 19.02 -39.38
C PHE H 69 -3.67 18.96 -40.73
N GLY H 70 -4.14 20.11 -41.20
CA GLY H 70 -4.87 20.16 -42.47
C GLY H 70 -4.10 19.60 -43.64
N GLN H 71 -2.83 19.97 -43.72
CA GLN H 71 -1.93 19.54 -44.78
C GLN H 71 -1.70 18.02 -44.72
N ALA H 72 -1.87 17.43 -43.53
CA ALA H 72 -1.65 16.00 -43.37
C ALA H 72 -2.87 15.10 -43.58
N ILE H 73 -4.07 15.65 -43.52
CA ILE H 73 -5.27 14.83 -43.67
C ILE H 73 -5.99 14.96 -44.99
N ILE H 74 -5.35 15.62 -45.97
CA ILE H 74 -5.95 15.76 -47.28
C ILE H 74 -6.13 14.34 -47.84
N GLY H 75 -7.34 14.01 -48.29
CA GLY H 75 -7.59 12.70 -48.86
C GLY H 75 -8.17 11.67 -47.92
N LEU H 76 -8.11 11.93 -46.62
CA LEU H 76 -8.65 10.98 -45.66
C LEU H 76 -10.16 11.07 -45.62
N ASN H 77 -10.79 10.01 -45.14
CA ASN H 77 -12.24 9.97 -45.01
C ASN H 77 -12.55 10.56 -43.64
N PRO H 78 -13.46 11.56 -43.57
CA PRO H 78 -13.79 12.15 -42.27
C PRO H 78 -14.28 11.11 -41.26
N PHE H 79 -14.84 10.00 -41.75
CA PHE H 79 -15.33 8.94 -40.87
C PHE H 79 -14.18 8.17 -40.22
N ASN H 80 -12.99 8.28 -40.81
CA ASN H 80 -11.83 7.61 -40.26
C ASN H 80 -11.25 8.50 -39.15
N ILE H 81 -12.08 8.75 -38.14
CA ILE H 81 -11.74 9.59 -37.01
C ILE H 81 -10.61 8.93 -36.23
N GLU H 82 -10.48 7.62 -36.40
CA GLU H 82 -9.41 6.92 -35.70
C GLU H 82 -8.05 7.31 -36.34
N LYS H 83 -7.96 7.34 -37.65
CA LYS H 83 -6.70 7.69 -38.29
C LYS H 83 -6.43 9.19 -38.17
N ILE H 84 -7.49 9.99 -38.23
CA ILE H 84 -7.33 11.44 -38.10
C ILE H 84 -6.67 11.80 -36.77
N HIS H 85 -7.10 11.19 -35.67
CA HIS H 85 -6.45 11.47 -34.41
C HIS H 85 -5.04 10.85 -34.37
N GLU H 86 -4.84 9.69 -34.99
CA GLU H 86 -3.50 9.11 -34.99
C GLU H 86 -2.52 10.06 -35.67
N VAL H 87 -2.93 10.57 -36.82
CA VAL H 87 -2.11 11.50 -37.60
C VAL H 87 -1.84 12.78 -36.80
N MET H 88 -2.86 13.30 -36.14
CA MET H 88 -2.66 14.53 -35.37
C MET H 88 -1.73 14.31 -34.16
N ASP H 89 -1.89 13.16 -33.49
CA ASP H 89 -1.07 12.86 -32.31
C ASP H 89 0.39 12.61 -32.70
N LYS H 90 0.61 12.09 -33.90
CA LYS H 90 1.98 11.87 -34.34
C LYS H 90 2.63 13.22 -34.68
N ILE H 91 1.83 14.17 -35.15
CA ILE H 91 2.33 15.51 -35.50
C ILE H 91 2.65 16.35 -34.26
N SER H 92 1.72 16.39 -33.31
CA SER H 92 1.88 17.18 -32.10
C SER H 92 1.65 16.38 -30.82
N ALA H 93 2.53 16.55 -29.85
CA ALA H 93 2.41 15.88 -28.56
C ALA H 93 1.33 16.52 -27.68
N PHE H 94 0.98 17.77 -27.97
CA PHE H 94 -0.03 18.46 -27.17
C PHE H 94 -0.59 19.70 -27.87
N ALA H 95 -1.85 19.63 -28.28
CA ALA H 95 -2.51 20.76 -28.94
C ALA H 95 -4.00 20.47 -28.92
N PRO H 96 -4.57 20.32 -27.73
CA PRO H 96 -6.01 20.04 -27.66
C PRO H 96 -6.96 20.95 -28.45
N ALA H 97 -6.73 22.26 -28.47
CA ALA H 97 -7.63 23.15 -29.22
C ALA H 97 -7.57 22.90 -30.72
N ALA H 98 -6.36 22.72 -31.24
CA ALA H 98 -6.17 22.48 -32.66
C ALA H 98 -6.74 21.13 -33.05
N LYS H 99 -6.54 20.13 -32.18
CA LYS H 99 -7.06 18.80 -32.45
C LYS H 99 -8.57 18.80 -32.43
N ALA H 100 -9.17 19.53 -31.49
CA ALA H 100 -10.62 19.64 -31.40
C ALA H 100 -11.19 20.32 -32.65
N ALA H 101 -10.52 21.35 -33.15
CA ALA H 101 -11.01 22.08 -34.34
C ALA H 101 -11.20 21.12 -35.50
N ILE H 102 -10.18 20.32 -35.78
CA ILE H 102 -10.23 19.34 -36.85
C ILE H 102 -11.30 18.29 -36.52
N ASP H 103 -11.22 17.74 -35.31
CA ASP H 103 -12.15 16.71 -34.83
C ASP H 103 -13.62 17.10 -34.95
N ILE H 104 -13.97 18.29 -34.45
CA ILE H 104 -15.35 18.73 -34.53
C ILE H 104 -15.82 18.89 -35.97
N ALA H 105 -14.97 19.40 -36.84
CA ALA H 105 -15.35 19.57 -38.26
C ALA H 105 -15.62 18.20 -38.91
N CYS H 106 -14.89 17.17 -38.49
CA CYS H 106 -15.09 15.84 -39.07
C CYS H 106 -16.44 15.26 -38.64
N TYR H 107 -16.77 15.37 -37.35
CA TYR H 107 -18.05 14.85 -36.90
C TYR H 107 -19.19 15.61 -37.60
N ASP H 108 -19.01 16.91 -37.81
CA ASP H 108 -20.02 17.70 -38.50
C ASP H 108 -20.22 17.07 -39.88
N LEU H 109 -19.11 16.81 -40.58
CA LEU H 109 -19.17 16.17 -41.89
C LEU H 109 -19.86 14.78 -41.82
N MET H 110 -19.59 14.04 -40.75
CA MET H 110 -20.20 12.72 -40.61
C MET H 110 -21.71 12.88 -40.49
N GLY H 111 -22.13 13.83 -39.66
CA GLY H 111 -23.56 14.06 -39.51
C GLY H 111 -24.20 14.46 -40.82
N GLN H 112 -23.50 15.28 -41.59
CA GLN H 112 -24.04 15.72 -42.86
C GLN H 112 -24.12 14.58 -43.87
N LYS H 113 -23.06 13.79 -43.99
CA LYS H 113 -23.07 12.69 -44.94
C LYS H 113 -24.16 11.68 -44.58
N ALA H 114 -24.26 11.33 -43.30
CA ALA H 114 -25.26 10.39 -42.82
C ALA H 114 -26.65 11.02 -42.83
N GLN H 115 -26.69 12.35 -42.94
CA GLN H 115 -27.93 13.10 -42.94
C GLN H 115 -28.68 12.95 -41.61
N LEU H 116 -27.93 13.17 -40.52
CA LEU H 116 -28.47 13.05 -39.17
C LEU H 116 -27.87 14.09 -38.23
N PRO H 117 -28.64 14.53 -37.24
CA PRO H 117 -28.13 15.51 -36.28
C PRO H 117 -27.01 14.78 -35.54
N LEU H 118 -25.94 15.48 -35.20
CA LEU H 118 -24.81 14.85 -34.52
C LEU H 118 -25.18 14.08 -33.26
N TYR H 119 -26.12 14.59 -32.47
CA TYR H 119 -26.49 13.89 -31.25
C TYR H 119 -27.01 12.47 -31.49
N GLN H 120 -27.55 12.19 -32.69
CA GLN H 120 -28.06 10.85 -32.99
C GLN H 120 -26.90 9.87 -33.19
N LEU H 121 -25.82 10.35 -33.81
CA LEU H 121 -24.64 9.51 -34.05
C LEU H 121 -23.81 9.31 -32.79
N LEU H 122 -23.97 10.19 -31.81
CA LEU H 122 -23.17 10.09 -30.60
C LEU H 122 -23.79 9.38 -29.41
N GLY H 123 -24.95 8.77 -29.58
CA GLY H 123 -25.57 8.06 -28.46
C GLY H 123 -27.08 8.20 -28.46
N GLY H 124 -27.54 9.34 -28.98
CA GLY H 124 -28.97 9.63 -29.10
C GLY H 124 -29.87 9.65 -27.88
N TYR H 125 -29.30 9.77 -26.69
CA TYR H 125 -30.11 9.76 -25.48
C TYR H 125 -31.14 10.89 -25.40
N ASP H 126 -30.75 12.10 -25.78
CA ASP H 126 -31.66 13.25 -25.76
C ASP H 126 -31.35 14.15 -26.96
N ASN H 127 -32.17 15.18 -27.15
CA ASN H 127 -31.94 16.12 -28.26
C ASN H 127 -31.84 17.54 -27.74
N GLN H 128 -31.58 17.68 -26.45
CA GLN H 128 -31.47 19.00 -25.83
C GLN H 128 -30.68 18.87 -24.55
N VAL H 129 -30.23 20.01 -24.02
CA VAL H 129 -29.49 20.01 -22.78
C VAL H 129 -29.76 21.31 -22.04
N ILE H 130 -29.76 21.22 -20.72
CA ILE H 130 -30.00 22.37 -19.86
C ILE H 130 -28.66 22.76 -19.27
N THR H 131 -28.32 24.03 -19.41
CA THR H 131 -27.05 24.51 -18.90
C THR H 131 -27.22 25.49 -17.77
N ASP H 132 -26.17 25.63 -16.98
CA ASP H 132 -26.16 26.59 -15.89
C ASP H 132 -25.59 27.85 -16.54
N ILE H 133 -25.38 28.87 -15.73
CA ILE H 133 -24.75 30.09 -16.22
C ILE H 133 -23.79 30.49 -15.12
N THR H 134 -22.57 30.84 -15.51
CA THR H 134 -21.52 31.22 -14.56
C THR H 134 -21.48 32.69 -14.20
N LEU H 135 -21.22 32.98 -12.92
CA LEU H 135 -21.11 34.35 -12.45
C LEU H 135 -19.64 34.56 -12.13
N GLY H 136 -19.01 35.50 -12.84
CA GLY H 136 -17.61 35.78 -12.63
C GLY H 136 -17.34 36.38 -11.26
N ILE H 137 -16.09 36.28 -10.82
CA ILE H 137 -15.70 36.79 -9.51
C ILE H 137 -15.96 38.30 -9.35
N ASP H 138 -16.71 38.65 -8.30
CA ASP H 138 -17.01 40.06 -7.99
C ASP H 138 -17.51 40.16 -6.55
N GLU H 139 -17.79 41.38 -6.09
CA GLU H 139 -18.28 41.59 -4.73
C GLU H 139 -19.56 40.83 -4.46
N PRO H 140 -19.66 40.20 -3.26
CA PRO H 140 -20.83 39.43 -2.87
C PRO H 140 -22.17 40.05 -3.27
N ASN H 141 -22.42 41.29 -2.87
CA ASN H 141 -23.67 41.97 -3.18
C ASN H 141 -23.90 42.11 -4.68
N VAL H 142 -22.82 42.28 -5.43
CA VAL H 142 -22.88 42.40 -6.88
C VAL H 142 -23.20 41.02 -7.46
N MET H 143 -22.47 40.01 -7.02
CA MET H 143 -22.70 38.66 -7.50
C MET H 143 -24.12 38.24 -7.17
N ALA H 144 -24.56 38.57 -5.96
CA ALA H 144 -25.90 38.24 -5.50
C ALA H 144 -26.95 38.90 -6.40
N GLN H 145 -26.67 40.12 -6.84
CA GLN H 145 -27.59 40.85 -7.71
C GLN H 145 -27.64 40.21 -9.10
N LYS H 146 -26.46 39.91 -9.64
CA LYS H 146 -26.36 39.28 -10.95
C LYS H 146 -27.08 37.94 -10.92
N ALA H 147 -27.05 37.29 -9.76
CA ALA H 147 -27.69 35.99 -9.57
C ALA H 147 -29.20 36.08 -9.73
N VAL H 148 -29.81 37.08 -9.09
CA VAL H 148 -31.25 37.24 -9.19
C VAL H 148 -31.60 37.55 -10.64
N GLU H 149 -30.72 38.28 -11.32
CA GLU H 149 -30.93 38.64 -12.73
C GLU H 149 -30.97 37.39 -13.62
N LYS H 150 -30.07 36.43 -13.38
CA LYS H 150 -30.03 35.23 -14.20
C LYS H 150 -31.18 34.29 -13.89
N VAL H 151 -31.55 34.21 -12.62
CA VAL H 151 -32.67 33.36 -12.22
C VAL H 151 -33.93 33.83 -12.92
N LYS H 152 -34.01 35.14 -13.15
CA LYS H 152 -35.17 35.73 -13.81
C LYS H 152 -35.19 35.32 -15.28
N LEU H 153 -34.01 35.00 -15.81
CA LEU H 153 -33.89 34.57 -17.19
C LEU H 153 -34.32 33.10 -17.29
N GLY H 154 -34.64 32.49 -16.14
CA GLY H 154 -35.08 31.11 -16.12
C GLY H 154 -34.06 30.07 -15.68
N PHE H 155 -32.85 30.51 -15.35
CA PHE H 155 -31.82 29.57 -14.92
C PHE H 155 -32.11 29.02 -13.53
N ASP H 156 -31.99 27.71 -13.38
CA ASP H 156 -32.23 27.08 -12.09
C ASP H 156 -30.94 26.54 -11.48
N THR H 157 -29.82 26.76 -12.17
CA THR H 157 -28.52 26.32 -11.66
C THR H 157 -27.51 27.42 -11.94
N LEU H 158 -26.81 27.86 -10.90
CA LEU H 158 -25.82 28.91 -11.06
C LEU H 158 -24.43 28.44 -10.68
N LYS H 159 -23.46 28.69 -11.57
CA LYS H 159 -22.07 28.31 -11.30
C LYS H 159 -21.39 29.54 -10.73
N ILE H 160 -20.90 29.43 -9.50
CA ILE H 160 -20.27 30.56 -8.82
C ILE H 160 -18.76 30.47 -8.76
N LYS H 161 -18.10 31.43 -9.39
CA LYS H 161 -16.65 31.50 -9.40
C LYS H 161 -16.17 32.10 -8.09
N VAL H 162 -15.25 31.40 -7.43
CA VAL H 162 -14.68 31.89 -6.18
C VAL H 162 -13.17 31.69 -6.29
N GLY H 163 -12.41 32.27 -5.37
CA GLY H 163 -10.97 32.10 -5.43
C GLY H 163 -10.08 33.25 -5.02
N THR H 164 -10.60 34.22 -4.30
CA THR H 164 -9.76 35.35 -3.85
C THR H 164 -9.42 35.20 -2.38
N GLY H 165 -9.91 34.14 -1.74
CA GLY H 165 -9.65 33.92 -0.33
C GLY H 165 -10.88 33.39 0.37
N ILE H 166 -10.71 32.40 1.24
CA ILE H 166 -11.84 31.81 1.92
C ILE H 166 -12.79 32.79 2.58
N GLU H 167 -12.28 33.94 3.01
CA GLU H 167 -13.11 34.96 3.65
C GLU H 167 -14.15 35.49 2.66
N ALA H 168 -13.65 36.11 1.59
CA ALA H 168 -14.53 36.67 0.57
C ALA H 168 -15.34 35.58 -0.12
N ASP H 169 -14.65 34.54 -0.58
CA ASP H 169 -15.32 33.44 -1.28
C ASP H 169 -16.54 32.93 -0.50
N ILE H 170 -16.41 32.85 0.82
CA ILE H 170 -17.50 32.38 1.68
C ILE H 170 -18.62 33.42 1.74
N ALA H 171 -18.24 34.69 1.78
CA ALA H 171 -19.19 35.80 1.85
C ALA H 171 -19.97 35.86 0.55
N ARG H 172 -19.27 35.67 -0.57
CA ARG H 172 -19.88 35.69 -1.89
C ARG H 172 -20.99 34.65 -1.98
N VAL H 173 -20.70 33.41 -1.59
CA VAL H 173 -21.69 32.33 -1.65
C VAL H 173 -22.90 32.58 -0.73
N LYS H 174 -22.63 32.98 0.52
CA LYS H 174 -23.72 33.24 1.47
C LYS H 174 -24.68 34.28 0.91
N ALA H 175 -24.14 35.38 0.42
CA ALA H 175 -24.94 36.45 -0.14
C ALA H 175 -25.82 35.92 -1.28
N ILE H 176 -25.21 35.20 -2.21
CA ILE H 176 -25.95 34.67 -3.35
C ILE H 176 -27.11 33.78 -2.91
N ARG H 177 -26.84 32.80 -2.04
CA ARG H 177 -27.89 31.90 -1.58
C ARG H 177 -29.02 32.71 -0.97
N GLU H 178 -28.65 33.65 -0.12
CA GLU H 178 -29.59 34.51 0.56
C GLU H 178 -30.40 35.32 -0.45
N ALA H 179 -29.73 35.72 -1.54
CA ALA H 179 -30.37 36.53 -2.58
C ALA H 179 -31.32 35.79 -3.52
N VAL H 180 -31.31 34.46 -3.52
CA VAL H 180 -32.19 33.73 -4.43
C VAL H 180 -32.97 32.57 -3.84
N GLY H 181 -32.69 32.21 -2.59
CA GLY H 181 -33.42 31.11 -1.97
C GLY H 181 -32.84 29.74 -2.25
N PHE H 182 -33.40 28.72 -1.60
CA PHE H 182 -32.93 27.35 -1.72
C PHE H 182 -33.50 26.54 -2.87
N ASP H 183 -34.24 27.19 -3.77
CA ASP H 183 -34.81 26.49 -4.92
C ASP H 183 -33.80 26.40 -6.06
N ILE H 184 -32.81 27.29 -6.04
CA ILE H 184 -31.76 27.34 -7.07
C ILE H 184 -30.56 26.49 -6.68
N LYS H 185 -30.12 25.61 -7.60
CA LYS H 185 -28.96 24.79 -7.30
C LYS H 185 -27.70 25.61 -7.54
N LEU H 186 -26.80 25.58 -6.56
CA LEU H 186 -25.54 26.33 -6.65
C LEU H 186 -24.32 25.42 -6.68
N ARG H 187 -23.49 25.59 -7.70
CA ARG H 187 -22.25 24.82 -7.80
C ARG H 187 -21.11 25.83 -7.77
N LEU H 188 -20.10 25.56 -6.96
CA LEU H 188 -18.97 26.47 -6.83
C LEU H 188 -17.78 26.04 -7.66
N ASP H 189 -16.96 27.01 -8.09
CA ASP H 189 -15.76 26.70 -8.87
C ASP H 189 -14.61 27.56 -8.33
N ALA H 190 -13.57 26.92 -7.79
CA ALA H 190 -12.44 27.67 -7.23
C ALA H 190 -11.23 27.78 -8.14
N ASN H 191 -11.31 27.17 -9.31
CA ASN H 191 -10.18 27.20 -10.24
C ASN H 191 -8.84 27.14 -9.50
N GLN H 192 -8.66 26.09 -8.70
CA GLN H 192 -7.43 25.81 -7.96
C GLN H 192 -6.98 26.79 -6.86
N ALA H 193 -7.86 27.69 -6.46
CA ALA H 193 -7.51 28.72 -5.48
C ALA H 193 -7.21 28.34 -4.02
N TRP H 194 -7.71 27.21 -3.55
CA TRP H 194 -7.48 26.87 -2.14
C TRP H 194 -6.50 25.75 -1.83
N THR H 195 -5.90 25.84 -0.65
CA THR H 195 -5.01 24.77 -0.16
C THR H 195 -6.04 23.70 0.23
N PRO H 196 -5.60 22.44 0.37
CA PRO H 196 -6.56 21.41 0.74
C PRO H 196 -7.29 21.66 2.07
N LYS H 197 -6.55 22.06 3.10
CA LYS H 197 -7.17 22.32 4.41
C LYS H 197 -8.14 23.49 4.34
N ASP H 198 -7.76 24.54 3.61
CA ASP H 198 -8.65 25.68 3.48
C ASP H 198 -9.90 25.22 2.71
N ALA H 199 -9.69 24.31 1.76
CA ALA H 199 -10.80 23.79 0.97
C ALA H 199 -11.84 23.14 1.88
N VAL H 200 -11.40 22.18 2.69
CA VAL H 200 -12.29 21.51 3.63
C VAL H 200 -12.93 22.54 4.57
N LYS H 201 -12.15 23.51 5.03
CA LYS H 201 -12.67 24.53 5.93
C LYS H 201 -13.78 25.35 5.29
N ALA H 202 -13.58 25.77 4.04
CA ALA H 202 -14.57 26.57 3.35
C ALA H 202 -15.82 25.74 3.10
N ILE H 203 -15.64 24.54 2.56
CA ILE H 203 -16.76 23.66 2.25
C ILE H 203 -17.59 23.32 3.48
N GLN H 204 -16.97 23.30 4.66
CA GLN H 204 -17.71 22.99 5.87
C GLN H 204 -18.46 24.22 6.35
N ALA H 205 -17.85 25.39 6.15
CA ALA H 205 -18.47 26.64 6.55
C ALA H 205 -19.72 26.91 5.73
N LEU H 206 -19.78 26.34 4.53
CA LEU H 206 -20.92 26.53 3.64
C LEU H 206 -21.91 25.37 3.71
N ALA H 207 -21.65 24.43 4.61
CA ALA H 207 -22.50 23.24 4.76
C ALA H 207 -24.01 23.49 4.81
N ASP H 208 -24.42 24.58 5.44
CA ASP H 208 -25.86 24.86 5.54
C ASP H 208 -26.40 25.69 4.40
N TYR H 209 -25.60 25.85 3.34
CA TYR H 209 -26.06 26.63 2.21
C TYR H 209 -26.45 25.78 1.02
N GLN H 210 -26.45 24.46 1.24
CA GLN H 210 -26.86 23.52 0.21
C GLN H 210 -26.04 23.65 -1.07
N ILE H 211 -24.76 23.29 -0.98
CA ILE H 211 -23.88 23.36 -2.13
C ILE H 211 -23.98 22.08 -2.93
N GLU H 212 -24.32 22.19 -4.21
CA GLU H 212 -24.45 21.03 -5.08
C GLU H 212 -23.10 20.34 -5.28
N LEU H 213 -22.07 21.12 -5.58
CA LEU H 213 -20.75 20.55 -5.78
C LEU H 213 -19.69 21.63 -5.79
N VAL H 214 -18.43 21.21 -5.63
CA VAL H 214 -17.32 22.14 -5.63
C VAL H 214 -16.33 21.66 -6.68
N GLU H 215 -16.09 22.52 -7.66
CA GLU H 215 -15.21 22.22 -8.76
C GLU H 215 -13.76 22.63 -8.52
N GLN H 216 -12.84 21.69 -8.76
CA GLN H 216 -11.40 21.92 -8.65
C GLN H 216 -10.98 22.88 -7.54
N PRO H 217 -11.08 22.44 -6.26
CA PRO H 217 -10.71 23.29 -5.14
C PRO H 217 -9.21 23.58 -5.00
N VAL H 218 -8.38 22.65 -5.47
CA VAL H 218 -6.93 22.78 -5.34
C VAL H 218 -6.18 22.74 -6.67
N LYS H 219 -4.88 23.02 -6.61
CA LYS H 219 -4.01 23.03 -7.78
C LYS H 219 -4.17 21.79 -8.63
N ARG H 220 -4.14 21.99 -9.95
CA ARG H 220 -4.27 20.91 -10.92
C ARG H 220 -3.41 19.67 -10.66
N ARG H 221 -2.14 19.87 -10.32
CA ARG H 221 -1.22 18.74 -10.12
C ARG H 221 -1.29 18.10 -8.73
N ASP H 222 -1.92 18.78 -7.77
CA ASP H 222 -2.02 18.27 -6.40
C ASP H 222 -3.13 17.22 -6.25
N LEU H 223 -2.94 16.06 -6.87
CA LEU H 223 -3.94 15.01 -6.79
C LEU H 223 -4.21 14.50 -5.37
N GLU H 224 -3.18 14.43 -4.52
CA GLU H 224 -3.36 13.97 -3.15
C GLU H 224 -4.22 14.97 -2.39
N GLY H 225 -3.95 16.25 -2.63
CA GLY H 225 -4.72 17.29 -1.97
C GLY H 225 -6.17 17.26 -2.44
N LEU H 226 -6.38 16.87 -3.69
CA LEU H 226 -7.72 16.81 -4.26
C LEU H 226 -8.52 15.66 -3.64
N LYS H 227 -7.92 14.48 -3.63
CA LYS H 227 -8.56 13.30 -3.06
C LYS H 227 -8.85 13.54 -1.57
N TYR H 228 -7.95 14.25 -0.89
CA TYR H 228 -8.10 14.56 0.52
C TYR H 228 -9.38 15.37 0.72
N VAL H 229 -9.59 16.37 -0.13
CA VAL H 229 -10.79 17.18 -0.02
C VAL H 229 -12.00 16.29 -0.24
N THR H 230 -11.92 15.45 -1.27
CA THR H 230 -13.00 14.55 -1.61
C THR H 230 -13.38 13.59 -0.48
N SER H 231 -12.38 13.06 0.20
CA SER H 231 -12.59 12.11 1.30
C SER H 231 -12.85 12.77 2.65
N GLN H 232 -12.88 14.09 2.68
CA GLN H 232 -13.10 14.82 3.92
C GLN H 232 -14.44 15.54 4.00
N VAL H 233 -15.16 15.62 2.89
CA VAL H 233 -16.44 16.31 2.88
C VAL H 233 -17.50 15.48 2.17
N ASN H 234 -18.76 15.64 2.59
CA ASN H 234 -19.84 14.91 1.96
C ASN H 234 -20.25 15.61 0.68
N THR H 235 -19.78 16.84 0.51
CA THR H 235 -20.09 17.60 -0.68
C THR H 235 -19.37 16.98 -1.88
N THR H 236 -20.10 16.90 -2.99
CA THR H 236 -19.60 16.35 -4.23
C THR H 236 -18.44 17.19 -4.74
N ILE H 237 -17.33 16.54 -5.07
CA ILE H 237 -16.14 17.23 -5.58
C ILE H 237 -15.90 16.91 -7.06
N MET H 238 -15.68 17.95 -7.85
CA MET H 238 -15.45 17.77 -9.27
C MET H 238 -14.06 18.18 -9.72
N ALA H 239 -13.46 17.39 -10.60
CA ALA H 239 -12.16 17.74 -11.14
C ALA H 239 -12.39 18.44 -12.46
N ASP H 240 -11.59 19.47 -12.75
CA ASP H 240 -11.67 20.17 -14.03
C ASP H 240 -10.25 20.19 -14.59
N GLU H 241 -9.43 21.13 -14.14
CA GLU H 241 -8.05 21.22 -14.61
C GLU H 241 -7.25 19.93 -14.34
N SER H 242 -7.62 19.18 -13.30
CA SER H 242 -6.93 17.94 -12.99
C SER H 242 -7.21 16.84 -14.01
N CYS H 243 -8.13 17.09 -14.92
CA CYS H 243 -8.47 16.10 -15.93
C CYS H 243 -8.59 16.68 -17.34
N PHE H 244 -7.54 16.51 -18.13
CA PHE H 244 -7.52 17.01 -19.52
C PHE H 244 -8.03 15.97 -20.51
N ASP H 245 -7.47 14.76 -20.44
CA ASP H 245 -7.83 13.69 -21.36
C ASP H 245 -8.16 12.34 -20.70
N ALA H 246 -8.36 11.33 -21.54
CA ALA H 246 -8.72 9.99 -21.10
C ALA H 246 -7.72 9.42 -20.09
N GLN H 247 -6.43 9.60 -20.36
CA GLN H 247 -5.41 9.09 -19.47
C GLN H 247 -5.52 9.73 -18.10
N ASP H 248 -5.83 11.03 -18.05
CA ASP H 248 -5.99 11.68 -16.75
C ASP H 248 -7.18 11.07 -16.02
N ALA H 249 -8.28 10.90 -16.75
CA ALA H 249 -9.50 10.34 -16.19
C ALA H 249 -9.23 8.95 -15.62
N LEU H 250 -8.48 8.13 -16.37
CA LEU H 250 -8.19 6.78 -15.89
C LEU H 250 -7.39 6.90 -14.59
N GLU H 251 -6.46 7.84 -14.55
CA GLU H 251 -5.65 8.03 -13.36
C GLU H 251 -6.51 8.43 -12.15
N LEU H 252 -7.48 9.31 -12.38
CA LEU H 252 -8.36 9.76 -11.29
C LEU H 252 -9.30 8.66 -10.83
N VAL H 253 -9.88 7.92 -11.76
CA VAL H 253 -10.80 6.87 -11.36
C VAL H 253 -10.00 5.86 -10.56
N LYS H 254 -8.80 5.56 -11.04
CA LYS H 254 -7.90 4.62 -10.39
C LYS H 254 -7.59 5.03 -8.94
N LYS H 255 -7.35 6.31 -8.73
CA LYS H 255 -7.03 6.80 -7.40
C LYS H 255 -8.24 7.21 -6.54
N GLY H 256 -9.42 7.25 -7.13
CA GLY H 256 -10.61 7.65 -6.37
C GLY H 256 -10.51 9.12 -5.96
N THR H 257 -9.86 9.91 -6.80
CA THR H 257 -9.62 11.31 -6.53
C THR H 257 -10.83 12.24 -6.41
N VAL H 258 -11.87 12.03 -7.24
CA VAL H 258 -13.05 12.88 -7.24
C VAL H 258 -14.37 12.14 -7.45
N ASP H 259 -15.50 12.87 -7.34
CA ASP H 259 -16.83 12.29 -7.52
C ASP H 259 -17.40 12.58 -8.92
N VAL H 260 -16.91 13.63 -9.55
CA VAL H 260 -17.38 14.02 -10.89
C VAL H 260 -16.25 14.60 -11.71
N ILE H 261 -16.33 14.48 -13.04
CA ILE H 261 -15.28 15.01 -13.90
C ILE H 261 -15.82 15.94 -14.97
N ASN H 262 -15.20 17.11 -15.07
CA ASN H 262 -15.57 18.14 -16.05
C ASN H 262 -14.89 17.89 -17.39
N ILE H 263 -15.67 17.70 -18.43
CA ILE H 263 -15.16 17.47 -19.77
C ILE H 263 -15.22 18.72 -20.63
N LYS H 264 -14.13 19.05 -21.32
CA LYS H 264 -14.09 20.19 -22.24
C LYS H 264 -13.43 19.70 -23.54
N LEU H 265 -14.05 19.97 -24.68
CA LEU H 265 -13.48 19.53 -25.94
C LEU H 265 -12.14 20.20 -26.14
N MET H 266 -12.01 21.43 -25.68
CA MET H 266 -10.76 22.17 -25.82
C MET H 266 -9.64 21.65 -24.91
N LYS H 267 -10.00 20.86 -23.91
CA LYS H 267 -8.98 20.28 -23.02
C LYS H 267 -8.53 18.92 -23.55
N CYS H 268 -9.47 18.15 -24.10
CA CYS H 268 -9.17 16.80 -24.55
C CYS H 268 -8.89 16.58 -26.04
N GLY H 269 -9.02 17.62 -26.86
CA GLY H 269 -8.77 17.44 -28.28
C GLY H 269 -9.97 16.98 -29.11
N GLY H 270 -11.19 17.18 -28.63
CA GLY H 270 -12.32 16.78 -29.44
C GLY H 270 -13.31 15.76 -28.91
N ILE H 271 -14.36 15.55 -29.71
CA ILE H 271 -15.43 14.64 -29.38
C ILE H 271 -14.93 13.20 -29.23
N HIS H 272 -14.03 12.79 -30.11
CA HIS H 272 -13.49 11.45 -30.08
C HIS H 272 -12.87 11.13 -28.72
N GLU H 273 -12.08 12.05 -28.18
CA GLU H 273 -11.44 11.85 -26.89
C GLU H 273 -12.44 12.07 -25.73
N ALA H 274 -13.37 13.00 -25.89
CA ALA H 274 -14.37 13.26 -24.86
C ALA H 274 -15.20 11.99 -24.60
N LEU H 275 -15.56 11.29 -25.66
CA LEU H 275 -16.32 10.05 -25.52
C LEU H 275 -15.56 9.05 -24.67
N LYS H 276 -14.24 8.97 -24.88
CA LYS H 276 -13.42 8.04 -24.12
C LYS H 276 -13.49 8.40 -22.64
N ILE H 277 -13.33 9.69 -22.35
CA ILE H 277 -13.38 10.16 -20.97
C ILE H 277 -14.69 9.79 -20.31
N ASN H 278 -15.81 10.02 -21.02
CA ASN H 278 -17.11 9.71 -20.45
C ASN H 278 -17.36 8.21 -20.27
N GLN H 279 -16.82 7.41 -21.19
CA GLN H 279 -16.96 5.96 -21.15
C GLN H 279 -16.25 5.46 -19.89
N ILE H 280 -15.03 5.96 -19.70
CA ILE H 280 -14.21 5.60 -18.56
C ILE H 280 -14.90 5.95 -17.24
N CYS H 281 -15.38 7.18 -17.13
CA CYS H 281 -16.06 7.62 -15.91
C CYS H 281 -17.35 6.86 -15.64
N GLU H 282 -18.11 6.62 -16.71
CA GLU H 282 -19.36 5.90 -16.59
C GLU H 282 -19.11 4.51 -16.00
N THR H 283 -18.07 3.86 -16.50
CA THR H 283 -17.70 2.53 -16.04
C THR H 283 -17.29 2.54 -14.58
N ALA H 284 -16.73 3.64 -14.13
CA ALA H 284 -16.28 3.79 -12.74
C ALA H 284 -17.34 4.40 -11.82
N GLY H 285 -18.55 4.64 -12.34
CA GLY H 285 -19.60 5.21 -11.51
C GLY H 285 -19.40 6.71 -11.27
N ILE H 286 -18.67 7.34 -12.17
CA ILE H 286 -18.39 8.77 -12.10
C ILE H 286 -19.17 9.50 -13.17
N GLU H 287 -20.03 10.42 -12.75
CA GLU H 287 -20.80 11.22 -13.69
C GLU H 287 -19.92 12.32 -14.26
N CYS H 288 -20.27 12.78 -15.46
CA CYS H 288 -19.51 13.83 -16.10
C CYS H 288 -20.34 15.08 -16.39
N MET H 289 -19.66 16.23 -16.35
CA MET H 289 -20.30 17.49 -16.68
C MET H 289 -19.55 18.04 -17.89
N ILE H 290 -20.28 18.47 -18.92
CA ILE H 290 -19.67 19.04 -20.12
C ILE H 290 -19.48 20.54 -19.86
N GLY H 291 -18.28 21.05 -20.09
CA GLY H 291 -18.01 22.46 -19.88
C GLY H 291 -17.46 23.13 -21.13
N CYS H 292 -16.93 24.34 -20.98
CA CYS H 292 -16.39 25.08 -22.13
C CYS H 292 -15.39 26.17 -21.73
N MET H 293 -14.69 26.69 -22.73
CA MET H 293 -13.73 27.76 -22.53
C MET H 293 -14.47 29.03 -22.88
N ALA H 294 -14.06 30.14 -22.27
CA ALA H 294 -14.69 31.43 -22.53
C ALA H 294 -14.48 31.86 -23.97
N GLU H 295 -13.34 31.47 -24.53
CA GLU H 295 -12.98 31.84 -25.90
C GLU H 295 -13.75 31.13 -27.02
N GLU H 296 -14.58 30.16 -26.67
CA GLU H 296 -15.34 29.42 -27.68
C GLU H 296 -16.59 30.14 -28.15
N THR H 297 -17.02 29.81 -29.37
CA THR H 297 -18.21 30.39 -29.97
C THR H 297 -19.27 29.32 -30.19
N THR H 298 -20.22 29.61 -31.08
CA THR H 298 -21.32 28.70 -31.40
C THR H 298 -20.88 27.31 -31.86
N ILE H 299 -19.79 27.27 -32.63
CA ILE H 299 -19.31 26.00 -33.15
C ILE H 299 -18.91 25.08 -32.01
N GLY H 300 -17.97 25.53 -31.18
CA GLY H 300 -17.53 24.74 -30.05
C GLY H 300 -18.65 24.33 -29.11
N ILE H 301 -19.49 25.31 -28.74
CA ILE H 301 -20.61 25.06 -27.83
C ILE H 301 -21.66 24.09 -28.40
N THR H 302 -21.98 24.24 -29.68
CA THR H 302 -22.98 23.39 -30.32
C THR H 302 -22.47 21.93 -30.36
N ALA H 303 -21.19 21.75 -30.66
CA ALA H 303 -20.62 20.42 -30.72
C ALA H 303 -20.73 19.79 -29.33
N ALA H 304 -20.32 20.54 -28.30
CA ALA H 304 -20.35 20.06 -26.92
C ALA H 304 -21.77 19.70 -26.50
N ALA H 305 -22.73 20.54 -26.88
CA ALA H 305 -24.13 20.29 -26.56
C ALA H 305 -24.66 19.01 -27.22
N HIS H 306 -24.26 18.73 -28.46
CA HIS H 306 -24.69 17.50 -29.14
C HIS H 306 -24.14 16.30 -28.38
N LEU H 307 -22.88 16.37 -27.97
CA LEU H 307 -22.26 15.30 -27.21
C LEU H 307 -22.96 15.10 -25.88
N ALA H 308 -23.21 16.19 -25.16
CA ALA H 308 -23.86 16.15 -23.86
C ALA H 308 -25.26 15.56 -23.95
N ALA H 309 -26.04 16.00 -24.96
CA ALA H 309 -27.39 15.48 -25.15
C ALA H 309 -27.38 13.99 -25.48
N ALA H 310 -26.38 13.57 -26.26
CA ALA H 310 -26.26 12.18 -26.68
C ALA H 310 -25.88 11.14 -25.63
N GLN H 311 -25.10 11.55 -24.64
CA GLN H 311 -24.62 10.63 -23.61
C GLN H 311 -25.31 10.73 -22.28
N LYS H 312 -25.87 9.61 -21.85
CA LYS H 312 -26.57 9.55 -20.58
C LYS H 312 -25.69 9.95 -19.40
N ASN H 313 -24.43 9.52 -19.39
CA ASN H 313 -23.55 9.84 -18.26
C ASN H 313 -23.09 11.30 -18.16
N ILE H 314 -23.32 12.09 -19.20
CA ILE H 314 -22.96 13.50 -19.08
C ILE H 314 -24.25 14.10 -18.56
N THR H 315 -24.37 14.11 -17.24
CA THR H 315 -25.57 14.57 -16.55
C THR H 315 -25.65 16.05 -16.25
N ARG H 316 -24.56 16.78 -16.44
CA ARG H 316 -24.57 18.21 -16.17
C ARG H 316 -23.91 18.95 -17.31
N ALA H 317 -24.21 20.25 -17.41
CA ALA H 317 -23.64 21.06 -18.46
C ALA H 317 -23.42 22.51 -18.03
N ASP H 318 -22.30 23.05 -18.48
CA ASP H 318 -21.90 24.41 -18.21
C ASP H 318 -21.48 24.94 -19.59
N LEU H 319 -22.47 25.13 -20.47
CA LEU H 319 -22.23 25.63 -21.83
C LEU H 319 -22.82 27.02 -21.95
N ASP H 320 -22.10 28.00 -21.42
CA ASP H 320 -22.55 29.39 -21.40
C ASP H 320 -21.63 30.39 -22.08
N ALA H 321 -20.67 29.90 -22.87
CA ALA H 321 -19.75 30.80 -23.54
C ALA H 321 -20.39 31.74 -24.57
N THR H 322 -21.42 31.29 -25.28
CA THR H 322 -22.06 32.14 -26.30
C THR H 322 -22.85 33.28 -25.66
N PHE H 323 -23.27 33.11 -24.40
CA PHE H 323 -24.05 34.15 -23.73
C PHE H 323 -23.26 35.44 -23.51
N GLY H 324 -21.94 35.33 -23.52
CA GLY H 324 -21.12 36.51 -23.30
C GLY H 324 -20.53 37.13 -24.55
N LEU H 325 -20.84 36.57 -25.72
CA LEU H 325 -20.31 37.06 -26.98
C LEU H 325 -21.08 38.24 -27.58
N GLU H 326 -20.35 39.24 -28.09
CA GLU H 326 -20.98 40.40 -28.71
C GLU H 326 -21.61 39.97 -30.04
N THR H 327 -21.00 38.99 -30.69
CA THR H 327 -21.48 38.52 -31.99
C THR H 327 -21.26 37.01 -32.19
N ALA H 328 -21.93 36.43 -33.18
CA ALA H 328 -21.79 35.02 -33.52
C ALA H 328 -21.06 34.92 -34.85
N PRO H 329 -20.08 34.01 -34.96
CA PRO H 329 -19.29 33.84 -36.20
C PRO H 329 -19.94 33.06 -37.34
N VAL H 330 -21.02 32.35 -37.06
CA VAL H 330 -21.71 31.58 -38.09
C VAL H 330 -23.19 31.59 -37.74
N THR H 331 -24.05 31.21 -38.68
CA THR H 331 -25.49 31.15 -38.41
C THR H 331 -25.83 29.74 -37.92
N GLY H 332 -26.97 29.60 -37.25
CA GLY H 332 -27.38 28.31 -36.74
C GLY H 332 -26.69 27.95 -35.44
N GLY H 333 -26.86 26.71 -34.99
CA GLY H 333 -26.24 26.27 -33.75
C GLY H 333 -26.86 26.94 -32.54
N VAL H 334 -26.26 26.75 -31.37
CA VAL H 334 -26.76 27.37 -30.14
C VAL H 334 -26.68 28.88 -30.31
N SER H 335 -27.75 29.59 -30.00
CA SER H 335 -27.76 31.05 -30.17
C SER H 335 -27.03 31.81 -29.08
N LEU H 336 -26.91 33.12 -29.28
CA LEU H 336 -26.25 33.99 -28.32
C LEU H 336 -27.20 34.28 -27.16
N GLU H 337 -28.45 33.83 -27.27
CA GLU H 337 -29.43 34.11 -26.22
C GLU H 337 -29.14 33.41 -24.89
N ALA H 338 -29.10 34.21 -23.83
CA ALA H 338 -28.85 33.68 -22.49
C ALA H 338 -30.11 32.97 -22.00
N LYS H 339 -30.19 31.68 -22.24
CA LYS H 339 -31.32 30.86 -21.84
C LYS H 339 -30.78 29.50 -21.39
N PRO H 340 -31.44 28.87 -20.41
CA PRO H 340 -31.03 27.57 -19.88
C PRO H 340 -31.22 26.37 -20.80
N LEU H 341 -32.27 26.39 -21.62
CA LEU H 341 -32.53 25.28 -22.52
C LEU H 341 -31.85 25.43 -23.87
N LEU H 342 -31.03 24.45 -24.22
CA LEU H 342 -30.35 24.46 -25.51
C LEU H 342 -30.94 23.32 -26.32
N GLU H 343 -31.85 23.66 -27.23
CA GLU H 343 -32.49 22.65 -28.06
C GLU H 343 -31.75 22.47 -29.36
N LEU H 344 -31.40 21.23 -29.66
CA LEU H 344 -30.70 20.92 -30.89
C LEU H 344 -31.82 20.55 -31.85
N GLY H 345 -31.76 21.09 -33.05
CA GLY H 345 -32.82 20.80 -34.01
C GLY H 345 -32.67 19.46 -34.69
N GLU H 346 -33.23 19.39 -35.91
CA GLU H 346 -33.20 18.19 -36.71
C GLU H 346 -32.17 18.30 -37.82
N ALA H 347 -31.52 19.45 -37.93
CA ALA H 347 -30.53 19.66 -38.98
C ALA H 347 -29.39 18.66 -38.87
N ALA H 348 -28.90 18.20 -40.02
CA ALA H 348 -27.80 17.24 -40.06
C ALA H 348 -26.52 17.78 -39.41
N GLY H 349 -25.75 16.89 -38.79
CA GLY H 349 -24.50 17.31 -38.15
C GLY H 349 -24.70 18.38 -37.10
N LEU H 350 -23.86 19.41 -37.13
CA LEU H 350 -23.97 20.47 -36.14
C LEU H 350 -25.21 21.34 -36.34
N GLY H 351 -25.65 21.45 -37.59
CA GLY H 351 -26.81 22.28 -37.87
C GLY H 351 -26.35 23.73 -37.90
N ILE H 352 -25.14 23.94 -38.40
CA ILE H 352 -24.54 25.27 -38.51
C ILE H 352 -24.38 25.64 -39.98
N SER H 353 -24.68 26.90 -40.31
CA SER H 353 -24.60 27.39 -41.69
C SER H 353 -25.45 26.56 -42.63
N SER I . 12.58 32.50 17.86
CA SER I . 13.74 31.56 17.75
C SER I . 13.38 30.13 18.15
O SER I . 12.31 29.90 18.74
CB SER I . 14.92 32.07 18.59
OG SER I . 14.51 32.40 19.91
N TYR J . 14.26 29.19 17.83
CA TYR J . 14.04 27.78 18.15
C TYR J . 12.72 27.26 17.58
O TYR J . 12.14 27.95 16.72
CB TYR J . 14.05 27.56 19.67
CG TYR J . 15.41 27.72 20.30
CD1 TYR J . 15.54 28.20 21.59
CD2 TYR J . 16.59 27.37 19.60
CE1 TYR J . 16.79 28.36 22.20
CE2 TYR J . 17.85 27.52 20.20
CZ TYR J . 17.93 28.01 21.49
OH TYR J . 19.16 28.19 22.08
OXT TYR J . 12.29 26.17 18.01
C1 GOL K . 15.71 35.14 22.66
O1 GOL K . 16.74 35.99 23.14
C2 GOL K . 14.90 35.88 21.59
O2 GOL K . 14.39 34.93 20.64
C3 GOL K . 13.74 36.62 22.24
O3 GOL K . 13.31 37.68 21.37
MG MG L . 10.25 25.74 16.56
N SER M . 20.51 15.01 -28.65
CA SER M . 19.26 15.81 -28.49
C SER M . 18.03 14.89 -28.39
O SER M . 18.10 13.70 -28.68
CB SER M . 19.10 16.75 -29.68
OG SER M . 19.16 16.04 -30.91
N TYR N . 16.91 15.47 -27.96
CA TYR N . 15.65 14.72 -27.79
C TYR N . 15.82 13.54 -26.83
O TYR N . 16.81 13.58 -26.06
CB TYR N . 15.14 14.22 -29.16
CG TYR N . 14.59 15.30 -30.06
CD1 TYR N . 14.65 15.17 -31.45
CD2 TYR N . 14.01 16.47 -29.54
CE1 TYR N . 14.15 16.16 -32.30
CE2 TYR N . 13.50 17.47 -30.39
CZ TYR N . 13.57 17.30 -31.76
OH TYR N . 13.10 18.27 -32.63
OXT TYR N . 14.98 12.62 -26.84
C1 GOL O . 20.60 17.02 -34.59
O1 GOL O . 21.08 17.99 -35.52
C2 GOL O . 21.53 16.98 -33.38
O2 GOL O . 20.86 17.56 -32.25
C3 GOL O . 21.89 15.53 -33.07
O3 GOL O . 23.06 15.17 -33.80
MG MG P . 15.57 11.52 -24.79
N SER Q . -37.32 -10.22 1.39
CA SER Q . -36.69 -10.87 0.21
C SER Q . -35.80 -9.87 -0.51
O SER Q . -35.84 -8.67 -0.22
CB SER Q . -37.76 -11.40 -0.74
OG SER Q . -38.62 -10.35 -1.18
N TYR R . -35.00 -10.35 -1.46
CA TYR R . -34.08 -9.49 -2.23
C TYR R . -33.13 -8.72 -1.33
O TYR R . -32.92 -9.14 -0.19
CB TYR R . -34.86 -8.52 -3.11
CG TYR R . -35.55 -9.17 -4.29
CD1 TYR R . -36.82 -8.76 -4.68
CD2 TYR R . -34.93 -10.19 -5.01
CE1 TYR R . -37.47 -9.36 -5.75
CE2 TYR R . -35.58 -10.80 -6.09
CZ TYR R . -36.84 -10.37 -6.45
OH TYR R . -37.50 -10.94 -7.51
OXT TYR R . -32.59 -7.71 -1.82
C1 GOL S . -42.63 -10.59 1.58
O1 GOL S . -42.65 -9.22 1.97
C2 GOL S . -42.59 -10.68 0.06
O2 GOL S . -41.28 -11.10 -0.36
C3 GOL S . -43.63 -11.69 -0.42
O3 GOL S . -43.98 -11.40 -1.78
MG MG T . -31.03 -7.22 -0.15
N SER U . 4.42 -37.16 9.30
CA SER U . 4.09 -36.51 10.61
C SER U . 4.88 -35.21 10.81
O SER U . 5.97 -35.07 10.26
CB SER U . 4.37 -37.47 11.76
OG SER U . 5.72 -37.93 11.70
N TYR V . 4.34 -34.30 11.59
CA TYR V . 4.99 -33.02 11.87
C TYR V . 5.19 -32.21 10.59
O TYR V . 4.59 -32.57 9.54
CB TYR V . 6.34 -33.26 12.54
CG TYR V . 6.26 -33.74 13.97
CD1 TYR V . 7.34 -34.40 14.58
CD2 TYR V . 5.11 -33.54 14.73
CE1 TYR V . 7.26 -34.85 15.90
CE2 TYR V . 5.03 -33.98 16.05
CZ TYR V . 6.11 -34.63 16.63
OH TYR V . 6.04 -35.07 17.93
OXT TYR V . 5.96 -31.22 10.64
C1 GOL W . 6.81 -42.43 10.46
O1 GOL W . 7.15 -41.47 9.46
C2 GOL W . 6.73 -41.74 11.83
O2 GOL W . 5.89 -40.59 11.73
C3 GOL W . 6.18 -42.71 12.86
O3 GOL W . 5.89 -42.01 14.08
MG MG X . 5.35 -30.19 8.34
N SER Y . 36.70 -2.40 12.22
CA SER Y . 36.10 -1.12 12.70
C SER Y . 35.27 -0.47 11.59
O SER Y . 35.33 -0.89 10.44
CB SER Y . 37.19 -0.17 13.17
OG SER Y . 38.11 0.09 12.12
N TYR Z . 34.51 0.57 11.94
CA TYR Z . 33.67 1.28 10.98
C TYR Z . 32.74 0.34 10.21
O TYR Z . 32.47 -0.77 10.70
CB TYR Z . 34.52 2.07 10.00
CG TYR Z . 35.25 3.24 10.62
CD1 TYR Z . 36.55 3.55 10.24
CD2 TYR Z . 34.62 4.06 11.56
CE1 TYR Z . 37.22 4.63 10.78
CE2 TYR Z . 35.29 5.15 12.11
CZ TYR Z . 36.58 5.42 11.72
OH TYR Z . 37.25 6.50 12.23
OXT TYR Z . 32.28 0.76 9.12
C1 GOL AA . 42.61 -2.58 13.15
O1 GOL AA . 42.35 -3.90 12.67
C2 GOL AA . 41.92 -1.58 12.24
O2 GOL AA . 40.54 -1.94 12.05
C3 GOL AA . 42.03 -0.17 12.84
O3 GOL AA . 40.82 0.16 13.54
MG MG BA . 30.56 -0.71 8.66
N SER CA . -6.71 -6.54 37.37
CA SER CA . -6.26 -7.86 36.82
C SER CA . -7.04 -8.20 35.55
O SER CA . -8.12 -7.67 35.32
CB SER CA . -6.45 -8.96 37.87
OG SER CA . -7.81 -9.02 38.29
N TYR DA . -6.47 -9.10 34.73
CA TYR DA . -7.12 -9.50 33.49
C TYR DA . -7.22 -8.35 32.49
O TYR DA . -6.71 -7.25 32.80
CB TYR DA . -8.52 -10.06 33.77
CG TYR DA . -8.54 -11.48 34.30
CD1 TYR DA . -9.58 -11.91 35.13
CD2 TYR DA . -7.56 -12.39 33.94
CE1 TYR DA . -9.62 -13.23 35.59
CE2 TYR DA . -7.59 -13.71 34.40
CZ TYR DA . -8.62 -14.12 35.23
OH TYR DA . -8.66 -15.41 35.68
OXT TYR DA . -7.82 -8.56 31.41
C1 GOL EA . -9.19 -7.94 42.84
O1 GOL EA . -9.67 -6.89 42.00
C2 GOL EA . -9.01 -9.22 42.02
O2 GOL EA . -8.23 -8.94 40.87
C3 GOL EA . -8.32 -10.29 42.88
O3 GOL EA . -7.87 -11.37 42.05
MG MG FA . -7.17 -6.21 30.31
N SER GA . -11.99 -19.25 -31.73
CA SER GA . -13.22 -19.07 -30.88
C SER GA . -12.93 -19.45 -29.42
O SER GA . -11.96 -20.16 -29.14
CB SER GA . -14.37 -19.92 -31.44
OG SER GA . -14.01 -21.29 -31.54
N TYR HA . -13.77 -18.97 -28.52
CA TYR HA . -13.62 -19.23 -27.09
C TYR HA . -12.28 -18.73 -26.55
O TYR HA . -11.59 -17.98 -27.28
CB TYR HA . -13.75 -20.74 -26.81
CG TYR HA . -15.12 -21.29 -27.05
CD1 TYR HA . -15.29 -22.58 -27.55
CD2 TYR HA . -16.27 -20.55 -26.76
CE1 TYR HA . -16.56 -23.11 -27.78
CE2 TYR HA . -17.55 -21.07 -26.98
CZ TYR HA . -17.68 -22.36 -27.49
OH TYR HA . -18.92 -22.90 -27.76
OXT TYR HA . -11.95 -19.08 -25.39
C1 GOL IA . -15.13 -24.41 -34.50
O1 GOL IA . -16.29 -24.73 -35.28
C2 GOL IA . -14.41 -23.22 -35.12
O2 GOL IA . -14.18 -22.22 -34.12
C3 GOL IA . -13.07 -23.65 -35.71
O3 GOL IA . -12.82 -22.92 -36.90
MG MG JA . -9.93 -17.74 -25.06
N SER KA . -18.34 28.52 -17.76
CA SER KA . -17.06 28.28 -18.50
C SER KA . -15.87 28.19 -17.54
O SER KA . -15.95 28.63 -16.39
CB SER KA . -16.84 29.40 -19.51
OG SER KA . -16.96 30.66 -18.89
N TYR LA . -14.75 27.64 -18.03
CA TYR LA . -13.55 27.48 -17.22
C TYR LA . -13.82 26.61 -16.00
O TYR LA . -14.84 25.91 -16.00
CB TYR LA . -13.01 28.86 -16.78
CG TYR LA . -12.36 29.67 -17.88
CD1 TYR LA . -12.47 31.06 -17.89
CD2 TYR LA . -11.64 29.06 -18.91
CE1 TYR LA . -11.87 31.83 -18.90
CE2 TYR LA . -11.03 29.82 -19.91
CZ TYR LA . -11.16 31.20 -19.90
OH TYR LA . -10.57 31.97 -20.90
OXT TYR LA . -12.98 26.62 -15.06
C1 GOL MA . -19.34 34.72 -20.84
O1 GOL MA . -18.07 35.35 -20.67
C2 GOL MA . -19.33 33.33 -20.22
O2 GOL MA . -18.09 32.66 -20.50
C3 GOL MA . -19.52 33.44 -18.70
O3 GOL MA . -20.90 33.27 -18.39
MG MG NA . -13.75 24.69 -13.86
#